data_8RX6
#
_entry.id   8RX6
#
_cell.length_a   175.757
_cell.length_b   175.757
_cell.length_c   261.684
_cell.angle_alpha   90.00
_cell.angle_beta   90.00
_cell.angle_gamma   90.00
#
_symmetry.space_group_name_H-M   'P 42 21 2'
#
loop_
_entity.id
_entity.type
_entity.pdbx_description
1 polymer 'Mycothione reductase'
2 non-polymer 'FLAVIN-ADENINE DINUCLEOTIDE'
3 non-polymer (3~{S})-4-[4-(1-benzothiophen-3-yl)-6,7,8,9-tetrahydro-5~{H}-pyrimido[4,5-d]azepin-2-yl]-3-methyl-morpholine
4 water water
#
_entity_poly.entity_id   1
_entity_poly.type   'polypeptide(L)'
_entity_poly.pdbx_seq_one_letter_code
;METYDIAIIGTGSGNSILDERYASKRAAICEQGTFGGTCLNVGCIPTKMFVYAAEVAKTIRGASRYGIDAHIDRVRWDDV
VSRVFGRIDPIALSGEDYRRCAPNIDVYRTHTRFGPVQADGRYLLRTDAGEEFTAEQVVIAAGSRPVIPPAILASGVDYH
TSDTVMRIAELPEHIVIVGSGFIAAEFAHVFSALGVRVTLVIRGSCLLRHCDDTICERFTRIASTKWELRTHRNVVDGQQ
RGSGVALRLDDGCTINADLLLVATGRVSNADLLDAEQAGVDVEDGRVIVDEYQRTSARGVFALGDVSSPYLLKHVANHEA
RVVQHNLLCDWEDTQSMIVTDHRYVPAAVFTDPQIAAVGLTENQAVAKGLDISVKIQDYGDVAYGWAMEDTSGIVKLITE
RGSGRLLGAHIMGYQASSLIQPLIQAMSFGLTAAEMARGQYWIHPALPEVVENALLGLR
;
_entity_poly.pdbx_strand_id   A,B,C,D,E,F
#
# COMPACT_ATOMS: atom_id res chain seq x y z
N MET A 1 -23.01 -53.57 -6.72
CA MET A 1 -21.87 -52.76 -6.33
C MET A 1 -21.07 -52.31 -7.56
N GLU A 2 -20.47 -51.12 -7.45
CA GLU A 2 -19.73 -50.51 -8.53
C GLU A 2 -18.24 -50.73 -8.33
N THR A 3 -17.52 -50.96 -9.42
CA THR A 3 -16.09 -51.21 -9.37
C THR A 3 -15.34 -49.96 -9.79
N TYR A 4 -14.36 -49.56 -8.98
CA TYR A 4 -13.53 -48.40 -9.25
C TYR A 4 -12.06 -48.77 -9.12
N ASP A 5 -11.22 -48.03 -9.85
CA ASP A 5 -9.78 -48.23 -9.74
C ASP A 5 -9.15 -47.39 -8.63
N ILE A 6 -9.67 -46.19 -8.39
CA ILE A 6 -9.15 -45.30 -7.36
C ILE A 6 -10.29 -44.44 -6.84
N ALA A 7 -10.30 -44.22 -5.53
CA ALA A 7 -11.29 -43.39 -4.86
C ALA A 7 -10.57 -42.36 -4.01
N ILE A 8 -10.97 -41.09 -4.14
CA ILE A 8 -10.37 -39.98 -3.41
C ILE A 8 -11.42 -39.34 -2.53
N ILE A 9 -11.09 -39.16 -1.25
CA ILE A 9 -11.97 -38.54 -0.27
C ILE A 9 -11.46 -37.13 -0.01
N GLY A 10 -12.18 -36.13 -0.52
CA GLY A 10 -11.79 -34.75 -0.30
C GLY A 10 -11.32 -34.04 -1.57
N THR A 11 -12.04 -33.00 -1.98
CA THR A 11 -11.72 -32.25 -3.18
C THR A 11 -10.91 -30.99 -2.89
N GLY A 12 -10.14 -30.99 -1.80
CA GLY A 12 -9.25 -29.89 -1.51
C GLY A 12 -7.98 -29.98 -2.32
N SER A 13 -6.89 -30.45 -1.69
CA SER A 13 -5.67 -30.73 -2.41
C SER A 13 -5.71 -32.05 -3.15
N GLY A 14 -6.62 -32.96 -2.75
CA GLY A 14 -6.77 -34.22 -3.44
C GLY A 14 -7.31 -34.11 -4.85
N ASN A 15 -7.91 -32.97 -5.18
CA ASN A 15 -8.40 -32.77 -6.54
C ASN A 15 -7.25 -32.68 -7.55
N SER A 16 -6.06 -32.30 -7.10
CA SER A 16 -4.92 -32.14 -7.99
C SER A 16 -4.18 -33.45 -8.20
N ILE A 17 -4.88 -34.57 -8.08
CA ILE A 17 -4.29 -35.89 -8.27
C ILE A 17 -4.69 -36.49 -9.61
N LEU A 18 -5.98 -36.44 -9.95
CA LEU A 18 -6.48 -37.03 -11.18
C LEU A 18 -5.91 -36.31 -12.40
N ASP A 19 -5.00 -36.98 -13.11
CA ASP A 19 -4.34 -36.43 -14.29
C ASP A 19 -4.83 -37.16 -15.53
N GLU A 20 -4.12 -36.96 -16.64
CA GLU A 20 -4.39 -37.70 -17.86
C GLU A 20 -3.88 -39.12 -17.81
N ARG A 21 -3.03 -39.46 -16.84
CA ARG A 21 -2.58 -40.83 -16.67
C ARG A 21 -3.69 -41.75 -16.20
N TYR A 22 -4.73 -41.20 -15.57
CA TYR A 22 -5.88 -41.98 -15.13
C TYR A 22 -7.06 -41.86 -16.10
N ALA A 23 -6.80 -41.42 -17.33
CA ALA A 23 -7.86 -41.22 -18.32
C ALA A 23 -8.34 -42.52 -18.96
N SER A 24 -8.62 -43.53 -18.13
CA SER A 24 -9.08 -44.83 -18.65
C SER A 24 -9.58 -45.69 -17.51
N LYS A 25 -9.50 -45.16 -16.28
CA LYS A 25 -9.95 -45.84 -15.08
C LYS A 25 -11.21 -45.14 -14.56
N ARG A 26 -12.00 -45.88 -13.82
CA ARG A 26 -13.23 -45.34 -13.24
C ARG A 26 -12.91 -44.84 -11.84
N ALA A 27 -13.02 -43.52 -11.65
CA ALA A 27 -12.65 -42.88 -10.41
C ALA A 27 -13.89 -42.33 -9.70
N ALA A 28 -13.79 -42.22 -8.38
CA ALA A 28 -14.87 -41.71 -7.55
C ALA A 28 -14.36 -40.56 -6.70
N ILE A 29 -15.16 -39.50 -6.60
CA ILE A 29 -14.82 -38.31 -5.86
C ILE A 29 -15.86 -38.11 -4.76
N CYS A 30 -15.40 -37.78 -3.56
CA CYS A 30 -16.26 -37.60 -2.41
C CYS A 30 -16.08 -36.20 -1.85
N GLU A 31 -17.19 -35.49 -1.66
CA GLU A 31 -17.15 -34.13 -1.13
C GLU A 31 -18.41 -33.91 -0.31
N GLN A 32 -18.29 -34.01 1.02
CA GLN A 32 -19.45 -33.85 1.87
C GLN A 32 -19.90 -32.40 1.94
N GLY A 33 -18.98 -31.46 1.76
CA GLY A 33 -19.27 -30.03 1.80
C GLY A 33 -19.35 -29.44 0.41
N THR A 34 -18.87 -28.20 0.28
CA THR A 34 -18.84 -27.51 -1.00
C THR A 34 -17.56 -27.87 -1.75
N PHE A 35 -17.68 -27.99 -3.07
CA PHE A 35 -16.54 -28.36 -3.90
C PHE A 35 -15.46 -27.29 -3.86
N GLY A 36 -14.20 -27.74 -3.94
CA GLY A 36 -13.04 -26.88 -3.95
C GLY A 36 -12.17 -27.01 -2.71
N GLY A 37 -12.75 -27.37 -1.58
CA GLY A 37 -11.99 -27.52 -0.35
C GLY A 37 -12.18 -26.37 0.61
N THR A 38 -11.22 -26.23 1.51
CA THR A 38 -11.27 -25.21 2.55
C THR A 38 -10.59 -23.91 2.12
N CYS A 39 -9.40 -24.01 1.52
CA CYS A 39 -8.63 -22.81 1.19
C CYS A 39 -9.39 -21.86 0.28
N LEU A 40 -10.02 -22.40 -0.76
CA LEU A 40 -10.69 -21.53 -1.73
C LEU A 40 -12.01 -21.00 -1.22
N ASN A 41 -12.87 -21.87 -0.72
CA ASN A 41 -14.24 -21.46 -0.40
C ASN A 41 -14.34 -20.71 0.93
N VAL A 42 -13.71 -21.24 1.98
CA VAL A 42 -13.87 -20.69 3.33
C VAL A 42 -12.53 -20.59 4.05
N GLY A 43 -11.46 -20.32 3.31
CA GLY A 43 -10.15 -20.32 3.92
C GLY A 43 -9.20 -19.23 3.48
N CYS A 44 -8.03 -19.63 3.00
CA CYS A 44 -6.95 -18.69 2.69
C CYS A 44 -7.38 -17.68 1.62
N ILE A 45 -7.95 -18.16 0.52
CA ILE A 45 -8.26 -17.28 -0.60
C ILE A 45 -9.24 -16.17 -0.22
N PRO A 46 -10.40 -16.45 0.39
CA PRO A 46 -11.29 -15.35 0.74
C PRO A 46 -10.76 -14.49 1.88
N THR A 47 -10.04 -15.08 2.84
CA THR A 47 -9.53 -14.31 3.97
C THR A 47 -8.50 -13.27 3.53
N LYS A 48 -7.54 -13.68 2.70
CA LYS A 48 -6.51 -12.76 2.26
C LYS A 48 -7.06 -11.69 1.32
N MET A 49 -8.19 -11.94 0.67
CA MET A 49 -8.86 -10.89 -0.09
C MET A 49 -9.40 -9.81 0.84
N PHE A 50 -10.02 -10.20 1.96
CA PHE A 50 -10.46 -9.23 2.95
C PHE A 50 -9.28 -8.50 3.57
N VAL A 51 -8.13 -9.18 3.69
CA VAL A 51 -6.95 -8.56 4.28
C VAL A 51 -6.48 -7.38 3.42
N TYR A 52 -6.41 -7.59 2.11
CA TYR A 52 -5.97 -6.51 1.22
C TYR A 52 -6.95 -5.34 1.25
N ALA A 53 -8.25 -5.64 1.34
CA ALA A 53 -9.23 -4.56 1.49
C ALA A 53 -9.03 -3.81 2.80
N ALA A 54 -8.72 -4.54 3.87
CA ALA A 54 -8.43 -3.90 5.14
C ALA A 54 -7.14 -3.10 5.10
N GLU A 55 -6.12 -3.64 4.40
CA GLU A 55 -4.85 -2.93 4.29
C GLU A 55 -5.00 -1.63 3.49
N VAL A 56 -5.93 -1.60 2.54
CA VAL A 56 -6.18 -0.37 1.80
C VAL A 56 -6.76 0.70 2.74
N ALA A 57 -7.73 0.30 3.56
CA ALA A 57 -8.32 1.23 4.52
C ALA A 57 -7.31 1.68 5.56
N LYS A 58 -6.41 0.78 5.98
CA LYS A 58 -5.39 1.14 6.97
C LYS A 58 -4.47 2.23 6.42
N THR A 59 -4.16 2.17 5.12
CA THR A 59 -3.31 3.19 4.52
C THR A 59 -3.97 4.56 4.54
N ILE A 60 -5.27 4.61 4.28
CA ILE A 60 -5.98 5.89 4.25
C ILE A 60 -6.00 6.54 5.63
N ARG A 61 -6.18 5.73 6.68
CA ARG A 61 -6.28 6.30 8.03
C ARG A 61 -4.96 6.92 8.48
N GLY A 62 -3.84 6.30 8.15
CA GLY A 62 -2.55 6.82 8.56
C GLY A 62 -1.88 7.61 7.46
N ALA A 63 -2.66 8.07 6.49
CA ALA A 63 -2.10 8.83 5.37
C ALA A 63 -1.63 10.22 5.80
N SER A 64 -2.21 10.76 6.88
CA SER A 64 -1.83 12.11 7.32
C SER A 64 -0.38 12.15 7.78
N ARG A 65 0.16 11.02 8.22
CA ARG A 65 1.54 10.98 8.70
C ARG A 65 2.52 11.31 7.59
N TYR A 66 2.17 11.01 6.34
CA TYR A 66 3.05 11.25 5.21
C TYR A 66 2.81 12.57 4.50
N GLY A 67 1.81 13.34 4.95
CA GLY A 67 1.52 14.63 4.36
C GLY A 67 0.26 14.67 3.53
N ILE A 68 -0.49 13.57 3.44
CA ILE A 68 -1.73 13.50 2.67
C ILE A 68 -2.88 13.44 3.65
N ASP A 69 -3.68 14.49 3.70
CA ASP A 69 -4.85 14.53 4.58
C ASP A 69 -6.03 13.90 3.86
N ALA A 70 -6.46 12.73 4.34
CA ALA A 70 -7.58 12.02 3.76
C ALA A 70 -8.42 11.42 4.87
N HIS A 71 -9.60 10.93 4.49
CA HIS A 71 -10.53 10.33 5.45
C HIS A 71 -11.47 9.41 4.68
N ILE A 72 -11.92 8.36 5.36
CA ILE A 72 -12.80 7.36 4.76
C ILE A 72 -14.25 7.83 4.89
N ASP A 73 -14.96 7.85 3.76
CA ASP A 73 -16.35 8.31 3.75
C ASP A 73 -17.31 7.19 4.13
N ARG A 74 -17.12 6.01 3.55
CA ARG A 74 -18.02 4.88 3.80
C ARG A 74 -17.26 3.59 3.54
N VAL A 75 -17.64 2.55 4.28
CA VAL A 75 -17.12 1.21 4.09
C VAL A 75 -18.27 0.34 3.61
N ARG A 76 -18.34 0.10 2.31
CA ARG A 76 -19.41 -0.70 1.72
C ARG A 76 -19.08 -2.17 1.94
N TRP A 77 -19.39 -2.65 3.14
CA TRP A 77 -19.09 -4.03 3.51
C TRP A 77 -19.85 -5.03 2.63
N ASP A 78 -21.08 -4.68 2.24
CA ASP A 78 -21.87 -5.58 1.41
C ASP A 78 -21.22 -5.78 0.05
N ASP A 79 -20.61 -4.73 -0.51
CA ASP A 79 -19.95 -4.84 -1.80
C ASP A 79 -18.61 -5.56 -1.71
N VAL A 80 -17.96 -5.53 -0.55
CA VAL A 80 -16.71 -6.27 -0.40
C VAL A 80 -16.98 -7.77 -0.38
N VAL A 81 -18.01 -8.19 0.34
CA VAL A 81 -18.37 -9.61 0.37
C VAL A 81 -18.83 -10.09 -1.00
N SER A 82 -19.62 -9.27 -1.69
CA SER A 82 -20.12 -9.66 -3.01
C SER A 82 -18.97 -9.75 -4.02
N ARG A 83 -17.99 -8.86 -3.92
CA ARG A 83 -16.87 -8.89 -4.87
C ARG A 83 -15.99 -10.12 -4.64
N VAL A 84 -15.77 -10.50 -3.38
CA VAL A 84 -14.90 -11.63 -3.09
C VAL A 84 -15.58 -12.94 -3.49
N PHE A 85 -16.75 -13.22 -2.90
CA PHE A 85 -17.41 -14.50 -3.13
C PHE A 85 -18.13 -14.56 -4.47
N GLY A 86 -18.36 -13.43 -5.13
CA GLY A 86 -18.82 -13.48 -6.51
C GLY A 86 -17.78 -14.02 -7.46
N ARG A 87 -16.51 -14.00 -7.06
CA ARG A 87 -15.42 -14.59 -7.82
C ARG A 87 -15.13 -16.02 -7.40
N ILE A 88 -15.30 -16.34 -6.12
CA ILE A 88 -14.92 -17.66 -5.60
C ILE A 88 -16.02 -18.69 -5.85
N ASP A 89 -17.25 -18.35 -5.48
CA ASP A 89 -18.35 -19.31 -5.57
C ASP A 89 -18.53 -19.94 -6.94
N PRO A 90 -18.46 -19.21 -8.07
CA PRO A 90 -18.57 -19.88 -9.37
C PRO A 90 -17.45 -20.86 -9.66
N ILE A 91 -16.28 -20.70 -9.03
CA ILE A 91 -15.18 -21.64 -9.24
C ILE A 91 -15.55 -23.00 -8.68
N ALA A 92 -16.26 -23.02 -7.55
CA ALA A 92 -16.69 -24.29 -6.98
C ALA A 92 -17.67 -25.02 -7.90
N LEU A 93 -18.47 -24.26 -8.66
CA LEU A 93 -19.42 -24.89 -9.58
C LEU A 93 -18.73 -25.42 -10.83
N SER A 94 -17.77 -24.66 -11.38
CA SER A 94 -17.07 -25.09 -12.58
C SER A 94 -16.20 -26.32 -12.29
N GLY A 95 -15.51 -26.33 -11.16
CA GLY A 95 -14.71 -27.49 -10.80
C GLY A 95 -15.56 -28.70 -10.49
N GLU A 96 -16.77 -28.49 -9.97
CA GLU A 96 -17.66 -29.60 -9.69
C GLU A 96 -18.20 -30.21 -10.99
N ASP A 97 -18.54 -29.36 -11.95
CA ASP A 97 -19.02 -29.84 -13.24
C ASP A 97 -17.90 -30.47 -14.06
N TYR A 98 -16.66 -30.01 -13.86
CA TYR A 98 -15.54 -30.55 -14.62
C TYR A 98 -15.30 -32.02 -14.30
N ARG A 99 -15.57 -32.44 -13.06
CA ARG A 99 -15.40 -33.83 -12.68
C ARG A 99 -16.64 -34.68 -12.94
N ARG A 100 -17.84 -34.11 -12.68
CA ARG A 100 -19.06 -34.90 -12.84
C ARG A 100 -19.34 -35.19 -14.32
N CYS A 101 -19.12 -34.22 -15.21
CA CYS A 101 -19.40 -34.41 -16.62
C CYS A 101 -18.39 -35.32 -17.30
N ALA A 102 -17.27 -35.60 -16.66
CA ALA A 102 -16.31 -36.55 -17.21
C ALA A 102 -16.89 -37.96 -17.12
N PRO A 103 -16.89 -38.73 -18.22
CA PRO A 103 -17.51 -40.06 -18.17
C PRO A 103 -16.79 -41.03 -17.27
N ASN A 104 -15.50 -40.84 -17.00
CA ASN A 104 -14.73 -41.76 -16.18
C ASN A 104 -14.72 -41.39 -14.70
N ILE A 105 -15.18 -40.19 -14.32
CA ILE A 105 -15.21 -39.75 -12.94
C ILE A 105 -16.66 -39.67 -12.47
N ASP A 106 -16.94 -40.30 -11.33
CA ASP A 106 -18.24 -40.21 -10.68
C ASP A 106 -18.10 -39.49 -9.35
N VAL A 107 -19.03 -38.57 -9.05
CA VAL A 107 -18.93 -37.70 -7.89
C VAL A 107 -20.02 -38.07 -6.89
N TYR A 108 -19.61 -38.26 -5.64
CA TYR A 108 -20.53 -38.49 -4.52
C TYR A 108 -20.45 -37.28 -3.59
N ARG A 109 -21.62 -36.74 -3.21
CA ARG A 109 -21.70 -35.47 -2.50
C ARG A 109 -22.17 -35.64 -1.05
N THR A 110 -21.96 -36.81 -0.46
CA THR A 110 -22.30 -37.04 0.94
C THR A 110 -21.07 -37.54 1.69
N HIS A 111 -21.16 -37.50 3.03
CA HIS A 111 -20.06 -37.94 3.87
C HIS A 111 -19.81 -39.42 3.68
N THR A 112 -18.57 -39.76 3.38
CA THR A 112 -18.17 -41.14 3.10
C THR A 112 -17.40 -41.70 4.28
N ARG A 113 -17.74 -42.91 4.68
CA ARG A 113 -17.11 -43.61 5.78
C ARG A 113 -16.44 -44.88 5.27
N PHE A 114 -15.49 -45.40 6.04
CA PHE A 114 -14.81 -46.64 5.68
C PHE A 114 -15.64 -47.82 6.14
N GLY A 115 -15.77 -48.82 5.26
CA GLY A 115 -16.47 -50.04 5.59
C GLY A 115 -15.50 -51.19 5.77
N PRO A 116 -16.02 -52.36 6.11
CA PRO A 116 -15.17 -53.54 6.26
C PRO A 116 -14.53 -53.91 4.93
N VAL A 117 -13.25 -54.29 4.97
CA VAL A 117 -12.52 -54.64 3.77
C VAL A 117 -13.14 -55.87 3.12
N GLN A 118 -13.25 -55.85 1.80
CA GLN A 118 -13.86 -56.95 1.09
C GLN A 118 -12.91 -58.16 1.09
N ALA A 119 -13.47 -59.32 0.75
CA ALA A 119 -12.69 -60.56 0.83
C ALA A 119 -11.53 -60.56 -0.16
N ASP A 120 -11.74 -60.02 -1.36
CA ASP A 120 -10.69 -60.01 -2.38
C ASP A 120 -9.58 -59.02 -2.08
N GLY A 121 -9.69 -58.21 -1.03
CA GLY A 121 -8.68 -57.24 -0.69
C GLY A 121 -9.03 -55.80 -1.05
N ARG A 122 -10.14 -55.60 -1.75
CA ARG A 122 -10.56 -54.25 -2.12
C ARG A 122 -11.27 -53.58 -0.96
N TYR A 123 -11.18 -52.25 -0.91
CA TYR A 123 -11.71 -51.48 0.20
C TYR A 123 -13.16 -51.09 -0.08
N LEU A 124 -14.04 -51.38 0.87
CA LEU A 124 -15.45 -51.01 0.77
C LEU A 124 -15.65 -49.62 1.37
N LEU A 125 -16.39 -48.77 0.65
CA LEU A 125 -16.68 -47.42 1.11
C LEU A 125 -18.18 -47.20 1.10
N ARG A 126 -18.69 -46.58 2.17
CA ARG A 126 -20.11 -46.32 2.32
C ARG A 126 -20.33 -44.84 2.60
N THR A 127 -21.26 -44.24 1.86
CA THR A 127 -21.60 -42.84 2.03
C THR A 127 -22.84 -42.71 2.91
N ASP A 128 -23.01 -41.51 3.49
CA ASP A 128 -24.14 -41.25 4.37
C ASP A 128 -25.47 -41.23 3.63
N ALA A 129 -25.45 -41.18 2.29
CA ALA A 129 -26.68 -41.21 1.51
C ALA A 129 -27.16 -42.62 1.22
N GLY A 130 -26.37 -43.65 1.53
CA GLY A 130 -26.75 -45.01 1.28
C GLY A 130 -26.09 -45.68 0.10
N GLU A 131 -24.95 -45.17 -0.36
CA GLU A 131 -24.26 -45.71 -1.51
C GLU A 131 -23.08 -46.55 -1.06
N GLU A 132 -23.00 -47.79 -1.56
CA GLU A 132 -21.89 -48.69 -1.24
C GLU A 132 -21.15 -48.99 -2.53
N PHE A 133 -19.83 -48.92 -2.47
CA PHE A 133 -19.00 -49.21 -3.64
C PHE A 133 -17.62 -49.63 -3.16
N THR A 134 -16.83 -50.17 -4.09
CA THR A 134 -15.50 -50.66 -3.79
C THR A 134 -14.47 -49.94 -4.68
N ALA A 135 -13.22 -49.97 -4.24
CA ALA A 135 -12.14 -49.32 -4.95
C ALA A 135 -10.83 -50.04 -4.66
N GLU A 136 -9.96 -50.09 -5.67
CA GLU A 136 -8.67 -50.73 -5.52
C GLU A 136 -7.68 -49.87 -4.72
N GLN A 137 -7.56 -48.59 -5.10
CA GLN A 137 -6.70 -47.65 -4.41
C GLN A 137 -7.54 -46.55 -3.77
N VAL A 138 -7.09 -46.06 -2.62
CA VAL A 138 -7.80 -45.04 -1.84
C VAL A 138 -6.84 -43.95 -1.42
N VAL A 139 -7.24 -42.69 -1.62
CA VAL A 139 -6.48 -41.52 -1.19
C VAL A 139 -7.30 -40.79 -0.15
N ILE A 140 -6.69 -40.53 1.01
CA ILE A 140 -7.37 -39.87 2.13
C ILE A 140 -6.92 -38.41 2.17
N ALA A 141 -7.81 -37.50 1.84
CA ALA A 141 -7.56 -36.06 1.90
C ALA A 141 -8.73 -35.35 2.58
N ALA A 142 -9.12 -35.85 3.75
CA ALA A 142 -10.30 -35.34 4.45
C ALA A 142 -10.06 -33.98 5.11
N GLY A 143 -8.82 -33.49 5.17
CA GLY A 143 -8.56 -32.19 5.74
C GLY A 143 -8.80 -32.12 7.23
N SER A 144 -9.24 -30.96 7.70
CA SER A 144 -9.44 -30.69 9.12
C SER A 144 -10.75 -29.94 9.32
N ARG A 145 -11.10 -29.74 10.59
CA ARG A 145 -12.32 -29.05 10.98
C ARG A 145 -12.05 -28.20 12.21
N PRO A 146 -12.82 -27.13 12.41
CA PRO A 146 -12.56 -26.23 13.55
C PRO A 146 -12.86 -26.88 14.89
N VAL A 147 -12.24 -26.34 15.92
CA VAL A 147 -12.41 -26.79 17.30
C VAL A 147 -13.07 -25.67 18.11
N ILE A 148 -14.14 -26.00 18.79
CA ILE A 148 -14.89 -25.05 19.62
C ILE A 148 -14.69 -25.44 21.08
N PRO A 149 -14.38 -24.50 21.97
CA PRO A 149 -14.21 -24.85 23.39
C PRO A 149 -15.47 -25.46 23.97
N PRO A 150 -15.33 -26.47 24.82
CA PRO A 150 -16.54 -27.13 25.38
C PRO A 150 -17.40 -26.20 26.22
N ALA A 151 -16.79 -25.21 26.89
CA ALA A 151 -17.58 -24.27 27.69
C ALA A 151 -18.47 -23.40 26.82
N ILE A 152 -18.00 -23.03 25.62
CA ILE A 152 -18.81 -22.23 24.73
C ILE A 152 -19.94 -23.05 24.12
N LEU A 153 -19.66 -24.31 23.78
CA LEU A 153 -20.69 -25.17 23.22
C LEU A 153 -21.78 -25.46 24.24
N ALA A 154 -21.40 -25.73 25.49
CA ALA A 154 -22.38 -26.03 26.52
C ALA A 154 -23.18 -24.79 26.94
N SER A 155 -22.69 -23.60 26.59
CA SER A 155 -23.39 -22.37 26.97
C SER A 155 -24.60 -22.10 26.09
N GLY A 156 -24.60 -22.62 24.86
CA GLY A 156 -25.70 -22.37 23.95
C GLY A 156 -25.68 -20.99 23.32
N VAL A 157 -24.54 -20.31 23.35
CA VAL A 157 -24.44 -18.97 22.79
C VAL A 157 -24.17 -19.06 21.29
N ASP A 158 -24.56 -18.00 20.57
CA ASP A 158 -24.33 -17.91 19.14
C ASP A 158 -22.88 -17.51 18.88
N TYR A 159 -22.13 -18.41 18.25
CA TYR A 159 -20.72 -18.16 17.94
C TYR A 159 -20.49 -18.28 16.44
N HIS A 160 -19.33 -17.76 16.01
CA HIS A 160 -18.92 -17.79 14.62
C HIS A 160 -17.53 -18.40 14.51
N THR A 161 -17.27 -19.02 13.36
CA THR A 161 -15.96 -19.58 13.06
C THR A 161 -15.45 -18.97 11.75
N SER A 162 -14.26 -19.42 11.33
CA SER A 162 -13.71 -18.96 10.06
C SER A 162 -14.56 -19.40 8.87
N ASP A 163 -15.40 -20.42 9.05
CA ASP A 163 -16.23 -20.92 7.97
C ASP A 163 -17.46 -20.06 7.70
N THR A 164 -17.92 -19.30 8.70
CA THR A 164 -19.17 -18.55 8.59
C THR A 164 -19.05 -17.06 8.83
N VAL A 165 -17.98 -16.59 9.48
CA VAL A 165 -17.90 -15.19 9.86
C VAL A 165 -17.69 -14.25 8.67
N MET A 166 -17.22 -14.78 7.53
CA MET A 166 -16.93 -13.91 6.39
C MET A 166 -18.16 -13.53 5.57
N ARG A 167 -19.30 -14.18 5.80
CA ARG A 167 -20.51 -13.85 5.05
C ARG A 167 -21.59 -13.26 5.96
N ILE A 168 -21.23 -12.25 6.74
CA ILE A 168 -22.17 -11.58 7.62
C ILE A 168 -22.77 -10.39 6.87
N ALA A 169 -24.02 -10.05 7.21
CA ALA A 169 -24.73 -9.02 6.47
C ALA A 169 -24.16 -7.63 6.72
N GLU A 170 -23.96 -7.29 7.99
CA GLU A 170 -23.49 -5.96 8.36
C GLU A 170 -22.34 -6.08 9.36
N LEU A 171 -21.42 -5.13 9.28
CA LEU A 171 -20.26 -5.13 10.15
C LEU A 171 -20.67 -4.73 11.57
N PRO A 172 -20.29 -5.49 12.59
CA PRO A 172 -20.67 -5.14 13.95
C PRO A 172 -19.84 -3.97 14.49
N GLU A 173 -20.32 -3.41 15.59
CA GLU A 173 -19.62 -2.30 16.23
C GLU A 173 -18.47 -2.81 17.09
N HIS A 174 -18.68 -3.92 17.81
CA HIS A 174 -17.67 -4.48 18.70
C HIS A 174 -17.65 -5.99 18.53
N ILE A 175 -16.47 -6.55 18.32
CA ILE A 175 -16.29 -7.98 18.14
C ILE A 175 -15.30 -8.49 19.18
N VAL A 176 -15.53 -9.71 19.65
CA VAL A 176 -14.62 -10.41 20.55
C VAL A 176 -14.14 -11.68 19.88
N ILE A 177 -12.82 -11.84 19.80
CA ILE A 177 -12.20 -13.01 19.19
C ILE A 177 -11.53 -13.83 20.29
N VAL A 178 -11.92 -15.08 20.40
CA VAL A 178 -11.37 -16.00 21.40
C VAL A 178 -10.35 -16.89 20.70
N GLY A 179 -9.08 -16.63 20.95
CA GLY A 179 -8.02 -17.42 20.35
C GLY A 179 -6.77 -16.60 20.19
N SER A 180 -5.66 -17.30 19.94
CA SER A 180 -4.37 -16.64 19.76
C SER A 180 -3.61 -17.19 18.57
N GLY A 181 -4.25 -17.97 17.69
CA GLY A 181 -3.58 -18.55 16.54
C GLY A 181 -3.44 -17.56 15.40
N PHE A 182 -2.96 -18.07 14.27
CA PHE A 182 -2.79 -17.23 13.10
C PHE A 182 -4.14 -16.81 12.50
N ILE A 183 -5.17 -17.62 12.67
CA ILE A 183 -6.51 -17.25 12.19
C ILE A 183 -7.07 -16.10 13.01
N ALA A 184 -6.92 -16.17 14.33
CA ALA A 184 -7.46 -15.13 15.19
C ALA A 184 -6.74 -13.79 15.00
N ALA A 185 -5.44 -13.83 14.69
CA ALA A 185 -4.69 -12.59 14.54
C ALA A 185 -5.03 -11.89 13.23
N GLU A 186 -5.20 -12.65 12.15
CA GLU A 186 -5.49 -12.04 10.85
C GLU A 186 -6.88 -11.41 10.83
N PHE A 187 -7.86 -12.04 11.48
CA PHE A 187 -9.21 -11.47 11.49
C PHE A 187 -9.30 -10.24 12.39
N ALA A 188 -8.49 -10.18 13.44
CA ALA A 188 -8.44 -8.98 14.25
C ALA A 188 -7.92 -7.79 13.45
N HIS A 189 -6.97 -8.05 12.54
CA HIS A 189 -6.46 -6.98 11.68
C HIS A 189 -7.51 -6.54 10.65
N VAL A 190 -8.33 -7.48 10.17
CA VAL A 190 -9.30 -7.15 9.13
C VAL A 190 -10.39 -6.24 9.70
N PHE A 191 -11.03 -6.67 10.80
CA PHE A 191 -12.16 -5.92 11.33
C PHE A 191 -11.72 -4.59 11.92
N SER A 192 -10.54 -4.54 12.53
CA SER A 192 -10.04 -3.29 13.10
C SER A 192 -9.81 -2.25 12.02
N ALA A 193 -9.24 -2.66 10.89
CA ALA A 193 -9.00 -1.71 9.80
C ALA A 193 -10.29 -1.23 9.17
N LEU A 194 -11.34 -2.04 9.20
CA LEU A 194 -12.64 -1.65 8.67
C LEU A 194 -13.48 -0.85 9.66
N GLY A 195 -12.99 -0.65 10.88
CA GLY A 195 -13.67 0.19 11.84
C GLY A 195 -14.33 -0.52 13.01
N VAL A 196 -14.06 -1.81 13.21
CA VAL A 196 -14.69 -2.57 14.28
C VAL A 196 -13.79 -2.55 15.50
N ARG A 197 -14.40 -2.43 16.68
CA ARG A 197 -13.68 -2.50 17.94
C ARG A 197 -13.40 -3.97 18.25
N VAL A 198 -12.13 -4.32 18.37
CA VAL A 198 -11.70 -5.71 18.51
C VAL A 198 -11.24 -5.96 19.93
N THR A 199 -11.66 -7.10 20.50
CA THR A 199 -11.28 -7.51 21.84
C THR A 199 -10.82 -8.95 21.79
N LEU A 200 -9.57 -9.19 22.17
CA LEU A 200 -8.98 -10.51 22.17
C LEU A 200 -9.01 -11.11 23.57
N VAL A 201 -9.54 -12.32 23.70
CA VAL A 201 -9.55 -13.06 24.95
C VAL A 201 -8.70 -14.31 24.72
N ILE A 202 -7.43 -14.23 25.07
CA ILE A 202 -6.49 -15.31 24.85
C ILE A 202 -6.24 -16.04 26.16
N ARG A 203 -5.87 -17.32 26.04
CA ARG A 203 -5.61 -18.16 27.21
C ARG A 203 -4.17 -18.12 27.67
N GLY A 204 -3.26 -17.65 26.83
CA GLY A 204 -1.84 -17.61 27.16
C GLY A 204 -1.38 -16.23 27.60
N SER A 205 -0.08 -16.00 27.46
CA SER A 205 0.55 -14.74 27.83
C SER A 205 1.01 -13.92 26.64
N CYS A 206 1.14 -14.54 25.46
CA CYS A 206 1.60 -13.87 24.26
C CYS A 206 0.69 -14.21 23.09
N LEU A 207 0.56 -13.25 22.17
CA LEU A 207 -0.16 -13.50 20.93
C LEU A 207 0.82 -14.14 19.94
N LEU A 208 0.31 -15.07 19.15
CA LEU A 208 1.13 -15.85 18.23
C LEU A 208 2.34 -16.43 18.98
N ARG A 209 2.04 -17.34 19.90
CA ARG A 209 3.08 -17.85 20.80
C ARG A 209 4.04 -18.78 20.08
N HIS A 210 3.54 -19.64 19.19
CA HIS A 210 4.40 -20.62 18.54
C HIS A 210 5.39 -19.98 17.56
N CYS A 211 5.32 -18.68 17.36
CA CYS A 211 6.33 -17.96 16.59
C CYS A 211 7.51 -17.65 17.52
N ASP A 212 8.57 -17.09 16.95
CA ASP A 212 9.72 -16.74 17.77
C ASP A 212 9.29 -15.74 18.85
N ASP A 213 9.84 -15.92 20.05
CA ASP A 213 9.44 -15.10 21.18
C ASP A 213 9.77 -13.64 20.95
N THR A 214 10.82 -13.35 20.17
CA THR A 214 11.12 -11.98 19.80
C THR A 214 9.97 -11.38 19.00
N ILE A 215 9.40 -12.14 18.06
CA ILE A 215 8.27 -11.67 17.28
C ILE A 215 7.03 -11.58 18.15
N CYS A 216 6.73 -12.64 18.90
CA CYS A 216 5.52 -12.65 19.73
C CYS A 216 5.52 -11.49 20.72
N GLU A 217 6.67 -11.23 21.36
CA GLU A 217 6.71 -10.19 22.38
C GLU A 217 6.52 -8.80 21.76
N ARG A 218 7.14 -8.55 20.62
CA ARG A 218 6.97 -7.24 19.98
C ARG A 218 5.60 -7.10 19.37
N PHE A 219 5.09 -8.16 18.75
CA PHE A 219 3.77 -8.11 18.11
C PHE A 219 2.67 -7.98 19.16
N THR A 220 2.78 -8.71 20.27
CA THR A 220 1.77 -8.61 21.32
C THR A 220 1.71 -7.22 21.91
N ARG A 221 2.86 -6.54 22.01
CA ARG A 221 2.86 -5.16 22.49
C ARG A 221 2.15 -4.23 21.52
N ILE A 222 2.43 -4.37 20.22
CA ILE A 222 1.79 -3.53 19.22
C ILE A 222 0.30 -3.81 19.16
N ALA A 223 -0.09 -5.09 19.23
CA ALA A 223 -1.49 -5.45 19.15
C ALA A 223 -2.26 -4.96 20.37
N SER A 224 -1.60 -4.87 21.52
CA SER A 224 -2.27 -4.44 22.74
C SER A 224 -2.64 -2.96 22.71
N THR A 225 -2.02 -2.18 21.84
CA THR A 225 -2.31 -0.75 21.75
C THR A 225 -3.46 -0.45 20.80
N LYS A 226 -3.63 -1.24 19.74
CA LYS A 226 -4.71 -1.03 18.78
C LYS A 226 -5.93 -1.90 19.07
N TRP A 227 -5.75 -3.04 19.74
CA TRP A 227 -6.84 -3.91 20.14
C TRP A 227 -6.81 -4.11 21.65
N GLU A 228 -7.98 -4.38 22.22
CA GLU A 228 -8.10 -4.63 23.65
C GLU A 228 -7.69 -6.07 23.93
N LEU A 229 -6.55 -6.25 24.58
CA LEU A 229 -5.99 -7.58 24.85
C LEU A 229 -6.27 -7.97 26.29
N ARG A 230 -6.98 -9.09 26.47
CA ARG A 230 -7.27 -9.66 27.79
C ARG A 230 -6.54 -10.99 27.89
N THR A 231 -5.39 -10.99 28.55
CA THR A 231 -4.52 -12.15 28.62
C THR A 231 -4.92 -13.05 29.79
N HIS A 232 -4.64 -14.35 29.62
CA HIS A 232 -4.86 -15.37 30.66
C HIS A 232 -6.33 -15.47 31.06
N ARG A 233 -7.23 -15.26 30.11
CA ARG A 233 -8.66 -15.30 30.37
C ARG A 233 -9.33 -16.31 29.46
N ASN A 234 -10.35 -16.98 29.98
CA ASN A 234 -11.12 -17.97 29.24
C ASN A 234 -12.61 -17.69 29.43
N VAL A 235 -13.38 -17.88 28.36
CA VAL A 235 -14.83 -17.70 28.43
C VAL A 235 -15.42 -18.95 29.09
N VAL A 236 -16.15 -18.74 30.19
CA VAL A 236 -16.74 -19.83 30.94
C VAL A 236 -18.24 -19.94 30.72
N ASP A 237 -18.93 -18.82 30.49
CA ASP A 237 -20.37 -18.82 30.29
C ASP A 237 -20.72 -17.70 29.33
N GLY A 238 -21.97 -17.70 28.89
CA GLY A 238 -22.44 -16.70 27.96
C GLY A 238 -23.94 -16.76 27.82
N GLN A 239 -24.50 -15.64 27.37
CA GLN A 239 -25.95 -15.54 27.20
C GLN A 239 -26.25 -14.54 26.09
N GLN A 240 -27.40 -14.73 25.44
CA GLN A 240 -27.80 -13.83 24.37
C GLN A 240 -28.17 -12.46 24.93
N ARG A 241 -27.82 -11.41 24.20
CA ARG A 241 -28.15 -10.04 24.60
C ARG A 241 -28.87 -9.31 23.46
N GLY A 242 -29.64 -10.05 22.67
CA GLY A 242 -30.29 -9.49 21.51
C GLY A 242 -29.61 -9.96 20.24
N SER A 243 -29.14 -9.02 19.43
CA SER A 243 -28.25 -9.36 18.33
C SER A 243 -26.82 -9.61 18.79
N GLY A 244 -26.48 -9.23 20.02
CA GLY A 244 -25.15 -9.40 20.55
C GLY A 244 -25.07 -10.54 21.56
N VAL A 245 -23.99 -10.53 22.34
CA VAL A 245 -23.69 -11.60 23.27
C VAL A 245 -23.10 -11.00 24.55
N ALA A 246 -23.33 -11.68 25.67
CA ALA A 246 -22.73 -11.33 26.96
C ALA A 246 -21.98 -12.55 27.48
N LEU A 247 -20.65 -12.45 27.52
CA LEU A 247 -19.77 -13.56 27.88
C LEU A 247 -19.21 -13.37 29.29
N ARG A 248 -19.19 -14.45 30.06
CA ARG A 248 -18.60 -14.45 31.39
C ARG A 248 -17.20 -15.05 31.32
N LEU A 249 -16.24 -14.38 31.98
CA LEU A 249 -14.84 -14.79 31.95
C LEU A 249 -14.49 -15.57 33.22
N ASP A 250 -13.30 -16.18 33.20
CA ASP A 250 -12.84 -16.98 34.32
C ASP A 250 -12.48 -16.17 35.56
N ASP A 251 -12.54 -14.84 35.48
CA ASP A 251 -12.26 -13.96 36.62
C ASP A 251 -13.49 -13.23 37.12
N GLY A 252 -14.68 -13.64 36.67
CA GLY A 252 -15.92 -13.02 37.09
C GLY A 252 -16.39 -11.86 36.25
N CYS A 253 -15.50 -11.23 35.50
CA CYS A 253 -15.88 -10.09 34.68
C CYS A 253 -16.64 -10.55 33.44
N THR A 254 -17.64 -9.77 33.06
CA THR A 254 -18.47 -10.06 31.89
C THR A 254 -18.21 -9.02 30.81
N ILE A 255 -18.31 -9.46 29.55
CA ILE A 255 -18.08 -8.60 28.39
C ILE A 255 -19.31 -8.65 27.49
N ASN A 256 -19.81 -7.47 27.14
CA ASN A 256 -20.90 -7.34 26.18
C ASN A 256 -20.31 -7.06 24.81
N ALA A 257 -20.80 -7.77 23.79
CA ALA A 257 -20.26 -7.63 22.45
C ALA A 257 -21.35 -7.93 21.43
N ASP A 258 -21.09 -7.51 20.19
CA ASP A 258 -22.04 -7.72 19.10
C ASP A 258 -21.80 -9.02 18.34
N LEU A 259 -20.56 -9.51 18.31
CA LEU A 259 -20.24 -10.71 17.55
C LEU A 259 -19.16 -11.51 18.27
N LEU A 260 -19.28 -12.83 18.21
CA LEU A 260 -18.32 -13.74 18.81
C LEU A 260 -17.65 -14.54 17.70
N LEU A 261 -16.32 -14.48 17.64
CA LEU A 261 -15.54 -15.24 16.67
C LEU A 261 -14.63 -16.20 17.43
N VAL A 262 -14.76 -17.49 17.12
CA VAL A 262 -13.99 -18.54 17.80
C VAL A 262 -12.88 -19.01 16.85
N ALA A 263 -11.64 -18.89 17.31
CA ALA A 263 -10.48 -19.33 16.56
C ALA A 263 -9.51 -20.02 17.52
N THR A 264 -9.98 -21.11 18.12
CA THR A 264 -9.23 -21.84 19.14
C THR A 264 -8.51 -23.07 18.59
N GLY A 265 -8.39 -23.20 17.28
CA GLY A 265 -7.65 -24.29 16.66
C GLY A 265 -8.55 -25.19 15.83
N ARG A 266 -7.90 -26.17 15.21
CA ARG A 266 -8.57 -27.12 14.33
C ARG A 266 -8.05 -28.52 14.62
N VAL A 267 -8.88 -29.52 14.28
CA VAL A 267 -8.53 -30.92 14.48
C VAL A 267 -8.75 -31.66 13.16
N SER A 268 -7.97 -32.72 12.95
CA SER A 268 -8.06 -33.48 11.72
C SER A 268 -9.41 -34.18 11.62
N ASN A 269 -9.80 -34.50 10.38
CA ASN A 269 -11.05 -35.18 10.10
C ASN A 269 -10.90 -36.70 10.06
N ALA A 270 -9.78 -37.24 10.53
CA ALA A 270 -9.56 -38.68 10.44
C ALA A 270 -10.46 -39.46 11.38
N ASP A 271 -10.91 -38.84 12.48
CA ASP A 271 -11.73 -39.53 13.46
C ASP A 271 -13.14 -39.82 12.96
N LEU A 272 -13.61 -39.08 11.96
CA LEU A 272 -14.94 -39.27 11.40
C LEU A 272 -14.91 -40.14 10.14
N LEU A 273 -14.04 -41.16 10.14
CA LEU A 273 -13.84 -41.99 8.96
C LEU A 273 -14.06 -43.48 9.21
N ASP A 274 -14.07 -43.93 10.47
CA ASP A 274 -14.12 -45.37 10.79
C ASP A 274 -12.93 -46.07 10.12
N ALA A 275 -11.78 -45.41 10.15
CA ALA A 275 -10.58 -45.86 9.46
C ALA A 275 -10.01 -47.14 10.04
N GLU A 276 -10.27 -47.42 11.32
CA GLU A 276 -9.76 -48.66 11.92
C GLU A 276 -10.37 -49.90 11.28
N GLN A 277 -11.58 -49.77 10.72
CA GLN A 277 -12.24 -50.88 10.05
C GLN A 277 -11.62 -51.23 8.70
N ALA A 278 -10.63 -50.47 8.23
CA ALA A 278 -10.00 -50.76 6.94
C ALA A 278 -8.51 -51.01 7.03
N GLY A 279 -7.91 -50.92 8.23
CA GLY A 279 -6.51 -51.24 8.41
C GLY A 279 -5.55 -50.06 8.32
N VAL A 280 -6.04 -48.83 8.27
CA VAL A 280 -5.20 -47.65 8.25
C VAL A 280 -5.08 -47.11 9.68
N ASP A 281 -3.86 -47.05 10.18
CA ASP A 281 -3.60 -46.64 11.55
C ASP A 281 -3.76 -45.14 11.74
N VAL A 282 -4.27 -44.75 12.91
CA VAL A 282 -4.52 -43.35 13.26
C VAL A 282 -3.82 -43.06 14.59
N GLU A 283 -3.00 -42.02 14.60
CA GLU A 283 -2.32 -41.55 15.80
C GLU A 283 -2.82 -40.16 16.15
N ASP A 284 -2.91 -39.88 17.46
CA ASP A 284 -3.51 -38.65 17.94
C ASP A 284 -4.92 -38.51 17.39
N GLY A 285 -5.05 -37.78 16.28
CA GLY A 285 -6.30 -37.65 15.58
C GLY A 285 -6.07 -37.61 14.08
N ARG A 286 -4.85 -37.94 13.66
CA ARG A 286 -4.43 -37.86 12.27
C ARG A 286 -4.02 -39.23 11.76
N VAL A 287 -3.99 -39.36 10.43
CA VAL A 287 -3.62 -40.60 9.78
C VAL A 287 -2.09 -40.70 9.72
N ILE A 288 -1.57 -41.88 10.05
CA ILE A 288 -0.13 -42.10 10.05
C ILE A 288 0.33 -42.42 8.64
N VAL A 289 1.27 -41.61 8.13
CA VAL A 289 1.90 -41.85 6.83
C VAL A 289 3.41 -41.82 7.01
N ASP A 290 4.11 -42.45 6.07
CA ASP A 290 5.55 -42.50 6.09
C ASP A 290 6.12 -41.41 5.19
N GLU A 291 7.40 -41.51 4.84
CA GLU A 291 8.03 -40.51 3.98
C GLU A 291 7.53 -40.59 2.54
N TYR A 292 6.81 -41.65 2.17
CA TYR A 292 6.22 -41.79 0.84
C TYR A 292 4.70 -41.61 0.87
N GLN A 293 4.17 -41.04 1.96
CA GLN A 293 2.74 -40.82 2.14
C GLN A 293 1.95 -42.13 2.13
N ARG A 294 2.60 -43.23 2.49
CA ARG A 294 1.95 -44.53 2.54
C ARG A 294 1.40 -44.77 3.94
N THR A 295 0.16 -45.23 4.02
CA THR A 295 -0.45 -45.55 5.30
C THR A 295 -0.17 -47.01 5.66
N SER A 296 -0.74 -47.46 6.77
CA SER A 296 -0.57 -48.83 7.23
C SER A 296 -1.44 -49.83 6.46
N ALA A 297 -2.11 -49.39 5.40
CA ALA A 297 -2.95 -50.24 4.57
C ALA A 297 -2.41 -50.22 3.15
N ARG A 298 -2.24 -51.39 2.56
CA ARG A 298 -1.69 -51.50 1.21
C ARG A 298 -2.62 -50.83 0.21
N GLY A 299 -2.08 -49.87 -0.54
CA GLY A 299 -2.85 -49.16 -1.55
C GLY A 299 -3.51 -47.88 -1.08
N VAL A 300 -3.42 -47.55 0.21
CA VAL A 300 -4.07 -46.38 0.78
C VAL A 300 -3.01 -45.31 1.03
N PHE A 301 -3.22 -44.13 0.45
CA PHE A 301 -2.38 -42.97 0.67
C PHE A 301 -3.17 -41.90 1.43
N ALA A 302 -2.45 -40.91 1.95
CA ALA A 302 -3.08 -39.82 2.69
C ALA A 302 -2.25 -38.56 2.53
N LEU A 303 -2.92 -37.41 2.59
CA LEU A 303 -2.27 -36.12 2.38
C LEU A 303 -3.13 -35.04 3.00
N GLY A 304 -2.53 -33.86 3.16
CA GLY A 304 -3.26 -32.71 3.65
C GLY A 304 -3.33 -32.66 5.17
N ASP A 305 -4.30 -31.89 5.66
CA ASP A 305 -4.47 -31.71 7.09
C ASP A 305 -4.84 -33.01 7.81
N VAL A 306 -5.34 -34.01 7.07
CA VAL A 306 -5.77 -35.25 7.70
C VAL A 306 -4.58 -36.04 8.24
N SER A 307 -3.36 -35.73 7.82
CA SER A 307 -2.20 -36.51 8.24
C SER A 307 -0.99 -35.63 8.55
N SER A 308 -0.77 -34.61 7.72
CA SER A 308 0.43 -33.80 7.84
C SER A 308 0.47 -33.03 9.17
N PRO A 309 1.65 -32.85 9.76
CA PRO A 309 1.75 -32.00 10.95
C PRO A 309 1.68 -30.52 10.63
N TYR A 310 1.96 -30.11 9.40
CA TYR A 310 1.86 -28.72 8.98
C TYR A 310 0.53 -28.52 8.27
N LEU A 311 -0.30 -27.63 8.81
CA LEU A 311 -1.62 -27.34 8.22
C LEU A 311 -1.51 -26.14 7.28
N LEU A 312 -0.78 -26.35 6.19
CA LEU A 312 -0.57 -25.32 5.18
C LEU A 312 -0.90 -25.88 3.81
N LYS A 313 -1.37 -25.01 2.92
CA LYS A 313 -1.79 -25.45 1.59
C LYS A 313 -0.58 -25.77 0.72
N HIS A 314 0.47 -24.96 0.79
CA HIS A 314 1.66 -25.23 0.00
C HIS A 314 2.35 -26.51 0.44
N VAL A 315 2.11 -26.95 1.67
CA VAL A 315 2.58 -28.26 2.10
C VAL A 315 1.63 -29.37 1.62
N ALA A 316 0.32 -29.12 1.73
CA ALA A 316 -0.66 -30.10 1.27
C ALA A 316 -0.57 -30.33 -0.23
N ASN A 317 -0.18 -29.32 -0.99
CA ASN A 317 0.01 -29.50 -2.42
C ASN A 317 1.28 -30.29 -2.73
N HIS A 318 2.31 -30.12 -1.91
CA HIS A 318 3.53 -30.91 -2.07
C HIS A 318 3.29 -32.37 -1.70
N GLU A 319 2.43 -32.62 -0.71
CA GLU A 319 2.09 -33.99 -0.36
C GLU A 319 1.18 -34.63 -1.40
N ALA A 320 0.30 -33.85 -2.03
CA ALA A 320 -0.53 -34.36 -3.10
C ALA A 320 0.29 -34.72 -4.33
N ARG A 321 1.40 -34.00 -4.56
CA ARG A 321 2.27 -34.32 -5.69
C ARG A 321 3.04 -35.61 -5.45
N VAL A 322 3.39 -35.90 -4.20
CA VAL A 322 4.06 -37.16 -3.88
C VAL A 322 3.09 -38.33 -4.02
N VAL A 323 1.86 -38.14 -3.53
CA VAL A 323 0.85 -39.19 -3.67
C VAL A 323 0.56 -39.45 -5.15
N GLN A 324 0.49 -38.38 -5.95
CA GLN A 324 0.19 -38.54 -7.37
C GLN A 324 1.24 -39.37 -8.08
N HIS A 325 2.51 -39.27 -7.66
CA HIS A 325 3.57 -40.04 -8.31
C HIS A 325 3.67 -41.45 -7.73
N ASN A 326 3.75 -41.56 -6.40
CA ASN A 326 3.88 -42.87 -5.75
C ASN A 326 2.61 -43.70 -5.84
N LEU A 327 1.50 -43.12 -6.26
CA LEU A 327 0.28 -43.89 -6.50
C LEU A 327 0.60 -44.85 -7.65
N LEU A 328 0.58 -44.34 -8.88
CA LEU A 328 0.96 -45.08 -10.09
C LEU A 328 2.21 -45.95 -9.96
N CYS A 329 2.86 -45.97 -8.80
CA CYS A 329 4.07 -46.73 -8.54
C CYS A 329 3.83 -47.87 -7.55
N ASP A 330 4.06 -49.11 -7.99
CA ASP A 330 4.06 -50.33 -7.16
C ASP A 330 4.24 -50.07 -5.67
N TRP A 331 3.46 -50.78 -4.84
CA TRP A 331 3.42 -50.49 -3.41
C TRP A 331 4.72 -50.82 -2.70
N GLU A 332 5.50 -51.79 -3.20
CA GLU A 332 6.72 -52.20 -2.51
C GLU A 332 7.98 -51.64 -3.15
N ASP A 333 7.86 -51.03 -4.32
CA ASP A 333 9.01 -50.39 -4.99
C ASP A 333 9.27 -49.02 -4.38
N THR A 334 9.71 -49.05 -3.11
CA THR A 334 9.98 -47.80 -2.40
C THR A 334 11.18 -47.07 -2.97
N GLN A 335 12.07 -47.76 -3.69
CA GLN A 335 13.21 -47.13 -4.32
C GLN A 335 12.84 -46.27 -5.51
N SER A 336 11.67 -46.48 -6.11
CA SER A 336 11.22 -45.70 -7.26
C SER A 336 10.17 -44.65 -6.90
N MET A 337 10.04 -44.31 -5.62
CA MET A 337 9.09 -43.30 -5.18
C MET A 337 9.83 -42.01 -4.84
N ILE A 338 9.06 -40.97 -4.50
CA ILE A 338 9.60 -39.67 -4.15
C ILE A 338 9.28 -39.39 -2.69
N VAL A 339 10.19 -38.72 -2.00
CA VAL A 339 10.08 -38.45 -0.56
C VAL A 339 9.50 -37.07 -0.35
N THR A 340 8.62 -36.94 0.64
CA THR A 340 8.06 -35.66 1.00
C THR A 340 9.11 -34.81 1.72
N ASP A 341 9.24 -33.56 1.29
CA ASP A 341 10.25 -32.66 1.84
C ASP A 341 9.62 -31.74 2.88
N HIS A 342 10.10 -31.84 4.12
CA HIS A 342 9.65 -31.02 5.24
C HIS A 342 10.81 -30.25 5.86
N ARG A 343 11.90 -30.05 5.12
CA ARG A 343 13.11 -29.48 5.71
C ARG A 343 12.93 -28.01 6.06
N TYR A 344 12.62 -27.18 5.07
CA TYR A 344 12.49 -25.73 5.27
C TYR A 344 11.07 -25.33 4.90
N VAL A 345 10.14 -25.56 5.81
CA VAL A 345 8.74 -25.21 5.62
C VAL A 345 8.51 -23.78 6.11
N PRO A 346 7.95 -22.90 5.27
CA PRO A 346 7.68 -21.53 5.71
C PRO A 346 6.23 -21.34 6.12
N ALA A 347 5.94 -20.21 6.75
CA ALA A 347 4.59 -19.87 7.15
C ALA A 347 4.48 -18.37 7.27
N ALA A 348 3.28 -17.84 7.07
CA ALA A 348 3.04 -16.42 7.12
C ALA A 348 1.73 -16.13 7.83
N VAL A 349 1.69 -15.01 8.54
CA VAL A 349 0.50 -14.55 9.25
C VAL A 349 0.22 -13.13 8.75
N PHE A 350 -0.88 -12.97 8.02
CA PHE A 350 -1.18 -11.69 7.36
C PHE A 350 -1.93 -10.79 8.34
N THR A 351 -1.17 -10.18 9.24
CA THR A 351 -1.69 -9.24 10.23
C THR A 351 -0.98 -7.89 10.07
N ASP A 352 -1.18 -7.02 11.05
CA ASP A 352 -0.52 -5.72 11.11
C ASP A 352 0.32 -5.68 12.39
N PRO A 353 1.65 -5.80 12.30
CA PRO A 353 2.46 -5.98 11.09
C PRO A 353 2.46 -7.42 10.57
N GLN A 354 2.79 -7.60 9.29
CA GLN A 354 2.83 -8.93 8.69
C GLN A 354 4.02 -9.72 9.22
N ILE A 355 3.82 -11.02 9.41
CA ILE A 355 4.84 -11.90 9.97
C ILE A 355 5.05 -13.07 9.02
N ALA A 356 6.32 -13.43 8.80
CA ALA A 356 6.68 -14.56 7.97
C ALA A 356 7.97 -15.17 8.51
N ALA A 357 8.00 -16.49 8.63
CA ALA A 357 9.13 -17.17 9.24
C ALA A 357 9.36 -18.52 8.56
N VAL A 358 10.59 -19.01 8.68
CA VAL A 358 10.96 -20.31 8.15
C VAL A 358 12.16 -20.82 8.93
N GLY A 359 12.11 -22.09 9.32
CA GLY A 359 13.19 -22.72 10.06
C GLY A 359 12.99 -22.67 11.56
N LEU A 360 14.08 -22.93 12.27
CA LEU A 360 14.06 -22.98 13.72
C LEU A 360 14.13 -21.57 14.32
N THR A 361 13.58 -21.43 15.51
CA THR A 361 13.71 -20.20 16.28
C THR A 361 14.97 -20.22 17.13
N GLU A 362 15.26 -19.09 17.78
CA GLU A 362 16.45 -18.99 18.62
C GLU A 362 16.37 -19.94 19.80
N ASN A 363 15.21 -20.01 20.46
CA ASN A 363 15.05 -20.91 21.60
C ASN A 363 15.09 -22.37 21.17
N GLN A 364 14.64 -22.68 19.95
CA GLN A 364 14.67 -24.06 19.46
C GLN A 364 16.10 -24.50 19.18
N ALA A 365 16.92 -23.61 18.61
CA ALA A 365 18.32 -23.94 18.35
C ALA A 365 19.12 -24.11 19.64
N VAL A 366 18.76 -23.36 20.68
CA VAL A 366 19.46 -23.50 21.96
C VAL A 366 19.17 -24.87 22.57
N ALA A 367 17.93 -25.33 22.48
CA ALA A 367 17.58 -26.64 23.02
C ALA A 367 18.29 -27.78 22.30
N LYS A 368 18.76 -27.53 21.07
CA LYS A 368 19.51 -28.53 20.33
C LYS A 368 21.02 -28.37 20.48
N GLY A 369 21.47 -27.43 21.29
CA GLY A 369 22.88 -27.26 21.58
C GLY A 369 23.73 -26.84 20.39
N LEU A 370 23.29 -25.83 19.65
CA LEU A 370 24.01 -25.34 18.49
C LEU A 370 24.63 -23.98 18.80
N ASP A 371 25.88 -23.79 18.37
CA ASP A 371 26.56 -22.51 18.52
C ASP A 371 26.09 -21.59 17.41
N ILE A 372 25.25 -20.61 17.75
CA ILE A 372 24.53 -19.83 16.77
C ILE A 372 24.95 -18.37 16.86
N SER A 373 24.69 -17.64 15.78
CA SER A 373 24.86 -16.19 15.72
C SER A 373 23.55 -15.57 15.32
N VAL A 374 23.12 -14.54 16.06
CA VAL A 374 21.81 -13.93 15.89
C VAL A 374 21.99 -12.44 15.62
N LYS A 375 21.23 -11.92 14.67
CA LYS A 375 21.22 -10.51 14.33
C LYS A 375 19.80 -10.03 14.14
N ILE A 376 19.48 -8.86 14.69
CA ILE A 376 18.16 -8.25 14.55
C ILE A 376 18.37 -6.91 13.86
N GLN A 377 17.88 -6.79 12.63
CA GLN A 377 18.02 -5.60 11.81
C GLN A 377 16.67 -4.88 11.75
N ASP A 378 16.68 -3.57 11.93
CA ASP A 378 15.46 -2.78 11.92
C ASP A 378 15.13 -2.29 10.52
N TYR A 379 13.83 -2.18 10.25
CA TYR A 379 13.37 -1.63 8.97
C TYR A 379 13.81 -0.18 8.82
N GLY A 380 13.79 0.58 9.91
CA GLY A 380 14.09 2.00 9.88
C GLY A 380 15.53 2.34 9.54
N ASP A 381 16.43 1.35 9.53
CA ASP A 381 17.84 1.59 9.23
C ASP A 381 18.16 1.46 7.75
N VAL A 382 17.17 1.17 6.91
CA VAL A 382 17.38 1.03 5.48
C VAL A 382 16.66 2.17 4.77
N ALA A 383 17.15 2.49 3.57
CA ALA A 383 16.62 3.64 2.83
C ALA A 383 15.13 3.53 2.58
N TYR A 384 14.64 2.31 2.33
CA TYR A 384 13.20 2.14 2.13
C TYR A 384 12.43 2.38 3.42
N GLY A 385 13.01 2.04 4.57
CA GLY A 385 12.35 2.33 5.83
C GLY A 385 12.24 3.82 6.12
N TRP A 386 13.15 4.63 5.57
CA TRP A 386 13.03 6.07 5.71
C TRP A 386 11.80 6.59 4.98
N ALA A 387 11.58 6.11 3.75
CA ALA A 387 10.40 6.52 3.00
C ALA A 387 9.13 6.02 3.67
N MET A 388 9.19 4.87 4.35
CA MET A 388 8.04 4.35 5.08
C MET A 388 7.89 4.97 6.45
N GLU A 389 8.92 5.64 6.95
CA GLU A 389 8.94 6.14 8.32
C GLU A 389 8.64 5.03 9.32
N ASP A 390 9.19 3.84 9.04
CA ASP A 390 8.92 2.67 9.85
C ASP A 390 9.61 2.76 11.20
N THR A 391 8.93 2.26 12.25
CA THR A 391 9.46 2.30 13.60
C THR A 391 9.27 0.97 14.35
N SER A 392 8.98 -0.11 13.64
CA SER A 392 8.69 -1.38 14.30
C SER A 392 9.13 -2.58 13.48
N GLY A 393 9.34 -2.39 12.18
CA GLY A 393 9.71 -3.50 11.32
C GLY A 393 11.10 -4.02 11.66
N ILE A 394 11.23 -5.34 11.79
CA ILE A 394 12.49 -5.99 12.11
C ILE A 394 12.63 -7.26 11.29
N VAL A 395 13.88 -7.72 11.17
CA VAL A 395 14.20 -9.00 10.53
C VAL A 395 15.27 -9.69 11.37
N LYS A 396 15.00 -10.92 11.79
CA LYS A 396 15.86 -11.65 12.71
C LYS A 396 16.41 -12.88 12.01
N LEU A 397 17.74 -13.03 12.03
CA LEU A 397 18.41 -14.14 11.38
C LEU A 397 19.24 -14.91 12.40
N ILE A 398 19.19 -16.24 12.29
CA ILE A 398 19.99 -17.14 13.13
C ILE A 398 20.83 -18.01 12.20
N THR A 399 22.14 -18.02 12.43
CA THR A 399 23.06 -18.79 11.63
C THR A 399 23.94 -19.66 12.52
N GLU A 400 24.35 -20.81 11.99
CA GLU A 400 25.31 -21.66 12.68
C GLU A 400 26.70 -21.06 12.52
N ARG A 401 27.40 -20.86 13.65
CA ARG A 401 28.68 -20.18 13.60
C ARG A 401 29.72 -20.99 12.83
N GLY A 402 29.72 -22.31 12.99
CA GLY A 402 30.67 -23.17 12.32
C GLY A 402 30.47 -23.22 10.82
N SER A 403 29.31 -23.72 10.38
CA SER A 403 29.08 -23.89 8.95
C SER A 403 28.82 -22.56 8.24
N GLY A 404 28.30 -21.57 8.98
CA GLY A 404 27.95 -20.31 8.37
C GLY A 404 26.66 -20.30 7.59
N ARG A 405 25.85 -21.36 7.71
CA ARG A 405 24.59 -21.47 6.98
C ARG A 405 23.44 -20.91 7.81
N LEU A 406 22.37 -20.54 7.12
CA LEU A 406 21.20 -19.99 7.79
C LEU A 406 20.44 -21.09 8.52
N LEU A 407 20.13 -20.85 9.80
CA LEU A 407 19.35 -21.78 10.59
C LEU A 407 17.89 -21.36 10.75
N GLY A 408 17.62 -20.06 10.77
CA GLY A 408 16.26 -19.57 10.87
C GLY A 408 16.18 -18.13 10.42
N ALA A 409 14.97 -17.75 10.00
CA ALA A 409 14.70 -16.39 9.53
C ALA A 409 13.30 -16.00 9.95
N HIS A 410 13.19 -14.91 10.72
CA HIS A 410 11.91 -14.45 11.24
C HIS A 410 11.77 -12.96 10.99
N ILE A 411 10.78 -12.59 10.18
CA ILE A 411 10.54 -11.22 9.77
C ILE A 411 9.19 -10.77 10.28
N MET A 412 9.12 -9.55 10.81
CA MET A 412 7.87 -8.91 11.22
C MET A 412 7.85 -7.49 10.67
N GLY A 413 7.11 -7.28 9.59
CA GLY A 413 7.03 -5.95 9.01
C GLY A 413 6.40 -5.99 7.63
N TYR A 414 6.50 -4.86 6.95
CA TYR A 414 5.91 -4.70 5.62
C TYR A 414 6.55 -5.69 4.64
N GLN A 415 5.70 -6.36 3.86
CA GLN A 415 6.15 -7.33 2.85
C GLN A 415 6.92 -8.48 3.48
N ALA A 416 6.41 -9.01 4.59
CA ALA A 416 7.10 -10.09 5.27
C ALA A 416 7.10 -11.37 4.44
N SER A 417 5.96 -11.71 3.84
CA SER A 417 5.86 -12.95 3.07
C SER A 417 6.63 -12.86 1.75
N SER A 418 6.93 -11.65 1.29
CA SER A 418 7.70 -11.47 0.06
C SER A 418 9.20 -11.38 0.33
N LEU A 419 9.60 -10.76 1.46
CA LEU A 419 11.01 -10.63 1.78
C LEU A 419 11.64 -11.94 2.22
N ILE A 420 10.84 -12.89 2.70
CA ILE A 420 11.38 -14.15 3.20
C ILE A 420 11.74 -15.13 2.09
N GLN A 421 11.26 -14.90 0.87
CA GLN A 421 11.50 -15.86 -0.22
C GLN A 421 12.98 -15.99 -0.55
N PRO A 422 13.77 -14.93 -0.71
CA PRO A 422 15.22 -15.12 -0.92
C PRO A 422 15.89 -15.83 0.24
N LEU A 423 15.35 -15.71 1.45
CA LEU A 423 15.90 -16.43 2.59
C LEU A 423 15.51 -17.90 2.57
N ILE A 424 14.31 -18.22 2.09
CA ILE A 424 13.93 -19.62 1.92
C ILE A 424 14.82 -20.29 0.88
N GLN A 425 15.17 -19.55 -0.18
CA GLN A 425 16.00 -20.12 -1.23
C GLN A 425 17.39 -20.46 -0.72
N ALA A 426 17.98 -19.59 0.11
CA ALA A 426 19.31 -19.84 0.63
C ALA A 426 19.33 -21.06 1.55
N MET A 427 18.32 -21.20 2.41
CA MET A 427 18.27 -22.34 3.32
C MET A 427 17.99 -23.63 2.55
N SER A 428 17.05 -23.59 1.60
CA SER A 428 16.65 -24.80 0.90
C SER A 428 17.77 -25.35 0.04
N PHE A 429 18.64 -24.49 -0.48
CA PHE A 429 19.70 -24.90 -1.40
C PHE A 429 21.08 -24.89 -0.76
N GLY A 430 21.22 -24.42 0.48
CA GLY A 430 22.48 -24.52 1.17
C GLY A 430 23.44 -23.38 0.89
N LEU A 431 22.93 -22.15 0.89
CA LEU A 431 23.75 -20.97 0.68
C LEU A 431 24.14 -20.36 2.03
N THR A 432 25.41 -20.00 2.17
CA THR A 432 25.89 -19.41 3.41
C THR A 432 25.52 -17.94 3.46
N ALA A 433 25.48 -17.40 4.69
CA ALA A 433 25.09 -16.01 4.89
C ALA A 433 26.05 -15.06 4.19
N ALA A 434 27.35 -15.34 4.26
CA ALA A 434 28.33 -14.48 3.61
C ALA A 434 28.18 -14.50 2.09
N GLU A 435 27.76 -15.62 1.52
CA GLU A 435 27.57 -15.69 0.08
C GLU A 435 26.34 -14.90 -0.34
N MET A 436 25.25 -14.98 0.45
CA MET A 436 24.03 -14.27 0.10
C MET A 436 24.21 -12.76 0.16
N ALA A 437 25.07 -12.27 1.05
CA ALA A 437 25.21 -10.83 1.23
C ALA A 437 26.03 -10.20 0.11
N ARG A 438 27.18 -10.79 -0.22
CA ARG A 438 28.11 -10.18 -1.17
C ARG A 438 28.23 -10.92 -2.49
N GLY A 439 27.62 -12.10 -2.62
CA GLY A 439 27.70 -12.82 -3.88
C GLY A 439 26.71 -12.40 -4.94
N GLN A 440 25.73 -11.57 -4.58
CA GLN A 440 24.73 -11.09 -5.52
C GLN A 440 24.49 -9.62 -5.30
N TYR A 441 23.79 -9.00 -6.24
CA TYR A 441 23.44 -7.58 -6.15
C TYR A 441 22.09 -7.39 -5.50
N TRP A 442 21.96 -6.29 -4.76
CA TRP A 442 20.70 -5.89 -4.15
C TRP A 442 20.35 -4.50 -4.67
N ILE A 443 19.14 -4.37 -5.22
CA ILE A 443 18.74 -3.11 -5.84
C ILE A 443 18.62 -2.02 -4.79
N HIS A 444 19.20 -0.86 -5.08
CA HIS A 444 19.14 0.31 -4.21
C HIS A 444 18.22 1.36 -4.82
N PRO A 445 17.32 1.94 -4.04
CA PRO A 445 17.05 1.69 -2.62
C PRO A 445 15.80 0.84 -2.41
N ALA A 446 15.84 -0.42 -2.84
CA ALA A 446 14.69 -1.29 -2.71
C ALA A 446 14.54 -1.77 -1.26
N LEU A 447 13.42 -2.41 -0.99
CA LEU A 447 13.10 -2.92 0.34
C LEU A 447 14.02 -4.07 0.75
N PRO A 448 14.39 -5.02 -0.16
CA PRO A 448 15.25 -6.14 0.26
C PRO A 448 16.60 -5.76 0.85
N GLU A 449 16.92 -4.46 0.92
CA GLU A 449 18.13 -4.05 1.60
C GLU A 449 18.13 -4.40 3.08
N VAL A 450 16.95 -4.55 3.68
CA VAL A 450 16.87 -4.91 5.09
C VAL A 450 17.27 -6.37 5.30
N VAL A 451 17.08 -7.21 4.28
CA VAL A 451 17.56 -8.59 4.38
C VAL A 451 19.07 -8.65 4.15
N GLU A 452 19.58 -7.81 3.24
CA GLU A 452 21.01 -7.75 3.00
C GLU A 452 21.77 -7.26 4.23
N ASN A 453 21.28 -6.18 4.85
CA ASN A 453 21.95 -5.65 6.03
C ASN A 453 21.84 -6.60 7.22
N ALA A 454 20.78 -7.40 7.29
CA ALA A 454 20.68 -8.39 8.36
C ALA A 454 21.74 -9.46 8.21
N LEU A 455 22.06 -9.84 6.97
CA LEU A 455 23.13 -10.80 6.75
C LEU A 455 24.50 -10.19 7.02
N LEU A 456 24.68 -8.93 6.62
CA LEU A 456 25.96 -8.25 6.86
C LEU A 456 26.20 -8.03 8.35
N GLY A 457 25.15 -7.76 9.11
CA GLY A 457 25.28 -7.49 10.53
C GLY A 457 25.54 -8.69 11.41
N LEU A 458 25.49 -9.90 10.84
CA LEU A 458 25.71 -11.11 11.63
C LEU A 458 27.19 -11.22 12.00
N ARG A 459 27.46 -11.34 13.30
CA ARG A 459 28.84 -11.50 13.78
C ARG A 459 28.86 -12.30 15.08
N MET B 1 53.90 23.96 0.65
CA MET B 1 52.92 23.05 0.06
C MET B 1 52.69 21.85 0.98
N GLU B 2 51.47 21.31 0.93
CA GLU B 2 51.08 20.22 1.81
C GLU B 2 51.18 18.88 1.11
N THR B 3 51.68 17.88 1.83
CA THR B 3 51.84 16.53 1.31
C THR B 3 50.80 15.61 1.96
N TYR B 4 50.15 14.79 1.13
CA TYR B 4 49.15 13.83 1.58
C TYR B 4 49.51 12.45 1.06
N ASP B 5 49.04 11.42 1.76
CA ASP B 5 49.26 10.05 1.32
C ASP B 5 48.23 9.58 0.31
N ILE B 6 46.98 10.03 0.43
CA ILE B 6 45.92 9.65 -0.49
C ILE B 6 44.92 10.80 -0.57
N ALA B 7 44.45 11.08 -1.77
CA ALA B 7 43.47 12.14 -2.01
C ALA B 7 42.28 11.56 -2.78
N ILE B 8 41.07 11.84 -2.30
CA ILE B 8 39.85 11.36 -2.92
C ILE B 8 39.03 12.55 -3.38
N ILE B 9 38.58 12.52 -4.63
CA ILE B 9 37.77 13.57 -5.21
C ILE B 9 36.34 13.05 -5.31
N GLY B 10 35.46 13.56 -4.45
CA GLY B 10 34.07 13.14 -4.46
C GLY B 10 33.64 12.35 -3.25
N THR B 11 32.67 12.89 -2.49
CA THR B 11 32.18 12.27 -1.27
C THR B 11 30.92 11.45 -1.50
N GLY B 12 30.74 10.91 -2.71
CA GLY B 12 29.63 10.02 -2.97
C GLY B 12 29.90 8.62 -2.45
N SER B 13 30.27 7.71 -3.36
CA SER B 13 30.70 6.39 -2.94
C SER B 13 32.15 6.38 -2.45
N GLY B 14 32.94 7.38 -2.85
CA GLY B 14 34.31 7.49 -2.39
C GLY B 14 34.44 7.79 -0.91
N ASN B 15 33.37 8.31 -0.29
CA ASN B 15 33.41 8.58 1.15
C ASN B 15 33.54 7.30 1.96
N SER B 16 33.06 6.18 1.43
CA SER B 16 33.11 4.90 2.13
C SER B 16 34.43 4.17 1.94
N ILE B 17 35.52 4.88 1.72
CA ILE B 17 36.82 4.27 1.51
C ILE B 17 37.72 4.38 2.73
N LEU B 18 37.85 5.58 3.29
CA LEU B 18 38.72 5.79 4.45
C LEU B 18 38.13 5.08 5.66
N ASP B 19 38.70 3.94 6.02
CA ASP B 19 38.30 3.17 7.18
C ASP B 19 39.46 3.16 8.18
N GLU B 20 39.46 2.19 9.10
CA GLU B 20 40.55 2.08 10.06
C GLU B 20 41.86 1.60 9.45
N ARG B 21 41.85 1.08 8.21
CA ARG B 21 43.12 0.73 7.58
C ARG B 21 43.96 1.97 7.24
N TYR B 22 43.32 3.12 7.08
CA TYR B 22 43.99 4.38 6.78
C TYR B 22 44.17 5.25 8.02
N ALA B 23 44.18 4.67 9.21
CA ALA B 23 44.26 5.46 10.43
C ALA B 23 45.63 6.09 10.63
N SER B 24 46.68 5.50 10.06
CA SER B 24 48.03 6.01 10.22
C SER B 24 48.48 6.86 9.04
N LYS B 25 47.63 7.05 8.04
CA LYS B 25 47.96 7.85 6.86
C LYS B 25 47.17 9.15 6.85
N ARG B 26 47.73 10.14 6.17
CA ARG B 26 47.12 11.46 6.04
C ARG B 26 46.36 11.53 4.73
N ALA B 27 45.04 11.71 4.82
CA ALA B 27 44.17 11.73 3.65
C ALA B 27 43.56 13.11 3.43
N ALA B 28 43.25 13.39 2.16
CA ALA B 28 42.62 14.64 1.76
C ALA B 28 41.38 14.33 0.94
N ILE B 29 40.28 15.05 1.21
CA ILE B 29 39.00 14.83 0.56
C ILE B 29 38.57 16.11 -0.14
N CYS B 30 38.03 15.97 -1.34
CA CYS B 30 37.59 17.10 -2.15
C CYS B 30 36.11 16.93 -2.48
N GLU B 31 35.33 18.00 -2.24
CA GLU B 31 33.89 17.96 -2.49
C GLU B 31 33.45 19.37 -2.91
N GLN B 32 33.27 19.58 -4.21
CA GLN B 32 32.89 20.90 -4.70
C GLN B 32 31.44 21.23 -4.37
N GLY B 33 30.59 20.22 -4.24
CA GLY B 33 29.18 20.41 -3.95
C GLY B 33 28.85 20.17 -2.49
N THR B 34 27.68 19.58 -2.26
CA THR B 34 27.23 19.26 -0.92
C THR B 34 27.76 17.89 -0.48
N PHE B 35 28.11 17.78 0.80
CA PHE B 35 28.67 16.54 1.31
C PHE B 35 27.62 15.42 1.27
N GLY B 36 28.09 14.21 1.01
CA GLY B 36 27.25 13.03 0.93
C GLY B 36 27.13 12.46 -0.47
N GLY B 37 27.25 13.29 -1.48
CA GLY B 37 27.14 12.86 -2.85
C GLY B 37 25.81 13.23 -3.48
N THR B 38 25.46 12.50 -4.54
CA THR B 38 24.23 12.75 -5.28
C THR B 38 23.06 11.95 -4.74
N CYS B 39 23.29 10.67 -4.44
CA CYS B 39 22.19 9.79 -4.03
C CYS B 39 21.47 10.31 -2.79
N LEU B 40 22.22 10.79 -1.80
CA LEU B 40 21.61 11.20 -0.54
C LEU B 40 20.90 12.55 -0.68
N ASN B 41 21.60 13.57 -1.19
CA ASN B 41 21.05 14.92 -1.16
C ASN B 41 20.03 15.15 -2.27
N VAL B 42 20.34 14.74 -3.50
CA VAL B 42 19.49 15.07 -4.64
C VAL B 42 19.34 13.86 -5.55
N GLY B 43 19.25 12.66 -4.98
CA GLY B 43 19.20 11.47 -5.80
C GLY B 43 18.23 10.38 -5.35
N CYS B 44 18.75 9.17 -5.17
CA CYS B 44 17.91 8.00 -4.91
C CYS B 44 17.11 8.15 -3.62
N ILE B 45 17.80 8.48 -2.52
CA ILE B 45 17.16 8.49 -1.21
C ILE B 45 15.99 9.47 -1.14
N PRO B 46 16.13 10.75 -1.50
CA PRO B 46 14.97 11.65 -1.42
C PRO B 46 13.89 11.33 -2.42
N THR B 47 14.25 10.83 -3.61
CA THR B 47 13.25 10.56 -4.64
C THR B 47 12.28 9.47 -4.20
N LYS B 48 12.81 8.35 -3.69
CA LYS B 48 11.95 7.25 -3.26
C LYS B 48 11.12 7.61 -2.03
N MET B 49 11.56 8.61 -1.27
CA MET B 49 10.72 9.13 -0.18
C MET B 49 9.49 9.82 -0.75
N PHE B 50 9.67 10.64 -1.80
CA PHE B 50 8.54 11.24 -2.48
C PHE B 50 7.65 10.20 -3.16
N VAL B 51 8.25 9.11 -3.64
CA VAL B 51 7.48 8.07 -4.32
C VAL B 51 6.50 7.42 -3.35
N TYR B 52 6.97 7.07 -2.15
CA TYR B 52 6.09 6.43 -1.17
C TYR B 52 4.95 7.35 -0.78
N ALA B 53 5.20 8.66 -0.68
CA ALA B 53 4.12 9.61 -0.44
C ALA B 53 3.13 9.60 -1.60
N ALA B 54 3.63 9.48 -2.83
CA ALA B 54 2.75 9.39 -3.98
C ALA B 54 1.98 8.07 -3.98
N GLU B 55 2.63 6.98 -3.53
CA GLU B 55 1.95 5.69 -3.48
C GLU B 55 0.80 5.70 -2.47
N VAL B 56 0.93 6.50 -1.41
CA VAL B 56 -0.16 6.64 -0.46
C VAL B 56 -1.35 7.33 -1.10
N ALA B 57 -1.10 8.40 -1.86
CA ALA B 57 -2.19 9.11 -2.53
C ALA B 57 -2.86 8.24 -3.58
N LYS B 58 -2.07 7.43 -4.30
CA LYS B 58 -2.64 6.55 -5.32
C LYS B 58 -3.58 5.53 -4.70
N THR B 59 -3.26 5.04 -3.50
CA THR B 59 -4.12 4.07 -2.85
C THR B 59 -5.46 4.67 -2.47
N ILE B 60 -5.47 5.92 -2.01
CA ILE B 60 -6.71 6.55 -1.58
C ILE B 60 -7.65 6.75 -2.76
N ARG B 61 -7.11 7.14 -3.92
CA ARG B 61 -7.95 7.42 -5.06
C ARG B 61 -8.64 6.17 -5.59
N GLY B 62 -7.94 5.04 -5.60
CA GLY B 62 -8.52 3.82 -6.11
C GLY B 62 -9.08 2.91 -5.03
N ALA B 63 -9.36 3.48 -3.86
CA ALA B 63 -9.89 2.68 -2.76
C ALA B 63 -11.33 2.26 -3.03
N SER B 64 -12.06 3.00 -3.87
CA SER B 64 -13.44 2.67 -4.15
C SER B 64 -13.56 1.32 -4.85
N ARG B 65 -12.51 0.90 -5.56
CA ARG B 65 -12.54 -0.37 -6.26
C ARG B 65 -12.70 -1.55 -5.31
N TYR B 66 -12.21 -1.41 -4.08
CA TYR B 66 -12.25 -2.49 -3.10
C TYR B 66 -13.43 -2.38 -2.13
N GLY B 67 -14.24 -1.33 -2.24
CA GLY B 67 -15.39 -1.16 -1.38
C GLY B 67 -15.25 -0.08 -0.33
N ILE B 68 -14.14 0.67 -0.32
CA ILE B 68 -13.90 1.73 0.64
C ILE B 68 -13.99 3.06 -0.10
N ASP B 69 -15.02 3.85 0.21
CA ASP B 69 -15.19 5.16 -0.39
C ASP B 69 -14.41 6.18 0.42
N ALA B 70 -13.36 6.74 -0.17
CA ALA B 70 -12.54 7.73 0.49
C ALA B 70 -12.17 8.81 -0.52
N HIS B 71 -11.62 9.92 0.00
CA HIS B 71 -11.21 11.03 -0.84
C HIS B 71 -10.17 11.84 -0.09
N ILE B 72 -9.27 12.46 -0.84
CA ILE B 72 -8.18 13.24 -0.27
C ILE B 72 -8.66 14.67 -0.02
N ASP B 73 -8.44 15.15 1.20
CA ASP B 73 -8.87 16.49 1.58
C ASP B 73 -7.85 17.54 1.13
N ARG B 74 -6.57 17.29 1.39
CA ARG B 74 -5.52 18.22 1.05
C ARG B 74 -4.21 17.46 0.90
N VAL B 75 -3.34 17.98 0.04
CA VAL B 75 -1.99 17.45 -0.14
C VAL B 75 -1.03 18.52 0.36
N ARG B 76 -0.54 18.36 1.59
CA ARG B 76 0.36 19.34 2.21
C ARG B 76 1.77 19.11 1.67
N TRP B 77 2.01 19.67 0.48
CA TRP B 77 3.31 19.52 -0.16
C TRP B 77 4.42 20.16 0.67
N ASP B 78 4.12 21.26 1.36
CA ASP B 78 5.14 21.92 2.17
C ASP B 78 5.62 21.02 3.31
N ASP B 79 4.71 20.25 3.90
CA ASP B 79 5.09 19.33 4.96
C ASP B 79 5.76 18.07 4.44
N VAL B 80 5.49 17.70 3.18
CA VAL B 80 6.16 16.55 2.59
C VAL B 80 7.62 16.86 2.33
N VAL B 81 7.91 18.06 1.82
CA VAL B 81 9.29 18.46 1.60
C VAL B 81 10.03 18.59 2.93
N SER B 82 9.36 19.14 3.94
CA SER B 82 9.98 19.29 5.25
C SER B 82 10.29 17.94 5.89
N ARG B 83 9.40 16.96 5.70
CA ARG B 83 9.64 15.64 6.27
C ARG B 83 10.79 14.94 5.56
N VAL B 84 10.89 15.11 4.25
CA VAL B 84 11.93 14.43 3.48
C VAL B 84 13.30 15.02 3.79
N PHE B 85 13.47 16.33 3.54
CA PHE B 85 14.77 16.95 3.71
C PHE B 85 15.10 17.26 5.16
N GLY B 86 14.12 17.22 6.06
CA GLY B 86 14.42 17.30 7.48
C GLY B 86 15.19 16.09 7.99
N ARG B 87 15.13 14.98 7.26
CA ARG B 87 15.90 13.78 7.58
C ARG B 87 17.25 13.76 6.86
N ILE B 88 17.30 14.28 5.64
CA ILE B 88 18.48 14.17 4.80
C ILE B 88 19.48 15.29 5.07
N ASP B 89 19.02 16.53 5.08
CA ASP B 89 19.93 17.67 5.23
C ASP B 89 20.79 17.59 6.48
N PRO B 90 20.28 17.24 7.67
CA PRO B 90 21.18 17.12 8.83
C PRO B 90 22.18 15.98 8.69
N ILE B 91 21.86 14.95 7.91
CA ILE B 91 22.78 13.83 7.74
C ILE B 91 24.04 14.28 6.99
N ALA B 92 23.87 15.16 6.01
CA ALA B 92 25.03 15.67 5.26
C ALA B 92 25.98 16.46 6.15
N LEU B 93 25.46 17.14 7.17
CA LEU B 93 26.32 17.90 8.06
C LEU B 93 27.06 16.99 9.03
N SER B 94 26.39 15.95 9.55
CA SER B 94 27.04 15.05 10.49
C SER B 94 28.16 14.28 9.82
N GLY B 95 27.95 13.81 8.59
CA GLY B 95 29.01 13.13 7.87
C GLY B 95 30.15 14.05 7.49
N GLU B 96 29.84 15.34 7.27
CA GLU B 96 30.88 16.29 6.93
C GLU B 96 31.75 16.62 8.15
N ASP B 97 31.13 16.74 9.33
CA ASP B 97 31.92 17.00 10.54
C ASP B 97 32.70 15.78 10.97
N TYR B 98 32.19 14.57 10.68
CA TYR B 98 32.88 13.36 11.07
C TYR B 98 34.23 13.21 10.35
N ARG B 99 34.31 13.68 9.10
CA ARG B 99 35.54 13.61 8.35
C ARG B 99 36.44 14.83 8.57
N ARG B 100 35.84 16.02 8.67
CA ARG B 100 36.63 17.24 8.82
C ARG B 100 37.31 17.30 10.19
N CYS B 101 36.59 16.91 11.24
CA CYS B 101 37.15 16.97 12.59
C CYS B 101 38.23 15.92 12.84
N ALA B 102 38.38 14.95 11.97
CA ALA B 102 39.45 13.97 12.11
C ALA B 102 40.79 14.67 11.84
N PRO B 103 41.78 14.53 12.73
CA PRO B 103 43.04 15.28 12.54
C PRO B 103 43.83 14.84 11.33
N ASN B 104 43.66 13.60 10.87
CA ASN B 104 44.44 13.10 9.74
C ASN B 104 43.76 13.33 8.39
N ILE B 105 42.49 13.71 8.38
CA ILE B 105 41.75 13.95 7.16
C ILE B 105 41.47 15.45 7.04
N ASP B 106 41.83 16.03 5.90
CA ASP B 106 41.52 17.41 5.59
C ASP B 106 40.57 17.45 4.40
N VAL B 107 39.55 18.31 4.48
CA VAL B 107 38.48 18.37 3.49
C VAL B 107 38.60 19.68 2.72
N TYR B 108 38.58 19.58 1.39
CA TYR B 108 38.58 20.74 0.51
C TYR B 108 37.21 20.82 -0.15
N ARG B 109 36.61 22.02 -0.13
CA ARG B 109 35.23 22.20 -0.56
C ARG B 109 35.13 23.00 -1.85
N THR B 110 36.17 22.99 -2.67
CA THR B 110 36.17 23.66 -3.96
C THR B 110 36.53 22.65 -5.06
N HIS B 111 36.27 23.06 -6.31
CA HIS B 111 36.55 22.20 -7.45
C HIS B 111 38.04 21.94 -7.58
N THR B 112 38.41 20.67 -7.61
CA THR B 112 39.80 20.24 -7.66
C THR B 112 40.14 19.74 -9.06
N ARG B 113 41.28 20.18 -9.59
CA ARG B 113 41.75 19.78 -10.90
C ARG B 113 43.07 19.04 -10.77
N PHE B 114 43.39 18.27 -11.80
CA PHE B 114 44.64 17.53 -11.85
C PHE B 114 45.75 18.41 -12.41
N GLY B 115 46.91 18.36 -11.78
CA GLY B 115 48.07 19.08 -12.25
C GLY B 115 49.07 18.15 -12.88
N PRO B 116 50.17 18.72 -13.40
CA PRO B 116 51.21 17.87 -13.98
C PRO B 116 51.86 17.00 -12.91
N VAL B 117 52.14 15.75 -13.27
CA VAL B 117 52.74 14.82 -12.31
C VAL B 117 54.11 15.32 -11.91
N GLN B 118 54.40 15.29 -10.61
CA GLN B 118 55.68 15.77 -10.10
C GLN B 118 56.79 14.77 -10.40
N ALA B 119 58.02 15.23 -10.23
CA ALA B 119 59.19 14.40 -10.55
C ALA B 119 59.26 13.18 -9.64
N ASP B 120 58.94 13.35 -8.36
CA ASP B 120 59.03 12.25 -7.40
C ASP B 120 57.94 11.21 -7.59
N GLY B 121 56.99 11.44 -8.48
CA GLY B 121 55.90 10.51 -8.72
C GLY B 121 54.60 10.90 -8.05
N ARG B 122 54.60 11.95 -7.23
CA ARG B 122 53.40 12.37 -6.54
C ARG B 122 52.53 13.21 -7.47
N TYR B 123 51.22 13.10 -7.29
CA TYR B 123 50.27 13.79 -8.15
C TYR B 123 49.91 15.13 -7.54
N LEU B 124 50.02 16.19 -8.32
CA LEU B 124 49.68 17.53 -7.87
C LEU B 124 48.20 17.79 -8.15
N LEU B 125 47.51 18.35 -7.16
CA LEU B 125 46.10 18.68 -7.27
C LEU B 125 45.91 20.15 -6.94
N ARG B 126 45.09 20.83 -7.74
CA ARG B 126 44.85 22.26 -7.58
C ARG B 126 43.36 22.49 -7.47
N THR B 127 42.96 23.25 -6.45
CA THR B 127 41.56 23.60 -6.23
C THR B 127 41.27 24.98 -6.81
N ASP B 128 39.99 25.23 -7.06
CA ASP B 128 39.59 26.52 -7.61
C ASP B 128 39.77 27.67 -6.63
N ALA B 129 40.00 27.37 -5.34
CA ALA B 129 40.26 28.39 -4.34
C ALA B 129 41.74 28.77 -4.24
N GLY B 130 42.62 28.01 -4.89
CA GLY B 130 44.04 28.31 -4.85
C GLY B 130 44.87 27.41 -3.97
N GLU B 131 44.42 26.19 -3.67
CA GLU B 131 45.14 25.27 -2.80
C GLU B 131 45.83 24.21 -3.63
N GLU B 132 47.13 24.01 -3.37
CA GLU B 132 47.94 23.02 -4.06
C GLU B 132 48.43 21.99 -3.05
N PHE B 133 48.31 20.71 -3.41
CA PHE B 133 48.79 19.64 -2.55
C PHE B 133 49.09 18.42 -3.41
N THR B 134 49.79 17.45 -2.80
CA THR B 134 50.21 16.24 -3.49
C THR B 134 49.68 15.01 -2.76
N ALA B 135 49.65 13.89 -3.48
CA ALA B 135 49.20 12.62 -2.93
C ALA B 135 49.87 11.48 -3.67
N GLU B 136 50.16 10.40 -2.94
CA GLU B 136 50.77 9.24 -3.56
C GLU B 136 49.74 8.46 -4.37
N GLN B 137 48.58 8.20 -3.78
CA GLN B 137 47.47 7.55 -4.46
C GLN B 137 46.32 8.53 -4.57
N VAL B 138 45.58 8.45 -5.67
CA VAL B 138 44.47 9.36 -5.94
C VAL B 138 43.27 8.51 -6.37
N VAL B 139 42.11 8.81 -5.78
CA VAL B 139 40.87 8.13 -6.09
C VAL B 139 39.92 9.14 -6.74
N ILE B 140 39.40 8.80 -7.91
CA ILE B 140 38.51 9.67 -8.68
C ILE B 140 37.08 9.17 -8.51
N ALA B 141 36.26 9.96 -7.83
CA ALA B 141 34.83 9.68 -7.66
C ALA B 141 34.01 10.92 -7.96
N ALA B 142 34.27 11.53 -9.13
CA ALA B 142 33.64 12.78 -9.50
C ALA B 142 32.18 12.61 -9.91
N GLY B 143 31.71 11.38 -10.10
CA GLY B 143 30.33 11.15 -10.45
C GLY B 143 29.97 11.68 -11.83
N SER B 144 28.72 12.13 -11.95
CA SER B 144 28.19 12.61 -13.22
C SER B 144 27.39 13.89 -12.97
N ARG B 145 26.94 14.51 -14.06
CA ARG B 145 26.18 15.75 -14.00
C ARG B 145 25.09 15.73 -15.07
N PRO B 146 24.00 16.46 -14.86
CA PRO B 146 22.89 16.42 -15.82
C PRO B 146 23.25 17.07 -17.14
N VAL B 147 22.54 16.63 -18.18
CA VAL B 147 22.71 17.15 -19.53
C VAL B 147 21.41 17.84 -19.95
N ILE B 148 21.53 19.06 -20.44
CA ILE B 148 20.39 19.87 -20.89
C ILE B 148 20.47 19.99 -22.40
N PRO B 149 19.38 19.78 -23.13
CA PRO B 149 19.42 19.90 -24.60
C PRO B 149 19.86 21.29 -25.02
N PRO B 150 20.67 21.40 -26.07
CA PRO B 150 21.16 22.73 -26.48
C PRO B 150 20.05 23.67 -26.90
N ALA B 151 18.95 23.14 -27.47
CA ALA B 151 17.84 23.99 -27.87
C ALA B 151 17.16 24.61 -26.65
N ILE B 152 17.09 23.87 -25.53
CA ILE B 152 16.49 24.42 -24.33
C ILE B 152 17.40 25.45 -23.69
N LEU B 153 18.71 25.19 -23.71
CA LEU B 153 19.66 26.15 -23.13
C LEU B 153 19.69 27.44 -23.93
N ALA B 154 19.66 27.36 -25.25
CA ALA B 154 19.72 28.55 -26.09
C ALA B 154 18.45 29.38 -26.02
N SER B 155 17.35 28.80 -25.52
CA SER B 155 16.10 29.54 -25.43
C SER B 155 16.09 30.50 -24.25
N GLY B 156 16.87 30.21 -23.21
CA GLY B 156 16.88 31.05 -22.03
C GLY B 156 15.69 30.89 -21.14
N VAL B 157 14.96 29.78 -21.28
CA VAL B 157 13.77 29.55 -20.47
C VAL B 157 14.15 28.97 -19.12
N ASP B 158 13.27 29.18 -18.13
CA ASP B 158 13.48 28.63 -16.79
C ASP B 158 13.11 27.16 -16.78
N TYR B 159 14.09 26.30 -16.56
CA TYR B 159 13.89 24.86 -16.53
C TYR B 159 14.35 24.29 -15.19
N HIS B 160 13.94 23.05 -14.93
CA HIS B 160 14.29 22.35 -13.70
C HIS B 160 14.91 21.00 -14.06
N THR B 161 15.77 20.52 -13.17
CA THR B 161 16.38 19.20 -13.28
C THR B 161 16.09 18.39 -12.03
N SER B 162 16.62 17.18 -11.98
CA SER B 162 16.45 16.33 -10.80
C SER B 162 17.14 16.90 -9.58
N ASP B 163 18.10 17.82 -9.77
CA ASP B 163 18.83 18.40 -8.64
C ASP B 163 18.04 19.50 -7.93
N THR B 164 17.08 20.14 -8.60
CA THR B 164 16.39 21.30 -8.04
C THR B 164 14.88 21.14 -7.93
N VAL B 165 14.28 20.18 -8.64
CA VAL B 165 12.82 20.06 -8.66
C VAL B 165 12.29 19.56 -7.33
N MET B 166 13.14 18.97 -6.49
CA MET B 166 12.67 18.38 -5.23
C MET B 166 12.47 19.42 -4.13
N ARG B 167 12.99 20.64 -4.31
CA ARG B 167 12.81 21.68 -3.29
C ARG B 167 12.00 22.84 -3.84
N ILE B 168 10.85 22.56 -4.43
CA ILE B 168 9.98 23.61 -4.97
C ILE B 168 8.98 24.01 -3.90
N ALA B 169 8.57 25.27 -3.94
CA ALA B 169 7.70 25.82 -2.89
C ALA B 169 6.28 25.26 -3.00
N GLU B 170 5.71 25.28 -4.19
CA GLU B 170 4.32 24.89 -4.39
C GLU B 170 4.21 23.93 -5.56
N LEU B 171 3.25 23.02 -5.47
CA LEU B 171 3.02 22.06 -6.53
C LEU B 171 2.39 22.76 -7.72
N PRO B 172 2.91 22.57 -8.93
CA PRO B 172 2.34 23.26 -10.09
C PRO B 172 1.04 22.62 -10.55
N GLU B 173 0.31 23.37 -11.38
CA GLU B 173 -0.94 22.87 -11.94
C GLU B 173 -0.68 21.96 -13.14
N HIS B 174 0.27 22.34 -13.99
CA HIS B 174 0.61 21.57 -15.18
C HIS B 174 2.12 21.56 -15.34
N ILE B 175 2.69 20.37 -15.51
CA ILE B 175 4.14 20.21 -15.65
C ILE B 175 4.41 19.47 -16.95
N VAL B 176 5.52 19.82 -17.59
CA VAL B 176 5.99 19.14 -18.79
C VAL B 176 7.35 18.53 -18.48
N ILE B 177 7.49 17.22 -18.71
CA ILE B 177 8.72 16.49 -18.47
C ILE B 177 9.30 16.09 -19.81
N VAL B 178 10.54 16.51 -20.06
CA VAL B 178 11.25 16.19 -21.30
C VAL B 178 12.23 15.06 -21.01
N GLY B 179 11.90 13.87 -21.47
CA GLY B 179 12.75 12.71 -21.25
C GLY B 179 11.95 11.44 -21.18
N SER B 180 12.67 10.32 -21.31
CA SER B 180 12.05 9.00 -21.24
C SER B 180 12.85 8.03 -20.37
N GLY B 181 13.80 8.51 -19.59
CA GLY B 181 14.62 7.67 -18.76
C GLY B 181 13.93 7.26 -17.46
N PHE B 182 14.71 6.61 -16.59
CA PHE B 182 14.16 6.18 -15.31
C PHE B 182 13.86 7.36 -14.39
N ILE B 183 14.58 8.48 -14.57
CA ILE B 183 14.29 9.67 -13.78
C ILE B 183 12.96 10.28 -14.21
N ALA B 184 12.72 10.37 -15.52
CA ALA B 184 11.50 10.98 -16.02
C ALA B 184 10.27 10.15 -15.67
N ALA B 185 10.40 8.82 -15.62
CA ALA B 185 9.24 7.99 -15.31
C ALA B 185 8.87 8.08 -13.84
N GLU B 186 9.88 8.09 -12.95
CA GLU B 186 9.61 8.14 -11.53
C GLU B 186 8.98 9.46 -11.11
N PHE B 187 9.41 10.56 -11.73
CA PHE B 187 8.83 11.86 -11.38
C PHE B 187 7.41 12.02 -11.93
N ALA B 188 7.11 11.39 -13.06
CA ALA B 188 5.74 11.41 -13.58
C ALA B 188 4.79 10.69 -12.63
N HIS B 189 5.27 9.62 -11.98
CA HIS B 189 4.44 8.92 -11.02
C HIS B 189 4.21 9.76 -9.77
N VAL B 190 5.20 10.55 -9.37
CA VAL B 190 5.09 11.34 -8.16
C VAL B 190 4.08 12.47 -8.32
N PHE B 191 4.25 13.28 -9.37
CA PHE B 191 3.41 14.46 -9.53
C PHE B 191 1.97 14.10 -9.90
N SER B 192 1.77 13.05 -10.70
CA SER B 192 0.43 12.66 -11.08
C SER B 192 -0.37 12.17 -9.87
N ALA B 193 0.25 11.39 -8.99
CA ALA B 193 -0.45 10.89 -7.83
C ALA B 193 -0.80 12.00 -6.84
N LEU B 194 0.00 13.07 -6.81
CA LEU B 194 -0.28 14.18 -5.92
C LEU B 194 -1.28 15.18 -6.50
N GLY B 195 -1.73 14.97 -7.73
CA GLY B 195 -2.77 15.81 -8.33
C GLY B 195 -2.31 16.73 -9.43
N VAL B 196 -1.10 16.58 -9.94
CA VAL B 196 -0.57 17.46 -10.98
C VAL B 196 -0.85 16.84 -12.34
N ARG B 197 -1.19 17.68 -13.31
CA ARG B 197 -1.35 17.23 -14.69
C ARG B 197 0.03 17.08 -15.32
N VAL B 198 0.34 15.87 -15.77
CA VAL B 198 1.66 15.52 -16.27
C VAL B 198 1.58 15.36 -17.78
N THR B 199 2.58 15.92 -18.48
CA THR B 199 2.68 15.81 -19.93
C THR B 199 4.11 15.40 -20.28
N LEU B 200 4.24 14.24 -20.93
CA LEU B 200 5.53 13.71 -21.34
C LEU B 200 5.77 14.02 -22.81
N VAL B 201 6.91 14.64 -23.09
CA VAL B 201 7.32 14.96 -24.46
C VAL B 201 8.60 14.19 -24.71
N ILE B 202 8.48 12.99 -25.29
CA ILE B 202 9.63 12.13 -25.55
C ILE B 202 9.94 12.18 -27.04
N ARG B 203 11.21 11.95 -27.37
CA ARG B 203 11.66 11.97 -28.75
C ARG B 203 11.59 10.62 -29.43
N GLY B 204 11.43 9.53 -28.69
CA GLY B 204 11.38 8.20 -29.25
C GLY B 204 9.96 7.69 -29.42
N SER B 205 9.84 6.36 -29.48
CA SER B 205 8.56 5.71 -29.69
C SER B 205 8.04 4.98 -28.45
N CYS B 206 8.92 4.66 -27.50
CA CYS B 206 8.52 3.98 -26.28
C CYS B 206 9.16 4.66 -25.08
N LEU B 207 8.45 4.61 -23.95
CA LEU B 207 9.03 5.10 -22.70
C LEU B 207 9.87 3.99 -22.11
N LEU B 208 10.97 4.36 -21.46
CA LEU B 208 11.93 3.38 -20.94
C LEU B 208 12.29 2.38 -22.03
N ARG B 209 13.02 2.89 -23.03
CA ARG B 209 13.29 2.11 -24.23
C ARG B 209 14.25 0.96 -23.98
N HIS B 210 15.24 1.16 -23.11
CA HIS B 210 16.23 0.11 -22.89
C HIS B 210 15.70 -1.08 -22.10
N CYS B 211 14.44 -1.04 -21.66
CA CYS B 211 13.84 -2.21 -21.06
C CYS B 211 13.35 -3.14 -22.16
N ASP B 212 12.92 -4.34 -21.76
CA ASP B 212 12.39 -5.26 -22.75
C ASP B 212 11.19 -4.63 -23.45
N ASP B 213 11.09 -4.88 -24.76
CA ASP B 213 10.03 -4.25 -25.55
C ASP B 213 8.65 -4.67 -25.05
N THR B 214 8.53 -5.89 -24.51
CA THR B 214 7.27 -6.32 -23.92
C THR B 214 6.88 -5.42 -22.74
N ILE B 215 7.85 -5.08 -21.89
CA ILE B 215 7.56 -4.21 -20.76
C ILE B 215 7.30 -2.78 -21.23
N CYS B 216 8.18 -2.26 -22.08
CA CYS B 216 8.03 -0.87 -22.54
C CYS B 216 6.70 -0.66 -23.24
N GLU B 217 6.29 -1.61 -24.10
CA GLU B 217 5.07 -1.42 -24.87
C GLU B 217 3.83 -1.43 -23.96
N ARG B 218 3.81 -2.32 -22.98
CA ARG B 218 2.66 -2.38 -22.08
C ARG B 218 2.64 -1.19 -21.14
N PHE B 219 3.81 -0.79 -20.62
CA PHE B 219 3.87 0.35 -19.72
C PHE B 219 3.57 1.67 -20.43
N THR B 220 4.13 1.84 -21.64
CA THR B 220 3.87 3.07 -22.39
C THR B 220 2.39 3.21 -22.73
N ARG B 221 1.71 2.10 -22.99
CA ARG B 221 0.27 2.14 -23.21
C ARG B 221 -0.47 2.57 -21.95
N ILE B 222 -0.09 2.00 -20.80
CA ILE B 222 -0.74 2.36 -19.55
C ILE B 222 -0.44 3.80 -19.18
N ALA B 223 0.82 4.22 -19.37
CA ALA B 223 1.20 5.58 -19.02
C ALA B 223 0.53 6.62 -19.91
N SER B 224 0.25 6.25 -21.16
CA SER B 224 -0.37 7.19 -22.09
C SER B 224 -1.81 7.53 -21.71
N THR B 225 -2.44 6.71 -20.87
CA THR B 225 -3.81 6.94 -20.44
C THR B 225 -3.90 7.86 -19.22
N LYS B 226 -2.89 7.81 -18.35
CA LYS B 226 -2.88 8.66 -17.16
C LYS B 226 -2.10 9.95 -17.35
N TRP B 227 -1.16 9.98 -18.29
CA TRP B 227 -0.40 11.18 -18.61
C TRP B 227 -0.54 11.48 -20.10
N GLU B 228 -0.37 12.75 -20.45
CA GLU B 228 -0.42 13.19 -21.84
C GLU B 228 0.92 12.89 -22.49
N LEU B 229 0.94 11.92 -23.40
CA LEU B 229 2.16 11.46 -24.03
C LEU B 229 2.28 12.03 -25.44
N ARG B 230 3.36 12.77 -25.69
CA ARG B 230 3.66 13.34 -27.00
C ARG B 230 4.90 12.63 -27.55
N THR B 231 4.69 11.65 -28.42
CA THR B 231 5.78 10.85 -28.96
C THR B 231 6.38 11.50 -30.20
N HIS B 232 7.68 11.25 -30.40
CA HIS B 232 8.41 11.73 -31.58
C HIS B 232 8.46 13.25 -31.66
N ARG B 233 8.53 13.91 -30.51
CA ARG B 233 8.56 15.36 -30.45
C ARG B 233 9.78 15.85 -29.68
N ASN B 234 10.31 17.00 -30.12
CA ASN B 234 11.44 17.65 -29.47
C ASN B 234 11.13 19.12 -29.25
N VAL B 235 11.54 19.64 -28.10
CA VAL B 235 11.35 21.05 -27.78
C VAL B 235 12.44 21.85 -28.49
N VAL B 236 12.03 22.82 -29.31
CA VAL B 236 12.96 23.62 -30.08
C VAL B 236 13.12 25.03 -29.54
N ASP B 237 12.07 25.63 -28.98
CA ASP B 237 12.15 26.99 -28.45
C ASP B 237 11.18 27.14 -27.30
N GLY B 238 11.34 28.24 -26.56
CA GLY B 238 10.47 28.52 -25.43
C GLY B 238 10.71 29.91 -24.90
N GLN B 239 9.71 30.42 -24.19
CA GLN B 239 9.80 31.75 -23.59
C GLN B 239 8.93 31.78 -22.33
N GLN B 240 9.27 32.71 -21.44
CA GLN B 240 8.55 32.83 -20.18
C GLN B 240 7.12 33.33 -20.43
N ARG B 241 6.19 32.81 -19.62
CA ARG B 241 4.78 33.20 -19.68
C ARG B 241 4.30 33.62 -18.30
N GLY B 242 5.19 34.21 -17.51
CA GLY B 242 4.88 34.59 -16.14
C GLY B 242 5.60 33.68 -15.16
N SER B 243 4.83 33.03 -14.28
CA SER B 243 5.39 31.97 -13.45
C SER B 243 5.51 30.65 -14.22
N GLY B 244 4.87 30.54 -15.38
CA GLY B 244 4.91 29.35 -16.19
C GLY B 244 5.80 29.49 -17.41
N VAL B 245 5.60 28.59 -18.37
CA VAL B 245 6.43 28.51 -19.55
C VAL B 245 5.56 28.19 -20.76
N ALA B 246 5.99 28.69 -21.92
CA ALA B 246 5.35 28.38 -23.21
C ALA B 246 6.44 27.83 -24.13
N LEU B 247 6.37 26.53 -24.42
CA LEU B 247 7.37 25.85 -25.23
C LEU B 247 6.82 25.52 -26.60
N ARG B 248 7.62 25.77 -27.64
CA ARG B 248 7.27 25.42 -29.00
C ARG B 248 7.98 24.12 -29.39
N LEU B 249 7.24 23.21 -30.02
CA LEU B 249 7.74 21.90 -30.37
C LEU B 249 8.19 21.87 -31.84
N ASP B 250 8.84 20.76 -32.21
CA ASP B 250 9.37 20.58 -33.56
C ASP B 250 8.30 20.41 -34.62
N ASP B 251 7.02 20.35 -34.24
CA ASP B 251 5.93 20.24 -35.20
C ASP B 251 5.06 21.50 -35.23
N GLY B 252 5.54 22.59 -34.62
CA GLY B 252 4.81 23.84 -34.60
C GLY B 252 3.87 24.02 -33.44
N CYS B 253 3.44 22.94 -32.79
CA CYS B 253 2.53 23.05 -31.67
C CYS B 253 3.24 23.57 -30.43
N THR B 254 2.55 24.42 -29.67
CA THR B 254 3.08 25.00 -28.45
C THR B 254 2.33 24.47 -27.24
N ILE B 255 3.04 24.33 -26.12
CA ILE B 255 2.49 23.81 -24.89
C ILE B 255 2.71 24.84 -23.79
N ASN B 256 1.63 25.19 -23.08
CA ASN B 256 1.71 26.05 -21.92
C ASN B 256 1.75 25.19 -20.67
N ALA B 257 2.67 25.50 -19.75
CA ALA B 257 2.84 24.71 -18.55
C ALA B 257 3.39 25.60 -17.44
N ASP B 258 3.28 25.09 -16.21
CA ASP B 258 3.75 25.82 -15.04
C ASP B 258 5.19 25.49 -14.69
N LEU B 259 5.66 24.29 -15.03
CA LEU B 259 7.02 23.88 -14.70
C LEU B 259 7.56 22.99 -15.80
N LEU B 260 8.86 23.14 -16.07
CA LEU B 260 9.56 22.35 -17.07
C LEU B 260 10.62 21.52 -16.35
N LEU B 261 10.56 20.20 -16.53
CA LEU B 261 11.51 19.28 -15.92
C LEU B 261 12.29 18.59 -17.02
N VAL B 262 13.61 18.70 -16.96
CA VAL B 262 14.50 18.13 -17.96
C VAL B 262 15.14 16.87 -17.39
N ALA B 263 14.92 15.74 -18.05
CA ALA B 263 15.49 14.46 -17.66
C ALA B 263 15.95 13.72 -18.91
N THR B 264 16.92 14.31 -19.61
CA THR B 264 17.41 13.79 -20.88
C THR B 264 18.69 12.97 -20.72
N GLY B 265 19.09 12.64 -19.50
CA GLY B 265 20.24 11.81 -19.25
C GLY B 265 21.35 12.57 -18.54
N ARG B 266 22.39 11.81 -18.20
CA ARG B 266 23.55 12.38 -17.51
C ARG B 266 24.82 11.81 -18.12
N VAL B 267 25.90 12.60 -18.01
CA VAL B 267 27.22 12.21 -18.47
C VAL B 267 28.22 12.46 -17.35
N SER B 268 29.32 11.72 -17.37
CA SER B 268 30.33 11.79 -16.32
C SER B 268 30.95 13.18 -16.23
N ASN B 269 31.49 13.48 -15.05
CA ASN B 269 32.16 14.72 -14.74
C ASN B 269 33.66 14.68 -15.04
N ALA B 270 34.11 13.67 -15.80
CA ALA B 270 35.53 13.49 -16.04
C ALA B 270 36.14 14.61 -16.90
N ASP B 271 35.32 15.30 -17.69
CA ASP B 271 35.86 16.35 -18.56
C ASP B 271 36.33 17.57 -17.79
N LEU B 272 35.84 17.77 -16.57
CA LEU B 272 36.25 18.88 -15.71
C LEU B 272 37.31 18.46 -14.71
N LEU B 273 38.23 17.59 -15.12
CA LEU B 273 39.23 17.04 -14.22
C LEU B 273 40.67 17.29 -14.64
N ASP B 274 40.91 17.68 -15.90
CA ASP B 274 42.26 17.84 -16.44
C ASP B 274 43.06 16.55 -16.30
N ALA B 275 42.40 15.42 -16.53
CA ALA B 275 43.04 14.12 -16.33
C ALA B 275 44.13 13.87 -17.37
N GLU B 276 44.04 14.50 -18.53
CA GLU B 276 45.09 14.33 -19.54
C GLU B 276 46.42 14.92 -19.10
N GLN B 277 46.37 15.93 -18.22
CA GLN B 277 47.59 16.53 -17.70
C GLN B 277 48.27 15.68 -16.65
N ALA B 278 47.66 14.56 -16.24
CA ALA B 278 48.24 13.68 -15.23
C ALA B 278 48.46 12.26 -15.72
N GLY B 279 48.11 11.96 -16.97
CA GLY B 279 48.33 10.63 -17.51
C GLY B 279 47.15 9.70 -17.46
N VAL B 280 45.96 10.19 -17.13
CA VAL B 280 44.76 9.36 -17.08
C VAL B 280 44.04 9.48 -18.41
N ASP B 281 43.92 8.36 -19.12
CA ASP B 281 43.27 8.34 -20.42
C ASP B 281 41.76 8.40 -20.28
N VAL B 282 41.12 9.15 -21.17
CA VAL B 282 39.68 9.32 -21.19
C VAL B 282 39.15 9.00 -22.59
N GLU B 283 38.17 8.12 -22.66
CA GLU B 283 37.50 7.79 -23.92
C GLU B 283 36.05 8.23 -23.83
N ASP B 284 35.51 8.68 -24.96
CA ASP B 284 34.17 9.27 -25.01
C ASP B 284 34.08 10.43 -24.03
N GLY B 285 33.56 10.17 -22.83
CA GLY B 285 33.51 11.16 -21.78
C GLY B 285 33.73 10.55 -20.42
N ARG B 286 34.22 9.31 -20.39
CA ARG B 286 34.39 8.55 -19.17
C ARG B 286 35.86 8.19 -18.96
N VAL B 287 36.18 7.84 -17.72
CA VAL B 287 37.53 7.43 -17.35
C VAL B 287 37.72 5.96 -17.65
N ILE B 288 38.87 5.61 -18.23
CA ILE B 288 39.16 4.23 -18.59
C ILE B 288 39.69 3.51 -17.36
N VAL B 289 39.00 2.43 -16.95
CA VAL B 289 39.43 1.60 -15.85
C VAL B 289 39.44 0.14 -16.30
N ASP B 290 40.23 -0.66 -15.61
CA ASP B 290 40.34 -2.09 -15.90
C ASP B 290 39.47 -2.87 -14.90
N GLU B 291 39.69 -4.18 -14.82
CA GLU B 291 38.96 -5.04 -13.89
C GLU B 291 39.36 -4.81 -12.42
N TYR B 292 40.46 -4.10 -12.19
CA TYR B 292 40.92 -3.77 -10.84
C TYR B 292 40.70 -2.31 -10.51
N GLN B 293 39.88 -1.61 -11.29
CA GLN B 293 39.61 -0.18 -11.13
C GLN B 293 40.87 0.67 -11.25
N ARG B 294 41.88 0.15 -11.95
CA ARG B 294 43.13 0.87 -12.15
C ARG B 294 43.06 1.65 -13.46
N THR B 295 43.48 2.91 -13.41
CA THR B 295 43.52 3.76 -14.59
C THR B 295 44.88 3.64 -15.27
N SER B 296 45.11 4.44 -16.31
CA SER B 296 46.36 4.46 -17.06
C SER B 296 47.47 5.21 -16.34
N ALA B 297 47.25 5.62 -15.09
CA ALA B 297 48.24 6.32 -14.29
C ALA B 297 48.56 5.50 -13.06
N ARG B 298 49.86 5.34 -12.78
CA ARG B 298 50.31 4.53 -11.65
C ARG B 298 49.84 5.15 -10.33
N GLY B 299 49.08 4.38 -9.55
CA GLY B 299 48.60 4.83 -8.27
C GLY B 299 47.24 5.50 -8.28
N VAL B 300 46.63 5.67 -9.45
CA VAL B 300 45.36 6.38 -9.59
C VAL B 300 44.25 5.36 -9.84
N PHE B 301 43.22 5.39 -9.00
CA PHE B 301 42.03 4.57 -9.16
C PHE B 301 40.83 5.45 -9.50
N ALA B 302 39.75 4.81 -9.96
CA ALA B 302 38.53 5.52 -10.31
C ALA B 302 37.34 4.61 -10.09
N LEU B 303 36.19 5.21 -9.79
CA LEU B 303 34.98 4.47 -9.48
C LEU B 303 33.77 5.38 -9.67
N GLY B 304 32.60 4.76 -9.71
CA GLY B 304 31.36 5.50 -9.78
C GLY B 304 30.97 5.90 -11.20
N ASP B 305 30.10 6.91 -11.26
CA ASP B 305 29.60 7.38 -12.55
C ASP B 305 30.69 7.95 -13.44
N VAL B 306 31.83 8.33 -12.86
CA VAL B 306 32.89 8.93 -13.65
C VAL B 306 33.54 7.94 -14.60
N SER B 307 33.33 6.64 -14.41
CA SER B 307 33.97 5.63 -15.25
C SER B 307 33.04 4.47 -15.59
N SER B 308 32.23 4.04 -14.62
CA SER B 308 31.42 2.85 -14.79
C SER B 308 30.38 3.05 -15.89
N PRO B 309 30.06 1.99 -16.64
CA PRO B 309 28.97 2.09 -17.63
C PRO B 309 27.59 2.07 -16.99
N TYR B 310 27.47 1.58 -15.76
CA TYR B 310 26.21 1.57 -15.03
C TYR B 310 26.19 2.75 -14.06
N LEU B 311 25.21 3.64 -14.24
CA LEU B 311 25.06 4.79 -13.35
C LEU B 311 24.07 4.44 -12.25
N LEU B 312 24.49 3.47 -11.42
CA LEU B 312 23.67 2.96 -10.33
C LEU B 312 24.49 2.98 -9.04
N LYS B 313 23.80 3.13 -7.91
CA LYS B 313 24.49 3.22 -6.63
C LYS B 313 24.99 1.85 -6.18
N HIS B 314 24.19 0.79 -6.37
CA HIS B 314 24.63 -0.53 -5.97
C HIS B 314 25.82 -1.02 -6.81
N VAL B 315 26.01 -0.45 -8.00
CA VAL B 315 27.21 -0.76 -8.77
C VAL B 315 28.39 0.06 -8.26
N ALA B 316 28.17 1.35 -7.97
CA ALA B 316 29.23 2.19 -7.45
C ALA B 316 29.72 1.72 -6.08
N ASN B 317 28.84 1.09 -5.30
CA ASN B 317 29.26 0.55 -4.01
C ASN B 317 30.11 -0.70 -4.17
N HIS B 318 29.84 -1.50 -5.20
CA HIS B 318 30.69 -2.67 -5.46
C HIS B 318 32.07 -2.24 -5.94
N GLU B 319 32.14 -1.15 -6.70
CA GLU B 319 33.43 -0.63 -7.15
C GLU B 319 34.19 0.04 -6.00
N ALA B 320 33.48 0.66 -5.06
CA ALA B 320 34.14 1.24 -3.89
C ALA B 320 34.76 0.15 -3.02
N ARG B 321 34.14 -1.03 -2.99
CA ARG B 321 34.70 -2.14 -2.24
C ARG B 321 35.94 -2.71 -2.92
N VAL B 322 35.98 -2.67 -4.25
CA VAL B 322 37.16 -3.13 -4.97
C VAL B 322 38.33 -2.16 -4.78
N VAL B 323 38.05 -0.86 -4.84
CA VAL B 323 39.09 0.15 -4.62
C VAL B 323 39.66 0.03 -3.22
N GLN B 324 38.80 -0.23 -2.22
CA GLN B 324 39.27 -0.33 -0.85
C GLN B 324 40.27 -1.46 -0.67
N HIS B 325 40.08 -2.56 -1.40
CA HIS B 325 40.98 -3.70 -1.29
C HIS B 325 42.19 -3.58 -2.20
N ASN B 326 41.98 -3.26 -3.48
CA ASN B 326 43.06 -3.17 -4.46
C ASN B 326 43.98 -1.98 -4.22
N LEU B 327 43.60 -1.03 -3.37
CA LEU B 327 44.48 0.07 -2.99
C LEU B 327 45.68 -0.49 -2.24
N LEU B 328 45.54 -0.69 -0.93
CA LEU B 328 46.56 -1.27 -0.05
C LEU B 328 47.35 -2.44 -0.63
N CYS B 329 47.04 -2.86 -1.85
CA CYS B 329 47.72 -3.95 -2.54
C CYS B 329 48.54 -3.36 -3.68
N ASP B 330 49.86 -3.57 -3.62
CA ASP B 330 50.82 -3.16 -4.64
C ASP B 330 50.23 -3.09 -6.05
N TRP B 331 50.72 -2.13 -6.85
CA TRP B 331 50.09 -1.82 -8.12
C TRP B 331 50.19 -2.97 -9.14
N GLU B 332 51.22 -3.80 -9.04
CA GLU B 332 51.41 -4.87 -9.99
C GLU B 332 51.01 -6.24 -9.45
N ASP B 333 50.68 -6.32 -8.16
CA ASP B 333 50.23 -7.57 -7.55
C ASP B 333 48.77 -7.83 -7.92
N THR B 334 48.55 -8.07 -9.22
CA THR B 334 47.20 -8.31 -9.71
C THR B 334 46.64 -9.62 -9.21
N GLN B 335 47.50 -10.58 -8.84
CA GLN B 335 47.03 -11.84 -8.26
C GLN B 335 46.53 -11.64 -6.83
N SER B 336 46.95 -10.58 -6.16
CA SER B 336 46.49 -10.27 -4.81
C SER B 336 45.43 -9.18 -4.78
N MET B 337 44.84 -8.87 -5.93
CA MET B 337 43.77 -7.89 -6.03
C MET B 337 42.45 -8.62 -6.24
N ILE B 338 41.36 -7.86 -6.24
CA ILE B 338 40.03 -8.40 -6.47
C ILE B 338 39.47 -7.78 -7.75
N VAL B 339 38.71 -8.58 -8.50
CA VAL B 339 38.18 -8.16 -9.78
C VAL B 339 36.74 -7.67 -9.58
N THR B 340 36.40 -6.56 -10.22
CA THR B 340 35.03 -6.06 -10.17
C THR B 340 34.15 -6.91 -11.08
N ASP B 341 33.05 -7.40 -10.54
CA ASP B 341 32.11 -8.25 -11.26
C ASP B 341 30.87 -7.44 -11.63
N HIS B 342 30.54 -7.44 -12.92
CA HIS B 342 29.35 -6.73 -13.40
C HIS B 342 28.33 -7.70 -13.99
N ARG B 343 28.47 -8.98 -13.71
CA ARG B 343 27.57 -9.98 -14.27
C ARG B 343 26.21 -9.91 -13.56
N TYR B 344 25.14 -9.90 -14.36
CA TYR B 344 23.77 -9.79 -13.86
C TYR B 344 23.59 -8.58 -12.96
N VAL B 345 23.55 -7.40 -13.56
CA VAL B 345 23.29 -6.15 -12.84
C VAL B 345 21.79 -5.88 -12.86
N PRO B 346 21.16 -5.63 -11.72
CA PRO B 346 19.72 -5.33 -11.74
C PRO B 346 19.45 -3.83 -11.72
N ALA B 347 18.20 -3.46 -12.01
CA ALA B 347 17.79 -2.06 -11.98
C ALA B 347 16.29 -2.01 -11.79
N ALA B 348 15.82 -0.91 -11.20
CA ALA B 348 14.41 -0.73 -10.92
C ALA B 348 14.00 0.70 -11.20
N VAL B 349 12.76 0.87 -11.65
CA VAL B 349 12.18 2.18 -11.92
C VAL B 349 10.88 2.26 -11.12
N PHE B 350 10.84 3.16 -10.13
CA PHE B 350 9.73 3.24 -9.19
C PHE B 350 8.64 4.12 -9.78
N THR B 351 7.87 3.53 -10.69
CA THR B 351 6.74 4.19 -11.35
C THR B 351 5.47 3.41 -11.05
N ASP B 352 4.39 3.74 -11.76
CA ASP B 352 3.11 3.04 -11.65
C ASP B 352 2.77 2.46 -13.02
N PRO B 353 2.92 1.16 -13.22
CA PRO B 353 3.37 0.13 -12.27
C PRO B 353 4.88 0.12 -12.10
N GLN B 354 5.36 -0.43 -10.99
CA GLN B 354 6.80 -0.50 -10.74
C GLN B 354 7.46 -1.50 -11.69
N ILE B 355 8.68 -1.18 -12.11
CA ILE B 355 9.43 -1.99 -13.06
C ILE B 355 10.78 -2.34 -12.45
N ALA B 356 11.18 -3.60 -12.60
CA ALA B 356 12.48 -4.06 -12.15
C ALA B 356 12.94 -5.18 -13.06
N ALA B 357 14.20 -5.13 -13.48
CA ALA B 357 14.71 -6.09 -14.45
C ALA B 357 16.18 -6.39 -14.16
N VAL B 358 16.61 -7.56 -14.61
CA VAL B 358 18.00 -7.98 -14.48
C VAL B 358 18.28 -9.01 -15.56
N GLY B 359 19.44 -8.86 -16.21
CA GLY B 359 19.85 -9.80 -17.24
C GLY B 359 19.51 -9.34 -18.64
N LEU B 360 19.56 -10.30 -19.56
CA LEU B 360 19.31 -10.04 -20.97
C LEU B 360 17.81 -9.97 -21.26
N THR B 361 17.47 -9.22 -22.31
CA THR B 361 16.11 -9.18 -22.82
C THR B 361 15.90 -10.29 -23.84
N GLU B 362 14.65 -10.44 -24.29
CA GLU B 362 14.32 -11.48 -25.27
C GLU B 362 15.05 -11.25 -26.58
N ASN B 363 15.04 -10.02 -27.07
CA ASN B 363 15.74 -9.71 -28.32
C ASN B 363 17.25 -9.77 -28.14
N GLN B 364 17.75 -9.49 -26.93
CA GLN B 364 19.19 -9.55 -26.69
C GLN B 364 19.70 -10.98 -26.76
N ALA B 365 18.93 -11.94 -26.20
CA ALA B 365 19.32 -13.34 -26.30
C ALA B 365 19.22 -13.84 -27.74
N VAL B 366 18.28 -13.32 -28.50
CA VAL B 366 18.15 -13.70 -29.91
C VAL B 366 19.34 -13.18 -30.71
N ALA B 367 19.78 -11.95 -30.43
CA ALA B 367 20.92 -11.38 -31.15
C ALA B 367 22.20 -12.14 -30.86
N LYS B 368 22.27 -12.86 -29.75
CA LYS B 368 23.43 -13.67 -29.42
C LYS B 368 23.28 -15.12 -29.87
N GLY B 369 22.20 -15.45 -30.57
CA GLY B 369 22.00 -16.78 -31.10
C GLY B 369 21.82 -17.85 -30.05
N LEU B 370 20.96 -17.60 -29.08
CA LEU B 370 20.69 -18.55 -28.00
C LEU B 370 19.32 -19.18 -28.19
N ASP B 371 19.24 -20.49 -27.98
CA ASP B 371 17.97 -21.21 -28.01
C ASP B 371 17.27 -21.02 -26.67
N ILE B 372 16.24 -20.17 -26.66
CA ILE B 372 15.66 -19.69 -25.41
C ILE B 372 14.21 -20.15 -25.29
N SER B 373 13.73 -20.14 -24.04
CA SER B 373 12.33 -20.38 -23.71
C SER B 373 11.81 -19.21 -22.91
N VAL B 374 10.64 -18.68 -23.30
CA VAL B 374 10.09 -17.46 -22.72
C VAL B 374 8.69 -17.74 -22.19
N LYS B 375 8.38 -17.21 -21.01
CA LYS B 375 7.06 -17.31 -20.40
C LYS B 375 6.67 -15.97 -19.81
N ILE B 376 5.43 -15.55 -20.05
CA ILE B 376 4.87 -14.32 -19.50
C ILE B 376 3.68 -14.68 -18.65
N GLN B 377 3.79 -14.49 -17.34
CA GLN B 377 2.74 -14.81 -16.39
C GLN B 377 2.10 -13.52 -15.85
N ASP B 378 0.78 -13.50 -15.81
CA ASP B 378 0.04 -12.33 -15.34
C ASP B 378 -0.21 -12.42 -13.84
N TYR B 379 -0.27 -11.25 -13.20
CA TYR B 379 -0.58 -11.18 -11.78
C TYR B 379 -1.98 -11.73 -11.48
N GLY B 380 -2.93 -11.50 -12.38
CA GLY B 380 -4.31 -11.89 -12.17
C GLY B 380 -4.56 -13.38 -12.13
N ASP B 381 -3.58 -14.19 -12.53
CA ASP B 381 -3.73 -15.65 -12.52
C ASP B 381 -3.26 -16.28 -11.21
N VAL B 382 -2.78 -15.48 -10.25
CA VAL B 382 -2.30 -15.96 -8.98
C VAL B 382 -3.25 -15.50 -7.89
N ALA B 383 -3.33 -16.27 -6.80
CA ALA B 383 -4.29 -16.00 -5.73
C ALA B 383 -4.08 -14.61 -5.14
N TYR B 384 -2.83 -14.16 -5.01
CA TYR B 384 -2.58 -12.83 -4.49
C TYR B 384 -3.05 -11.75 -5.44
N GLY B 385 -2.95 -12.00 -6.76
CA GLY B 385 -3.48 -11.06 -7.72
C GLY B 385 -4.99 -10.93 -7.68
N TRP B 386 -5.68 -11.99 -7.21
CA TRP B 386 -7.13 -11.90 -7.06
C TRP B 386 -7.50 -10.89 -5.98
N ALA B 387 -6.78 -10.91 -4.86
CA ALA B 387 -7.05 -9.93 -3.80
C ALA B 387 -6.74 -8.52 -4.26
N MET B 388 -5.75 -8.36 -5.14
CA MET B 388 -5.39 -7.05 -5.68
C MET B 388 -6.28 -6.63 -6.83
N GLU B 389 -7.05 -7.55 -7.42
CA GLU B 389 -7.83 -7.29 -8.62
C GLU B 389 -6.93 -6.73 -9.73
N ASP B 390 -5.73 -7.29 -9.84
CA ASP B 390 -4.74 -6.80 -10.80
C ASP B 390 -5.13 -7.24 -12.21
N THR B 391 -4.88 -6.34 -13.17
CA THR B 391 -5.23 -6.63 -14.56
C THR B 391 -4.13 -6.23 -15.54
N SER B 392 -2.91 -5.99 -15.07
CA SER B 392 -1.84 -5.51 -15.95
C SER B 392 -0.47 -6.01 -15.51
N GLY B 393 -0.34 -6.42 -14.25
CA GLY B 393 0.96 -6.83 -13.73
C GLY B 393 1.43 -8.11 -14.40
N ILE B 394 2.71 -8.13 -14.81
CA ILE B 394 3.29 -9.29 -15.47
C ILE B 394 4.71 -9.51 -14.95
N VAL B 395 5.21 -10.73 -15.16
CA VAL B 395 6.59 -11.08 -14.88
C VAL B 395 7.09 -11.95 -16.02
N LYS B 396 8.20 -11.54 -16.63
CA LYS B 396 8.72 -12.18 -17.84
C LYS B 396 10.08 -12.81 -17.56
N LEU B 397 10.22 -14.09 -17.89
CA LEU B 397 11.45 -14.84 -17.67
C LEU B 397 11.95 -15.40 -18.99
N ILE B 398 13.27 -15.33 -19.18
CA ILE B 398 13.94 -15.89 -20.36
C ILE B 398 14.99 -16.88 -19.85
N THR B 399 14.93 -18.11 -20.36
CA THR B 399 15.85 -19.16 -19.96
C THR B 399 16.47 -19.81 -21.19
N GLU B 400 17.70 -20.28 -21.04
CA GLU B 400 18.35 -21.06 -22.08
C GLU B 400 17.78 -22.47 -22.09
N ARG B 401 17.34 -22.93 -23.26
CA ARG B 401 16.65 -24.21 -23.35
C ARG B 401 17.55 -25.37 -22.97
N GLY B 402 18.82 -25.32 -23.38
CA GLY B 402 19.75 -26.39 -23.08
C GLY B 402 20.08 -26.54 -21.62
N SER B 403 20.69 -25.52 -21.03
CA SER B 403 21.12 -25.60 -19.64
C SER B 403 19.95 -25.49 -18.67
N GLY B 404 18.88 -24.83 -19.07
CA GLY B 404 17.76 -24.59 -18.19
C GLY B 404 17.98 -23.49 -17.18
N ARG B 405 19.01 -22.67 -17.37
CA ARG B 405 19.33 -21.59 -16.45
C ARG B 405 18.64 -20.29 -16.89
N LEU B 406 18.48 -19.39 -15.93
CA LEU B 406 17.83 -18.12 -16.22
C LEU B 406 18.76 -17.21 -17.02
N LEU B 407 18.23 -16.65 -18.10
CA LEU B 407 18.95 -15.70 -18.94
C LEU B 407 18.52 -14.26 -18.70
N GLY B 408 17.26 -14.04 -18.34
CA GLY B 408 16.79 -12.70 -18.05
C GLY B 408 15.49 -12.75 -17.27
N ALA B 409 15.24 -11.68 -16.53
CA ALA B 409 14.03 -11.56 -15.72
C ALA B 409 13.56 -10.12 -15.73
N HIS B 410 12.33 -9.89 -16.21
CA HIS B 410 11.77 -8.55 -16.34
C HIS B 410 10.38 -8.54 -15.73
N ILE B 411 10.19 -7.74 -14.68
CA ILE B 411 8.94 -7.65 -13.95
C ILE B 411 8.38 -6.24 -14.08
N MET B 412 7.07 -6.15 -14.32
CA MET B 412 6.36 -4.87 -14.32
C MET B 412 5.07 -5.08 -13.51
N GLY B 413 5.07 -4.59 -12.28
CA GLY B 413 3.90 -4.75 -11.43
C GLY B 413 4.22 -4.41 -10.00
N TYR B 414 3.27 -4.76 -9.13
CA TYR B 414 3.36 -4.45 -7.70
C TYR B 414 4.57 -5.13 -7.07
N GLN B 415 5.35 -4.35 -6.31
CA GLN B 415 6.53 -4.86 -5.59
C GLN B 415 7.53 -5.52 -6.55
N ALA B 416 7.80 -4.83 -7.66
CA ALA B 416 8.69 -5.39 -8.67
C ALA B 416 10.11 -5.56 -8.14
N SER B 417 10.61 -4.57 -7.41
CA SER B 417 11.98 -4.63 -6.92
C SER B 417 12.16 -5.66 -5.81
N SER B 418 11.08 -6.10 -5.17
CA SER B 418 11.22 -7.12 -4.12
C SER B 418 11.07 -8.54 -4.66
N LEU B 419 10.17 -8.74 -5.63
CA LEU B 419 10.00 -10.07 -6.22
C LEU B 419 11.16 -10.44 -7.12
N ILE B 420 11.92 -9.46 -7.61
CA ILE B 420 13.02 -9.73 -8.50
C ILE B 420 14.24 -10.27 -7.75
N GLN B 421 14.27 -10.09 -6.42
CA GLN B 421 15.44 -10.51 -5.65
C GLN B 421 15.67 -12.02 -5.69
N PRO B 422 14.67 -12.89 -5.48
CA PRO B 422 14.93 -14.34 -5.62
C PRO B 422 15.39 -14.72 -7.02
N LEU B 423 15.00 -13.95 -8.04
CA LEU B 423 15.46 -14.21 -9.40
C LEU B 423 16.91 -13.76 -9.58
N ILE B 424 17.32 -12.68 -8.92
CA ILE B 424 18.71 -12.26 -8.97
C ILE B 424 19.60 -13.30 -8.31
N GLN B 425 19.11 -13.93 -7.24
CA GLN B 425 19.90 -14.94 -6.54
C GLN B 425 20.16 -16.15 -7.41
N ALA B 426 19.16 -16.59 -8.18
CA ALA B 426 19.33 -17.76 -9.03
C ALA B 426 20.34 -17.49 -10.14
N MET B 427 20.28 -16.32 -10.77
CA MET B 427 21.21 -15.99 -11.84
C MET B 427 22.63 -15.80 -11.31
N SER B 428 22.77 -15.10 -10.19
CA SER B 428 24.10 -14.78 -9.67
C SER B 428 24.85 -16.02 -9.22
N PHE B 429 24.14 -17.05 -8.73
CA PHE B 429 24.77 -18.24 -8.18
C PHE B 429 24.63 -19.46 -9.08
N GLY B 430 23.91 -19.36 -10.18
CA GLY B 430 23.86 -20.44 -11.14
C GLY B 430 22.82 -21.51 -10.84
N LEU B 431 21.61 -21.08 -10.47
CA LEU B 431 20.51 -21.99 -10.21
C LEU B 431 19.63 -22.10 -11.45
N THR B 432 19.26 -23.32 -11.82
CA THR B 432 18.42 -23.54 -12.98
C THR B 432 16.96 -23.27 -12.64
N ALA B 433 16.17 -22.99 -13.67
CA ALA B 433 14.77 -22.64 -13.48
C ALA B 433 14.00 -23.79 -12.82
N ALA B 434 14.29 -25.03 -13.21
CA ALA B 434 13.59 -26.16 -12.63
C ALA B 434 13.87 -26.32 -11.15
N GLU B 435 15.08 -25.96 -10.70
CA GLU B 435 15.40 -26.05 -9.28
C GLU B 435 14.66 -24.97 -8.48
N MET B 436 14.57 -23.76 -9.03
CA MET B 436 13.92 -22.67 -8.30
C MET B 436 12.42 -22.94 -8.14
N ALA B 437 11.80 -23.64 -9.08
CA ALA B 437 10.36 -23.85 -9.02
C ALA B 437 9.99 -24.92 -8.00
N ARG B 438 10.67 -26.07 -8.04
CA ARG B 438 10.29 -27.21 -7.21
C ARG B 438 11.29 -27.53 -6.11
N GLY B 439 12.45 -26.87 -6.08
CA GLY B 439 13.42 -27.15 -5.04
C GLY B 439 13.20 -26.42 -3.73
N GLN B 440 12.30 -25.44 -3.70
CA GLN B 440 12.03 -24.68 -2.49
C GLN B 440 10.53 -24.50 -2.33
N TYR B 441 10.14 -24.04 -1.16
CA TYR B 441 8.74 -23.79 -0.83
C TYR B 441 8.37 -22.34 -1.11
N TRP B 442 7.13 -22.14 -1.55
CA TRP B 442 6.56 -20.81 -1.77
C TRP B 442 5.31 -20.70 -0.91
N ILE B 443 5.26 -19.67 -0.07
CA ILE B 443 4.14 -19.50 0.86
C ILE B 443 2.86 -19.20 0.09
N HIS B 444 1.78 -19.87 0.48
CA HIS B 444 0.49 -19.64 -0.12
C HIS B 444 -0.40 -18.87 0.85
N PRO B 445 -1.09 -17.82 0.40
CA PRO B 445 -1.09 -17.26 -0.95
C PRO B 445 -0.28 -15.98 -1.06
N ALA B 446 1.04 -16.05 -0.91
CA ALA B 446 1.87 -14.85 -0.97
C ALA B 446 2.06 -14.39 -2.40
N LEU B 447 2.62 -13.19 -2.56
CA LEU B 447 2.87 -12.58 -3.85
C LEU B 447 3.92 -13.30 -4.69
N PRO B 448 5.06 -13.77 -4.12
CA PRO B 448 6.07 -14.44 -4.97
C PRO B 448 5.57 -15.69 -5.69
N GLU B 449 4.30 -16.07 -5.46
CA GLU B 449 3.72 -17.17 -6.22
C GLU B 449 3.64 -16.86 -7.71
N VAL B 450 3.59 -15.57 -8.07
CA VAL B 450 3.55 -15.21 -9.49
C VAL B 450 4.90 -15.48 -10.14
N VAL B 451 5.99 -15.43 -9.37
CA VAL B 451 7.29 -15.81 -9.90
C VAL B 451 7.40 -17.33 -9.97
N GLU B 452 6.81 -18.02 -8.99
CA GLU B 452 6.81 -19.48 -9.01
C GLU B 452 6.01 -20.02 -10.19
N ASN B 453 4.80 -19.48 -10.40
CA ASN B 453 3.96 -19.94 -11.50
C ASN B 453 4.56 -19.58 -12.85
N ALA B 454 5.32 -18.48 -12.93
CA ALA B 454 5.99 -18.13 -14.17
C ALA B 454 7.08 -19.15 -14.52
N LEU B 455 7.75 -19.71 -13.51
CA LEU B 455 8.74 -20.74 -13.76
C LEU B 455 8.08 -22.05 -14.19
N LEU B 456 6.94 -22.38 -13.60
CA LEU B 456 6.23 -23.60 -13.97
C LEU B 456 5.73 -23.54 -15.40
N GLY B 457 5.31 -22.36 -15.85
CA GLY B 457 4.77 -22.09 -17.16
C GLY B 457 5.77 -22.03 -18.30
N LEU B 458 7.06 -22.14 -18.00
CA LEU B 458 8.12 -22.04 -19.00
C LEU B 458 8.15 -23.23 -19.96
N ARG B 459 7.03 -23.48 -20.64
CA ARG B 459 6.94 -24.56 -21.64
C ARG B 459 8.08 -24.55 -22.64
N MET C 1 30.18 69.33 39.30
CA MET C 1 30.57 68.03 38.78
C MET C 1 30.34 66.95 39.84
N GLU C 2 29.98 65.74 39.41
CA GLU C 2 29.66 64.66 40.32
C GLU C 2 30.84 63.69 40.42
N THR C 3 31.18 63.31 41.64
CA THR C 3 32.25 62.34 41.90
C THR C 3 31.63 61.05 42.43
N TYR C 4 32.06 59.91 41.88
CA TYR C 4 31.59 58.61 42.34
C TYR C 4 32.80 57.73 42.61
N ASP C 5 32.60 56.76 43.51
CA ASP C 5 33.64 55.78 43.80
C ASP C 5 33.60 54.60 42.84
N ILE C 6 32.41 54.22 42.40
CA ILE C 6 32.25 53.12 41.45
C ILE C 6 31.01 53.40 40.61
N ALA C 7 31.12 53.11 39.32
CA ALA C 7 30.01 53.28 38.38
C ALA C 7 29.78 51.97 37.66
N ILE C 8 28.52 51.53 37.63
CA ILE C 8 28.14 50.26 37.02
C ILE C 8 27.18 50.54 35.87
N ILE C 9 27.49 49.99 34.70
CA ILE C 9 26.66 50.13 33.51
C ILE C 9 25.98 48.78 33.27
N GLY C 10 24.68 48.72 33.54
CA GLY C 10 23.92 47.51 33.33
C GLY C 10 23.41 46.86 34.60
N THR C 11 22.09 46.79 34.74
CA THR C 11 21.44 46.23 35.93
C THR C 11 21.05 44.77 35.75
N GLY C 12 21.75 44.03 34.91
CA GLY C 12 21.51 42.61 34.79
C GLY C 12 22.17 41.85 35.92
N SER C 13 23.31 41.23 35.64
CA SER C 13 24.11 40.63 36.70
C SER C 13 24.95 41.65 37.44
N GLY C 14 25.20 42.82 36.83
CA GLY C 14 25.94 43.89 37.48
C GLY C 14 25.22 44.51 38.66
N ASN C 15 23.90 44.31 38.75
CA ASN C 15 23.16 44.86 39.90
C ASN C 15 23.55 44.19 41.20
N SER C 16 24.03 42.94 41.15
CA SER C 16 24.41 42.19 42.34
C SER C 16 25.83 42.49 42.79
N ILE C 17 26.34 43.69 42.50
CA ILE C 17 27.69 44.09 42.89
C ILE C 17 27.66 45.06 44.07
N LEU C 18 26.79 46.06 44.01
CA LEU C 18 26.70 47.04 45.09
C LEU C 18 26.24 46.36 46.37
N ASP C 19 27.16 46.20 47.31
CA ASP C 19 26.91 45.50 48.57
C ASP C 19 26.89 46.51 49.71
N GLU C 20 26.91 46.01 50.94
CA GLU C 20 27.05 46.88 52.11
C GLU C 20 28.48 47.34 52.31
N ARG C 21 29.45 46.74 51.61
CA ARG C 21 30.83 47.20 51.66
C ARG C 21 30.98 48.59 51.05
N TYR C 22 30.02 49.00 50.22
CA TYR C 22 30.04 50.31 49.58
C TYR C 22 29.21 51.32 50.34
N ALA C 23 28.96 51.09 51.62
CA ALA C 23 28.20 52.05 52.42
C ALA C 23 29.07 53.25 52.69
N SER C 24 28.46 54.43 52.73
CA SER C 24 29.11 55.72 52.89
C SER C 24 29.96 56.07 51.66
N LYS C 25 29.97 55.22 50.63
CA LYS C 25 30.69 55.46 49.40
C LYS C 25 29.67 55.77 48.31
N ARG C 26 30.11 56.51 47.30
CA ARG C 26 29.22 56.97 46.23
C ARG C 26 29.29 56.05 45.03
N ALA C 27 28.17 55.39 44.71
CA ALA C 27 28.07 54.50 43.57
C ALA C 27 27.07 55.07 42.56
N ALA C 28 27.29 54.78 41.28
CA ALA C 28 26.40 55.22 40.21
C ALA C 28 26.02 54.03 39.34
N ILE C 29 24.74 53.93 39.01
CA ILE C 29 24.23 52.84 38.19
C ILE C 29 23.54 53.44 36.97
N CYS C 30 23.76 52.82 35.82
CA CYS C 30 23.20 53.27 34.55
C CYS C 30 22.38 52.15 33.93
N GLU C 31 21.14 52.47 33.54
CA GLU C 31 20.25 51.48 32.93
C GLU C 31 19.38 52.23 31.91
N GLN C 32 19.75 52.12 30.63
CA GLN C 32 19.03 52.85 29.59
C GLN C 32 17.65 52.25 29.33
N GLY C 33 17.47 50.97 29.58
CA GLY C 33 16.21 50.28 29.33
C GLY C 33 15.39 50.12 30.59
N THR C 34 14.71 48.97 30.70
CA THR C 34 13.91 48.67 31.86
C THR C 34 14.78 48.03 32.93
N PHE C 35 14.49 48.37 34.20
CA PHE C 35 15.28 47.86 35.31
C PHE C 35 15.14 46.36 35.44
N GLY C 36 16.24 45.70 35.84
CA GLY C 36 16.27 44.27 36.06
C GLY C 36 17.15 43.52 35.06
N GLY C 37 17.29 44.04 33.86
CA GLY C 37 18.10 43.38 32.84
C GLY C 37 17.27 42.67 31.79
N THR C 38 17.91 41.72 31.13
CA THR C 38 17.27 40.96 30.05
C THR C 38 16.58 39.70 30.56
N CYS C 39 17.25 38.94 31.43
CA CYS C 39 16.70 37.67 31.89
C CYS C 39 15.32 37.85 32.52
N LEU C 40 15.16 38.88 33.35
CA LEU C 40 13.90 39.05 34.06
C LEU C 40 12.80 39.59 33.14
N ASN C 41 13.08 40.70 32.44
CA ASN C 41 12.03 41.39 31.69
C ASN C 41 11.75 40.72 30.34
N VAL C 42 12.79 40.40 29.59
CA VAL C 42 12.61 39.92 28.22
C VAL C 42 13.50 38.74 27.91
N GLY C 43 13.72 37.86 28.90
CA GLY C 43 14.66 36.78 28.71
C GLY C 43 14.26 35.43 29.27
N CYS C 44 15.14 34.87 30.10
CA CYS C 44 14.97 33.50 30.60
C CYS C 44 13.68 33.34 31.39
N ILE C 45 13.44 34.24 32.35
CA ILE C 45 12.31 34.08 33.27
C ILE C 45 10.97 34.06 32.53
N PRO C 46 10.64 35.02 31.65
CA PRO C 46 9.34 34.95 30.98
C PRO C 46 9.23 33.80 30.00
N THR C 47 10.34 33.43 29.33
CA THR C 47 10.27 32.37 28.33
C THR C 47 9.89 31.03 28.95
N LYS C 48 10.54 30.66 30.05
CA LYS C 48 10.26 29.37 30.67
C LYS C 48 8.86 29.31 31.27
N MET C 49 8.27 30.47 31.60
CA MET C 49 6.88 30.48 32.01
C MET C 49 5.96 30.12 30.85
N PHE C 50 6.22 30.69 29.67
CA PHE C 50 5.47 30.30 28.47
C PHE C 50 5.77 28.86 28.09
N VAL C 51 6.98 28.39 28.34
CA VAL C 51 7.34 27.01 27.99
C VAL C 51 6.51 26.03 28.80
N TYR C 52 6.41 26.25 30.12
CA TYR C 52 5.63 25.34 30.95
C TYR C 52 4.17 25.34 30.55
N ALA C 53 3.63 26.51 30.16
CA ALA C 53 2.27 26.55 29.65
C ALA C 53 2.16 25.73 28.37
N ALA C 54 3.18 25.77 27.52
CA ALA C 54 3.17 24.96 26.32
C ALA C 54 3.22 23.47 26.64
N GLU C 55 3.96 23.10 27.70
CA GLU C 55 4.02 21.69 28.08
C GLU C 55 2.67 21.18 28.56
N VAL C 56 1.86 22.06 29.15
CA VAL C 56 0.50 21.65 29.55
C VAL C 56 -0.34 21.35 28.33
N ALA C 57 -0.29 22.22 27.32
CA ALA C 57 -1.05 21.99 26.10
C ALA C 57 -0.53 20.77 25.36
N LYS C 58 0.79 20.56 25.35
CA LYS C 58 1.35 19.39 24.68
C LYS C 58 0.90 18.10 25.35
N THR C 59 0.74 18.12 26.68
CA THR C 59 0.27 16.93 27.38
C THR C 59 -1.17 16.60 27.01
N ILE C 60 -2.02 17.62 26.88
CA ILE C 60 -3.42 17.38 26.53
C ILE C 60 -3.53 16.82 25.12
N ARG C 61 -2.69 17.31 24.20
CA ARG C 61 -2.79 16.89 22.81
C ARG C 61 -2.44 15.42 22.63
N GLY C 62 -1.43 14.94 23.34
CA GLY C 62 -1.01 13.56 23.21
C GLY C 62 -1.53 12.66 24.31
N ALA C 63 -2.61 13.09 24.98
CA ALA C 63 -3.15 12.30 26.08
C ALA C 63 -3.79 11.00 25.59
N SER C 64 -4.26 10.97 24.34
CA SER C 64 -4.88 9.77 23.82
C SER C 64 -3.90 8.61 23.73
N ARG C 65 -2.60 8.89 23.64
CA ARG C 65 -1.59 7.83 23.58
C ARG C 65 -1.60 6.98 24.83
N TYR C 66 -1.97 7.57 25.97
CA TYR C 66 -1.97 6.87 27.25
C TYR C 66 -3.35 6.36 27.65
N GLY C 67 -4.38 6.63 26.83
CA GLY C 67 -5.73 6.16 27.11
C GLY C 67 -6.70 7.21 27.57
N ILE C 68 -6.30 8.47 27.64
CA ILE C 68 -7.17 9.55 28.08
C ILE C 68 -7.50 10.43 26.88
N ASP C 69 -8.75 10.41 26.46
CA ASP C 69 -9.21 11.23 25.34
C ASP C 69 -9.62 12.60 25.90
N ALA C 70 -8.87 13.63 25.52
CA ALA C 70 -9.14 14.98 25.99
C ALA C 70 -8.98 15.95 24.83
N HIS C 71 -9.38 17.20 25.06
CA HIS C 71 -9.31 18.22 24.02
C HIS C 71 -9.25 19.59 24.68
N ILE C 72 -8.56 20.52 24.00
CA ILE C 72 -8.40 21.88 24.49
C ILE C 72 -9.56 22.72 23.97
N ASP C 73 -10.24 23.41 24.89
CA ASP C 73 -11.38 24.26 24.52
C ASP C 73 -10.91 25.64 24.09
N ARG C 74 -10.00 26.24 24.84
CA ARG C 74 -9.54 27.60 24.56
C ARG C 74 -8.13 27.78 25.09
N VAL C 75 -7.39 28.65 24.43
CA VAL C 75 -6.07 29.09 24.88
C VAL C 75 -6.21 30.57 25.18
N ARG C 76 -6.37 30.92 26.45
CA ARG C 76 -6.59 32.31 26.86
C ARG C 76 -5.24 33.03 26.85
N TRP C 77 -4.85 33.48 25.66
CA TRP C 77 -3.56 34.15 25.50
C TRP C 77 -3.47 35.42 26.32
N ASP C 78 -4.59 36.14 26.48
CA ASP C 78 -4.59 37.36 27.27
C ASP C 78 -4.23 37.06 28.73
N ASP C 79 -4.73 35.94 29.25
CA ASP C 79 -4.42 35.57 30.63
C ASP C 79 -3.05 34.95 30.78
N VAL C 80 -2.51 34.35 29.70
CA VAL C 80 -1.15 33.80 29.79
C VAL C 80 -0.13 34.92 29.87
N VAL C 81 -0.30 35.97 29.06
CA VAL C 81 0.60 37.11 29.12
C VAL C 81 0.47 37.82 30.47
N SER C 82 -0.76 37.98 30.96
CA SER C 82 -0.98 38.67 32.23
C SER C 82 -0.42 37.87 33.40
N ARG C 83 -0.53 36.53 33.36
CA ARG C 83 0.00 35.73 34.45
C ARG C 83 1.52 35.74 34.45
N VAL C 84 2.13 35.74 33.27
CA VAL C 84 3.59 35.71 33.18
C VAL C 84 4.18 37.04 33.66
N PHE C 85 3.77 38.14 33.03
CA PHE C 85 4.32 39.44 33.34
C PHE C 85 3.74 40.05 34.61
N GLY C 86 2.65 39.49 35.14
CA GLY C 86 2.19 39.88 36.46
C GLY C 86 3.14 39.52 37.57
N ARG C 87 4.06 38.58 37.31
CA ARG C 87 5.11 38.22 38.24
C ARG C 87 6.38 39.03 38.01
N ILE C 88 6.67 39.38 36.75
CA ILE C 88 7.93 40.02 36.41
C ILE C 88 7.86 41.53 36.66
N ASP C 89 6.81 42.18 36.16
CA ASP C 89 6.72 43.63 36.25
C ASP C 89 6.85 44.17 37.67
N PRO C 90 6.23 43.59 38.70
CA PRO C 90 6.47 44.11 40.06
C PRO C 90 7.90 43.92 40.55
N ILE C 91 8.62 42.90 40.05
CA ILE C 91 9.99 42.70 40.47
C ILE C 91 10.88 43.82 39.93
N ALA C 92 10.67 44.24 38.68
CA ALA C 92 11.44 45.34 38.12
C ALA C 92 11.11 46.66 38.82
N LEU C 93 9.86 46.83 39.27
CA LEU C 93 9.46 48.05 39.95
C LEU C 93 9.96 48.09 41.39
N SER C 94 9.87 46.97 42.10
CA SER C 94 10.33 46.94 43.49
C SER C 94 11.85 47.07 43.57
N GLY C 95 12.57 46.41 42.67
CA GLY C 95 14.03 46.50 42.69
C GLY C 95 14.55 47.89 42.35
N GLU C 96 13.82 48.63 41.52
CA GLU C 96 14.25 49.99 41.19
C GLU C 96 14.07 50.94 42.37
N ASP C 97 13.03 50.74 43.18
CA ASP C 97 12.86 51.56 44.37
C ASP C 97 13.92 51.26 45.42
N TYR C 98 14.43 50.03 45.43
CA TYR C 98 15.47 49.66 46.39
C TYR C 98 16.76 50.44 46.14
N ARG C 99 17.01 50.82 44.88
CA ARG C 99 18.20 51.58 44.54
C ARG C 99 17.98 53.08 44.71
N ARG C 100 16.79 53.58 44.40
CA ARG C 100 16.53 55.00 44.55
C ARG C 100 16.52 55.40 46.02
N CYS C 101 16.01 54.53 46.90
CA CYS C 101 15.95 54.85 48.32
C CYS C 101 17.33 54.86 48.97
N ALA C 102 18.33 54.31 48.32
CA ALA C 102 19.70 54.40 48.85
C ALA C 102 20.22 55.81 48.64
N PRO C 103 20.69 56.48 49.69
CA PRO C 103 21.17 57.87 49.51
C PRO C 103 22.48 57.96 48.76
N ASN C 104 23.29 56.91 48.79
CA ASN C 104 24.61 56.91 48.18
C ASN C 104 24.63 56.42 46.74
N ILE C 105 23.53 55.84 46.24
CA ILE C 105 23.46 55.31 44.89
C ILE C 105 22.59 56.22 44.04
N ASP C 106 23.11 56.63 42.89
CA ASP C 106 22.38 57.42 41.92
C ASP C 106 22.16 56.60 40.65
N VAL C 107 20.95 56.66 40.11
CA VAL C 107 20.55 55.84 38.97
C VAL C 107 20.37 56.74 37.75
N TYR C 108 21.00 56.36 36.64
CA TYR C 108 20.87 57.03 35.37
C TYR C 108 20.12 56.14 34.39
N ARG C 109 19.10 56.69 33.72
CA ARG C 109 18.22 55.90 32.87
C ARG C 109 18.39 56.23 31.39
N THR C 110 19.55 56.73 30.98
CA THR C 110 19.85 57.00 29.59
C THR C 110 21.14 56.29 29.19
N HIS C 111 21.36 56.21 27.88
CA HIS C 111 22.55 55.54 27.35
C HIS C 111 23.81 56.29 27.77
N THR C 112 24.74 55.58 28.41
CA THR C 112 25.97 56.16 28.92
C THR C 112 27.15 55.72 28.06
N ARG C 113 28.00 56.67 27.70
CA ARG C 113 29.19 56.41 26.90
C ARG C 113 30.44 56.78 27.69
N PHE C 114 31.57 56.22 27.27
CA PHE C 114 32.85 56.50 27.90
C PHE C 114 33.47 57.78 27.34
N GLY C 115 34.02 58.59 28.23
CA GLY C 115 34.70 59.79 27.84
C GLY C 115 36.21 59.65 27.96
N PRO C 116 36.94 60.70 27.59
CA PRO C 116 38.41 60.64 27.70
C PRO C 116 38.84 60.54 29.16
N VAL C 117 39.87 59.73 29.40
CA VAL C 117 40.36 59.52 30.75
C VAL C 117 40.95 60.81 31.30
N GLN C 118 40.63 61.12 32.56
CA GLN C 118 41.12 62.33 33.19
C GLN C 118 42.58 62.17 33.60
N ALA C 119 43.22 63.29 33.91
CA ALA C 119 44.63 63.27 34.27
C ALA C 119 44.86 62.49 35.57
N ASP C 120 43.97 62.66 36.54
CA ASP C 120 44.09 61.98 37.82
C ASP C 120 43.80 60.49 37.75
N GLY C 121 43.36 59.98 36.60
CA GLY C 121 43.05 58.57 36.44
C GLY C 121 41.58 58.22 36.46
N ARG C 122 40.70 59.19 36.73
CA ARG C 122 39.28 58.89 36.79
C ARG C 122 38.68 58.84 35.38
N TYR C 123 37.68 57.98 35.23
CA TYR C 123 37.03 57.76 33.94
C TYR C 123 35.82 58.67 33.80
N LEU C 124 35.74 59.37 32.67
CA LEU C 124 34.61 60.25 32.40
C LEU C 124 33.50 59.47 31.70
N LEU C 125 32.27 59.65 32.16
CA LEU C 125 31.11 59.02 31.58
C LEU C 125 30.06 60.08 31.26
N ARG C 126 29.47 59.97 30.07
CA ARG C 126 28.46 60.93 29.61
C ARG C 126 27.21 60.17 29.18
N THR C 127 26.06 60.65 29.63
CA THR C 127 24.78 60.05 29.29
C THR C 127 24.14 60.77 28.12
N ASP C 128 23.18 60.10 27.47
CA ASP C 128 22.50 60.66 26.32
C ASP C 128 21.62 61.85 26.67
N ALA C 129 21.33 62.07 27.94
CA ALA C 129 20.55 63.24 28.37
C ALA C 129 21.42 64.46 28.61
N GLY C 130 22.74 64.30 28.62
CA GLY C 130 23.65 65.41 28.84
C GLY C 130 24.29 65.46 30.22
N GLU C 131 24.36 64.33 30.93
CA GLU C 131 24.93 64.29 32.27
C GLU C 131 26.33 63.67 32.21
N GLU C 132 27.30 64.36 32.79
CA GLU C 132 28.69 63.91 32.83
C GLU C 132 29.12 63.72 34.28
N PHE C 133 29.82 62.61 34.55
CA PHE C 133 30.31 62.34 35.89
C PHE C 133 31.54 61.44 35.78
N THR C 134 32.25 61.32 36.90
CA THR C 134 33.49 60.54 36.98
C THR C 134 33.36 59.46 38.03
N ALA C 135 34.23 58.46 37.92
CA ALA C 135 34.23 57.34 38.86
C ALA C 135 35.62 56.75 38.94
N GLU C 136 35.98 56.27 40.12
CA GLU C 136 37.28 55.63 40.32
C GLU C 136 37.28 54.23 39.72
N GLN C 137 36.25 53.44 40.03
CA GLN C 137 36.08 52.11 39.48
C GLN C 137 34.86 52.08 38.57
N VAL C 138 34.94 51.29 37.51
CA VAL C 138 33.84 51.17 36.55
C VAL C 138 33.63 49.69 36.25
N VAL C 139 32.37 49.26 36.27
CA VAL C 139 31.99 47.89 35.94
C VAL C 139 31.14 47.92 34.68
N ILE C 140 31.54 47.14 33.68
CA ILE C 140 30.86 47.09 32.39
C ILE C 140 30.05 45.79 32.35
N ALA C 141 28.72 45.92 32.39
CA ALA C 141 27.80 44.81 32.28
C ALA C 141 26.69 45.14 31.29
N ALA C 142 27.09 45.61 30.10
CA ALA C 142 26.15 46.09 29.10
C ALA C 142 25.37 44.97 28.42
N GLY C 143 25.76 43.71 28.61
CA GLY C 143 25.00 42.63 28.02
C GLY C 143 25.10 42.61 26.49
N SER C 144 24.02 42.16 25.86
CA SER C 144 23.97 42.02 24.41
C SER C 144 22.62 42.53 23.91
N ARG C 145 22.49 42.57 22.59
CA ARG C 145 21.29 43.02 21.90
C ARG C 145 21.10 42.17 20.65
N PRO C 146 19.87 41.99 20.20
CA PRO C 146 19.63 41.11 19.05
C PRO C 146 20.20 41.67 17.76
N VAL C 147 20.51 40.76 16.83
CA VAL C 147 21.01 41.10 15.51
C VAL C 147 19.99 40.64 14.49
N ILE C 148 19.59 41.55 13.60
CA ILE C 148 18.62 41.28 12.54
C ILE C 148 19.36 41.33 11.21
N PRO C 149 19.16 40.39 10.31
CA PRO C 149 19.87 40.40 9.03
C PRO C 149 19.61 41.69 8.26
N PRO C 150 20.63 42.24 7.59
CA PRO C 150 20.47 43.53 6.90
C PRO C 150 19.40 43.51 5.83
N ALA C 151 19.17 42.37 5.18
CA ALA C 151 18.13 42.30 4.16
C ALA C 151 16.75 42.55 4.75
N ILE C 152 16.53 42.12 5.99
CA ILE C 152 15.24 42.36 6.65
C ILE C 152 15.09 43.83 7.01
N LEU C 153 16.18 44.50 7.40
CA LEU C 153 16.10 45.92 7.73
C LEU C 153 15.72 46.74 6.51
N ALA C 154 16.31 46.43 5.34
CA ALA C 154 16.02 47.19 4.14
C ALA C 154 14.62 46.92 3.60
N SER C 155 13.98 45.84 4.04
CA SER C 155 12.64 45.52 3.54
C SER C 155 11.57 46.38 4.19
N GLY C 156 11.79 46.83 5.42
CA GLY C 156 10.79 47.64 6.10
C GLY C 156 9.59 46.91 6.63
N VAL C 157 9.68 45.59 6.77
CA VAL C 157 8.54 44.80 7.25
C VAL C 157 8.49 44.86 8.78
N ASP C 158 7.30 44.65 9.33
CA ASP C 158 7.12 44.62 10.78
C ASP C 158 7.56 43.25 11.28
N TYR C 159 8.62 43.22 12.07
CA TYR C 159 9.16 41.99 12.63
C TYR C 159 9.21 42.09 14.14
N HIS C 160 9.39 40.93 14.78
CA HIS C 160 9.45 40.83 16.23
C HIS C 160 10.72 40.09 16.63
N THR C 161 11.18 40.38 17.85
CA THR C 161 12.32 39.71 18.46
C THR C 161 11.87 39.08 19.77
N SER C 162 12.82 38.45 20.48
CA SER C 162 12.51 37.85 21.77
C SER C 162 12.10 38.90 22.81
N ASP C 163 12.45 40.16 22.59
CA ASP C 163 12.11 41.21 23.55
C ASP C 163 10.68 41.70 23.40
N THR C 164 10.06 41.54 22.24
CA THR C 164 8.74 42.12 21.98
C THR C 164 7.68 41.12 21.57
N VAL C 165 8.05 39.92 21.13
CA VAL C 165 7.05 38.98 20.62
C VAL C 165 6.18 38.41 21.74
N MET C 166 6.64 38.50 22.99
CA MET C 166 5.91 37.93 24.11
C MET C 166 4.77 38.81 24.60
N ARG C 167 4.72 40.07 24.14
CA ARG C 167 3.65 40.97 24.54
C ARG C 167 2.78 41.34 23.34
N ILE C 168 2.33 40.32 22.61
CA ILE C 168 1.44 40.52 21.47
C ILE C 168 0.01 40.37 21.94
N ALA C 169 -0.91 41.06 21.26
CA ALA C 169 -2.29 41.11 21.73
C ALA C 169 -2.98 39.75 21.56
N GLU C 170 -2.88 39.17 20.37
CA GLU C 170 -3.55 37.91 20.08
C GLU C 170 -2.58 36.98 19.36
N LEU C 171 -2.75 35.68 19.58
CA LEU C 171 -1.89 34.69 18.96
C LEU C 171 -2.19 34.60 17.46
N PRO C 172 -1.19 34.67 16.60
CA PRO C 172 -1.43 34.60 15.16
C PRO C 172 -1.72 33.17 14.70
N GLU C 173 -2.24 33.07 13.48
CA GLU C 173 -2.52 31.76 12.89
C GLU C 173 -1.26 31.14 12.30
N HIS C 174 -0.41 31.93 11.67
CA HIS C 174 0.81 31.44 11.03
C HIS C 174 1.96 32.39 11.34
N ILE C 175 3.06 31.83 11.80
CA ILE C 175 4.25 32.59 12.17
C ILE C 175 5.44 32.05 11.39
N VAL C 176 6.36 32.94 11.03
CA VAL C 176 7.61 32.58 10.39
C VAL C 176 8.75 33.00 11.31
N ILE C 177 9.60 32.05 11.67
CA ILE C 177 10.73 32.29 12.56
C ILE C 177 12.01 32.11 11.74
N VAL C 178 12.84 33.16 11.72
CA VAL C 178 14.10 33.14 10.99
C VAL C 178 15.22 32.93 12.00
N GLY C 179 15.78 31.72 12.01
CA GLY C 179 16.86 31.41 12.93
C GLY C 179 16.86 29.93 13.28
N SER C 180 17.98 29.51 13.87
CA SER C 180 18.16 28.12 14.30
C SER C 180 18.77 28.02 15.69
N GLY C 181 18.81 29.11 16.44
CA GLY C 181 19.38 29.09 17.77
C GLY C 181 18.41 28.58 18.82
N PHE C 182 18.83 28.69 20.08
CA PHE C 182 17.97 28.24 21.18
C PHE C 182 16.75 29.15 21.33
N ILE C 183 16.87 30.41 20.93
CA ILE C 183 15.73 31.32 20.98
C ILE C 183 14.68 30.91 19.96
N ALA C 184 15.10 30.59 18.74
CA ALA C 184 14.15 30.20 17.71
C ALA C 184 13.49 28.86 18.00
N ALA C 185 14.22 27.93 18.61
CA ALA C 185 13.64 26.61 18.89
C ALA C 185 12.65 26.66 20.04
N GLU C 186 12.98 27.43 21.09
CA GLU C 186 12.08 27.50 22.25
C GLU C 186 10.79 28.20 21.89
N PHE C 187 10.86 29.25 21.07
CA PHE C 187 9.64 29.95 20.67
C PHE C 187 8.82 29.13 19.67
N ALA C 188 9.48 28.32 18.84
CA ALA C 188 8.76 27.42 17.97
C ALA C 188 7.98 26.37 18.76
N HIS C 189 8.56 25.92 19.89
CA HIS C 189 7.87 24.97 20.75
C HIS C 189 6.69 25.62 21.46
N VAL C 190 6.80 26.90 21.80
CA VAL C 190 5.74 27.59 22.52
C VAL C 190 4.52 27.78 21.63
N PHE C 191 4.72 28.37 20.45
CA PHE C 191 3.59 28.71 19.59
C PHE C 191 2.95 27.46 18.99
N SER C 192 3.74 26.45 18.66
CA SER C 192 3.19 25.23 18.08
C SER C 192 2.30 24.50 19.08
N ALA C 193 2.73 24.43 20.35
CA ALA C 193 1.92 23.77 21.36
C ALA C 193 0.64 24.55 21.66
N LEU C 194 0.68 25.87 21.47
CA LEU C 194 -0.50 26.70 21.71
C LEU C 194 -1.44 26.76 20.50
N GLY C 195 -1.09 26.12 19.40
CA GLY C 195 -1.97 26.01 18.26
C GLY C 195 -1.60 26.82 17.04
N VAL C 196 -0.39 27.37 16.98
CA VAL C 196 0.04 28.19 15.86
C VAL C 196 0.82 27.31 14.87
N ARG C 197 0.61 27.55 13.58
CA ARG C 197 1.39 26.87 12.55
C ARG C 197 2.76 27.54 12.45
N VAL C 198 3.81 26.77 12.68
CA VAL C 198 5.17 27.30 12.79
C VAL C 198 5.96 26.93 11.55
N THR C 199 6.70 27.90 11.04
CA THR C 199 7.56 27.71 9.87
C THR C 199 8.94 28.27 10.18
N LEU C 200 9.95 27.40 10.15
CA LEU C 200 11.33 27.80 10.42
C LEU C 200 12.07 27.99 9.09
N VAL C 201 12.70 29.14 8.93
CA VAL C 201 13.49 29.46 7.75
C VAL C 201 14.93 29.62 8.21
N ILE C 202 15.70 28.55 8.15
CA ILE C 202 17.09 28.54 8.60
C ILE C 202 18.01 28.55 7.39
N ARG C 203 19.20 29.09 7.58
CA ARG C 203 20.20 29.14 6.53
C ARG C 203 21.12 27.93 6.51
N GLY C 204 21.13 27.14 7.59
CA GLY C 204 21.97 25.96 7.69
C GLY C 204 21.23 24.69 7.34
N SER C 205 21.76 23.57 7.85
CA SER C 205 21.17 22.27 7.57
C SER C 205 20.49 21.61 8.76
N CYS C 206 20.85 21.99 9.98
CA CYS C 206 20.24 21.42 11.17
C CYS C 206 19.93 22.54 12.16
N LEU C 207 18.92 22.31 12.99
CA LEU C 207 18.60 23.24 14.06
C LEU C 207 19.53 23.01 15.24
N LEU C 208 19.86 24.09 15.95
CA LEU C 208 20.81 24.06 17.06
C LEU C 208 22.12 23.41 16.62
N ARG C 209 22.84 24.15 15.78
CA ARG C 209 24.03 23.61 15.12
C ARG C 209 25.18 23.39 16.11
N HIS C 210 25.34 24.29 17.08
CA HIS C 210 26.46 24.17 18.01
C HIS C 210 26.33 23.01 18.98
N CYS C 211 25.24 22.26 18.94
CA CYS C 211 25.08 21.08 19.78
C CYS C 211 25.79 19.88 19.16
N ASP C 212 25.85 18.79 19.91
CA ASP C 212 26.46 17.56 19.41
C ASP C 212 25.71 17.07 18.18
N ASP C 213 26.45 16.51 17.23
CA ASP C 213 25.87 16.12 15.95
C ASP C 213 24.79 15.05 16.11
N THR C 214 24.92 14.18 17.10
CA THR C 214 23.85 13.20 17.36
C THR C 214 22.56 13.92 17.71
N ILE C 215 22.65 14.97 18.53
CA ILE C 215 21.46 15.75 18.88
C ILE C 215 20.97 16.54 17.68
N CYS C 216 21.89 17.18 16.95
CA CYS C 216 21.52 18.03 15.82
C CYS C 216 20.73 17.24 14.78
N GLU C 217 21.22 16.05 14.43
CA GLU C 217 20.56 15.27 13.39
C GLU C 217 19.23 14.71 13.86
N ARG C 218 19.16 14.21 15.10
CA ARG C 218 17.94 13.60 15.58
C ARG C 218 16.86 14.63 15.89
N PHE C 219 17.23 15.76 16.49
CA PHE C 219 16.23 16.77 16.83
C PHE C 219 15.67 17.44 15.58
N THR C 220 16.54 17.77 14.61
CA THR C 220 16.08 18.41 13.39
C THR C 220 15.13 17.51 12.62
N ARG C 221 15.36 16.19 12.65
CA ARG C 221 14.44 15.26 12.00
C ARG C 221 13.08 15.26 12.70
N ILE C 222 13.09 15.23 14.03
CA ILE C 222 11.84 15.25 14.78
C ILE C 222 11.13 16.59 14.60
N ALA C 223 11.88 17.69 14.66
CA ALA C 223 11.28 19.01 14.55
C ALA C 223 10.73 19.28 13.15
N SER C 224 11.33 18.68 12.11
CA SER C 224 10.86 18.92 10.75
C SER C 224 9.49 18.30 10.49
N THR C 225 9.05 17.38 11.33
CA THR C 225 7.75 16.74 11.17
C THR C 225 6.63 17.52 11.85
N LYS C 226 6.94 18.23 12.92
CA LYS C 226 5.93 19.00 13.64
C LYS C 226 5.88 20.45 13.19
N TRP C 227 6.99 20.99 12.68
CA TRP C 227 7.03 22.33 12.12
C TRP C 227 7.57 22.26 10.70
N GLU C 228 7.18 23.24 9.87
CA GLU C 228 7.66 23.31 8.50
C GLU C 228 9.05 23.93 8.51
N LEU C 229 10.07 23.13 8.21
CA LEU C 229 11.46 23.56 8.25
C LEU C 229 11.96 23.80 6.83
N ARG C 230 12.43 25.01 6.56
CA ARG C 230 13.00 25.38 5.26
C ARG C 230 14.50 25.61 5.44
N THR C 231 15.30 24.62 5.08
CA THR C 231 16.74 24.68 5.27
C THR C 231 17.43 25.34 4.08
N HIS C 232 18.58 25.96 4.36
CA HIS C 232 19.43 26.60 3.35
C HIS C 232 18.71 27.73 2.64
N ARG C 233 17.87 28.46 3.36
CA ARG C 233 17.12 29.57 2.79
C ARG C 233 17.38 30.85 3.58
N ASN C 234 17.42 31.97 2.86
CA ASN C 234 17.62 33.29 3.47
C ASN C 234 16.58 34.25 2.92
N VAL C 235 16.07 35.11 3.80
CA VAL C 235 15.10 36.13 3.40
C VAL C 235 15.85 37.28 2.72
N VAL C 236 15.47 37.59 1.48
CA VAL C 236 16.13 38.63 0.72
C VAL C 236 15.28 39.89 0.61
N ASP C 237 13.96 39.78 0.55
CA ASP C 237 13.09 40.94 0.47
C ASP C 237 11.76 40.60 1.12
N GLY C 238 10.96 41.64 1.37
CA GLY C 238 9.66 41.46 1.96
C GLY C 238 8.88 42.74 1.94
N GLN C 239 7.56 42.61 2.04
CA GLN C 239 6.67 43.77 2.06
C GLN C 239 5.41 43.42 2.83
N GLN C 240 4.74 44.46 3.31
CA GLN C 240 3.53 44.29 4.11
C GLN C 240 2.40 43.68 3.28
N ARG C 241 1.56 42.90 3.97
CA ARG C 241 0.42 42.23 3.38
C ARG C 241 -0.88 42.63 4.06
N GLY C 242 -0.81 43.26 5.23
CA GLY C 242 -1.95 43.61 6.04
C GLY C 242 -1.46 43.70 7.45
N SER C 243 -2.03 42.91 8.36
CA SER C 243 -1.41 42.73 9.66
C SER C 243 -0.23 41.77 9.59
N GLY C 244 -0.08 41.03 8.49
CA GLY C 244 0.98 40.09 8.31
C GLY C 244 2.06 40.58 7.35
N VAL C 245 2.85 39.63 6.86
CA VAL C 245 4.03 39.91 6.04
C VAL C 245 4.12 38.87 4.93
N ALA C 246 4.70 39.28 3.79
CA ALA C 246 4.99 38.38 2.68
C ALA C 246 6.49 38.46 2.41
N LEU C 247 7.20 37.37 2.68
CA LEU C 247 8.66 37.33 2.61
C LEU C 247 9.11 36.57 1.36
N ARG C 248 10.10 37.14 0.66
CA ARG C 248 10.71 36.50 -0.50
C ARG C 248 12.06 35.90 -0.08
N LEU C 249 12.30 34.67 -0.53
CA LEU C 249 13.52 33.94 -0.17
C LEU C 249 14.55 34.05 -1.29
N ASP C 250 15.76 33.56 -0.98
CA ASP C 250 16.87 33.64 -1.92
C ASP C 250 16.71 32.72 -3.13
N ASP C 251 15.67 31.89 -3.17
CA ASP C 251 15.41 31.00 -4.29
C ASP C 251 14.15 31.39 -5.06
N GLY C 252 13.62 32.59 -4.82
CA GLY C 252 12.44 33.06 -5.53
C GLY C 252 11.12 32.74 -4.84
N CYS C 253 11.10 31.79 -3.93
CA CYS C 253 9.85 31.40 -3.28
C CYS C 253 9.41 32.47 -2.29
N THR C 254 8.09 32.69 -2.23
CA THR C 254 7.49 33.66 -1.33
C THR C 254 6.68 32.96 -0.25
N ILE C 255 6.69 33.53 0.95
CA ILE C 255 5.98 32.97 2.10
C ILE C 255 5.04 34.02 2.67
N ASN C 256 3.78 33.67 2.85
CA ASN C 256 2.79 34.52 3.51
C ASN C 256 2.69 34.12 4.97
N ALA C 257 2.68 35.11 5.86
CA ALA C 257 2.62 34.85 7.28
C ALA C 257 1.94 36.02 7.99
N ASP C 258 1.50 35.75 9.22
CA ASP C 258 0.84 36.77 10.03
C ASP C 258 1.80 37.53 10.92
N LEU C 259 2.92 36.91 11.31
CA LEU C 259 3.89 37.54 12.20
C LEU C 259 5.28 37.08 11.81
N LEU C 260 6.25 37.99 11.90
CA LEU C 260 7.63 37.70 11.59
C LEU C 260 8.46 37.82 12.86
N LEU C 261 9.16 36.74 13.21
CA LEU C 261 10.02 36.69 14.38
C LEU C 261 11.45 36.46 13.93
N VAL C 262 12.35 37.36 14.32
CA VAL C 262 13.75 37.28 13.95
C VAL C 262 14.53 36.78 15.16
N ALA C 263 15.18 35.62 15.01
CA ALA C 263 16.00 35.04 16.07
C ALA C 263 17.28 34.46 15.46
N THR C 264 18.08 35.33 14.85
CA THR C 264 19.31 34.91 14.20
C THR C 264 20.53 35.14 15.08
N GLY C 265 20.33 35.44 16.35
CA GLY C 265 21.41 35.61 17.30
C GLY C 265 21.48 37.04 17.82
N ARG C 266 22.38 37.24 18.76
CA ARG C 266 22.59 38.54 19.38
C ARG C 266 24.09 38.79 19.52
N VAL C 267 24.45 40.07 19.59
CA VAL C 267 25.84 40.48 19.72
C VAL C 267 25.98 41.42 20.89
N SER C 268 27.18 41.45 21.46
CA SER C 268 27.46 42.25 22.66
C SER C 268 27.28 43.75 22.37
N ASN C 269 27.04 44.50 23.44
CA ASN C 269 26.86 45.94 23.40
C ASN C 269 28.17 46.70 23.59
N ALA C 270 29.31 46.02 23.46
CA ALA C 270 30.59 46.67 23.72
C ALA C 270 30.92 47.73 22.68
N ASP C 271 30.37 47.60 21.47
CA ASP C 271 30.67 48.57 20.42
C ASP C 271 30.02 49.92 20.67
N LEU C 272 28.96 49.97 21.48
CA LEU C 272 28.27 51.22 21.80
C LEU C 272 28.72 51.80 23.13
N LEU C 273 30.01 51.68 23.45
CA LEU C 273 30.53 52.14 24.73
C LEU C 273 31.67 53.13 24.61
N ASP C 274 32.31 53.24 23.44
CA ASP C 274 33.51 54.07 23.27
C ASP C 274 34.62 53.65 24.24
N ALA C 275 34.73 52.34 24.45
CA ALA C 275 35.71 51.83 25.42
C ALA C 275 37.14 52.06 24.95
N GLU C 276 37.36 52.12 23.63
CA GLU C 276 38.69 52.42 23.13
C GLU C 276 39.11 53.84 23.47
N GLN C 277 38.14 54.74 23.65
CA GLN C 277 38.42 56.12 24.05
C GLN C 277 38.82 56.22 25.51
N ALA C 278 38.73 55.12 26.26
CA ALA C 278 39.09 55.10 27.67
C ALA C 278 40.19 54.10 28.00
N GLY C 279 40.71 53.37 27.00
CA GLY C 279 41.78 52.44 27.21
C GLY C 279 41.36 50.99 27.40
N VAL C 280 40.10 50.66 27.14
CA VAL C 280 39.62 49.28 27.27
C VAL C 280 39.71 48.62 25.90
N ASP C 281 40.48 47.53 25.81
CA ASP C 281 40.68 46.86 24.53
C ASP C 281 39.44 46.05 24.18
N VAL C 282 39.07 46.08 22.91
CA VAL C 282 37.91 45.34 22.41
C VAL C 282 38.32 44.56 21.17
N GLU C 283 38.10 43.25 21.19
CA GLU C 283 38.30 42.38 20.04
C GLU C 283 36.97 41.74 19.64
N ASP C 284 36.83 41.49 18.34
CA ASP C 284 35.59 41.01 17.75
C ASP C 284 34.46 41.99 18.04
N GLY C 285 33.65 41.71 19.06
CA GLY C 285 32.62 42.64 19.47
C GLY C 285 32.41 42.67 20.97
N ARG C 286 33.32 42.03 21.71
CA ARG C 286 33.23 41.91 23.15
C ARG C 286 34.46 42.52 23.81
N VAL C 287 34.33 42.81 25.10
CA VAL C 287 35.44 43.37 25.86
C VAL C 287 36.35 42.23 26.32
N ILE C 288 37.66 42.43 26.18
CA ILE C 288 38.63 41.40 26.54
C ILE C 288 38.86 41.47 28.05
N VAL C 289 38.65 40.34 28.73
CA VAL C 289 38.93 40.21 30.15
C VAL C 289 39.83 38.99 30.36
N ASP C 290 40.55 38.99 31.47
CA ASP C 290 41.44 37.90 31.82
C ASP C 290 40.72 36.95 32.79
N GLU C 291 41.49 36.10 33.47
CA GLU C 291 40.91 35.16 34.41
C GLU C 291 40.37 35.83 35.67
N TYR C 292 40.68 37.10 35.88
CA TYR C 292 40.17 37.87 37.02
C TYR C 292 39.11 38.89 36.60
N GLN C 293 38.57 38.76 35.40
CA GLN C 293 37.57 39.69 34.87
C GLN C 293 38.11 41.12 34.79
N ARG C 294 39.43 41.26 34.68
CA ARG C 294 40.07 42.56 34.58
C ARG C 294 40.22 42.93 33.11
N THR C 295 39.88 44.17 32.77
CA THR C 295 40.04 44.65 31.41
C THR C 295 41.42 45.27 31.23
N SER C 296 41.66 45.83 30.04
CA SER C 296 42.94 46.47 29.74
C SER C 296 43.06 47.85 30.34
N ALA C 297 42.10 48.28 31.15
CA ALA C 297 42.13 49.58 31.82
C ALA C 297 42.11 49.36 33.33
N ARG C 298 43.02 50.01 34.04
CA ARG C 298 43.12 49.85 35.48
C ARG C 298 41.85 50.37 36.16
N GLY C 299 41.20 49.50 36.95
CA GLY C 299 39.99 49.87 37.65
C GLY C 299 38.70 49.55 36.92
N VAL C 300 38.77 49.06 35.69
CA VAL C 300 37.58 48.74 34.90
C VAL C 300 37.43 47.22 34.86
N PHE C 301 36.27 46.74 35.28
CA PHE C 301 35.93 45.33 35.21
C PHE C 301 34.80 45.12 34.19
N ALA C 302 34.59 43.87 33.81
CA ALA C 302 33.55 43.53 32.87
C ALA C 302 33.03 42.12 33.17
N LEU C 303 31.76 41.89 32.85
CA LEU C 303 31.12 40.62 33.13
C LEU C 303 29.89 40.50 32.24
N GLY C 304 29.38 39.27 32.15
CA GLY C 304 28.15 39.03 31.42
C GLY C 304 28.38 38.85 29.93
N ASP C 305 27.31 39.02 29.17
CA ASP C 305 27.36 38.85 27.73
C ASP C 305 28.27 39.85 27.05
N VAL C 306 28.59 40.96 27.70
CA VAL C 306 29.43 41.99 27.09
C VAL C 306 30.87 41.52 26.93
N SER C 307 31.27 40.44 27.60
CA SER C 307 32.64 39.98 27.55
C SER C 307 32.74 38.47 27.48
N SER C 308 31.88 37.78 28.24
CA SER C 308 31.98 36.34 28.37
C SER C 308 31.73 35.65 27.03
N PRO C 309 32.42 34.53 26.76
CA PRO C 309 32.10 33.75 25.56
C PRO C 309 30.82 32.95 25.68
N TYR C 310 30.35 32.69 26.90
CA TYR C 310 29.08 32.00 27.13
C TYR C 310 28.01 33.04 27.42
N LEU C 311 26.97 33.06 26.58
CA LEU C 311 25.87 34.01 26.76
C LEU C 311 24.75 33.36 27.58
N LEU C 312 25.10 33.07 28.84
CA LEU C 312 24.18 32.42 29.77
C LEU C 312 24.13 33.20 31.07
N LYS C 313 22.98 33.14 31.74
CA LYS C 313 22.79 33.89 32.98
C LYS C 313 23.56 33.26 34.13
N HIS C 314 23.56 31.93 34.23
CA HIS C 314 24.29 31.27 35.31
C HIS C 314 25.80 31.46 35.17
N VAL C 315 26.29 31.79 33.98
CA VAL C 315 27.69 32.16 33.83
C VAL C 315 27.90 33.62 34.22
N ALA C 316 26.99 34.49 33.80
CA ALA C 316 27.10 35.91 34.15
C ALA C 316 26.97 36.13 35.65
N ASN C 317 26.23 35.27 36.34
CA ASN C 317 26.11 35.39 37.79
C ASN C 317 27.39 34.95 38.48
N HIS C 318 28.08 33.94 37.94
CA HIS C 318 29.37 33.55 38.49
C HIS C 318 30.43 34.60 38.24
N GLU C 319 30.35 35.29 37.10
CA GLU C 319 31.31 36.36 36.80
C GLU C 319 31.05 37.59 37.65
N ALA C 320 29.79 37.85 38.00
CA ALA C 320 29.49 38.98 38.89
C ALA C 320 30.07 38.75 40.28
N ARG C 321 30.13 37.49 40.72
CA ARG C 321 30.75 37.19 42.02
C ARG C 321 32.26 37.36 41.97
N VAL C 322 32.88 37.09 40.80
CA VAL C 322 34.32 37.30 40.67
C VAL C 322 34.65 38.78 40.67
N VAL C 323 33.87 39.58 39.93
CA VAL C 323 34.08 41.02 39.93
C VAL C 323 33.85 41.60 41.32
N GLN C 324 32.84 41.09 42.03
CA GLN C 324 32.52 41.58 43.37
C GLN C 324 33.68 41.39 44.33
N HIS C 325 34.46 40.32 44.16
CA HIS C 325 35.57 40.05 45.07
C HIS C 325 36.81 40.84 44.66
N ASN C 326 37.18 40.79 43.39
CA ASN C 326 38.38 41.48 42.92
C ASN C 326 38.25 42.99 42.95
N LEU C 327 37.03 43.52 43.12
CA LEU C 327 36.87 44.96 43.28
C LEU C 327 37.46 45.46 44.60
N LEU C 328 37.40 44.65 45.65
CA LEU C 328 37.94 45.04 46.94
C LEU C 328 39.45 44.80 47.06
N CYS C 329 40.10 44.29 46.02
CA CYS C 329 41.53 44.05 46.02
C CYS C 329 42.21 45.05 45.10
N ASP C 330 43.49 45.29 45.37
CA ASP C 330 44.26 46.18 44.51
C ASP C 330 44.46 45.55 43.13
N TRP C 331 44.76 46.41 42.15
CA TRP C 331 44.79 45.97 40.77
C TRP C 331 45.92 44.98 40.50
N GLU C 332 47.00 45.06 41.27
CA GLU C 332 48.15 44.20 41.05
C GLU C 332 48.25 43.06 42.06
N ASP C 333 47.41 43.07 43.09
CA ASP C 333 47.37 41.99 44.08
C ASP C 333 46.56 40.82 43.53
N THR C 334 47.09 40.22 42.45
CA THR C 334 46.41 39.11 41.80
C THR C 334 46.43 37.84 42.64
N GLN C 335 47.36 37.71 43.59
CA GLN C 335 47.41 36.54 44.45
C GLN C 335 46.25 36.52 45.45
N SER C 336 45.61 37.65 45.69
CA SER C 336 44.46 37.72 46.61
C SER C 336 43.14 37.81 45.87
N MET C 337 43.12 37.50 44.58
CA MET C 337 41.90 37.52 43.78
C MET C 337 41.41 36.10 43.51
N ILE C 338 40.24 36.00 42.90
CA ILE C 338 39.62 34.73 42.54
C ILE C 338 39.48 34.66 41.03
N VAL C 339 39.62 33.45 40.49
CA VAL C 339 39.61 33.20 39.05
C VAL C 339 38.23 32.77 38.62
N THR C 340 37.81 33.24 37.45
CA THR C 340 36.53 32.84 36.86
C THR C 340 36.63 31.42 36.34
N ASP C 341 35.65 30.58 36.67
CA ASP C 341 35.65 29.17 36.30
C ASP C 341 34.76 28.97 35.07
N HIS C 342 35.38 28.51 33.98
CA HIS C 342 34.70 28.18 32.73
C HIS C 342 34.91 26.73 32.33
N ARG C 343 35.23 25.87 33.30
CA ARG C 343 35.63 24.50 33.00
C ARG C 343 34.46 23.67 32.46
N TYR C 344 33.40 23.53 33.26
CA TYR C 344 32.26 22.69 32.89
C TYR C 344 30.99 23.53 32.90
N VAL C 345 30.80 24.29 31.82
CA VAL C 345 29.61 25.12 31.67
C VAL C 345 28.49 24.33 30.99
N PRO C 346 27.31 24.27 31.60
CA PRO C 346 26.18 23.57 30.97
C PRO C 346 25.23 24.53 30.25
N ALA C 347 24.32 23.97 29.46
CA ALA C 347 23.32 24.78 28.77
C ALA C 347 22.11 23.91 28.48
N ALA C 348 20.94 24.55 28.38
CA ALA C 348 19.70 23.83 28.15
C ALA C 348 18.84 24.61 27.17
N VAL C 349 18.09 23.87 26.36
CA VAL C 349 17.15 24.44 25.39
C VAL C 349 15.79 23.82 25.66
N PHE C 350 14.85 24.63 26.13
CA PHE C 350 13.53 24.14 26.56
C PHE C 350 12.61 24.06 25.34
N THR C 351 12.80 23.01 24.56
CA THR C 351 12.01 22.72 23.37
C THR C 351 11.37 21.35 23.55
N ASP C 352 10.80 20.82 22.47
CA ASP C 352 10.20 19.48 22.45
C ASP C 352 10.94 18.65 21.43
N PRO C 353 11.81 17.72 21.87
CA PRO C 353 12.16 17.37 23.24
C PRO C 353 13.16 18.34 23.88
N GLN C 354 13.22 18.38 25.21
CA GLN C 354 14.15 19.26 25.89
C GLN C 354 15.58 18.77 25.69
N ILE C 355 16.51 19.73 25.58
CA ILE C 355 17.91 19.43 25.31
C ILE C 355 18.77 20.07 26.39
N ALA C 356 19.76 19.32 26.88
CA ALA C 356 20.70 19.83 27.86
C ALA C 356 22.05 19.14 27.64
N ALA C 357 23.13 19.93 27.68
CA ALA C 357 24.45 19.40 27.38
C ALA C 357 25.48 20.12 28.23
N VAL C 358 26.61 19.44 28.45
CA VAL C 358 27.73 20.01 29.19
C VAL C 358 29.00 19.27 28.78
N GLY C 359 30.06 20.02 28.52
CA GLY C 359 31.34 19.43 28.16
C GLY C 359 31.54 19.35 26.66
N LEU C 360 32.50 18.52 26.27
CA LEU C 360 32.85 18.37 24.87
C LEU C 360 31.86 17.46 24.15
N THR C 361 31.73 17.67 22.85
CA THR C 361 30.96 16.78 22.00
C THR C 361 31.87 15.66 21.47
N GLU C 362 31.25 14.68 20.80
CA GLU C 362 32.03 13.58 20.26
C GLU C 362 33.00 14.06 19.20
N ASN C 363 32.54 14.96 18.31
CA ASN C 363 33.44 15.51 17.30
C ASN C 363 34.50 16.42 17.91
N GLN C 364 34.18 17.07 19.03
CA GLN C 364 35.16 17.93 19.69
C GLN C 364 36.27 17.11 20.34
N ALA C 365 35.91 15.98 20.96
CA ALA C 365 36.91 15.12 21.58
C ALA C 365 37.82 14.47 20.54
N VAL C 366 37.29 14.17 19.35
CA VAL C 366 38.11 13.57 18.30
C VAL C 366 39.15 14.57 17.82
N ALA C 367 38.77 15.84 17.68
CA ALA C 367 39.73 16.86 17.25
C ALA C 367 40.85 17.07 18.26
N LYS C 368 40.65 16.69 19.51
CA LYS C 368 41.69 16.82 20.53
C LYS C 368 42.52 15.55 20.69
N GLY C 369 42.27 14.53 19.88
CA GLY C 369 43.06 13.30 19.92
C GLY C 369 42.95 12.52 21.21
N LEU C 370 41.72 12.30 21.67
CA LEU C 370 41.46 11.57 22.90
C LEU C 370 40.88 10.19 22.58
N ASP C 371 41.35 9.18 23.29
CA ASP C 371 40.80 7.83 23.17
C ASP C 371 39.54 7.77 24.03
N ILE C 372 38.38 7.79 23.37
CA ILE C 372 37.11 8.01 24.06
C ILE C 372 36.22 6.79 23.90
N SER C 373 35.25 6.68 24.80
CA SER C 373 34.20 5.67 24.74
C SER C 373 32.86 6.40 24.77
N VAL C 374 31.97 6.05 23.84
CA VAL C 374 30.70 6.75 23.65
C VAL C 374 29.56 5.74 23.78
N LYS C 375 28.52 6.13 24.49
CA LYS C 375 27.32 5.31 24.65
C LYS C 375 26.09 6.19 24.50
N ILE C 376 25.10 5.68 23.75
CA ILE C 376 23.82 6.36 23.54
C ILE C 376 22.75 5.46 24.11
N GLN C 377 22.10 5.89 25.19
CA GLN C 377 21.08 5.11 25.87
C GLN C 377 19.70 5.71 25.58
N ASP C 378 18.75 4.85 25.25
CA ASP C 378 17.40 5.28 24.93
C ASP C 378 16.52 5.27 26.18
N TYR C 379 15.56 6.20 26.21
CA TYR C 379 14.59 6.25 27.31
C TYR C 379 13.76 4.98 27.36
N GLY C 380 13.43 4.42 26.20
CA GLY C 380 12.55 3.27 26.11
C GLY C 380 13.10 2.00 26.72
N ASP C 381 14.39 1.97 27.06
CA ASP C 381 15.00 0.80 27.66
C ASP C 381 14.92 0.81 29.18
N VAL C 382 14.33 1.84 29.77
CA VAL C 382 14.21 1.96 31.21
C VAL C 382 12.74 1.86 31.59
N ALA C 383 12.48 1.36 32.80
CA ALA C 383 11.11 1.12 33.24
C ALA C 383 10.29 2.40 33.24
N TYR C 384 10.93 3.53 33.57
CA TYR C 384 10.21 4.81 33.53
C TYR C 384 9.91 5.21 32.10
N GLY C 385 10.79 4.89 31.15
CA GLY C 385 10.50 5.11 29.75
C GLY C 385 9.37 4.24 29.25
N TRP C 386 9.17 3.08 29.88
CA TRP C 386 8.05 2.22 29.52
C TRP C 386 6.72 2.89 29.83
N ALA C 387 6.62 3.53 30.99
CA ALA C 387 5.40 4.22 31.36
C ALA C 387 5.12 5.39 30.43
N MET C 388 6.16 6.04 29.91
CA MET C 388 5.99 7.15 29.00
C MET C 388 5.73 6.72 27.57
N GLU C 389 5.96 5.46 27.24
CA GLU C 389 5.89 4.97 25.86
C GLU C 389 6.82 5.81 24.97
N ASP C 390 8.00 6.13 25.50
CA ASP C 390 8.93 7.01 24.81
C ASP C 390 9.57 6.28 23.63
N THR C 391 9.76 7.02 22.52
CA THR C 391 10.33 6.43 21.32
C THR C 391 11.38 7.33 20.67
N SER C 392 11.90 8.34 21.38
CA SER C 392 12.82 9.28 20.77
C SER C 392 13.85 9.81 21.76
N GLY C 393 13.56 9.69 23.05
CA GLY C 393 14.46 10.23 24.06
C GLY C 393 15.76 9.45 24.11
N ILE C 394 16.88 10.18 24.15
CA ILE C 394 18.20 9.57 24.21
C ILE C 394 19.07 10.34 25.21
N VAL C 395 20.14 9.69 25.65
CA VAL C 395 21.16 10.31 26.49
C VAL C 395 22.52 9.79 26.02
N LYS C 396 23.42 10.71 25.68
CA LYS C 396 24.72 10.38 25.09
C LYS C 396 25.83 10.81 26.04
N LEU C 397 26.73 9.87 26.35
CA LEU C 397 27.84 10.13 27.25
C LEU C 397 29.15 9.82 26.53
N ILE C 398 30.15 10.68 26.76
CA ILE C 398 31.49 10.50 26.22
C ILE C 398 32.47 10.50 27.39
N THR C 399 33.29 9.45 27.48
CA THR C 399 34.25 9.30 28.55
C THR C 399 35.63 9.03 27.96
N GLU C 400 36.66 9.49 28.66
CA GLU C 400 38.03 9.17 28.28
C GLU C 400 38.34 7.74 28.72
N ARG C 401 38.83 6.94 27.77
CA ARG C 401 39.03 5.51 28.04
C ARG C 401 40.09 5.28 29.12
N GLY C 402 41.15 6.07 29.10
CA GLY C 402 42.22 5.90 30.06
C GLY C 402 41.81 6.25 31.48
N SER C 403 41.45 7.52 31.72
CA SER C 403 41.13 7.96 33.06
C SER C 403 39.77 7.45 33.52
N GLY C 404 38.85 7.19 32.58
CA GLY C 404 37.50 6.80 32.94
C GLY C 404 36.59 7.91 33.41
N ARG C 405 36.96 9.16 33.19
CA ARG C 405 36.17 10.30 33.62
C ARG C 405 35.23 10.74 32.50
N LEU C 406 34.15 11.43 32.90
CA LEU C 406 33.18 11.92 31.93
C LEU C 406 33.77 13.11 31.17
N LEU C 407 33.68 13.06 29.84
CA LEU C 407 34.13 14.15 28.98
C LEU C 407 32.99 15.02 28.47
N GLY C 408 31.80 14.43 28.27
CA GLY C 408 30.66 15.20 27.83
C GLY C 408 29.39 14.43 28.11
N ALA C 409 28.29 15.18 28.25
CA ALA C 409 26.98 14.60 28.53
C ALA C 409 25.94 15.40 27.79
N HIS C 410 25.18 14.73 26.92
CA HIS C 410 24.18 15.39 26.08
C HIS C 410 22.88 14.61 26.18
N ILE C 411 21.85 15.25 26.70
CA ILE C 411 20.54 14.63 26.92
C ILE C 411 19.51 15.32 26.04
N MET C 412 18.66 14.54 25.40
CA MET C 412 17.53 15.05 24.63
C MET C 412 16.30 14.24 25.00
N GLY C 413 15.45 14.80 25.84
CA GLY C 413 14.26 14.10 26.26
C GLY C 413 13.63 14.77 27.47
N TYR C 414 12.67 14.05 28.05
CA TYR C 414 11.93 14.54 29.21
C TYR C 414 12.87 14.76 30.39
N GLN C 415 12.74 15.92 31.04
CA GLN C 415 13.54 16.27 32.21
C GLN C 415 15.04 16.30 31.86
N ALA C 416 15.36 16.91 30.73
CA ALA C 416 16.75 16.96 30.28
C ALA C 416 17.61 17.80 31.21
N SER C 417 17.12 18.98 31.60
CA SER C 417 17.90 19.87 32.45
C SER C 417 18.00 19.38 33.89
N SER C 418 17.12 18.47 34.31
CA SER C 418 17.18 17.93 35.67
C SER C 418 18.03 16.66 35.76
N LEU C 419 17.99 15.82 34.73
CA LEU C 419 18.76 14.58 34.76
C LEU C 419 20.26 14.83 34.59
N ILE C 420 20.64 15.97 34.00
CA ILE C 420 22.06 16.24 33.74
C ILE C 420 22.82 16.72 34.96
N GLN C 421 22.12 17.10 36.04
CA GLN C 421 22.81 17.63 37.21
C GLN C 421 23.74 16.62 37.87
N PRO C 422 23.36 15.36 38.10
CA PRO C 422 24.34 14.40 38.63
C PRO C 422 25.52 14.18 37.70
N LEU C 423 25.35 14.37 36.40
CA LEU C 423 26.47 14.27 35.46
C LEU C 423 27.35 15.50 35.54
N ILE C 424 26.76 16.68 35.74
CA ILE C 424 27.56 17.89 35.94
C ILE C 424 28.37 17.78 37.23
N GLN C 425 27.78 17.20 38.27
CA GLN C 425 28.47 17.06 39.54
C GLN C 425 29.68 16.14 39.41
N ALA C 426 29.54 15.04 38.67
CA ALA C 426 30.65 14.11 38.49
C ALA C 426 31.78 14.76 37.72
N MET C 427 31.46 15.53 36.68
CA MET C 427 32.50 16.19 35.90
C MET C 427 33.18 17.30 36.70
N SER C 428 32.38 18.11 37.40
CA SER C 428 32.94 19.26 38.11
C SER C 428 33.83 18.84 39.28
N PHE C 429 33.55 17.71 39.90
CA PHE C 429 34.30 17.27 41.08
C PHE C 429 35.22 16.09 40.80
N GLY C 430 35.20 15.53 39.60
CA GLY C 430 36.14 14.50 39.23
C GLY C 430 35.75 13.08 39.61
N LEU C 431 34.50 12.72 39.37
CA LEU C 431 34.01 11.37 39.62
C LEU C 431 34.05 10.57 38.32
N THR C 432 34.55 9.34 38.41
CA THR C 432 34.65 8.49 37.23
C THR C 432 33.29 7.88 36.89
N ALA C 433 33.14 7.50 35.62
CA ALA C 433 31.87 6.96 35.15
C ALA C 433 31.52 5.65 35.86
N ALA C 434 32.50 4.77 36.05
CA ALA C 434 32.24 3.51 36.73
C ALA C 434 31.89 3.74 38.20
N GLU C 435 32.47 4.76 38.82
CA GLU C 435 32.16 5.05 40.22
C GLU C 435 30.76 5.64 40.36
N MET C 436 30.37 6.52 39.42
CA MET C 436 29.05 7.14 39.49
C MET C 436 27.94 6.11 39.31
N ALA C 437 28.19 5.06 38.53
CA ALA C 437 27.14 4.10 38.23
C ALA C 437 26.86 3.16 39.40
N ARG C 438 27.92 2.62 40.02
CA ARG C 438 27.77 1.61 41.05
C ARG C 438 28.15 2.11 42.44
N GLY C 439 28.69 3.31 42.56
CA GLY C 439 29.04 3.85 43.87
C GLY C 439 27.89 4.47 44.63
N GLN C 440 26.74 4.63 43.98
CA GLN C 440 25.57 5.21 44.60
C GLN C 440 24.34 4.40 44.22
N TYR C 441 23.23 4.65 44.92
CA TYR C 441 21.98 3.96 44.67
C TYR C 441 21.12 4.76 43.69
N TRP C 442 20.37 4.05 42.86
CA TRP C 442 19.43 4.65 41.93
C TRP C 442 18.03 4.10 42.20
N ILE C 443 17.09 5.01 42.43
CA ILE C 443 15.72 4.61 42.77
C ILE C 443 15.06 3.93 41.58
N HIS C 444 14.40 2.80 41.84
CA HIS C 444 13.67 2.08 40.82
C HIS C 444 12.17 2.24 41.05
N PRO C 445 11.38 2.55 40.02
CA PRO C 445 11.77 2.78 38.63
C PRO C 445 11.77 4.27 38.26
N ALA C 446 12.67 5.06 38.85
CA ALA C 446 12.71 6.48 38.58
C ALA C 446 13.36 6.76 37.22
N LEU C 447 13.27 8.02 36.79
CA LEU C 447 13.83 8.47 35.53
C LEU C 447 15.35 8.44 35.48
N PRO C 448 16.09 8.81 36.56
CA PRO C 448 17.55 8.77 36.49
C PRO C 448 18.13 7.39 36.20
N GLU C 449 17.28 6.37 36.09
CA GLU C 449 17.74 5.05 35.69
C GLU C 449 18.33 5.06 34.28
N VAL C 450 17.91 6.01 33.45
CA VAL C 450 18.45 6.11 32.10
C VAL C 450 19.88 6.63 32.12
N VAL C 451 20.23 7.42 33.14
CA VAL C 451 21.62 7.85 33.29
C VAL C 451 22.46 6.73 33.87
N GLU C 452 21.88 5.94 34.78
CA GLU C 452 22.60 4.81 35.34
C GLU C 452 22.94 3.78 34.27
N ASN C 453 21.97 3.43 33.43
CA ASN C 453 22.22 2.46 32.37
C ASN C 453 23.16 3.00 31.31
N ALA C 454 23.17 4.32 31.09
CA ALA C 454 24.10 4.90 30.14
C ALA C 454 25.54 4.78 30.62
N LEU C 455 25.76 4.89 31.94
CA LEU C 455 27.10 4.71 32.47
C LEU C 455 27.51 3.23 32.42
N LEU C 456 26.58 2.32 32.68
CA LEU C 456 26.89 0.90 32.64
C LEU C 456 27.26 0.43 31.24
N GLY C 457 26.63 1.00 30.22
CA GLY C 457 26.87 0.60 28.84
C GLY C 457 28.16 1.11 28.24
N LEU C 458 28.89 1.97 28.94
CA LEU C 458 30.13 2.52 28.39
C LEU C 458 31.22 1.47 28.36
N ARG C 459 31.76 1.21 27.17
CA ARG C 459 32.86 0.27 26.99
C ARG C 459 33.71 0.66 25.80
N MET D 1 16.81 -39.72 41.03
CA MET D 1 16.89 -38.36 41.57
C MET D 1 17.85 -37.52 40.74
N GLU D 2 17.58 -36.22 40.65
CA GLU D 2 18.36 -35.31 39.83
C GLU D 2 19.36 -34.55 40.68
N THR D 3 20.58 -34.41 40.16
CA THR D 3 21.65 -33.68 40.84
C THR D 3 21.93 -32.38 40.10
N TYR D 4 22.02 -31.28 40.85
CA TYR D 4 22.34 -29.98 40.31
C TYR D 4 23.48 -29.36 41.10
N ASP D 5 24.20 -28.43 40.46
CA ASP D 5 25.29 -27.74 41.12
C ASP D 5 24.81 -26.54 41.93
N ILE D 6 23.76 -25.87 41.48
CA ILE D 6 23.22 -24.71 42.19
C ILE D 6 21.73 -24.65 41.94
N ALA D 7 20.97 -24.32 42.98
CA ALA D 7 19.53 -24.18 42.90
C ALA D 7 19.10 -22.84 43.47
N ILE D 8 18.28 -22.11 42.72
CA ILE D 8 17.80 -20.80 43.12
C ILE D 8 16.28 -20.87 43.24
N ILE D 9 15.76 -20.40 44.36
CA ILE D 9 14.32 -20.38 44.63
C ILE D 9 13.84 -18.95 44.48
N GLY D 10 13.12 -18.67 43.40
CA GLY D 10 12.59 -17.34 43.15
C GLY D 10 13.23 -16.68 41.95
N THR D 11 12.45 -16.41 40.92
CA THR D 11 12.93 -15.80 39.68
C THR D 11 12.72 -14.29 39.65
N GLY D 12 12.69 -13.65 40.81
CA GLY D 12 12.63 -12.20 40.87
C GLY D 12 14.00 -11.61 40.62
N SER D 13 14.68 -11.20 41.69
CA SER D 13 16.05 -10.76 41.58
C SER D 13 17.02 -11.93 41.49
N GLY D 14 16.60 -13.13 41.91
CA GLY D 14 17.46 -14.29 41.82
C GLY D 14 17.75 -14.74 40.40
N ASN D 15 16.94 -14.30 39.43
CA ASN D 15 17.20 -14.64 38.04
C ASN D 15 18.47 -13.98 37.54
N SER D 16 18.86 -12.86 38.14
CA SER D 16 20.04 -12.12 37.69
C SER D 16 21.32 -12.66 38.32
N ILE D 17 21.33 -13.94 38.67
CA ILE D 17 22.50 -14.59 39.24
C ILE D 17 23.19 -15.49 38.22
N LEU D 18 22.42 -16.32 37.52
CA LEU D 18 22.96 -17.24 36.53
C LEU D 18 23.56 -16.45 35.38
N ASP D 19 24.88 -16.47 35.28
CA ASP D 19 25.61 -15.75 34.24
C ASP D 19 26.17 -16.75 33.24
N GLU D 20 27.07 -16.27 32.38
CA GLU D 20 27.75 -17.17 31.45
C GLU D 20 28.85 -17.99 32.12
N ARG D 21 29.22 -17.61 33.36
CA ARG D 21 30.16 -18.39 34.14
C ARG D 21 29.57 -19.72 34.61
N TYR D 22 28.25 -19.86 34.60
CA TYR D 22 27.56 -21.08 35.00
C TYR D 22 27.23 -21.97 33.81
N ALA D 23 27.97 -21.84 32.71
CA ALA D 23 27.65 -22.61 31.50
C ALA D 23 28.02 -24.07 31.65
N SER D 24 29.04 -24.40 32.43
CA SER D 24 29.49 -25.78 32.58
C SER D 24 28.86 -26.48 33.79
N LYS D 25 28.05 -25.79 34.58
CA LYS D 25 27.38 -26.38 35.72
C LYS D 25 25.89 -26.48 35.47
N ARG D 26 25.25 -27.43 36.17
CA ARG D 26 23.82 -27.69 36.05
C ARG D 26 23.07 -26.94 37.14
N ALA D 27 22.22 -26.00 36.73
CA ALA D 27 21.46 -25.17 37.66
C ALA D 27 19.97 -25.48 37.57
N ALA D 28 19.28 -25.28 38.68
CA ALA D 28 17.83 -25.45 38.77
C ALA D 28 17.21 -24.20 39.36
N ILE D 29 16.12 -23.74 38.76
CA ILE D 29 15.43 -22.53 39.18
C ILE D 29 13.97 -22.87 39.50
N CYS D 30 13.45 -22.25 40.56
CA CYS D 30 12.10 -22.51 41.04
C CYS D 30 11.28 -21.23 41.05
N GLU D 31 10.07 -21.29 40.50
CA GLU D 31 9.17 -20.14 40.45
C GLU D 31 7.74 -20.66 40.58
N GLN D 32 7.16 -20.55 41.78
CA GLN D 32 5.83 -21.07 42.02
C GLN D 32 4.75 -20.22 41.34
N GLY D 33 5.02 -18.94 41.14
CA GLY D 33 4.05 -18.03 40.54
C GLY D 33 4.35 -17.78 39.06
N THR D 34 4.12 -16.55 38.64
CA THR D 34 4.39 -16.15 37.26
C THR D 34 5.86 -15.75 37.13
N PHE D 35 6.45 -16.09 35.99
CA PHE D 35 7.86 -15.80 35.78
C PHE D 35 8.10 -14.30 35.72
N GLY D 36 9.26 -13.89 36.25
CA GLY D 36 9.66 -12.50 36.28
C GLY D 36 9.71 -11.92 37.68
N GLY D 37 8.89 -12.43 38.58
CA GLY D 37 8.85 -11.94 39.95
C GLY D 37 7.66 -11.06 40.22
N THR D 38 7.80 -10.26 41.28
CA THR D 38 6.74 -9.36 41.71
C THR D 38 6.86 -7.97 41.10
N CYS D 39 8.06 -7.40 41.10
CA CYS D 39 8.24 -6.02 40.65
C CYS D 39 7.78 -5.83 39.20
N LEU D 40 8.13 -6.76 38.31
CA LEU D 40 7.79 -6.60 36.90
C LEU D 40 6.32 -6.89 36.66
N ASN D 41 5.81 -8.00 37.18
CA ASN D 41 4.46 -8.44 36.85
C ASN D 41 3.40 -7.66 37.62
N VAL D 42 3.59 -7.49 38.93
CA VAL D 42 2.57 -6.90 39.78
C VAL D 42 3.18 -5.93 40.79
N GLY D 43 4.22 -5.21 40.37
CA GLY D 43 4.92 -4.36 41.32
C GLY D 43 5.33 -2.99 40.80
N CYS D 44 6.63 -2.69 40.88
CA CYS D 44 7.11 -1.34 40.57
C CYS D 44 6.79 -0.95 39.13
N ILE D 45 7.13 -1.81 38.17
CA ILE D 45 6.96 -1.47 36.76
C ILE D 45 5.50 -1.24 36.37
N PRO D 46 4.58 -2.17 36.66
CA PRO D 46 3.19 -1.93 36.23
C PRO D 46 2.48 -0.82 37.00
N THR D 47 2.77 -0.66 38.29
CA THR D 47 2.09 0.36 39.07
C THR D 47 2.45 1.75 38.57
N LYS D 48 3.75 2.01 38.36
CA LYS D 48 4.19 3.32 37.91
C LYS D 48 3.74 3.64 36.49
N MET D 49 3.43 2.62 35.68
CA MET D 49 2.83 2.87 34.38
C MET D 49 1.43 3.45 34.53
N PHE D 50 0.63 2.85 35.43
CA PHE D 50 -0.69 3.41 35.72
C PHE D 50 -0.57 4.78 36.39
N VAL D 51 0.50 5.00 37.16
CA VAL D 51 0.70 6.28 37.83
C VAL D 51 0.87 7.38 36.79
N TYR D 52 1.71 7.13 35.78
CA TYR D 52 1.96 8.13 34.74
C TYR D 52 0.69 8.47 33.98
N ALA D 53 -0.16 7.48 33.73
CA ALA D 53 -1.44 7.75 33.09
C ALA D 53 -2.31 8.64 33.97
N ALA D 54 -2.28 8.42 35.28
CA ALA D 54 -3.03 9.27 36.19
C ALA D 54 -2.49 10.69 36.19
N GLU D 55 -1.16 10.84 36.09
CA GLU D 55 -0.57 12.17 36.05
C GLU D 55 -0.94 12.93 34.78
N VAL D 56 -1.16 12.23 33.67
CA VAL D 56 -1.60 12.90 32.45
C VAL D 56 -3.00 13.48 32.62
N ALA D 57 -3.92 12.69 33.19
CA ALA D 57 -5.26 13.19 33.45
C ALA D 57 -5.23 14.31 34.47
N LYS D 58 -4.33 14.21 35.45
CA LYS D 58 -4.19 15.27 36.46
C LYS D 58 -3.74 16.58 35.82
N THR D 59 -2.87 16.50 34.82
CA THR D 59 -2.42 17.71 34.14
C THR D 59 -3.55 18.37 33.36
N ILE D 60 -4.38 17.58 32.68
CA ILE D 60 -5.46 18.13 31.87
C ILE D 60 -6.50 18.81 32.76
N ARG D 61 -6.78 18.21 33.93
CA ARG D 61 -7.82 18.75 34.79
C ARG D 61 -7.43 20.11 35.34
N GLY D 62 -6.16 20.30 35.66
CA GLY D 62 -5.69 21.56 36.22
C GLY D 62 -5.07 22.47 35.17
N ALA D 63 -5.43 22.25 33.91
CA ALA D 63 -4.86 23.07 32.84
C ALA D 63 -5.38 24.50 32.88
N SER D 64 -6.57 24.71 33.47
CA SER D 64 -7.13 26.07 33.55
C SER D 64 -6.25 26.98 34.39
N ARG D 65 -5.47 26.42 35.31
CA ARG D 65 -4.61 27.21 36.18
C ARG D 65 -3.56 27.98 35.39
N TYR D 66 -3.13 27.45 34.25
CA TYR D 66 -2.10 28.06 33.43
C TYR D 66 -2.65 28.86 32.26
N GLY D 67 -3.96 28.87 32.06
CA GLY D 67 -4.58 29.63 30.98
C GLY D 67 -5.11 28.80 29.83
N ILE D 68 -5.05 27.47 29.91
CA ILE D 68 -5.51 26.59 28.85
C ILE D 68 -6.78 25.90 29.35
N ASP D 69 -7.91 26.20 28.72
CA ASP D 69 -9.18 25.56 29.05
C ASP D 69 -9.30 24.27 28.26
N ALA D 70 -9.29 23.14 28.97
CA ALA D 70 -9.37 21.83 28.34
C ALA D 70 -10.32 20.96 29.16
N HIS D 71 -10.65 19.79 28.60
CA HIS D 71 -11.58 18.89 29.27
C HIS D 71 -11.33 17.47 28.77
N ILE D 72 -11.52 16.52 29.67
CA ILE D 72 -11.34 15.10 29.36
C ILE D 72 -12.67 14.53 28.87
N ASP D 73 -12.64 13.90 27.69
CA ASP D 73 -13.88 13.36 27.13
C ASP D 73 -14.19 11.98 27.70
N ARG D 74 -13.20 11.10 27.75
CA ARG D 74 -13.39 9.75 28.26
C ARG D 74 -12.06 9.20 28.71
N VAL D 75 -12.11 8.31 29.70
CA VAL D 75 -10.93 7.61 30.21
C VAL D 75 -11.10 6.13 29.86
N ARG D 76 -10.42 5.70 28.79
CA ARG D 76 -10.52 4.32 28.32
C ARG D 76 -9.66 3.42 29.21
N TRP D 77 -10.23 3.05 30.35
CA TRP D 77 -9.50 2.22 31.31
C TRP D 77 -9.16 0.85 30.72
N ASP D 78 -10.03 0.31 29.86
CA ASP D 78 -9.76 -1.00 29.26
C ASP D 78 -8.52 -0.94 28.36
N ASP D 79 -8.33 0.16 27.65
CA ASP D 79 -7.15 0.31 26.80
C ASP D 79 -5.89 0.63 27.60
N VAL D 80 -6.05 1.23 28.79
CA VAL D 80 -4.89 1.48 29.63
C VAL D 80 -4.36 0.16 30.20
N VAL D 81 -5.26 -0.72 30.63
CA VAL D 81 -4.84 -2.02 31.14
C VAL D 81 -4.21 -2.85 30.04
N SER D 82 -4.78 -2.81 28.83
CA SER D 82 -4.22 -3.58 27.73
C SER D 82 -2.86 -3.05 27.31
N ARG D 83 -2.67 -1.73 27.37
CA ARG D 83 -1.39 -1.14 26.99
C ARG D 83 -0.30 -1.49 28.01
N VAL D 84 -0.65 -1.52 29.30
CA VAL D 84 0.33 -1.81 30.33
C VAL D 84 0.74 -3.27 30.29
N PHE D 85 -0.24 -4.17 30.45
CA PHE D 85 0.07 -5.60 30.54
C PHE D 85 0.35 -6.22 29.17
N GLY D 86 0.01 -5.54 28.08
CA GLY D 86 0.45 -6.00 26.78
C GLY D 86 1.94 -5.92 26.58
N ARG D 87 2.62 -5.12 27.41
CA ARG D 87 4.07 -5.05 27.42
C ARG D 87 4.70 -6.01 28.41
N ILE D 88 4.04 -6.24 29.55
CA ILE D 88 4.62 -7.03 30.63
C ILE D 88 4.37 -8.52 30.43
N ASP D 89 3.12 -8.90 30.15
CA ASP D 89 2.76 -10.31 30.05
C ASP D 89 3.60 -11.11 29.06
N PRO D 90 3.93 -10.62 27.86
CA PRO D 90 4.80 -11.40 26.97
C PRO D 90 6.20 -11.62 27.52
N ILE D 91 6.69 -10.75 28.41
CA ILE D 91 8.01 -10.94 28.99
C ILE D 91 8.05 -12.19 29.86
N ALA D 92 6.96 -12.48 30.56
CA ALA D 92 6.92 -13.67 31.40
C ALA D 92 7.05 -14.94 30.57
N LEU D 93 6.54 -14.95 29.33
CA LEU D 93 6.70 -16.11 28.48
C LEU D 93 8.10 -16.18 27.88
N SER D 94 8.63 -15.04 27.42
CA SER D 94 9.95 -15.03 26.82
C SER D 94 11.04 -15.32 27.84
N GLY D 95 10.95 -14.70 29.03
CA GLY D 95 11.95 -14.95 30.05
C GLY D 95 11.90 -16.36 30.61
N GLU D 96 10.70 -16.96 30.67
CA GLU D 96 10.60 -18.32 31.16
C GLU D 96 11.13 -19.32 30.14
N ASP D 97 10.89 -19.06 28.84
CA ASP D 97 11.40 -19.94 27.80
C ASP D 97 12.92 -19.83 27.67
N TYR D 98 13.48 -18.66 28.01
CA TYR D 98 14.92 -18.49 27.90
C TYR D 98 15.69 -19.40 28.86
N ARG D 99 15.11 -19.69 30.03
CA ARG D 99 15.77 -20.56 30.99
C ARG D 99 15.44 -22.03 30.80
N ARG D 100 14.19 -22.37 30.49
CA ARG D 100 13.81 -23.77 30.35
C ARG D 100 14.45 -24.40 29.11
N CYS D 101 14.50 -23.67 28.00
CA CYS D 101 15.05 -24.21 26.77
C CYS D 101 16.56 -24.42 26.85
N ALA D 102 17.23 -23.87 27.86
CA ALA D 102 18.64 -24.14 28.05
C ALA D 102 18.82 -25.57 28.53
N PRO D 103 19.70 -26.35 27.90
CA PRO D 103 19.81 -27.78 28.28
C PRO D 103 20.37 -27.99 29.68
N ASN D 104 21.15 -27.05 30.20
CA ASN D 104 21.75 -27.20 31.52
C ASN D 104 20.91 -26.64 32.65
N ILE D 105 19.87 -25.87 32.34
CA ILE D 105 19.00 -25.26 33.33
C ILE D 105 17.64 -25.95 33.29
N ASP D 106 17.17 -26.39 34.46
CA ASP D 106 15.84 -26.97 34.61
C ASP D 106 14.99 -26.06 35.49
N VAL D 107 13.75 -25.84 35.08
CA VAL D 107 12.83 -24.92 35.74
C VAL D 107 11.72 -25.71 36.41
N TYR D 108 11.48 -25.42 37.69
CA TYR D 108 10.38 -26.01 38.45
C TYR D 108 9.35 -24.93 38.74
N ARG D 109 8.08 -25.22 38.46
CA ARG D 109 7.01 -24.23 38.55
C ARG D 109 6.02 -24.55 39.66
N THR D 110 6.45 -25.26 40.70
CA THR D 110 5.61 -25.56 41.85
C THR D 110 6.29 -25.08 43.11
N HIS D 111 5.52 -25.00 44.19
CA HIS D 111 6.04 -24.54 45.47
C HIS D 111 7.11 -25.51 45.99
N THR D 112 8.30 -24.99 46.25
CA THR D 112 9.44 -25.79 46.68
C THR D 112 9.72 -25.57 48.16
N ARG D 113 9.90 -26.65 48.90
CA ARG D 113 10.21 -26.60 50.32
C ARG D 113 11.55 -27.27 50.57
N PHE D 114 12.14 -26.96 51.73
CA PHE D 114 13.42 -27.55 52.10
C PHE D 114 13.23 -28.91 52.73
N GLY D 115 14.08 -29.86 52.32
CA GLY D 115 14.07 -31.19 52.89
C GLY D 115 15.26 -31.40 53.81
N PRO D 116 15.34 -32.58 54.41
CA PRO D 116 16.49 -32.89 55.28
C PRO D 116 17.78 -32.96 54.48
N VAL D 117 18.85 -32.41 55.06
CA VAL D 117 20.14 -32.40 54.39
C VAL D 117 20.64 -33.83 54.21
N GLN D 118 21.17 -34.12 53.03
CA GLN D 118 21.64 -35.46 52.73
C GLN D 118 22.95 -35.75 53.46
N ALA D 119 23.32 -37.03 53.49
CA ALA D 119 24.50 -37.45 54.22
C ALA D 119 25.78 -36.85 53.65
N ASP D 120 25.85 -36.73 52.32
CA ASP D 120 27.05 -36.18 51.69
C ASP D 120 27.21 -34.69 51.90
N GLY D 121 26.22 -34.02 52.50
CA GLY D 121 26.27 -32.60 52.76
C GLY D 121 25.47 -31.74 51.80
N ARG D 122 24.94 -32.32 50.73
CA ARG D 122 24.15 -31.58 49.77
C ARG D 122 22.71 -31.42 50.25
N TYR D 123 22.08 -30.33 49.84
CA TYR D 123 20.75 -29.98 50.32
C TYR D 123 19.67 -30.58 49.43
N LEU D 124 18.71 -31.26 50.06
CA LEU D 124 17.59 -31.86 49.35
C LEU D 124 16.45 -30.86 49.25
N LEU D 125 15.85 -30.78 48.06
CA LEU D 125 14.73 -29.88 47.81
C LEU D 125 13.57 -30.69 47.25
N ARG D 126 12.37 -30.43 47.77
CA ARG D 126 11.16 -31.14 47.35
C ARG D 126 10.10 -30.12 46.97
N THR D 127 9.47 -30.32 45.83
CA THR D 127 8.40 -29.46 45.34
C THR D 127 7.05 -30.06 45.68
N ASP D 128 6.01 -29.21 45.65
CA ASP D 128 4.66 -29.64 45.96
C ASP D 128 4.09 -30.59 44.92
N ALA D 129 4.74 -30.73 43.76
CA ALA D 129 4.31 -31.66 42.73
C ALA D 129 4.85 -33.07 42.93
N GLY D 130 5.79 -33.26 43.85
CA GLY D 130 6.36 -34.56 44.12
C GLY D 130 7.73 -34.81 43.55
N GLU D 131 8.49 -33.77 43.24
CA GLU D 131 9.82 -33.90 42.64
C GLU D 131 10.89 -33.66 43.70
N GLU D 132 11.83 -34.59 43.79
CA GLU D 132 12.94 -34.51 44.73
C GLU D 132 14.25 -34.41 43.96
N PHE D 133 15.11 -33.49 44.37
CA PHE D 133 16.42 -33.33 43.73
C PHE D 133 17.37 -32.70 44.75
N THR D 134 18.66 -32.73 44.41
CA THR D 134 19.70 -32.22 45.30
C THR D 134 20.48 -31.12 44.60
N ALA D 135 21.16 -30.31 45.42
CA ALA D 135 21.96 -29.20 44.90
C ALA D 135 23.08 -28.91 45.88
N GLU D 136 24.23 -28.50 45.33
CA GLU D 136 25.38 -28.15 46.17
C GLU D 136 25.19 -26.78 46.82
N GLN D 137 24.84 -25.78 46.03
CA GLN D 137 24.57 -24.43 46.53
C GLN D 137 23.11 -24.08 46.31
N VAL D 138 22.56 -23.31 47.25
CA VAL D 138 21.15 -22.92 47.21
C VAL D 138 21.07 -21.42 47.49
N VAL D 139 20.29 -20.70 46.66
CA VAL D 139 20.05 -19.28 46.83
C VAL D 139 18.58 -19.07 47.16
N ILE D 140 18.32 -18.37 48.25
CA ILE D 140 16.95 -18.14 48.73
C ILE D 140 16.56 -16.71 48.36
N ALA D 141 15.63 -16.58 47.41
CA ALA D 141 15.08 -15.29 47.00
C ALA D 141 13.56 -15.38 46.91
N ALA D 142 12.92 -15.88 47.98
CA ALA D 142 11.49 -16.12 47.97
C ALA D 142 10.66 -14.84 48.04
N GLY D 143 11.28 -13.69 48.30
CA GLY D 143 10.54 -12.45 48.31
C GLY D 143 9.55 -12.36 49.47
N SER D 144 8.45 -11.65 49.23
CA SER D 144 7.44 -11.41 50.25
C SER D 144 6.05 -11.59 49.65
N ARG D 145 5.05 -11.55 50.51
CA ARG D 145 3.65 -11.71 50.13
C ARG D 145 2.78 -10.79 50.97
N PRO D 146 1.63 -10.38 50.46
CA PRO D 146 0.77 -9.46 51.21
C PRO D 146 0.19 -10.09 52.46
N VAL D 147 -0.17 -9.24 53.42
CA VAL D 147 -0.81 -9.65 54.67
C VAL D 147 -2.20 -9.05 54.69
N ILE D 148 -3.20 -9.88 54.96
CA ILE D 148 -4.60 -9.46 55.01
C ILE D 148 -5.05 -9.51 56.46
N PRO D 149 -5.72 -8.49 56.97
CA PRO D 149 -6.19 -8.50 58.36
C PRO D 149 -7.12 -9.67 58.62
N PRO D 150 -7.01 -10.32 59.78
CA PRO D 150 -7.87 -11.49 60.04
C PRO D 150 -9.34 -11.16 60.09
N ALA D 151 -9.71 -9.94 60.50
CA ALA D 151 -11.12 -9.57 60.53
C ALA D 151 -11.73 -9.52 59.14
N ILE D 152 -10.94 -9.11 58.14
CA ILE D 152 -11.45 -9.07 56.78
C ILE D 152 -11.58 -10.48 56.22
N LEU D 153 -10.64 -11.37 56.56
CA LEU D 153 -10.69 -12.74 56.08
C LEU D 153 -11.90 -13.48 56.65
N ALA D 154 -12.19 -13.29 57.94
CA ALA D 154 -13.32 -13.99 58.56
C ALA D 154 -14.65 -13.44 58.08
N SER D 155 -14.68 -12.25 57.49
CA SER D 155 -15.92 -11.68 57.00
C SER D 155 -16.36 -12.28 55.68
N GLY D 156 -15.42 -12.80 54.90
CA GLY D 156 -15.75 -13.37 53.61
C GLY D 156 -16.03 -12.37 52.51
N VAL D 157 -15.60 -11.13 52.66
CA VAL D 157 -15.85 -10.12 51.65
C VAL D 157 -14.82 -10.20 50.54
N ASP D 158 -15.19 -9.73 49.37
CA ASP D 158 -14.28 -9.70 48.23
C ASP D 158 -13.35 -8.50 48.36
N TYR D 159 -12.05 -8.77 48.48
CA TYR D 159 -11.04 -7.74 48.62
C TYR D 159 -10.02 -7.86 47.49
N HIS D 160 -9.23 -6.80 47.32
CA HIS D 160 -8.20 -6.76 46.30
C HIS D 160 -6.86 -6.40 46.92
N THR D 161 -5.80 -6.88 46.29
CA THR D 161 -4.42 -6.55 46.66
C THR D 161 -3.71 -5.96 45.46
N SER D 162 -2.42 -5.64 45.64
CA SER D 162 -1.63 -5.13 44.53
C SER D 162 -1.45 -6.17 43.43
N ASP D 163 -1.67 -7.45 43.74
CA ASP D 163 -1.51 -8.50 42.75
C ASP D 163 -2.71 -8.63 41.81
N THR D 164 -3.89 -8.18 42.24
CA THR D 164 -5.11 -8.39 41.48
C THR D 164 -5.87 -7.12 41.12
N VAL D 165 -5.64 -6.01 41.81
CA VAL D 165 -6.44 -4.81 41.58
C VAL D 165 -6.12 -4.15 40.24
N MET D 166 -4.95 -4.42 39.66
CA MET D 166 -4.57 -3.75 38.42
C MET D 166 -5.19 -4.39 37.18
N ARG D 167 -5.81 -5.56 37.31
CA ARG D 167 -6.43 -6.21 36.16
C ARG D 167 -7.95 -6.26 36.31
N ILE D 168 -8.55 -5.13 36.64
CA ILE D 168 -10.00 -5.02 36.76
C ILE D 168 -10.59 -4.53 35.45
N ALA D 169 -11.83 -4.94 35.17
CA ALA D 169 -12.44 -4.62 33.89
C ALA D 169 -12.81 -3.14 33.79
N GLU D 170 -13.49 -2.62 34.81
CA GLU D 170 -13.99 -1.25 34.78
C GLU D 170 -13.67 -0.54 36.09
N LEU D 171 -13.46 0.77 36.00
CA LEU D 171 -13.15 1.58 37.17
C LEU D 171 -14.40 1.77 38.03
N PRO D 172 -14.32 1.52 39.33
CA PRO D 172 -15.49 1.71 40.20
C PRO D 172 -15.73 3.18 40.47
N GLU D 173 -16.92 3.47 41.02
CA GLU D 173 -17.26 4.86 41.33
C GLU D 173 -16.60 5.33 42.62
N HIS D 174 -16.58 4.48 43.65
CA HIS D 174 -15.99 4.83 44.94
C HIS D 174 -15.25 3.62 45.49
N ILE D 175 -14.00 3.82 45.90
CA ILE D 175 -13.16 2.75 46.43
C ILE D 175 -12.68 3.13 47.83
N VAL D 176 -12.52 2.11 48.67
CA VAL D 176 -11.95 2.26 50.00
C VAL D 176 -10.66 1.46 50.07
N ILE D 177 -9.58 2.14 50.49
CA ILE D 177 -8.26 1.53 50.61
C ILE D 177 -7.93 1.43 52.09
N VAL D 178 -7.63 0.22 52.55
CA VAL D 178 -7.28 -0.04 53.94
C VAL D 178 -5.75 -0.16 54.00
N GLY D 179 -5.11 0.85 54.53
CA GLY D 179 -3.66 0.87 54.65
C GLY D 179 -3.14 2.29 54.59
N SER D 180 -1.87 2.44 54.97
CA SER D 180 -1.24 3.76 54.97
C SER D 180 0.17 3.73 54.38
N GLY D 181 0.57 2.65 53.72
CA GLY D 181 1.90 2.55 53.15
C GLY D 181 2.01 3.28 51.82
N PHE D 182 3.17 3.10 51.19
CA PHE D 182 3.40 3.73 49.89
C PHE D 182 2.53 3.10 48.80
N ILE D 183 2.17 1.82 48.97
CA ILE D 183 1.27 1.18 48.01
C ILE D 183 -0.12 1.80 48.11
N ALA D 184 -0.61 2.03 49.33
CA ALA D 184 -1.93 2.60 49.50
C ALA D 184 -2.00 4.03 48.98
N ALA D 185 -0.91 4.80 49.13
CA ALA D 185 -0.91 6.17 48.65
C ALA D 185 -0.77 6.26 47.14
N GLU D 186 0.08 5.41 46.54
CA GLU D 186 0.26 5.45 45.10
C GLU D 186 -1.00 5.03 44.38
N PHE D 187 -1.70 4.02 44.90
CA PHE D 187 -2.95 3.59 44.28
C PHE D 187 -4.06 4.62 44.53
N ALA D 188 -4.01 5.32 45.66
CA ALA D 188 -4.94 6.42 45.89
C ALA D 188 -4.73 7.53 44.87
N HIS D 189 -3.48 7.77 44.48
CA HIS D 189 -3.19 8.80 43.47
C HIS D 189 -3.70 8.38 42.10
N VAL D 190 -3.61 7.08 41.78
CA VAL D 190 -4.01 6.61 40.46
C VAL D 190 -5.52 6.71 40.27
N PHE D 191 -6.29 6.11 41.20
CA PHE D 191 -7.73 6.05 41.02
C PHE D 191 -8.38 7.42 41.19
N SER D 192 -7.87 8.24 42.10
CA SER D 192 -8.45 9.57 42.31
C SER D 192 -8.26 10.45 41.07
N ALA D 193 -7.09 10.39 40.44
CA ALA D 193 -6.84 11.19 39.26
C ALA D 193 -7.69 10.72 38.07
N LEU D 194 -8.05 9.44 38.04
CA LEU D 194 -8.88 8.92 36.97
C LEU D 194 -10.37 9.15 37.19
N GLY D 195 -10.75 9.76 38.31
CA GLY D 195 -12.13 10.11 38.55
C GLY D 195 -12.86 9.30 39.61
N VAL D 196 -12.15 8.50 40.39
CA VAL D 196 -12.78 7.65 41.40
C VAL D 196 -12.78 8.38 42.74
N ARG D 197 -13.85 8.22 43.50
CA ARG D 197 -13.94 8.78 44.85
C ARG D 197 -13.14 7.88 45.79
N VAL D 198 -12.15 8.45 46.46
CA VAL D 198 -11.19 7.71 47.27
C VAL D 198 -11.49 7.93 48.74
N THR D 199 -11.48 6.84 49.52
CA THR D 199 -11.67 6.88 50.96
C THR D 199 -10.60 6.02 51.61
N LEU D 200 -9.78 6.62 52.45
CA LEU D 200 -8.69 5.93 53.14
C LEU D 200 -9.11 5.59 54.56
N VAL D 201 -8.94 4.32 54.94
CA VAL D 201 -9.25 3.84 56.28
C VAL D 201 -7.93 3.39 56.90
N ILE D 202 -7.29 4.29 57.63
CA ILE D 202 -6.00 4.02 58.27
C ILE D 202 -6.21 3.80 59.76
N ARG D 203 -5.32 3.02 60.36
CA ARG D 203 -5.39 2.77 61.79
C ARG D 203 -4.62 3.79 62.61
N GLY D 204 -3.73 4.56 61.98
CA GLY D 204 -2.93 5.55 62.66
C GLY D 204 -3.50 6.95 62.48
N SER D 205 -2.63 7.94 62.64
CA SER D 205 -3.01 9.34 62.52
C SER D 205 -2.45 10.04 61.29
N CYS D 206 -1.40 9.51 60.68
CA CYS D 206 -0.77 10.13 59.53
C CYS D 206 -0.53 9.11 58.42
N LEU D 207 -0.57 9.60 57.18
CA LEU D 207 -0.26 8.81 56.01
C LEU D 207 1.24 8.78 55.76
N LEU D 208 1.69 7.72 55.08
CA LEU D 208 3.10 7.48 54.76
C LEU D 208 3.98 7.42 56.00
N ARG D 209 3.89 6.27 56.67
CA ARG D 209 4.75 6.05 57.81
C ARG D 209 6.18 5.85 57.30
N HIS D 210 7.14 5.78 58.24
CA HIS D 210 8.55 5.65 57.91
C HIS D 210 9.11 6.90 57.24
N CYS D 211 8.25 7.88 56.95
CA CYS D 211 8.68 9.13 56.35
C CYS D 211 9.11 10.16 57.39
N ASP D 212 9.73 11.24 56.90
CA ASP D 212 10.12 12.37 57.74
C ASP D 212 8.90 13.05 58.33
N ASP D 213 9.03 13.54 59.56
CA ASP D 213 7.89 14.12 60.27
C ASP D 213 7.37 15.38 59.57
N THR D 214 8.26 16.18 58.99
CA THR D 214 7.80 17.36 58.24
C THR D 214 7.01 16.96 57.01
N ILE D 215 7.50 15.97 56.28
CA ILE D 215 6.80 15.48 55.09
C ILE D 215 5.52 14.75 55.49
N CYS D 216 5.61 13.89 56.50
CA CYS D 216 4.46 13.10 56.92
C CYS D 216 3.29 13.99 57.32
N GLU D 217 3.55 15.07 58.06
CA GLU D 217 2.47 15.95 58.50
C GLU D 217 1.90 16.76 57.35
N ARG D 218 2.76 17.26 56.46
CA ARG D 218 2.27 18.10 55.37
C ARG D 218 1.56 17.28 54.30
N PHE D 219 2.06 16.10 53.97
CA PHE D 219 1.42 15.28 52.96
C PHE D 219 0.05 14.80 53.43
N THR D 220 -0.05 14.38 54.69
CA THR D 220 -1.35 13.97 55.23
C THR D 220 -2.33 15.12 55.23
N ARG D 221 -1.85 16.35 55.45
CA ARG D 221 -2.71 17.53 55.39
C ARG D 221 -3.22 17.74 53.97
N ILE D 222 -2.34 17.63 52.97
CA ILE D 222 -2.76 17.80 51.58
C ILE D 222 -3.72 16.71 51.17
N ALA D 223 -3.44 15.47 51.57
CA ALA D 223 -4.30 14.34 51.19
C ALA D 223 -5.67 14.44 51.84
N SER D 224 -5.77 15.08 53.02
CA SER D 224 -7.03 15.17 53.72
C SER D 224 -8.06 16.03 52.99
N THR D 225 -7.62 16.85 52.04
CA THR D 225 -8.55 17.71 51.31
C THR D 225 -9.13 17.04 50.07
N LYS D 226 -8.38 16.16 49.41
CA LYS D 226 -8.89 15.48 48.21
C LYS D 226 -9.44 14.09 48.48
N TRP D 227 -9.01 13.42 49.55
CA TRP D 227 -9.52 12.10 49.88
C TRP D 227 -10.15 12.08 51.27
N GLU D 228 -11.10 11.16 51.46
CA GLU D 228 -11.77 10.97 52.73
C GLU D 228 -10.87 10.11 53.63
N LEU D 229 -10.34 10.71 54.69
CA LEU D 229 -9.43 10.04 55.60
C LEU D 229 -10.19 9.61 56.85
N ARG D 230 -10.16 8.30 57.14
CA ARG D 230 -10.76 7.75 58.34
C ARG D 230 -9.60 7.30 59.23
N THR D 231 -9.23 8.15 60.19
CA THR D 231 -8.09 7.91 61.04
C THR D 231 -8.47 7.09 62.26
N HIS D 232 -7.51 6.32 62.76
CA HIS D 232 -7.67 5.54 63.99
C HIS D 232 -8.83 4.54 63.87
N ARG D 233 -9.00 3.98 62.68
CA ARG D 233 -10.08 3.05 62.41
C ARG D 233 -9.54 1.72 61.90
N ASN D 234 -10.22 0.63 62.28
CA ASN D 234 -9.89 -0.71 61.85
C ASN D 234 -11.15 -1.40 61.36
N VAL D 235 -11.03 -2.17 60.29
CA VAL D 235 -12.16 -2.92 59.76
C VAL D 235 -12.37 -4.16 60.62
N VAL D 236 -13.56 -4.29 61.19
CA VAL D 236 -13.87 -5.41 62.06
C VAL D 236 -14.80 -6.42 61.43
N ASP D 237 -15.72 -6.01 60.57
CA ASP D 237 -16.65 -6.92 59.93
C ASP D 237 -17.05 -6.37 58.57
N GLY D 238 -17.68 -7.19 57.76
CA GLY D 238 -18.12 -6.77 56.44
C GLY D 238 -19.00 -7.83 55.81
N GLN D 239 -19.80 -7.39 54.84
CA GLN D 239 -20.70 -8.27 54.12
C GLN D 239 -20.95 -7.69 52.73
N GLN D 240 -21.35 -8.58 51.81
CA GLN D 240 -21.59 -8.16 50.44
C GLN D 240 -22.79 -7.22 50.37
N ARG D 241 -22.71 -6.23 49.48
CA ARG D 241 -23.79 -5.27 49.28
C ARG D 241 -24.19 -5.19 47.80
N GLY D 242 -24.08 -6.31 47.09
CA GLY D 242 -24.37 -6.34 45.67
C GLY D 242 -23.10 -6.50 44.86
N SER D 243 -22.83 -5.56 43.96
CA SER D 243 -21.53 -5.50 43.31
C SER D 243 -20.47 -4.85 44.21
N GLY D 244 -20.90 -4.16 45.26
CA GLY D 244 -20.02 -3.51 46.19
C GLY D 244 -19.95 -4.22 47.52
N VAL D 245 -19.46 -3.50 48.53
CA VAL D 245 -19.26 -4.03 49.86
C VAL D 245 -19.67 -2.99 50.88
N ALA D 246 -20.07 -3.46 52.06
CA ALA D 246 -20.42 -2.59 53.19
C ALA D 246 -19.54 -2.99 54.37
N LEU D 247 -18.63 -2.09 54.76
CA LEU D 247 -17.65 -2.38 55.79
C LEU D 247 -18.03 -1.68 57.09
N ARG D 248 -17.96 -2.41 58.20
CA ARG D 248 -18.21 -1.87 59.52
C ARG D 248 -16.90 -1.58 60.22
N LEU D 249 -16.82 -0.41 60.85
CA LEU D 249 -15.61 0.04 61.53
C LEU D 249 -15.69 -0.26 63.02
N ASP D 250 -14.56 -0.07 63.71
CA ASP D 250 -14.46 -0.35 65.12
C ASP D 250 -15.25 0.64 65.98
N ASP D 251 -15.85 1.67 65.40
CA ASP D 251 -16.63 2.65 66.13
C ASP D 251 -18.12 2.57 65.82
N GLY D 252 -18.57 1.49 65.16
CA GLY D 252 -19.96 1.30 64.85
C GLY D 252 -20.40 1.87 63.52
N CYS D 253 -19.66 2.84 62.97
CA CYS D 253 -20.02 3.44 61.70
C CYS D 253 -19.69 2.49 60.55
N THR D 254 -20.57 2.47 59.55
CA THR D 254 -20.41 1.61 58.38
C THR D 254 -20.13 2.46 57.15
N ILE D 255 -19.38 1.88 56.22
CA ILE D 255 -18.99 2.55 54.98
C ILE D 255 -19.46 1.71 53.80
N ASN D 256 -20.17 2.36 52.87
CA ASN D 256 -20.61 1.74 51.64
C ASN D 256 -19.61 2.06 50.53
N ALA D 257 -19.20 1.05 49.77
CA ALA D 257 -18.22 1.24 48.73
C ALA D 257 -18.43 0.21 47.62
N ASP D 258 -17.84 0.49 46.45
CA ASP D 258 -17.94 -0.40 45.31
C ASP D 258 -16.77 -1.37 45.21
N LEU D 259 -15.60 -1.02 45.73
CA LEU D 259 -14.43 -1.88 45.64
C LEU D 259 -13.59 -1.73 46.89
N LEU D 260 -12.99 -2.84 47.33
CA LEU D 260 -12.16 -2.87 48.52
C LEU D 260 -10.74 -3.24 48.12
N LEU D 261 -9.77 -2.40 48.49
CA LEU D 261 -8.36 -2.64 48.24
C LEU D 261 -7.64 -2.72 49.58
N VAL D 262 -6.94 -3.83 49.82
CA VAL D 262 -6.23 -4.06 51.07
C VAL D 262 -4.74 -3.85 50.84
N ALA D 263 -4.15 -2.91 51.58
CA ALA D 263 -2.72 -2.63 51.52
C ALA D 263 -2.19 -2.39 52.93
N THR D 264 -2.28 -3.43 53.76
CA THR D 264 -1.91 -3.35 55.17
C THR D 264 -0.50 -3.87 55.46
N GLY D 265 0.33 -4.06 54.43
CA GLY D 265 1.70 -4.49 54.62
C GLY D 265 1.98 -5.84 53.97
N ARG D 266 3.25 -6.24 54.08
CA ARG D 266 3.74 -7.48 53.50
C ARG D 266 4.61 -8.20 54.51
N VAL D 267 4.70 -9.52 54.37
CA VAL D 267 5.53 -10.35 55.23
C VAL D 267 6.41 -11.24 54.36
N SER D 268 7.58 -11.60 54.89
CA SER D 268 8.51 -12.43 54.14
C SER D 268 7.94 -13.83 53.90
N ASN D 269 8.43 -14.48 52.86
CA ASN D 269 8.03 -15.83 52.52
C ASN D 269 8.92 -16.89 53.16
N ALA D 270 9.74 -16.51 54.13
CA ALA D 270 10.67 -17.46 54.73
C ALA D 270 9.97 -18.49 55.59
N ASP D 271 8.78 -18.17 56.12
CA ASP D 271 8.08 -19.08 57.01
C ASP D 271 7.52 -20.29 56.27
N LEU D 272 7.29 -20.19 54.95
CA LEU D 272 6.78 -21.30 54.16
C LEU D 272 7.90 -22.02 53.41
N LEU D 273 9.06 -22.15 54.03
CA LEU D 273 10.23 -22.75 53.38
C LEU D 273 10.80 -23.95 54.12
N ASP D 274 10.48 -24.15 55.40
CA ASP D 274 11.07 -25.19 56.22
C ASP D 274 12.60 -25.08 56.22
N ALA D 275 13.10 -23.84 56.20
CA ALA D 275 14.54 -23.63 56.11
C ALA D 275 15.27 -24.03 57.38
N GLU D 276 14.59 -23.98 58.53
CA GLU D 276 15.22 -24.39 59.77
C GLU D 276 15.51 -25.88 59.80
N GLN D 277 14.73 -26.67 59.06
CA GLN D 277 14.92 -28.11 58.96
C GLN D 277 16.11 -28.48 58.07
N ALA D 278 16.75 -27.49 57.44
CA ALA D 278 17.89 -27.72 56.57
C ALA D 278 19.15 -26.99 57.03
N GLY D 279 19.10 -26.29 58.15
CA GLY D 279 20.26 -25.59 58.68
C GLY D 279 20.35 -24.12 58.35
N VAL D 280 19.30 -23.54 57.78
CA VAL D 280 19.24 -22.11 57.48
C VAL D 280 18.54 -21.42 58.64
N ASP D 281 19.25 -20.49 59.29
CA ASP D 281 18.68 -19.84 60.46
C ASP D 281 17.62 -18.83 60.06
N VAL D 282 16.54 -18.79 60.82
CA VAL D 282 15.43 -17.87 60.61
C VAL D 282 15.14 -17.20 61.94
N GLU D 283 15.18 -15.87 61.96
CA GLU D 283 14.82 -15.10 63.14
C GLU D 283 13.61 -14.23 62.81
N ASP D 284 12.76 -14.02 63.81
CA ASP D 284 11.49 -13.33 63.64
C ASP D 284 10.67 -14.04 62.57
N GLY D 285 10.74 -13.55 61.33
CA GLY D 285 10.08 -14.22 60.22
C GLY D 285 10.87 -14.11 58.94
N ARG D 286 12.11 -13.65 59.05
CA ARG D 286 12.98 -13.42 57.90
C ARG D 286 14.23 -14.26 58.03
N VAL D 287 14.93 -14.44 56.91
CA VAL D 287 16.15 -15.22 56.89
C VAL D 287 17.31 -14.34 57.35
N ILE D 288 18.13 -14.87 58.25
CA ILE D 288 19.27 -14.14 58.79
C ILE D 288 20.46 -14.30 57.84
N VAL D 289 20.99 -13.18 57.35
CA VAL D 289 22.19 -13.16 56.54
C VAL D 289 23.18 -12.17 57.13
N ASP D 290 24.45 -12.36 56.79
CA ASP D 290 25.51 -11.49 57.25
C ASP D 290 25.81 -10.45 56.15
N GLU D 291 26.97 -9.79 56.26
CA GLU D 291 27.34 -8.79 55.27
C GLU D 291 27.71 -9.41 53.92
N TYR D 292 27.86 -10.73 53.85
CA TYR D 292 28.13 -11.42 52.60
C TYR D 292 26.92 -12.19 52.10
N GLN D 293 25.73 -11.89 52.64
CA GLN D 293 24.47 -12.53 52.26
C GLN D 293 24.50 -14.04 52.49
N ARG D 294 25.35 -14.49 53.42
CA ARG D 294 25.45 -15.90 53.75
C ARG D 294 24.52 -16.26 54.90
N THR D 295 23.83 -17.38 54.75
CA THR D 295 22.96 -17.87 55.80
C THR D 295 23.75 -18.78 56.75
N SER D 296 23.06 -19.37 57.72
CA SER D 296 23.70 -20.24 58.69
C SER D 296 24.00 -21.63 58.15
N ALA D 297 23.80 -21.86 56.84
CA ALA D 297 24.08 -23.13 56.21
C ALA D 297 25.14 -22.93 55.14
N ARG D 298 26.16 -23.78 55.15
CA ARG D 298 27.27 -23.64 54.21
C ARG D 298 26.79 -23.85 52.79
N GLY D 299 27.03 -22.86 51.94
CA GLY D 299 26.62 -22.91 50.55
C GLY D 299 25.28 -22.30 50.24
N VAL D 300 24.56 -21.82 51.26
CA VAL D 300 23.24 -21.25 51.09
C VAL D 300 23.35 -19.74 51.21
N PHE D 301 22.89 -19.03 50.18
CA PHE D 301 22.83 -17.58 50.16
C PHE D 301 21.37 -17.13 50.18
N ALA D 302 21.16 -15.85 50.46
CA ALA D 302 19.82 -15.29 50.48
C ALA D 302 19.89 -13.82 50.09
N LEU D 303 18.81 -13.33 49.48
CA LEU D 303 18.75 -11.96 48.99
C LEU D 303 17.28 -11.58 48.80
N GLY D 304 17.04 -10.29 48.67
CA GLY D 304 15.71 -9.80 48.37
C GLY D 304 14.85 -9.63 49.61
N ASP D 305 13.53 -9.58 49.38
CA ASP D 305 12.59 -9.38 50.47
C ASP D 305 12.60 -10.51 51.49
N VAL D 306 13.12 -11.68 51.12
CA VAL D 306 13.12 -12.81 52.04
C VAL D 306 14.07 -12.61 53.21
N SER D 307 14.99 -11.65 53.11
CA SER D 307 15.98 -11.45 54.18
C SER D 307 16.25 -9.98 54.44
N SER D 308 16.33 -9.19 53.38
CA SER D 308 16.74 -7.79 53.50
C SER D 308 15.74 -6.99 54.32
N PRO D 309 16.21 -6.01 55.11
CA PRO D 309 15.29 -5.12 55.81
C PRO D 309 14.66 -4.07 54.91
N TYR D 310 15.27 -3.79 53.76
CA TYR D 310 14.72 -2.83 52.80
C TYR D 310 13.98 -3.59 51.70
N LEU D 311 12.69 -3.31 51.57
CA LEU D 311 11.86 -3.95 50.54
C LEU D 311 11.82 -3.06 49.29
N LEU D 312 13.00 -2.91 48.68
CA LEU D 312 13.17 -2.10 47.49
C LEU D 312 13.89 -2.91 46.43
N LYS D 313 13.61 -2.59 45.16
CA LYS D 313 14.18 -3.36 44.06
C LYS D 313 15.65 -3.05 43.86
N HIS D 314 16.05 -1.78 43.97
CA HIS D 314 17.45 -1.44 43.81
C HIS D 314 18.31 -2.00 44.94
N VAL D 315 17.72 -2.32 46.09
CA VAL D 315 18.46 -3.00 47.14
C VAL D 315 18.53 -4.50 46.87
N ALA D 316 17.40 -5.09 46.44
CA ALA D 316 17.40 -6.52 46.14
C ALA D 316 18.31 -6.85 44.96
N ASN D 317 18.45 -5.91 44.01
CA ASN D 317 19.36 -6.12 42.89
C ASN D 317 20.82 -5.96 43.31
N HIS D 318 21.09 -5.06 44.25
CA HIS D 318 22.44 -4.92 44.77
C HIS D 318 22.85 -6.14 45.58
N GLU D 319 21.90 -6.74 46.30
CA GLU D 319 22.20 -7.96 47.04
C GLU D 319 22.34 -9.15 46.11
N ALA D 320 21.59 -9.17 45.00
CA ALA D 320 21.74 -10.24 44.02
C ALA D 320 23.10 -10.19 43.33
N ARG D 321 23.66 -8.98 43.16
CA ARG D 321 24.99 -8.87 42.59
C ARG D 321 26.06 -9.34 43.58
N VAL D 322 25.83 -9.14 44.87
CA VAL D 322 26.75 -9.62 45.88
C VAL D 322 26.67 -11.14 46.00
N VAL D 323 25.45 -11.69 45.98
CA VAL D 323 25.28 -13.14 46.04
C VAL D 323 25.92 -13.81 44.83
N GLN D 324 25.72 -13.23 43.64
CA GLN D 324 26.29 -13.81 42.43
C GLN D 324 27.82 -13.82 42.48
N HIS D 325 28.42 -12.84 43.15
CA HIS D 325 29.88 -12.78 43.23
C HIS D 325 30.40 -13.70 44.33
N ASN D 326 29.81 -13.62 45.53
CA ASN D 326 30.28 -14.47 46.60
C ASN D 326 29.97 -15.95 46.35
N LEU D 327 29.08 -16.23 45.40
CA LEU D 327 28.90 -17.60 44.94
C LEU D 327 30.17 -18.02 44.20
N LEU D 328 30.54 -19.30 44.34
CA LEU D 328 31.73 -19.85 43.68
C LEU D 328 33.00 -19.19 44.19
N CYS D 329 32.91 -18.33 45.20
CA CYS D 329 34.04 -17.66 45.79
C CYS D 329 34.32 -18.28 47.14
N ASP D 330 34.58 -19.59 47.15
CA ASP D 330 34.90 -20.36 48.36
C ASP D 330 33.68 -20.21 49.28
N TRP D 331 33.87 -19.86 50.54
CA TRP D 331 32.78 -19.73 51.50
C TRP D 331 33.29 -18.90 52.66
N GLU D 332 34.59 -19.02 52.92
CA GLU D 332 35.25 -18.30 54.00
C GLU D 332 36.30 -17.30 53.55
N ASP D 333 36.62 -17.25 52.25
CA ASP D 333 37.59 -16.30 51.71
C ASP D 333 36.93 -14.93 51.67
N THR D 334 36.62 -14.41 52.86
CA THR D 334 35.82 -13.19 52.98
C THR D 334 36.56 -11.94 52.52
N GLN D 335 37.89 -11.92 52.58
CA GLN D 335 38.62 -10.77 52.05
C GLN D 335 38.71 -10.77 50.54
N SER D 336 38.45 -11.92 49.92
CA SER D 336 38.33 -12.00 48.47
C SER D 336 36.86 -11.98 48.09
N MET D 337 36.01 -11.60 49.05
CA MET D 337 34.57 -11.48 48.90
C MET D 337 34.17 -10.01 48.87
N ILE D 338 32.88 -9.77 48.64
CA ILE D 338 32.32 -8.43 48.57
C ILE D 338 31.29 -8.26 49.68
N VAL D 339 31.23 -7.06 50.27
CA VAL D 339 30.34 -6.75 51.39
C VAL D 339 29.11 -6.04 50.85
N THR D 340 27.94 -6.37 51.41
CA THR D 340 26.72 -5.68 51.03
C THR D 340 26.69 -4.28 51.63
N ASP D 341 26.43 -3.29 50.78
CA ASP D 341 26.43 -1.87 51.18
C ASP D 341 24.99 -1.39 51.34
N HIS D 342 24.65 -0.91 52.54
CA HIS D 342 23.32 -0.36 52.79
C HIS D 342 23.36 1.10 53.20
N ARG D 343 24.48 1.79 52.97
CA ARG D 343 24.63 3.17 53.38
C ARG D 343 23.84 4.08 52.43
N TYR D 344 23.09 5.02 53.00
CA TYR D 344 22.27 5.95 52.23
C TYR D 344 21.36 5.23 51.25
N VAL D 345 20.27 4.65 51.74
CA VAL D 345 19.29 3.97 50.90
C VAL D 345 18.22 4.99 50.51
N PRO D 346 17.90 5.13 49.22
CA PRO D 346 16.85 6.06 48.83
C PRO D 346 15.51 5.39 48.64
N ALA D 347 14.45 6.18 48.58
CA ALA D 347 13.10 5.65 48.37
C ALA D 347 12.23 6.75 47.81
N ALA D 348 11.19 6.36 47.07
CA ALA D 348 10.29 7.31 46.45
C ALA D 348 8.85 6.80 46.59
N VAL D 349 7.92 7.74 46.72
CA VAL D 349 6.50 7.44 46.79
C VAL D 349 5.82 8.25 45.71
N PHE D 350 5.29 7.56 44.69
CA PHE D 350 4.73 8.22 43.51
C PHE D 350 3.27 8.57 43.78
N THR D 351 3.08 9.64 44.56
CA THR D 351 1.76 10.15 44.88
C THR D 351 1.69 11.62 44.43
N ASP D 352 0.64 12.32 44.83
CA ASP D 352 0.49 13.75 44.56
C ASP D 352 0.42 14.50 45.88
N PRO D 353 1.48 15.22 46.29
CA PRO D 353 2.75 15.43 45.58
C PRO D 353 3.71 14.25 45.70
N GLN D 354 4.65 14.15 44.76
CA GLN D 354 5.63 13.08 44.80
C GLN D 354 6.63 13.30 45.92
N ILE D 355 7.03 12.22 46.58
CA ILE D 355 7.94 12.27 47.71
C ILE D 355 9.11 11.35 47.47
N ALA D 356 10.32 11.82 47.78
CA ALA D 356 11.54 11.04 47.65
C ALA D 356 12.50 11.48 48.74
N ALA D 357 13.14 10.51 49.39
CA ALA D 357 13.99 10.81 50.54
C ALA D 357 15.17 9.87 50.58
N VAL D 358 16.23 10.33 51.24
CA VAL D 358 17.44 9.54 51.45
C VAL D 358 18.14 10.08 52.69
N GLY D 359 18.60 9.18 53.54
CA GLY D 359 19.31 9.55 54.74
C GLY D 359 18.41 9.63 55.96
N LEU D 360 18.94 10.30 56.98
CA LEU D 360 18.24 10.42 58.27
C LEU D 360 17.18 11.50 58.21
N THR D 361 16.17 11.33 59.06
CA THR D 361 15.14 12.35 59.27
C THR D 361 15.60 13.32 60.36
N GLU D 362 14.82 14.38 60.55
CA GLU D 362 15.17 15.38 61.56
C GLU D 362 15.14 14.78 62.95
N ASN D 363 14.11 13.99 63.27
CA ASN D 363 14.04 13.37 64.59
C ASN D 363 15.11 12.30 64.76
N GLN D 364 15.50 11.63 63.67
CA GLN D 364 16.52 10.60 63.76
C GLN D 364 17.89 11.19 64.08
N ALA D 365 18.24 12.31 63.45
CA ALA D 365 19.51 12.95 63.73
C ALA D 365 19.55 13.55 65.13
N VAL D 366 18.41 14.06 65.61
CA VAL D 366 18.37 14.61 66.97
C VAL D 366 18.51 13.49 67.99
N ALA D 367 17.83 12.37 67.77
CA ALA D 367 17.93 11.24 68.70
C ALA D 367 19.33 10.65 68.73
N LYS D 368 20.14 10.91 67.72
CA LYS D 368 21.51 10.42 67.64
C LYS D 368 22.51 11.43 68.23
N GLY D 369 22.01 12.53 68.78
CA GLY D 369 22.86 13.52 69.42
C GLY D 369 23.80 14.24 68.47
N LEU D 370 23.28 14.69 67.33
CA LEU D 370 24.05 15.41 66.32
C LEU D 370 23.66 16.87 66.32
N ASP D 371 24.67 17.74 66.22
CA ASP D 371 24.43 19.18 66.09
C ASP D 371 24.11 19.46 64.62
N ILE D 372 22.84 19.70 64.32
CA ILE D 372 22.36 19.71 62.95
C ILE D 372 21.85 21.08 62.56
N SER D 373 21.82 21.34 61.26
CA SER D 373 21.20 22.51 60.67
C SER D 373 20.18 22.06 59.63
N VAL D 374 18.97 22.58 59.70
CA VAL D 374 17.86 22.14 58.87
C VAL D 374 17.29 23.33 58.12
N LYS D 375 16.99 23.12 56.84
CA LYS D 375 16.35 24.15 56.01
C LYS D 375 15.27 23.52 55.14
N ILE D 376 14.15 24.23 55.02
CA ILE D 376 13.04 23.82 54.17
C ILE D 376 12.88 24.89 53.11
N GLN D 377 13.16 24.54 51.86
CA GLN D 377 13.11 25.46 50.73
C GLN D 377 11.87 25.17 49.89
N ASP D 378 11.14 26.22 49.53
CA ASP D 378 9.91 26.07 48.76
C ASP D 378 10.18 26.13 47.27
N TYR D 379 9.37 25.41 46.50
CA TYR D 379 9.47 25.46 45.05
C TYR D 379 9.12 26.86 44.54
N GLY D 380 8.16 27.53 45.19
CA GLY D 380 7.70 28.83 44.75
C GLY D 380 8.71 29.94 44.83
N ASP D 381 9.84 29.72 45.50
CA ASP D 381 10.88 30.73 45.61
C ASP D 381 11.91 30.65 44.50
N VAL D 382 11.79 29.67 43.61
CA VAL D 382 12.72 29.52 42.49
C VAL D 382 11.97 29.79 41.20
N ALA D 383 12.73 30.19 40.16
CA ALA D 383 12.12 30.61 38.90
C ALA D 383 11.28 29.52 38.28
N TYR D 384 11.70 28.26 38.40
CA TYR D 384 10.91 27.17 37.82
C TYR D 384 9.60 26.98 38.57
N GLY D 385 9.59 27.22 39.89
CA GLY D 385 8.33 27.17 40.62
C GLY D 385 7.38 28.27 40.21
N TRP D 386 7.92 29.38 39.70
CA TRP D 386 7.07 30.45 39.18
C TRP D 386 6.29 29.97 37.95
N ALA D 387 6.96 29.27 37.04
CA ALA D 387 6.29 28.77 35.85
C ALA D 387 5.22 27.73 36.18
N MET D 388 5.45 26.93 37.22
CA MET D 388 4.47 25.94 37.64
C MET D 388 3.39 26.51 38.54
N GLU D 389 3.56 27.75 39.03
CA GLU D 389 2.67 28.34 40.03
C GLU D 389 2.58 27.42 41.26
N ASP D 390 3.73 26.87 41.66
CA ASP D 390 3.75 25.91 42.74
C ASP D 390 3.55 26.61 44.08
N THR D 391 2.80 25.95 44.97
CA THR D 391 2.49 26.54 46.29
C THR D 391 2.62 25.53 47.42
N SER D 392 3.27 24.38 47.19
CA SER D 392 3.33 23.36 48.22
C SER D 392 4.63 22.57 48.16
N GLY D 393 5.34 22.64 47.04
CA GLY D 393 6.55 21.85 46.88
C GLY D 393 7.64 22.35 47.82
N ILE D 394 8.31 21.42 48.50
CA ILE D 394 9.37 21.75 49.45
C ILE D 394 10.50 20.74 49.31
N VAL D 395 11.67 21.15 49.80
CA VAL D 395 12.85 20.28 49.88
C VAL D 395 13.52 20.53 51.22
N LYS D 396 13.73 19.47 52.00
CA LYS D 396 14.24 19.56 53.35
C LYS D 396 15.60 18.88 53.43
N LEU D 397 16.60 19.60 53.91
CA LEU D 397 17.96 19.10 54.04
C LEU D 397 18.42 19.22 55.49
N ILE D 398 19.11 18.20 55.97
CA ILE D 398 19.69 18.18 57.31
C ILE D 398 21.19 17.96 57.17
N THR D 399 21.99 18.85 57.77
CA THR D 399 23.43 18.78 57.70
C THR D 399 24.03 18.84 59.10
N GLU D 400 25.16 18.19 59.28
CA GLU D 400 25.91 18.31 60.52
C GLU D 400 26.64 19.65 60.53
N ARG D 401 26.47 20.40 61.62
CA ARG D 401 27.01 21.76 61.66
C ARG D 401 28.54 21.76 61.60
N GLY D 402 29.17 20.81 62.28
CA GLY D 402 30.62 20.74 62.30
C GLY D 402 31.23 20.36 60.97
N SER D 403 30.94 19.16 60.50
CA SER D 403 31.56 18.66 59.27
C SER D 403 30.98 19.33 58.03
N GLY D 404 29.74 19.78 58.08
CA GLY D 404 29.11 20.34 56.90
C GLY D 404 28.62 19.30 55.91
N ARG D 405 28.53 18.04 56.31
CA ARG D 405 28.10 16.97 55.43
C ARG D 405 26.59 16.79 55.48
N LEU D 406 26.05 16.21 54.41
CA LEU D 406 24.61 15.96 54.34
C LEU D 406 24.23 14.79 55.22
N LEU D 407 23.22 14.99 56.06
CA LEU D 407 22.69 13.92 56.90
C LEU D 407 21.39 13.34 56.37
N GLY D 408 20.56 14.14 55.73
CA GLY D 408 19.32 13.67 55.16
C GLY D 408 18.77 14.64 54.16
N ALA D 409 17.96 14.12 53.23
CA ALA D 409 17.34 14.93 52.19
C ALA D 409 15.95 14.39 51.93
N HIS D 410 14.94 15.23 52.12
CA HIS D 410 13.54 14.84 51.97
C HIS D 410 12.84 15.86 51.08
N ILE D 411 12.35 15.42 49.93
CA ILE D 411 11.70 16.29 48.95
C ILE D 411 10.26 15.84 48.79
N MET D 412 9.35 16.81 48.74
CA MET D 412 7.94 16.56 48.45
C MET D 412 7.50 17.60 47.41
N GLY D 413 7.39 17.17 46.16
CA GLY D 413 7.01 18.08 45.10
C GLY D 413 7.24 17.46 43.74
N TYR D 414 7.16 18.31 42.72
CA TYR D 414 7.31 17.87 41.34
C TYR D 414 8.69 17.26 41.10
N GLN D 415 8.71 16.08 40.49
CA GLN D 415 9.94 15.38 40.14
C GLN D 415 10.81 15.12 41.36
N ALA D 416 10.19 14.64 42.43
CA ALA D 416 10.92 14.39 43.67
C ALA D 416 11.96 13.29 43.49
N SER D 417 11.58 12.20 42.81
CA SER D 417 12.49 11.07 42.62
C SER D 417 13.64 11.40 41.66
N SER D 418 13.50 12.44 40.84
CA SER D 418 14.56 12.85 39.94
C SER D 418 15.47 13.90 40.56
N LEU D 419 14.89 14.82 41.34
CA LEU D 419 15.68 15.87 41.98
C LEU D 419 16.51 15.34 43.14
N ILE D 420 16.16 14.18 43.70
CA ILE D 420 16.88 13.64 44.84
C ILE D 420 18.20 13.00 44.45
N GLN D 421 18.41 12.72 43.16
CA GLN D 421 19.63 12.03 42.74
C GLN D 421 20.91 12.81 43.01
N PRO D 422 21.00 14.12 42.72
CA PRO D 422 22.23 14.84 43.09
C PRO D 422 22.53 14.83 44.58
N LEU D 423 21.50 14.73 45.42
CA LEU D 423 21.73 14.62 46.85
C LEU D 423 22.20 13.22 47.25
N ILE D 424 21.72 12.18 46.57
CA ILE D 424 22.20 10.83 46.83
C ILE D 424 23.68 10.71 46.49
N GLN D 425 24.10 11.37 45.40
CA GLN D 425 25.50 11.31 44.99
C GLN D 425 26.41 11.97 46.01
N ALA D 426 25.99 13.11 46.57
CA ALA D 426 26.83 13.81 47.53
C ALA D 426 26.98 13.02 48.81
N MET D 427 25.90 12.41 49.30
CA MET D 427 25.99 11.62 50.53
C MET D 427 26.80 10.34 50.30
N SER D 428 26.58 9.67 49.19
CA SER D 428 27.24 8.39 48.95
C SER D 428 28.75 8.56 48.79
N PHE D 429 29.21 9.70 48.28
CA PHE D 429 30.62 9.94 48.03
C PHE D 429 31.24 10.92 49.02
N GLY D 430 30.45 11.52 49.91
CA GLY D 430 31.01 12.36 50.95
C GLY D 430 31.25 13.79 50.53
N LEU D 431 30.28 14.38 49.83
CA LEU D 431 30.37 15.77 49.40
C LEU D 431 29.63 16.66 50.40
N THR D 432 30.26 17.77 50.78
CA THR D 432 29.65 18.68 51.74
C THR D 432 28.62 19.57 51.06
N ALA D 433 27.69 20.07 51.86
CA ALA D 433 26.60 20.88 51.33
C ALA D 433 27.12 22.18 50.72
N ALA D 434 28.07 22.83 51.38
CA ALA D 434 28.62 24.07 50.85
C ALA D 434 29.38 23.85 49.56
N GLU D 435 30.05 22.70 49.42
CA GLU D 435 30.79 22.41 48.20
C GLU D 435 29.84 22.11 47.04
N MET D 436 28.75 21.38 47.31
CA MET D 436 27.82 21.04 46.25
C MET D 436 27.10 22.28 45.70
N ALA D 437 26.92 23.30 46.54
CA ALA D 437 26.15 24.47 46.13
C ALA D 437 26.94 25.35 45.16
N ARG D 438 28.19 25.65 45.49
CA ARG D 438 28.99 26.58 44.70
C ARG D 438 30.13 25.93 43.92
N GLY D 439 30.38 24.64 44.13
CA GLY D 439 31.44 23.97 43.40
C GLY D 439 31.08 23.50 42.02
N GLN D 440 29.81 23.56 41.66
CA GLN D 440 29.35 23.11 40.34
C GLN D 440 28.37 24.14 39.79
N TYR D 441 28.07 24.01 38.50
CA TYR D 441 27.13 24.89 37.84
C TYR D 441 25.72 24.31 37.90
N TRP D 442 24.74 25.20 38.01
CA TRP D 442 23.33 24.83 38.02
C TRP D 442 22.63 25.55 36.88
N ILE D 443 21.95 24.80 36.03
CA ILE D 443 21.30 25.37 34.86
C ILE D 443 20.19 26.31 35.30
N HIS D 444 20.17 27.51 34.73
CA HIS D 444 19.15 28.49 35.03
C HIS D 444 18.19 28.65 33.87
N PRO D 445 16.87 28.64 34.11
CA PRO D 445 16.21 28.45 35.40
C PRO D 445 15.60 27.05 35.51
N ALA D 446 16.44 26.02 35.57
CA ALA D 446 15.99 24.65 35.64
C ALA D 446 15.48 24.30 37.04
N LEU D 447 14.91 23.10 37.16
CA LEU D 447 14.39 22.65 38.45
C LEU D 447 15.45 22.47 39.52
N PRO D 448 16.66 21.93 39.25
CA PRO D 448 17.64 21.75 40.33
C PRO D 448 18.04 23.04 41.03
N GLU D 449 17.52 24.19 40.58
CA GLU D 449 17.75 25.43 41.30
C GLU D 449 17.11 25.40 42.68
N VAL D 450 16.04 24.62 42.85
CA VAL D 450 15.41 24.51 44.15
C VAL D 450 16.29 23.69 45.10
N VAL D 451 17.08 22.76 44.55
CA VAL D 451 18.04 22.04 45.37
C VAL D 451 19.26 22.90 45.66
N GLU D 452 19.67 23.73 44.69
CA GLU D 452 20.78 24.63 44.89
C GLU D 452 20.48 25.65 45.99
N ASN D 453 19.30 26.27 45.91
CA ASN D 453 18.93 27.27 46.92
C ASN D 453 18.72 26.62 48.28
N ALA D 454 18.28 25.36 48.29
CA ALA D 454 18.16 24.65 49.57
C ALA D 454 19.54 24.39 50.18
N LEU D 455 20.53 24.11 49.34
CA LEU D 455 21.89 23.94 49.84
C LEU D 455 22.48 25.28 50.25
N LEU D 456 22.21 26.33 49.47
CA LEU D 456 22.67 27.66 49.82
C LEU D 456 21.99 28.17 51.09
N GLY D 457 20.73 27.76 51.30
CA GLY D 457 20.01 28.26 52.45
C GLY D 457 20.43 27.67 53.78
N LEU D 458 21.25 26.62 53.77
CA LEU D 458 21.73 26.07 55.03
C LEU D 458 22.81 26.94 55.66
N ARG D 459 23.48 27.76 54.86
CA ARG D 459 24.51 28.69 55.29
C ARG D 459 25.70 27.99 55.96
N MET E 1 29.89 -6.13 -51.37
CA MET E 1 28.44 -6.11 -51.55
C MET E 1 27.80 -7.31 -50.85
N GLU E 2 26.57 -7.14 -50.38
CA GLU E 2 25.87 -8.17 -49.62
C GLU E 2 24.90 -8.93 -50.50
N THR E 3 24.86 -10.25 -50.33
CA THR E 3 23.97 -11.12 -51.07
C THR E 3 22.86 -11.60 -50.15
N TYR E 4 21.63 -11.55 -50.64
CA TYR E 4 20.46 -11.99 -49.88
C TYR E 4 19.67 -12.98 -50.70
N ASP E 5 18.91 -13.83 -50.00
CA ASP E 5 18.05 -14.80 -50.65
C ASP E 5 16.69 -14.22 -51.01
N ILE E 6 16.18 -13.29 -50.20
CA ILE E 6 14.88 -12.65 -50.45
C ILE E 6 14.93 -11.24 -49.89
N ALA E 7 14.38 -10.29 -50.64
CA ALA E 7 14.32 -8.90 -50.23
C ALA E 7 12.89 -8.42 -50.35
N ILE E 8 12.38 -7.77 -49.30
CA ILE E 8 11.02 -7.27 -49.25
C ILE E 8 11.07 -5.76 -49.07
N ILE E 9 10.34 -5.04 -49.92
CA ILE E 9 10.25 -3.59 -49.85
C ILE E 9 8.88 -3.24 -49.29
N GLY E 10 8.85 -2.79 -48.04
CA GLY E 10 7.60 -2.42 -47.40
C GLY E 10 7.21 -3.34 -46.26
N THR E 11 7.15 -2.80 -45.04
CA THR E 11 6.82 -3.57 -43.85
C THR E 11 5.33 -3.48 -43.49
N GLY E 12 4.48 -3.24 -44.48
CA GLY E 12 3.05 -3.27 -44.25
C GLY E 12 2.54 -4.69 -44.22
N SER E 13 1.93 -5.13 -45.32
CA SER E 13 1.56 -6.53 -45.45
C SER E 13 2.75 -7.40 -45.84
N GLY E 14 3.80 -6.80 -46.42
CA GLY E 14 4.99 -7.55 -46.74
C GLY E 14 5.77 -8.06 -45.54
N ASN E 15 5.54 -7.45 -44.37
CA ASN E 15 6.19 -7.92 -43.15
C ASN E 15 5.70 -9.31 -42.75
N SER E 16 4.48 -9.68 -43.14
CA SER E 16 3.89 -10.97 -42.80
C SER E 16 4.30 -12.08 -43.76
N ILE E 17 5.47 -11.97 -44.36
CA ILE E 17 5.97 -12.98 -45.29
C ILE E 17 7.05 -13.83 -44.64
N LEU E 18 8.04 -13.20 -44.00
CA LEU E 18 9.13 -13.93 -43.35
C LEU E 18 8.57 -14.73 -42.19
N ASP E 19 8.49 -16.05 -42.36
CA ASP E 19 7.96 -16.96 -41.36
C ASP E 19 9.09 -17.81 -40.80
N GLU E 20 8.73 -18.86 -40.06
CA GLU E 20 9.73 -19.80 -39.57
C GLU E 20 10.22 -20.73 -40.67
N ARG E 21 9.48 -20.81 -41.78
CA ARG E 21 9.94 -21.57 -42.95
C ARG E 21 11.09 -20.88 -43.67
N TYR E 22 11.29 -19.58 -43.44
CA TYR E 22 12.34 -18.82 -44.10
C TYR E 22 13.63 -18.76 -43.28
N ALA E 23 13.84 -19.69 -42.36
CA ALA E 23 15.03 -19.66 -41.54
C ALA E 23 16.25 -20.11 -42.35
N SER E 24 17.42 -19.93 -41.75
CA SER E 24 18.71 -20.28 -42.35
C SER E 24 19.01 -19.49 -43.63
N LYS E 25 18.10 -18.60 -44.04
CA LYS E 25 18.31 -17.77 -45.21
C LYS E 25 18.51 -16.32 -44.78
N ARG E 26 19.23 -15.57 -45.62
CA ARG E 26 19.53 -14.16 -45.34
C ARG E 26 18.50 -13.29 -46.04
N ALA E 27 17.71 -12.56 -45.27
CA ALA E 27 16.66 -11.71 -45.80
C ALA E 27 16.99 -10.24 -45.52
N ALA E 28 16.51 -9.37 -46.40
CA ALA E 28 16.67 -7.93 -46.26
C ALA E 28 15.32 -7.26 -46.39
N ILE E 29 15.04 -6.30 -45.50
CA ILE E 29 13.77 -5.59 -45.48
C ILE E 29 14.06 -4.10 -45.62
N CYS E 30 13.23 -3.42 -46.41
CA CYS E 30 13.39 -1.99 -46.67
C CYS E 30 12.12 -1.26 -46.22
N GLU E 31 12.31 -0.21 -45.42
CA GLU E 31 11.19 0.56 -44.89
C GLU E 31 11.65 2.00 -44.75
N GLN E 32 11.25 2.86 -45.70
CA GLN E 32 11.68 4.25 -45.65
C GLN E 32 10.99 5.02 -44.52
N GLY E 33 9.80 4.60 -44.14
CA GLY E 33 9.04 5.28 -43.09
C GLY E 33 9.14 4.56 -41.76
N THR E 34 8.04 4.57 -41.01
CA THR E 34 7.96 3.90 -39.72
C THR E 34 7.57 2.43 -39.90
N PHE E 35 8.14 1.58 -39.06
CA PHE E 35 7.88 0.15 -39.15
C PHE E 35 6.41 -0.14 -38.85
N GLY E 36 5.86 -1.14 -39.55
CA GLY E 36 4.49 -1.57 -39.39
C GLY E 36 3.62 -1.28 -40.60
N GLY E 37 3.92 -0.24 -41.35
CA GLY E 37 3.16 0.12 -42.53
C GLY E 37 2.22 1.30 -42.31
N THR E 38 1.22 1.37 -43.17
CA THR E 38 0.24 2.45 -43.15
C THR E 38 -0.97 2.11 -42.30
N CYS E 39 -1.50 0.90 -42.44
CA CYS E 39 -2.71 0.51 -41.71
C CYS E 39 -2.53 0.66 -40.21
N LEU E 40 -1.37 0.24 -39.70
CA LEU E 40 -1.14 0.29 -38.26
C LEU E 40 -0.90 1.71 -37.79
N ASN E 41 0.01 2.43 -38.45
CA ASN E 41 0.44 3.73 -37.95
C ASN E 41 -0.56 4.84 -38.26
N VAL E 42 -1.03 4.92 -39.51
CA VAL E 42 -1.85 6.03 -39.96
C VAL E 42 -3.01 5.55 -40.82
N GLY E 43 -3.59 4.40 -40.49
CA GLY E 43 -4.61 3.82 -41.34
C GLY E 43 -5.81 3.27 -40.60
N CYS E 44 -6.12 1.99 -40.82
CA CYS E 44 -7.35 1.41 -40.28
C CYS E 44 -7.37 1.49 -38.76
N ILE E 45 -6.30 1.03 -38.12
CA ILE E 45 -6.29 0.94 -36.66
C ILE E 45 -6.43 2.31 -36.00
N PRO E 46 -5.62 3.33 -36.32
CA PRO E 46 -5.78 4.61 -35.61
C PRO E 46 -7.05 5.37 -35.98
N THR E 47 -7.48 5.29 -37.25
CA THR E 47 -8.66 6.04 -37.66
C THR E 47 -9.91 5.53 -36.96
N LYS E 48 -10.10 4.21 -36.97
CA LYS E 48 -11.30 3.63 -36.35
C LYS E 48 -11.29 3.77 -34.83
N MET E 49 -10.12 3.96 -34.23
CA MET E 49 -10.06 4.25 -32.80
C MET E 49 -10.67 5.62 -32.50
N PHE E 50 -10.34 6.63 -33.31
CA PHE E 50 -10.96 7.93 -33.16
C PHE E 50 -12.45 7.89 -33.45
N VAL E 51 -12.88 7.01 -34.36
CA VAL E 51 -14.29 6.93 -34.73
C VAL E 51 -15.13 6.47 -33.53
N TYR E 52 -14.67 5.43 -32.83
CA TYR E 52 -15.43 4.92 -31.70
C TYR E 52 -15.59 5.98 -30.61
N ALA E 53 -14.55 6.78 -30.38
CA ALA E 53 -14.68 7.88 -29.43
C ALA E 53 -15.71 8.90 -29.90
N ALA E 54 -15.73 9.18 -31.19
CA ALA E 54 -16.72 10.11 -31.74
C ALA E 54 -18.12 9.52 -31.64
N GLU E 55 -18.25 8.20 -31.87
CA GLU E 55 -19.55 7.56 -31.76
C GLU E 55 -20.07 7.58 -30.33
N VAL E 56 -19.16 7.54 -29.35
CA VAL E 56 -19.57 7.64 -27.95
C VAL E 56 -20.18 9.01 -27.68
N ALA E 57 -19.54 10.08 -28.17
CA ALA E 57 -20.07 11.42 -27.97
C ALA E 57 -21.41 11.60 -28.67
N LYS E 58 -21.59 10.97 -29.84
CA LYS E 58 -22.86 11.08 -30.55
C LYS E 58 -23.99 10.47 -29.75
N THR E 59 -23.73 9.38 -29.03
CA THR E 59 -24.77 8.76 -28.20
C THR E 59 -25.19 9.70 -27.08
N ILE E 60 -24.24 10.39 -26.46
CA ILE E 60 -24.56 11.32 -25.38
C ILE E 60 -25.36 12.50 -25.91
N ARG E 61 -25.02 12.98 -27.11
CA ARG E 61 -25.69 14.15 -27.67
C ARG E 61 -27.15 13.86 -27.97
N GLY E 62 -27.45 12.66 -28.48
CA GLY E 62 -28.80 12.30 -28.82
C GLY E 62 -29.49 11.46 -27.76
N ALA E 63 -28.99 11.53 -26.52
CA ALA E 63 -29.57 10.71 -25.45
C ALA E 63 -30.98 11.18 -25.09
N SER E 64 -31.29 12.46 -25.32
CA SER E 64 -32.62 12.97 -24.98
C SER E 64 -33.70 12.31 -25.82
N ARG E 65 -33.33 11.80 -27.01
CA ARG E 65 -34.30 11.15 -27.89
C ARG E 65 -34.92 9.92 -27.24
N TYR E 66 -34.18 9.24 -26.36
CA TYR E 66 -34.66 8.03 -25.71
C TYR E 66 -35.23 8.27 -24.33
N GLY E 67 -35.20 9.51 -23.83
CA GLY E 67 -35.74 9.83 -22.52
C GLY E 67 -34.70 10.11 -21.45
N ILE E 68 -33.42 10.09 -21.78
CA ILE E 68 -32.35 10.35 -20.82
C ILE E 68 -31.74 11.70 -21.16
N ASP E 69 -31.92 12.68 -20.27
CA ASP E 69 -31.34 14.00 -20.46
C ASP E 69 -29.92 14.00 -19.92
N ALA E 70 -28.96 14.15 -20.82
CA ALA E 70 -27.54 14.15 -20.48
C ALA E 70 -26.84 15.25 -21.26
N HIS E 71 -25.59 15.50 -20.90
CA HIS E 71 -24.82 16.56 -21.54
C HIS E 71 -23.33 16.25 -21.41
N ILE E 72 -22.57 16.63 -22.43
CA ILE E 72 -21.13 16.40 -22.45
C ILE E 72 -20.43 17.61 -21.81
N ASP E 73 -19.57 17.33 -20.85
CA ASP E 73 -18.88 18.40 -20.14
C ASP E 73 -17.62 18.88 -20.87
N ARG E 74 -16.79 17.94 -21.31
CA ARG E 74 -15.56 18.30 -22.01
C ARG E 74 -15.11 17.14 -22.88
N VAL E 75 -14.44 17.48 -23.98
CA VAL E 75 -13.83 16.51 -24.88
C VAL E 75 -12.33 16.74 -24.83
N ARG E 76 -11.62 15.90 -24.06
CA ARG E 76 -10.17 16.02 -23.90
C ARG E 76 -9.49 15.41 -25.13
N TRP E 77 -9.41 16.23 -26.20
CA TRP E 77 -8.82 15.75 -27.45
C TRP E 77 -7.35 15.39 -27.26
N ASP E 78 -6.63 16.13 -26.42
CA ASP E 78 -5.22 15.82 -26.17
C ASP E 78 -5.07 14.46 -25.51
N ASP E 79 -6.00 14.09 -24.61
CA ASP E 79 -5.94 12.77 -24.00
C ASP E 79 -6.40 11.69 -24.96
N VAL E 80 -7.24 12.03 -25.95
CA VAL E 80 -7.66 11.07 -26.95
C VAL E 80 -6.50 10.72 -27.87
N VAL E 81 -5.71 11.72 -28.26
CA VAL E 81 -4.55 11.46 -29.11
C VAL E 81 -3.53 10.63 -28.36
N SER E 82 -3.32 10.93 -27.08
CA SER E 82 -2.36 10.17 -26.29
C SER E 82 -2.83 8.73 -26.07
N ARG E 83 -4.15 8.53 -25.91
CA ARG E 83 -4.67 7.19 -25.71
C ARG E 83 -4.56 6.35 -26.97
N VAL E 84 -4.78 6.96 -28.13
CA VAL E 84 -4.74 6.22 -29.39
C VAL E 84 -3.31 5.85 -29.74
N PHE E 85 -2.44 6.85 -29.88
CA PHE E 85 -1.07 6.61 -30.33
C PHE E 85 -0.17 6.08 -29.23
N GLY E 86 -0.58 6.19 -27.96
CA GLY E 86 0.14 5.50 -26.90
C GLY E 86 0.05 4.00 -27.00
N ARG E 87 -0.92 3.48 -27.75
CA ARG E 87 -1.05 2.06 -28.00
C ARG E 87 -0.33 1.61 -29.26
N ILE E 88 -0.32 2.45 -30.29
CA ILE E 88 0.19 2.08 -31.61
C ILE E 88 1.70 2.29 -31.71
N ASP E 89 2.17 3.47 -31.32
CA ASP E 89 3.58 3.82 -31.52
C ASP E 89 4.56 2.82 -30.90
N PRO E 90 4.37 2.31 -29.66
CA PRO E 90 5.33 1.33 -29.14
C PRO E 90 5.36 0.02 -29.91
N ILE E 91 4.28 -0.34 -30.62
CA ILE E 91 4.26 -1.58 -31.39
C ILE E 91 5.27 -1.50 -32.52
N ALA E 92 5.42 -0.32 -33.14
CA ALA E 92 6.39 -0.16 -34.22
C ALA E 92 7.81 -0.38 -33.74
N LEU E 93 8.10 -0.05 -32.47
CA LEU E 93 9.44 -0.25 -31.94
C LEU E 93 9.70 -1.72 -31.63
N SER E 94 8.72 -2.40 -31.03
CA SER E 94 8.89 -3.81 -30.69
C SER E 94 8.96 -4.68 -31.94
N GLY E 95 8.08 -4.42 -32.91
CA GLY E 95 8.10 -5.19 -34.14
C GLY E 95 9.34 -4.95 -34.99
N GLU E 96 9.90 -3.74 -34.92
CA GLU E 96 11.12 -3.46 -35.67
C GLU E 96 12.32 -4.17 -35.06
N ASP E 97 12.36 -4.27 -33.72
CA ASP E 97 13.45 -4.99 -33.06
C ASP E 97 13.37 -6.48 -33.34
N TYR E 98 12.17 -7.01 -33.60
CA TYR E 98 12.04 -8.42 -33.90
C TYR E 98 12.78 -8.78 -35.18
N ARG E 99 12.85 -7.86 -36.13
CA ARG E 99 13.58 -8.06 -37.37
C ARG E 99 15.05 -7.64 -37.24
N ARG E 100 15.32 -6.56 -36.50
CA ARG E 100 16.69 -6.06 -36.38
C ARG E 100 17.56 -7.03 -35.60
N CYS E 101 17.06 -7.54 -34.49
CA CYS E 101 17.83 -8.45 -33.64
C CYS E 101 17.96 -9.85 -34.23
N ALA E 102 17.19 -10.18 -35.26
CA ALA E 102 17.35 -11.47 -35.92
C ALA E 102 18.68 -11.50 -36.67
N PRO E 103 19.51 -12.51 -36.45
CA PRO E 103 20.84 -12.51 -37.11
C PRO E 103 20.77 -12.67 -38.61
N ASN E 104 19.71 -13.29 -39.14
CA ASN E 104 19.59 -13.54 -40.56
C ASN E 104 18.84 -12.44 -41.31
N ILE E 105 18.20 -11.51 -40.61
CA ILE E 105 17.42 -10.45 -41.21
C ILE E 105 18.14 -9.12 -41.02
N ASP E 106 18.32 -8.39 -42.13
CA ASP E 106 18.90 -7.06 -42.11
C ASP E 106 17.84 -6.04 -42.52
N VAL E 107 17.79 -4.93 -41.79
CA VAL E 107 16.77 -3.91 -41.99
C VAL E 107 17.41 -2.67 -42.58
N TYR E 108 16.84 -2.17 -43.66
CA TYR E 108 17.27 -0.93 -44.30
C TYR E 108 16.17 0.12 -44.11
N ARG E 109 16.55 1.31 -43.64
CA ARG E 109 15.59 2.34 -43.27
C ARG E 109 15.60 3.54 -44.21
N THR E 110 16.04 3.35 -45.46
CA THR E 110 16.03 4.41 -46.45
C THR E 110 15.26 3.92 -47.68
N HIS E 111 14.92 4.87 -48.55
CA HIS E 111 14.17 4.55 -49.76
C HIS E 111 15.01 3.67 -50.68
N THR E 112 14.44 2.52 -51.06
CA THR E 112 15.14 1.55 -51.89
C THR E 112 14.57 1.56 -53.30
N ARG E 113 15.46 1.60 -54.29
CA ARG E 113 15.07 1.58 -55.70
C ARG E 113 15.68 0.36 -56.38
N PHE E 114 15.11 0.02 -57.54
CA PHE E 114 15.59 -1.11 -58.32
C PHE E 114 16.77 -0.71 -59.19
N GLY E 115 17.80 -1.55 -59.21
CA GLY E 115 18.95 -1.34 -60.06
C GLY E 115 18.96 -2.29 -61.23
N PRO E 116 19.96 -2.15 -62.11
CA PRO E 116 20.08 -3.07 -63.24
C PRO E 116 20.38 -4.49 -62.78
N VAL E 117 19.73 -5.45 -63.44
CA VAL E 117 19.92 -6.85 -63.06
C VAL E 117 21.36 -7.27 -63.32
N GLN E 118 21.93 -7.99 -62.35
CA GLN E 118 23.31 -8.43 -62.45
C GLN E 118 23.45 -9.58 -63.46
N ALA E 119 24.70 -9.88 -63.80
CA ALA E 119 24.97 -10.90 -64.81
C ALA E 119 24.48 -12.28 -64.36
N ASP E 120 24.63 -12.57 -63.06
CA ASP E 120 24.20 -13.88 -62.56
C ASP E 120 22.69 -14.04 -62.51
N GLY E 121 21.94 -12.99 -62.79
CA GLY E 121 20.49 -13.04 -62.79
C GLY E 121 19.84 -12.47 -61.54
N ARG E 122 20.63 -12.16 -60.51
CA ARG E 122 20.09 -11.60 -59.28
C ARG E 122 19.90 -10.10 -59.42
N TYR E 123 18.91 -9.57 -58.70
CA TYR E 123 18.50 -8.18 -58.84
C TYR E 123 19.29 -7.29 -57.88
N LEU E 124 19.84 -6.21 -58.42
CA LEU E 124 20.58 -5.23 -57.64
C LEU E 124 19.62 -4.17 -57.12
N LEU E 125 19.79 -3.81 -55.85
CA LEU E 125 18.96 -2.82 -55.19
C LEU E 125 19.84 -1.72 -54.61
N ARG E 126 19.41 -0.47 -54.79
CA ARG E 126 20.17 0.69 -54.33
C ARG E 126 19.30 1.54 -53.45
N THR E 127 19.80 1.88 -52.26
CA THR E 127 19.11 2.73 -51.30
C THR E 127 19.61 4.17 -51.39
N ASP E 128 18.80 5.10 -50.89
CA ASP E 128 19.14 6.51 -50.90
C ASP E 128 20.30 6.84 -49.97
N ALA E 129 20.67 5.94 -49.06
CA ALA E 129 21.81 6.18 -48.18
C ALA E 129 23.13 5.73 -48.78
N GLY E 130 23.10 5.03 -49.91
CA GLY E 130 24.31 4.56 -50.55
C GLY E 130 24.63 3.10 -50.35
N GLU E 131 23.64 2.27 -50.02
CA GLU E 131 23.85 0.86 -49.77
C GLU E 131 23.37 0.06 -50.98
N GLU E 132 24.24 -0.80 -51.50
CA GLU E 132 23.92 -1.65 -52.63
C GLU E 132 24.01 -3.12 -52.21
N PHE E 133 23.01 -3.90 -52.62
CA PHE E 133 22.99 -5.32 -52.33
C PHE E 133 22.14 -6.02 -53.39
N THR E 134 22.26 -7.34 -53.41
CA THR E 134 21.56 -8.18 -54.37
C THR E 134 20.69 -9.19 -53.67
N ALA E 135 19.70 -9.72 -54.41
CA ALA E 135 18.78 -10.70 -53.85
C ALA E 135 18.26 -11.59 -54.97
N GLU E 136 18.02 -12.86 -54.61
CA GLU E 136 17.48 -13.81 -55.58
C GLU E 136 15.99 -13.55 -55.83
N GLN E 137 15.22 -13.41 -54.76
CA GLN E 137 13.80 -13.09 -54.85
C GLN E 137 13.55 -11.72 -54.26
N VAL E 138 12.60 -11.00 -54.85
CA VAL E 138 12.22 -9.66 -54.41
C VAL E 138 10.71 -9.60 -54.33
N VAL E 139 10.20 -9.08 -53.22
CA VAL E 139 8.77 -8.91 -53.00
C VAL E 139 8.46 -7.43 -52.95
N ILE E 140 7.52 -6.99 -53.77
CA ILE E 140 7.15 -5.58 -53.86
C ILE E 140 5.86 -5.36 -53.10
N ALA E 141 5.96 -4.67 -51.97
CA ALA E 141 4.81 -4.29 -51.16
C ALA E 141 4.92 -2.82 -50.78
N ALA E 142 5.17 -1.97 -51.78
CA ALA E 142 5.39 -0.55 -51.54
C ALA E 142 4.13 0.20 -51.19
N GLY E 143 2.96 -0.43 -51.34
CA GLY E 143 1.72 0.22 -50.96
C GLY E 143 1.40 1.41 -51.85
N SER E 144 0.75 2.40 -51.24
CA SER E 144 0.34 3.60 -51.96
C SER E 144 0.65 4.82 -51.10
N ARG E 145 0.47 6.00 -51.68
CA ARG E 145 0.72 7.26 -51.04
C ARG E 145 -0.32 8.28 -51.49
N PRO E 146 -0.64 9.27 -50.67
CA PRO E 146 -1.68 10.23 -51.05
C PRO E 146 -1.24 11.11 -52.21
N VAL E 147 -2.23 11.60 -52.95
CA VAL E 147 -2.03 12.52 -54.06
C VAL E 147 -2.69 13.85 -53.69
N ILE E 148 -1.95 14.93 -53.84
CA ILE E 148 -2.42 16.28 -53.50
C ILE E 148 -2.62 17.06 -54.79
N PRO E 149 -3.74 17.75 -54.96
CA PRO E 149 -3.99 18.50 -56.19
C PRO E 149 -2.90 19.54 -56.43
N PRO E 150 -2.47 19.72 -57.69
CA PRO E 150 -1.40 20.68 -57.96
C PRO E 150 -1.75 22.11 -57.60
N ALA E 151 -3.03 22.49 -57.69
CA ALA E 151 -3.43 23.84 -57.32
C ALA E 151 -3.21 24.09 -55.83
N ILE E 152 -3.43 23.07 -55.00
CA ILE E 152 -3.20 23.23 -53.57
C ILE E 152 -1.71 23.30 -53.27
N LEU E 153 -0.90 22.51 -53.98
CA LEU E 153 0.54 22.53 -53.79
C LEU E 153 1.13 23.88 -54.20
N ALA E 154 0.67 24.42 -55.33
CA ALA E 154 1.21 25.70 -55.80
C ALA E 154 0.75 26.87 -54.94
N SER E 155 -0.28 26.68 -54.12
CA SER E 155 -0.76 27.77 -53.27
C SER E 155 0.14 27.99 -52.07
N GLY E 156 0.85 26.95 -51.62
CA GLY E 156 1.71 27.08 -50.46
C GLY E 156 0.98 27.10 -49.14
N VAL E 157 -0.27 26.64 -49.10
CA VAL E 157 -1.05 26.64 -47.87
C VAL E 157 -0.69 25.42 -47.03
N ASP E 158 -0.90 25.54 -45.73
CA ASP E 158 -0.68 24.43 -44.81
C ASP E 158 -1.87 23.48 -44.89
N TYR E 159 -1.63 22.26 -45.35
CA TYR E 159 -2.68 21.27 -45.49
C TYR E 159 -2.34 20.03 -44.67
N HIS E 160 -3.34 19.19 -44.46
CA HIS E 160 -3.19 17.95 -43.70
C HIS E 160 -3.70 16.77 -44.53
N THR E 161 -3.14 15.61 -44.26
CA THR E 161 -3.57 14.35 -44.85
C THR E 161 -3.94 13.38 -43.73
N SER E 162 -4.32 12.17 -44.12
CA SER E 162 -4.65 11.15 -43.13
C SER E 162 -3.43 10.78 -42.27
N ASP E 163 -2.22 11.07 -42.76
CA ASP E 163 -1.01 10.75 -42.00
C ASP E 163 -0.70 11.76 -40.92
N THR E 164 -1.21 13.00 -41.03
CA THR E 164 -0.83 14.07 -40.13
C THR E 164 -1.98 14.71 -39.39
N VAL E 165 -3.23 14.57 -39.86
CA VAL E 165 -4.33 15.28 -39.23
C VAL E 165 -4.68 14.69 -37.86
N MET E 166 -4.28 13.45 -37.59
CA MET E 166 -4.63 12.79 -36.35
C MET E 166 -3.70 13.19 -35.19
N ARG E 167 -2.60 13.88 -35.47
CA ARG E 167 -1.69 14.29 -34.41
C ARG E 167 -1.70 15.81 -34.26
N ILE E 168 -2.88 16.38 -34.16
CA ILE E 168 -3.04 17.82 -33.95
C ILE E 168 -3.20 18.09 -32.46
N ALA E 169 -2.74 19.27 -32.04
CA ALA E 169 -2.75 19.60 -30.62
C ALA E 169 -4.18 19.83 -30.12
N GLU E 170 -4.95 20.64 -30.84
CA GLU E 170 -6.30 21.01 -30.44
C GLU E 170 -7.24 20.89 -31.63
N LEU E 171 -8.49 20.56 -31.33
CA LEU E 171 -9.51 20.43 -32.37
C LEU E 171 -9.87 21.80 -32.90
N PRO E 172 -9.88 22.00 -34.22
CA PRO E 172 -10.22 23.32 -34.77
C PRO E 172 -11.69 23.62 -34.63
N GLU E 173 -12.03 24.89 -34.83
CA GLU E 173 -13.42 25.32 -34.76
C GLU E 173 -14.17 24.98 -36.05
N HIS E 174 -13.52 25.16 -37.19
CA HIS E 174 -14.12 24.89 -38.49
C HIS E 174 -13.08 24.24 -39.38
N ILE E 175 -13.44 23.12 -40.00
CA ILE E 175 -12.52 22.38 -40.86
C ILE E 175 -13.13 22.27 -42.24
N VAL E 176 -12.28 22.30 -43.26
CA VAL E 176 -12.67 22.11 -44.65
C VAL E 176 -11.93 20.89 -45.17
N ILE E 177 -12.69 19.93 -45.69
CA ILE E 177 -12.16 18.69 -46.25
C ILE E 177 -12.39 18.72 -47.76
N VAL E 178 -11.31 18.59 -48.53
CA VAL E 178 -11.38 18.57 -49.99
C VAL E 178 -11.29 17.12 -50.43
N GLY E 179 -12.40 16.56 -50.86
CA GLY E 179 -12.45 15.18 -51.30
C GLY E 179 -13.83 14.59 -51.06
N SER E 180 -14.06 13.44 -51.68
CA SER E 180 -15.34 12.74 -51.57
C SER E 180 -15.17 11.24 -51.34
N GLY E 181 -13.98 10.77 -50.99
CA GLY E 181 -13.74 9.36 -50.80
C GLY E 181 -14.21 8.88 -49.44
N PHE E 182 -13.89 7.61 -49.15
CA PHE E 182 -14.26 7.03 -47.87
C PHE E 182 -13.46 7.61 -46.72
N ILE E 183 -12.24 8.09 -46.99
CA ILE E 183 -11.46 8.74 -45.95
C ILE E 183 -12.09 10.08 -45.57
N ALA E 184 -12.53 10.85 -46.56
CA ALA E 184 -13.12 12.16 -46.28
C ALA E 184 -14.43 12.02 -45.52
N ALA E 185 -15.20 10.96 -45.78
CA ALA E 185 -16.46 10.79 -45.08
C ALA E 185 -16.25 10.36 -43.64
N GLU E 186 -15.26 9.48 -43.39
CA GLU E 186 -15.02 9.01 -42.04
C GLU E 186 -14.49 10.13 -41.15
N PHE E 187 -13.63 11.00 -41.68
CA PHE E 187 -13.11 12.09 -40.88
C PHE E 187 -14.16 13.18 -40.65
N ALA E 188 -15.08 13.35 -41.59
CA ALA E 188 -16.20 14.26 -41.35
C ALA E 188 -17.07 13.77 -40.21
N HIS E 189 -17.21 12.44 -40.07
CA HIS E 189 -17.97 11.87 -38.97
C HIS E 189 -17.24 12.08 -37.64
N VAL E 190 -15.91 12.02 -37.65
CA VAL E 190 -15.13 12.14 -36.42
C VAL E 190 -15.22 13.55 -35.87
N PHE E 191 -14.88 14.55 -36.70
CA PHE E 191 -14.79 15.92 -36.21
C PHE E 191 -16.17 16.49 -35.87
N SER E 192 -17.19 16.12 -36.65
CA SER E 192 -18.53 16.63 -36.39
C SER E 192 -19.05 16.15 -35.04
N ALA E 193 -18.81 14.89 -34.71
CA ALA E 193 -19.27 14.36 -33.43
C ALA E 193 -18.54 14.98 -32.26
N LEU E 194 -17.29 15.40 -32.46
CA LEU E 194 -16.52 16.04 -31.40
C LEU E 194 -16.79 17.54 -31.29
N GLY E 195 -17.62 18.10 -32.18
CA GLY E 195 -18.01 19.49 -32.10
C GLY E 195 -17.42 20.42 -33.13
N VAL E 196 -16.79 19.89 -34.18
CA VAL E 196 -16.16 20.72 -35.20
C VAL E 196 -17.14 20.95 -36.35
N ARG E 197 -17.12 22.16 -36.91
CA ARG E 197 -17.93 22.48 -38.08
C ARG E 197 -17.25 21.93 -39.33
N VAL E 198 -17.95 21.08 -40.07
CA VAL E 198 -17.39 20.36 -41.19
C VAL E 198 -17.92 20.94 -42.49
N THR E 199 -17.03 21.13 -43.46
CA THR E 199 -17.38 21.65 -44.78
C THR E 199 -16.72 20.76 -45.83
N LEU E 200 -17.54 20.12 -46.67
CA LEU E 200 -17.06 19.24 -47.71
C LEU E 200 -17.03 19.98 -49.04
N VAL E 201 -15.89 19.94 -49.73
CA VAL E 201 -15.73 20.55 -51.04
C VAL E 201 -15.45 19.42 -52.02
N ILE E 202 -16.51 18.91 -52.66
CA ILE E 202 -16.40 17.80 -53.59
C ILE E 202 -16.52 18.33 -55.01
N ARG E 203 -15.91 17.61 -55.96
CA ARG E 203 -15.95 17.99 -57.36
C ARG E 203 -17.13 17.39 -58.11
N GLY E 204 -17.78 16.37 -57.56
CA GLY E 204 -18.90 15.71 -58.18
C GLY E 204 -20.24 16.19 -57.64
N SER E 205 -21.25 15.34 -57.82
CA SER E 205 -22.60 15.63 -57.37
C SER E 205 -23.03 14.80 -56.18
N CYS E 206 -22.36 13.69 -55.91
CA CYS E 206 -22.69 12.81 -54.80
C CYS E 206 -21.44 12.47 -54.02
N LEU E 207 -21.62 12.23 -52.73
CA LEU E 207 -20.58 11.80 -51.83
C LEU E 207 -20.40 10.29 -51.88
N LEU E 208 -19.19 9.85 -51.52
CA LEU E 208 -18.77 8.45 -51.52
C LEU E 208 -18.82 7.74 -52.87
N ARG E 209 -17.63 7.47 -53.41
CA ARG E 209 -17.44 6.79 -54.69
C ARG E 209 -17.75 5.30 -54.53
N HIS E 210 -17.83 4.59 -55.66
CA HIS E 210 -18.08 3.15 -55.68
C HIS E 210 -19.35 2.69 -54.98
N CYS E 211 -20.14 3.59 -54.42
CA CYS E 211 -21.32 3.14 -53.69
C CYS E 211 -22.50 2.81 -54.61
N ASP E 212 -23.45 2.10 -54.01
CA ASP E 212 -24.73 1.77 -54.65
C ASP E 212 -25.54 3.03 -54.88
N ASP E 213 -26.31 3.04 -55.97
CA ASP E 213 -27.09 4.23 -56.30
C ASP E 213 -28.09 4.57 -55.20
N THR E 214 -28.67 3.54 -54.57
CA THR E 214 -29.57 3.78 -53.44
C THR E 214 -28.82 4.34 -52.22
N ILE E 215 -27.66 3.76 -51.90
CA ILE E 215 -26.91 4.20 -50.73
C ILE E 215 -26.31 5.59 -50.94
N CYS E 216 -25.64 5.80 -52.08
CA CYS E 216 -24.99 7.07 -52.34
C CYS E 216 -25.98 8.23 -52.31
N GLU E 217 -27.16 8.04 -52.92
CA GLU E 217 -28.13 9.13 -52.99
C GLU E 217 -28.71 9.44 -51.62
N ARG E 218 -29.02 8.41 -50.83
CA ARG E 218 -29.61 8.65 -49.51
C ARG E 218 -28.57 9.16 -48.52
N PHE E 219 -27.34 8.63 -48.58
CA PHE E 219 -26.31 9.05 -47.64
C PHE E 219 -25.89 10.50 -47.90
N THR E 220 -25.73 10.88 -49.17
CA THR E 220 -25.38 12.26 -49.49
C THR E 220 -26.47 13.21 -49.05
N ARG E 221 -27.74 12.79 -49.14
CA ARG E 221 -28.84 13.61 -48.65
C ARG E 221 -28.76 13.79 -47.13
N ILE E 222 -28.48 12.70 -46.41
CA ILE E 222 -28.36 12.80 -44.96
C ILE E 222 -27.16 13.65 -44.57
N ALA E 223 -26.03 13.46 -45.26
CA ALA E 223 -24.82 14.21 -44.93
C ALA E 223 -24.97 15.69 -45.25
N SER E 224 -25.80 16.04 -46.23
CA SER E 224 -25.96 17.43 -46.62
C SER E 224 -26.67 18.24 -45.54
N THR E 225 -27.34 17.60 -44.59
CA THR E 225 -28.04 18.31 -43.53
C THR E 225 -27.16 18.63 -42.33
N LYS E 226 -26.18 17.78 -42.01
CA LYS E 226 -25.30 18.01 -40.88
C LYS E 226 -23.98 18.67 -41.26
N TRP E 227 -23.52 18.53 -42.51
CA TRP E 227 -22.31 19.18 -42.97
C TRP E 227 -22.61 20.07 -44.17
N GLU E 228 -21.78 21.09 -44.34
CA GLU E 228 -21.90 22.01 -45.47
C GLU E 228 -21.24 21.37 -46.69
N LEU E 229 -22.04 21.02 -47.67
CA LEU E 229 -21.58 20.33 -48.87
C LEU E 229 -21.45 21.34 -50.01
N ARG E 230 -20.25 21.44 -50.57
CA ARG E 230 -19.97 22.30 -51.73
C ARG E 230 -19.74 21.37 -52.91
N THR E 231 -20.78 21.18 -53.71
CA THR E 231 -20.73 20.24 -54.83
C THR E 231 -20.21 20.92 -56.09
N HIS E 232 -19.56 20.12 -56.93
CA HIS E 232 -19.05 20.55 -58.24
C HIS E 232 -18.07 21.71 -58.12
N ARG E 233 -17.27 21.72 -57.05
CA ARG E 233 -16.31 22.78 -56.83
C ARG E 233 -14.91 22.22 -56.63
N ASN E 234 -13.92 22.96 -57.12
CA ASN E 234 -12.51 22.63 -56.95
C ASN E 234 -11.77 23.86 -56.48
N VAL E 235 -10.82 23.67 -55.59
CA VAL E 235 -10.00 24.76 -55.06
C VAL E 235 -8.97 25.16 -56.10
N VAL E 236 -8.96 26.45 -56.45
CA VAL E 236 -8.04 26.96 -57.47
C VAL E 236 -6.89 27.73 -56.84
N ASP E 237 -7.16 28.39 -55.71
CA ASP E 237 -6.12 29.16 -55.03
C ASP E 237 -6.40 29.17 -53.54
N GLY E 238 -5.41 29.62 -52.78
CA GLY E 238 -5.54 29.70 -51.34
C GLY E 238 -4.34 30.41 -50.73
N GLN E 239 -4.56 30.93 -49.52
CA GLN E 239 -3.53 31.63 -48.78
C GLN E 239 -3.80 31.49 -47.30
N GLN E 240 -2.75 31.63 -46.49
CA GLN E 240 -2.89 31.49 -45.04
C GLN E 240 -3.74 32.63 -44.48
N ARG E 241 -4.56 32.29 -43.48
CA ARG E 241 -5.43 33.25 -42.79
C ARG E 241 -5.14 33.12 -41.29
N GLY E 242 -4.04 33.73 -40.85
CA GLY E 242 -3.62 33.62 -39.47
C GLY E 242 -3.23 32.20 -39.12
N SER E 243 -3.88 31.62 -38.11
CA SER E 243 -3.73 30.20 -37.84
C SER E 243 -4.55 29.33 -38.79
N GLY E 244 -5.49 29.93 -39.54
CA GLY E 244 -6.31 29.24 -40.48
C GLY E 244 -5.91 29.52 -41.92
N VAL E 245 -6.84 29.24 -42.83
CA VAL E 245 -6.59 29.38 -44.26
C VAL E 245 -7.83 29.96 -44.93
N ALA E 246 -7.62 30.67 -46.03
CA ALA E 246 -8.68 31.22 -46.86
C ALA E 246 -8.50 30.70 -48.27
N LEU E 247 -9.41 29.83 -48.71
CA LEU E 247 -9.33 29.20 -50.02
C LEU E 247 -10.36 29.80 -50.96
N ARG E 248 -9.95 30.11 -52.18
CA ARG E 248 -10.85 30.60 -53.21
C ARG E 248 -11.20 29.46 -54.16
N LEU E 249 -12.47 29.36 -54.51
CA LEU E 249 -12.97 28.27 -55.34
C LEU E 249 -13.05 28.71 -56.79
N ASP E 250 -13.35 27.73 -57.66
CA ASP E 250 -13.40 27.96 -59.10
C ASP E 250 -14.58 28.81 -59.53
N ASP E 251 -15.47 29.19 -58.61
CA ASP E 251 -16.61 30.04 -58.94
C ASP E 251 -16.49 31.42 -58.32
N GLY E 252 -15.32 31.79 -57.81
CA GLY E 252 -15.10 33.09 -57.21
C GLY E 252 -15.39 33.15 -55.73
N CYS E 253 -16.20 32.23 -55.21
CA CYS E 253 -16.53 32.24 -53.78
C CYS E 253 -15.34 31.74 -52.96
N THR E 254 -15.12 32.36 -51.82
CA THR E 254 -14.03 31.99 -50.92
C THR E 254 -14.58 31.38 -49.64
N ILE E 255 -13.80 30.46 -49.07
CA ILE E 255 -14.17 29.76 -47.84
C ILE E 255 -13.08 29.99 -46.80
N ASN E 256 -13.48 30.45 -45.62
CA ASN E 256 -12.57 30.62 -44.49
C ASN E 256 -12.66 29.41 -43.57
N ALA E 257 -11.50 28.91 -43.15
CA ALA E 257 -11.46 27.74 -42.29
C ALA E 257 -10.21 27.78 -41.43
N ASP E 258 -10.22 27.00 -40.35
CA ASP E 258 -9.10 26.92 -39.43
C ASP E 258 -8.12 25.81 -39.79
N LEU E 259 -8.60 24.75 -40.45
CA LEU E 259 -7.77 23.60 -40.78
C LEU E 259 -8.18 23.06 -42.14
N LEU E 260 -7.19 22.63 -42.92
CA LEU E 260 -7.42 22.08 -44.26
C LEU E 260 -6.99 20.62 -44.27
N LEU E 261 -7.91 19.74 -44.64
CA LEU E 261 -7.65 18.31 -44.76
C LEU E 261 -7.87 17.90 -46.21
N VAL E 262 -6.86 17.31 -46.82
CA VAL E 262 -6.92 16.88 -48.22
C VAL E 262 -7.10 15.37 -48.25
N ALA E 263 -8.20 14.93 -48.86
CA ALA E 263 -8.50 13.52 -49.02
C ALA E 263 -9.07 13.28 -50.42
N THR E 264 -8.26 13.57 -51.43
CA THR E 264 -8.67 13.47 -52.82
C THR E 264 -8.23 12.17 -53.48
N GLY E 265 -7.77 11.20 -52.70
CA GLY E 265 -7.38 9.90 -53.22
C GLY E 265 -5.90 9.62 -52.99
N ARG E 266 -5.50 8.42 -53.39
CA ARG E 266 -4.13 7.96 -53.21
C ARG E 266 -3.67 7.28 -54.50
N VAL E 267 -2.36 7.27 -54.70
CA VAL E 267 -1.76 6.64 -55.87
C VAL E 267 -0.67 5.67 -55.40
N SER E 268 -0.45 4.63 -56.19
CA SER E 268 0.52 3.60 -55.85
C SER E 268 1.94 4.16 -55.85
N ASN E 269 2.82 3.48 -55.12
CA ASN E 269 4.22 3.86 -55.02
C ASN E 269 5.09 3.21 -56.09
N ALA E 270 4.48 2.61 -57.11
CA ALA E 270 5.26 1.90 -58.12
C ALA E 270 6.07 2.84 -58.99
N ASP E 271 5.64 4.09 -59.14
CA ASP E 271 6.34 5.03 -60.00
C ASP E 271 7.67 5.49 -59.40
N LEU E 272 7.81 5.42 -58.07
CA LEU E 272 9.04 5.78 -57.37
C LEU E 272 9.86 4.54 -57.03
N LEU E 273 9.92 3.57 -57.94
CA LEU E 273 10.58 2.30 -57.69
C LEU E 273 11.71 1.97 -58.66
N ASP E 274 11.79 2.66 -59.79
CA ASP E 274 12.78 2.35 -60.84
C ASP E 274 12.66 0.90 -61.29
N ALA E 275 11.41 0.40 -61.38
CA ALA E 275 11.18 -1.00 -61.71
C ALA E 275 11.57 -1.33 -63.15
N GLU E 276 11.59 -0.33 -64.04
CA GLU E 276 11.97 -0.59 -65.42
C GLU E 276 13.43 -1.02 -65.54
N GLN E 277 14.28 -0.63 -64.59
CA GLN E 277 15.67 -1.05 -64.62
C GLN E 277 15.85 -2.52 -64.23
N ALA E 278 14.78 -3.19 -63.82
CA ALA E 278 14.85 -4.60 -63.44
C ALA E 278 13.90 -5.48 -64.26
N GLY E 279 13.13 -4.91 -65.18
CA GLY E 279 12.25 -5.69 -66.02
C GLY E 279 10.81 -5.79 -65.55
N VAL E 280 10.39 -5.01 -64.58
CA VAL E 280 9.02 -5.06 -64.08
C VAL E 280 8.18 -4.02 -64.81
N ASP E 281 7.16 -4.49 -65.53
CA ASP E 281 6.28 -3.62 -66.29
C ASP E 281 5.27 -2.95 -65.39
N VAL E 282 4.95 -1.69 -65.69
CA VAL E 282 4.01 -0.90 -64.90
C VAL E 282 2.95 -0.33 -65.84
N GLU E 283 1.69 -0.52 -65.48
CA GLU E 283 0.56 0.08 -66.19
C GLU E 283 -0.13 1.08 -65.27
N ASP E 284 -0.64 2.15 -65.86
CA ASP E 284 -1.18 3.27 -65.11
C ASP E 284 -0.13 3.79 -64.14
N GLY E 285 -0.19 3.34 -62.90
CA GLY E 285 0.80 3.68 -61.88
C GLY E 285 1.03 2.50 -60.96
N ARG E 286 0.55 1.33 -61.35
CA ARG E 286 0.56 0.13 -60.53
C ARG E 286 1.39 -0.97 -61.18
N VAL E 287 1.78 -1.94 -60.36
CA VAL E 287 2.57 -3.08 -60.82
C VAL E 287 1.65 -4.14 -61.40
N ILE E 288 2.06 -4.70 -62.53
CA ILE E 288 1.28 -5.73 -63.21
C ILE E 288 1.58 -7.08 -62.57
N VAL E 289 0.54 -7.75 -62.07
CA VAL E 289 0.66 -9.10 -61.53
C VAL E 289 -0.41 -9.98 -62.17
N ASP E 290 -0.15 -11.29 -62.16
CA ASP E 290 -1.09 -12.26 -62.68
C ASP E 290 -1.88 -12.87 -61.52
N GLU E 291 -2.53 -14.01 -61.76
CA GLU E 291 -3.32 -14.67 -60.74
C GLU E 291 -2.49 -15.29 -59.63
N TYR E 292 -1.18 -15.40 -59.80
CA TYR E 292 -0.29 -15.91 -58.76
C TYR E 292 0.58 -14.80 -58.14
N GLN E 293 0.19 -13.54 -58.37
CA GLN E 293 0.94 -12.38 -57.85
C GLN E 293 2.36 -12.33 -58.39
N ARG E 294 2.60 -12.94 -59.55
CA ARG E 294 3.91 -12.93 -60.17
C ARG E 294 4.02 -11.76 -61.12
N THR E 295 5.16 -11.07 -61.06
CA THR E 295 5.42 -9.92 -61.92
C THR E 295 6.12 -10.40 -63.20
N SER E 296 6.50 -9.45 -64.05
CA SER E 296 7.18 -9.73 -65.31
C SER E 296 8.66 -10.08 -65.14
N ALA E 297 9.12 -10.23 -63.90
CA ALA E 297 10.50 -10.58 -63.61
C ALA E 297 10.53 -11.89 -62.84
N ARG E 298 11.36 -12.82 -63.29
CA ARG E 298 11.44 -14.14 -62.67
C ARG E 298 11.94 -14.01 -61.24
N GLY E 299 11.15 -14.52 -60.29
CA GLY E 299 11.50 -14.47 -58.88
C GLY E 299 11.00 -13.25 -58.14
N VAL E 300 10.35 -12.32 -58.83
CA VAL E 300 9.85 -11.08 -58.23
C VAL E 300 8.34 -11.18 -58.09
N PHE E 301 7.85 -11.00 -56.87
CA PHE E 301 6.43 -10.98 -56.58
C PHE E 301 6.01 -9.57 -56.17
N ALA E 302 4.69 -9.35 -56.14
CA ALA E 302 4.15 -8.07 -55.74
C ALA E 302 2.80 -8.28 -55.08
N LEU E 303 2.45 -7.38 -54.16
CA LEU E 303 1.22 -7.50 -53.40
C LEU E 303 0.86 -6.13 -52.81
N GLY E 304 -0.38 -6.03 -52.37
CA GLY E 304 -0.83 -4.83 -51.68
C GLY E 304 -1.29 -3.73 -52.62
N ASP E 305 -1.32 -2.51 -52.08
CA ASP E 305 -1.79 -1.35 -52.83
C ASP E 305 -0.90 -1.04 -54.02
N VAL E 306 0.34 -1.52 -54.04
CA VAL E 306 1.25 -1.20 -55.14
C VAL E 306 0.83 -1.88 -56.43
N SER E 307 -0.04 -2.89 -56.36
CA SER E 307 -0.42 -3.64 -57.55
C SER E 307 -1.91 -3.98 -57.56
N SER E 308 -2.45 -4.35 -56.40
CA SER E 308 -3.82 -4.84 -56.33
C SER E 308 -4.81 -3.74 -56.74
N PRO E 309 -5.91 -4.11 -57.39
CA PRO E 309 -6.95 -3.11 -57.69
C PRO E 309 -7.77 -2.71 -56.48
N TYR E 310 -7.80 -3.52 -55.43
CA TYR E 310 -8.52 -3.21 -54.20
C TYR E 310 -7.56 -2.63 -53.18
N LEU E 311 -7.81 -1.40 -52.75
CA LEU E 311 -6.97 -0.74 -51.75
C LEU E 311 -7.55 -0.97 -50.36
N LEU E 312 -7.56 -2.24 -49.95
CA LEU E 312 -8.09 -2.65 -48.66
C LEU E 312 -7.06 -3.55 -47.97
N LYS E 313 -7.07 -3.52 -46.64
CA LYS E 313 -6.09 -4.29 -45.89
C LYS E 313 -6.41 -5.77 -45.90
N HIS E 314 -7.69 -6.12 -45.77
CA HIS E 314 -8.06 -7.53 -45.79
C HIS E 314 -7.80 -8.18 -47.15
N VAL E 315 -7.71 -7.37 -48.21
CA VAL E 315 -7.30 -7.90 -49.51
C VAL E 315 -5.78 -8.02 -49.58
N ALA E 316 -5.07 -7.00 -49.07
CA ALA E 316 -3.61 -7.02 -49.10
C ALA E 316 -3.05 -8.15 -48.23
N ASN E 317 -3.76 -8.53 -47.17
CA ASN E 317 -3.30 -9.65 -46.35
C ASN E 317 -3.53 -10.98 -47.05
N HIS E 318 -4.62 -11.09 -47.83
CA HIS E 318 -4.86 -12.29 -48.60
C HIS E 318 -3.85 -12.45 -49.73
N GLU E 319 -3.42 -11.33 -50.33
CA GLU E 319 -2.41 -11.39 -51.38
C GLU E 319 -1.03 -11.72 -50.82
N ALA E 320 -0.74 -11.25 -49.60
CA ALA E 320 0.53 -11.61 -48.97
C ALA E 320 0.57 -13.10 -48.62
N ARG E 321 -0.59 -13.70 -48.32
CA ARG E 321 -0.63 -15.13 -48.04
C ARG E 321 -0.38 -15.95 -49.30
N VAL E 322 -0.82 -15.44 -50.46
CA VAL E 322 -0.54 -16.12 -51.72
C VAL E 322 0.93 -16.01 -52.08
N VAL E 323 1.51 -14.82 -51.88
CA VAL E 323 2.93 -14.62 -52.14
C VAL E 323 3.78 -15.51 -51.23
N GLN E 324 3.38 -15.63 -49.97
CA GLN E 324 4.14 -16.44 -49.01
C GLN E 324 4.21 -17.90 -49.44
N HIS E 325 3.15 -18.42 -50.07
CA HIS E 325 3.14 -19.81 -50.50
C HIS E 325 3.83 -19.98 -51.85
N ASN E 326 3.46 -19.14 -52.83
CA ASN E 326 4.00 -19.23 -54.18
C ASN E 326 5.49 -18.90 -54.26
N LEU E 327 6.08 -18.37 -53.19
CA LEU E 327 7.52 -18.17 -53.13
C LEU E 327 8.20 -19.53 -53.21
N LEU E 328 8.23 -20.27 -52.09
CA LEU E 328 8.78 -21.62 -52.01
C LEU E 328 8.45 -22.53 -53.20
N CYS E 329 7.69 -22.05 -54.17
CA CYS E 329 7.30 -22.80 -55.36
C CYS E 329 8.01 -22.20 -56.57
N ASP E 330 8.81 -23.04 -57.26
CA ASP E 330 9.50 -22.69 -58.50
C ASP E 330 8.69 -21.78 -59.41
N TRP E 331 9.39 -20.94 -60.17
CA TRP E 331 8.73 -19.88 -60.94
C TRP E 331 7.80 -20.41 -62.02
N GLU E 332 8.09 -21.59 -62.56
CA GLU E 332 7.28 -22.12 -63.66
C GLU E 332 6.32 -23.21 -63.23
N ASP E 333 6.43 -23.71 -61.99
CA ASP E 333 5.50 -24.70 -61.47
C ASP E 333 4.20 -24.01 -61.01
N THR E 334 3.51 -23.40 -61.96
CA THR E 334 2.28 -22.68 -61.65
C THR E 334 1.14 -23.63 -61.28
N GLN E 335 1.22 -24.89 -61.68
CA GLN E 335 0.19 -25.86 -61.32
C GLN E 335 0.22 -26.21 -59.85
N SER E 336 1.33 -25.98 -59.16
CA SER E 336 1.47 -26.23 -57.74
C SER E 336 1.39 -24.95 -56.91
N MET E 337 0.89 -23.86 -57.50
CA MET E 337 0.75 -22.59 -56.81
C MET E 337 -0.72 -22.37 -56.44
N ILE E 338 -0.97 -21.28 -55.72
CA ILE E 338 -2.32 -20.92 -55.29
C ILE E 338 -2.70 -19.59 -55.94
N VAL E 339 -3.98 -19.46 -56.27
CA VAL E 339 -4.51 -18.32 -57.00
C VAL E 339 -5.11 -17.32 -56.02
N THR E 340 -4.90 -16.03 -56.29
CA THR E 340 -5.48 -14.98 -55.47
C THR E 340 -6.98 -14.87 -55.73
N ASP E 341 -7.77 -14.84 -54.66
CA ASP E 341 -9.22 -14.81 -54.75
C ASP E 341 -9.73 -13.39 -54.58
N HIS E 342 -10.41 -12.87 -55.60
CA HIS E 342 -11.00 -11.54 -55.61
C HIS E 342 -12.51 -11.59 -55.87
N ARG E 343 -13.16 -12.73 -55.62
CA ARG E 343 -14.54 -12.91 -56.03
C ARG E 343 -15.49 -12.04 -55.19
N TYR E 344 -15.54 -12.27 -53.89
CA TYR E 344 -16.48 -11.58 -53.01
C TYR E 344 -15.70 -10.69 -52.04
N VAL E 345 -15.28 -9.54 -52.54
CA VAL E 345 -14.54 -8.56 -51.75
C VAL E 345 -15.51 -7.61 -51.04
N PRO E 346 -15.41 -7.47 -49.72
CA PRO E 346 -16.28 -6.53 -49.01
C PRO E 346 -15.59 -5.21 -48.69
N ALA E 347 -16.37 -4.21 -48.28
CA ALA E 347 -15.81 -2.92 -47.88
C ALA E 347 -16.79 -2.23 -46.94
N ALA E 348 -16.25 -1.39 -46.06
CA ALA E 348 -17.05 -0.68 -45.07
C ALA E 348 -16.54 0.75 -44.92
N VAL E 349 -17.46 1.66 -44.64
CA VAL E 349 -17.14 3.07 -44.40
C VAL E 349 -17.76 3.46 -43.07
N PHE E 350 -16.92 3.77 -42.09
CA PHE E 350 -17.36 4.03 -40.71
C PHE E 350 -17.74 5.50 -40.56
N THR E 351 -18.93 5.83 -41.04
CA THR E 351 -19.49 7.17 -40.93
C THR E 351 -20.83 7.06 -40.18
N ASP E 352 -21.59 8.15 -40.18
CA ASP E 352 -22.92 8.17 -39.57
C ASP E 352 -23.94 8.53 -40.64
N PRO E 353 -24.73 7.57 -41.13
CA PRO E 353 -24.77 6.16 -40.73
C PRO E 353 -23.64 5.34 -41.35
N GLN E 354 -23.31 4.22 -40.73
CA GLN E 354 -22.25 3.34 -41.25
C GLN E 354 -22.72 2.64 -42.52
N ILE E 355 -21.79 2.44 -43.44
CA ILE E 355 -22.08 1.84 -44.74
C ILE E 355 -21.15 0.65 -44.95
N ALA E 356 -21.71 -0.45 -45.43
CA ALA E 356 -20.94 -1.65 -45.73
C ALA E 356 -21.60 -2.38 -46.89
N ALA E 357 -20.80 -2.80 -47.87
CA ALA E 357 -21.33 -3.43 -49.06
C ALA E 357 -20.36 -4.50 -49.55
N VAL E 358 -20.92 -5.46 -50.29
CA VAL E 358 -20.14 -6.53 -50.89
C VAL E 358 -20.91 -7.06 -52.09
N GLY E 359 -20.21 -7.28 -53.19
CA GLY E 359 -20.81 -7.81 -54.39
C GLY E 359 -21.22 -6.73 -55.37
N LEU E 360 -22.10 -7.11 -56.29
CA LEU E 360 -22.54 -6.20 -57.34
C LEU E 360 -23.59 -5.23 -56.82
N THR E 361 -23.65 -4.06 -57.44
CA THR E 361 -24.70 -3.10 -57.18
C THR E 361 -25.90 -3.35 -58.09
N GLU E 362 -26.98 -2.62 -57.83
CA GLU E 362 -28.19 -2.79 -58.64
C GLU E 362 -27.93 -2.37 -60.09
N ASN E 363 -27.26 -1.24 -60.29
CA ASN E 363 -26.94 -0.79 -61.64
C ASN E 363 -25.93 -1.72 -62.32
N GLN E 364 -25.05 -2.34 -61.54
CA GLN E 364 -24.06 -3.25 -62.12
C GLN E 364 -24.73 -4.53 -62.61
N ALA E 365 -25.67 -5.06 -61.84
CA ALA E 365 -26.38 -6.27 -62.25
C ALA E 365 -27.25 -6.03 -63.48
N VAL E 366 -27.81 -4.83 -63.60
CA VAL E 366 -28.61 -4.49 -64.78
C VAL E 366 -27.73 -4.42 -66.01
N ALA E 367 -26.53 -3.85 -65.87
CA ALA E 367 -25.60 -3.75 -67.00
C ALA E 367 -25.15 -5.12 -67.49
N LYS E 368 -25.24 -6.16 -66.66
CA LYS E 368 -24.88 -7.50 -67.06
C LYS E 368 -26.07 -8.31 -67.58
N GLY E 369 -27.25 -7.70 -67.69
CA GLY E 369 -28.41 -8.38 -68.23
C GLY E 369 -28.90 -9.54 -67.40
N LEU E 370 -29.05 -9.33 -66.10
CA LEU E 370 -29.50 -10.36 -65.17
C LEU E 370 -30.93 -10.07 -64.74
N ASP E 371 -31.74 -11.12 -64.67
CA ASP E 371 -33.10 -11.01 -64.15
C ASP E 371 -33.03 -10.99 -62.63
N ILE E 372 -33.21 -9.83 -62.03
CA ILE E 372 -32.89 -9.63 -60.63
C ILE E 372 -34.14 -9.27 -59.84
N SER E 373 -34.05 -9.49 -58.54
CA SER E 373 -35.07 -9.08 -57.57
C SER E 373 -34.39 -8.23 -56.51
N VAL E 374 -34.98 -7.08 -56.19
CA VAL E 374 -34.38 -6.10 -55.30
C VAL E 374 -35.33 -5.85 -54.14
N LYS E 375 -34.79 -5.81 -52.92
CA LYS E 375 -35.56 -5.53 -51.73
C LYS E 375 -34.80 -4.57 -50.83
N ILE E 376 -35.50 -3.57 -50.32
CA ILE E 376 -34.94 -2.60 -49.37
C ILE E 376 -35.76 -2.69 -48.10
N GLN E 377 -35.14 -3.17 -47.03
CA GLN E 377 -35.80 -3.36 -45.74
C GLN E 377 -35.33 -2.28 -44.78
N ASP E 378 -36.28 -1.66 -44.09
CA ASP E 378 -35.97 -0.58 -43.16
C ASP E 378 -35.72 -1.11 -41.75
N TYR E 379 -34.84 -0.43 -41.03
CA TYR E 379 -34.59 -0.79 -39.63
C TYR E 379 -35.84 -0.61 -38.79
N GLY E 380 -36.65 0.40 -39.09
CA GLY E 380 -37.83 0.67 -38.30
C GLY E 380 -38.90 -0.40 -38.34
N ASP E 381 -38.79 -1.36 -39.25
CA ASP E 381 -39.78 -2.43 -39.36
C ASP E 381 -39.43 -3.67 -38.54
N VAL E 382 -38.28 -3.68 -37.86
CA VAL E 382 -37.88 -4.81 -37.03
C VAL E 382 -37.86 -4.37 -35.58
N ALA E 383 -38.02 -5.35 -34.68
CA ALA E 383 -38.16 -5.06 -33.26
C ALA E 383 -36.96 -4.31 -32.70
N TYR E 384 -35.75 -4.62 -33.18
CA TYR E 384 -34.58 -3.90 -32.67
C TYR E 384 -34.57 -2.45 -33.13
N GLY E 385 -35.08 -2.17 -34.34
CA GLY E 385 -35.21 -0.79 -34.77
C GLY E 385 -36.25 -0.04 -33.96
N TRP E 386 -37.21 -0.74 -33.37
CA TRP E 386 -38.18 -0.09 -32.49
C TRP E 386 -37.51 0.48 -31.26
N ALA E 387 -36.60 -0.28 -30.65
CA ALA E 387 -35.90 0.19 -29.46
C ALA E 387 -35.00 1.38 -29.78
N MET E 388 -34.43 1.41 -30.98
CA MET E 388 -33.58 2.54 -31.38
C MET E 388 -34.38 3.72 -31.91
N GLU E 389 -35.67 3.55 -32.19
CA GLU E 389 -36.47 4.57 -32.86
C GLU E 389 -35.81 5.00 -34.17
N ASP E 390 -35.30 4.01 -34.90
CA ASP E 390 -34.56 4.27 -36.12
C ASP E 390 -35.49 4.74 -37.23
N THR E 391 -34.99 5.69 -38.05
CA THR E 391 -35.77 6.27 -39.13
C THR E 391 -34.98 6.39 -40.42
N SER E 392 -33.86 5.70 -40.55
CA SER E 392 -33.02 5.87 -41.75
C SER E 392 -32.29 4.60 -42.13
N GLY E 393 -32.18 3.64 -41.22
CA GLY E 393 -31.42 2.42 -41.51
C GLY E 393 -32.12 1.59 -42.56
N ILE E 394 -31.34 1.13 -43.56
CA ILE E 394 -31.87 0.31 -44.65
C ILE E 394 -30.87 -0.79 -44.97
N VAL E 395 -31.38 -1.83 -45.63
CA VAL E 395 -30.55 -2.91 -46.15
C VAL E 395 -31.08 -3.30 -47.53
N LYS E 396 -30.21 -3.28 -48.54
CA LYS E 396 -30.59 -3.51 -49.92
C LYS E 396 -29.92 -4.78 -50.43
N LEU E 397 -30.72 -5.71 -50.94
CA LEU E 397 -30.24 -6.98 -51.45
C LEU E 397 -30.68 -7.16 -52.89
N ILE E 398 -29.78 -7.70 -53.72
CA ILE E 398 -30.06 -8.02 -55.11
C ILE E 398 -29.79 -9.50 -55.31
N THR E 399 -30.77 -10.21 -55.86
CA THR E 399 -30.66 -11.64 -56.11
C THR E 399 -31.01 -11.95 -57.55
N GLU E 400 -30.38 -12.98 -58.10
CA GLU E 400 -30.75 -13.46 -59.43
C GLU E 400 -32.04 -14.26 -59.33
N ARG E 401 -33.00 -13.92 -60.18
CA ARG E 401 -34.33 -14.54 -60.05
C ARG E 401 -34.30 -16.03 -60.36
N GLY E 402 -33.54 -16.45 -61.35
CA GLY E 402 -33.50 -17.85 -61.72
C GLY E 402 -32.86 -18.74 -60.66
N SER E 403 -31.58 -18.49 -60.40
CA SER E 403 -30.83 -19.35 -59.49
C SER E 403 -31.22 -19.12 -58.03
N GLY E 404 -31.70 -17.93 -57.70
CA GLY E 404 -31.96 -17.62 -56.30
C GLY E 404 -30.71 -17.29 -55.51
N ARG E 405 -29.60 -16.99 -56.19
CA ARG E 405 -28.33 -16.70 -55.54
C ARG E 405 -28.22 -15.23 -55.21
N LEU E 406 -27.42 -14.93 -54.19
CA LEU E 406 -27.19 -13.55 -53.78
C LEU E 406 -26.23 -12.86 -54.75
N LEU E 407 -26.61 -11.69 -55.25
CA LEU E 407 -25.75 -10.92 -56.14
C LEU E 407 -25.08 -9.73 -55.45
N GLY E 408 -25.75 -9.11 -54.49
CA GLY E 408 -25.18 -7.99 -53.77
C GLY E 408 -25.92 -7.72 -52.49
N ALA E 409 -25.21 -7.09 -51.55
CA ALA E 409 -25.77 -6.74 -50.25
C ALA E 409 -25.20 -5.39 -49.84
N HIS E 410 -26.07 -4.41 -49.61
CA HIS E 410 -25.68 -3.06 -49.27
C HIS E 410 -26.46 -2.60 -48.04
N ILE E 411 -25.74 -2.34 -46.95
CA ILE E 411 -26.35 -1.93 -45.69
C ILE E 411 -25.90 -0.53 -45.35
N MET E 412 -26.84 0.30 -44.91
CA MET E 412 -26.55 1.65 -44.41
C MET E 412 -27.31 1.81 -43.10
N GLY E 413 -26.62 1.68 -41.98
CA GLY E 413 -27.27 1.79 -40.70
C GLY E 413 -26.38 1.29 -39.58
N TYR E 414 -27.00 1.11 -38.41
CA TYR E 414 -26.30 0.67 -37.22
C TYR E 414 -25.71 -0.73 -37.43
N GLN E 415 -24.43 -0.89 -37.06
CA GLN E 415 -23.73 -2.17 -37.16
C GLN E 415 -23.71 -2.70 -38.59
N ALA E 416 -23.38 -1.80 -39.53
CA ALA E 416 -23.36 -2.21 -40.94
C ALA E 416 -22.29 -3.25 -41.20
N SER E 417 -21.09 -3.05 -40.65
CA SER E 417 -20.01 -4.01 -40.88
C SER E 417 -20.22 -5.32 -40.15
N SER E 418 -21.11 -5.35 -39.15
CA SER E 418 -21.39 -6.57 -38.42
C SER E 418 -22.55 -7.36 -39.01
N LEU E 419 -23.57 -6.68 -39.52
CA LEU E 419 -24.71 -7.35 -40.13
C LEU E 419 -24.37 -7.92 -41.51
N ILE E 420 -23.33 -7.41 -42.17
CA ILE E 420 -23.02 -7.85 -43.52
C ILE E 420 -22.30 -9.19 -43.55
N GLN E 421 -21.74 -9.65 -42.42
CA GLN E 421 -20.97 -10.89 -42.43
C GLN E 421 -21.81 -12.11 -42.78
N PRO E 422 -23.01 -12.31 -42.23
CA PRO E 422 -23.81 -13.47 -42.69
C PRO E 422 -24.15 -13.42 -44.16
N LEU E 423 -24.21 -12.22 -44.76
CA LEU E 423 -24.43 -12.11 -46.19
C LEU E 423 -23.16 -12.44 -46.98
N ILE E 424 -21.99 -12.08 -46.45
CA ILE E 424 -20.74 -12.45 -47.10
C ILE E 424 -20.56 -13.96 -47.08
N GLN E 425 -20.97 -14.61 -45.99
CA GLN E 425 -20.83 -16.06 -45.88
C GLN E 425 -21.71 -16.77 -46.89
N ALA E 426 -22.95 -16.28 -47.08
CA ALA E 426 -23.85 -16.90 -48.04
C ALA E 426 -23.34 -16.76 -49.46
N MET E 427 -22.81 -15.59 -49.81
CA MET E 427 -22.29 -15.39 -51.16
C MET E 427 -21.02 -16.20 -51.40
N SER E 428 -20.10 -16.19 -50.44
CA SER E 428 -18.80 -16.83 -50.65
C SER E 428 -18.92 -18.34 -50.83
N PHE E 429 -19.91 -18.97 -50.20
CA PHE E 429 -20.07 -20.41 -50.26
C PHE E 429 -21.25 -20.84 -51.12
N GLY E 430 -22.04 -19.89 -51.64
CA GLY E 430 -23.09 -20.22 -52.58
C GLY E 430 -24.39 -20.62 -51.93
N LEU E 431 -24.81 -19.88 -50.91
CA LEU E 431 -26.07 -20.14 -50.22
C LEU E 431 -27.15 -19.24 -50.81
N THR E 432 -28.32 -19.81 -51.09
CA THR E 432 -29.40 -19.04 -51.67
C THR E 432 -30.11 -18.20 -50.61
N ALA E 433 -30.75 -17.13 -51.07
CA ALA E 433 -31.42 -16.21 -50.15
C ALA E 433 -32.57 -16.91 -49.42
N ALA E 434 -33.35 -17.73 -50.13
CA ALA E 434 -34.46 -18.42 -49.49
C ALA E 434 -33.97 -19.44 -48.46
N GLU E 435 -32.81 -20.06 -48.71
CA GLU E 435 -32.27 -21.01 -47.75
C GLU E 435 -31.71 -20.29 -46.53
N MET E 436 -31.08 -19.14 -46.73
CA MET E 436 -30.53 -18.37 -45.61
C MET E 436 -31.61 -17.83 -44.71
N ALA E 437 -32.79 -17.53 -45.27
CA ALA E 437 -33.86 -16.91 -44.49
C ALA E 437 -34.56 -17.92 -43.59
N ARG E 438 -34.93 -19.08 -44.13
CA ARG E 438 -35.73 -20.05 -43.39
C ARG E 438 -34.98 -21.32 -43.01
N GLY E 439 -33.76 -21.51 -43.49
CA GLY E 439 -32.99 -22.69 -43.16
C GLY E 439 -32.25 -22.65 -41.83
N GLN E 440 -32.21 -21.50 -41.17
CA GLN E 440 -31.52 -21.34 -39.91
C GLN E 440 -32.38 -20.54 -38.95
N TYR E 441 -31.98 -20.53 -37.67
CA TYR E 441 -32.69 -19.78 -36.64
C TYR E 441 -32.09 -18.39 -36.51
N TRP E 442 -32.96 -17.42 -36.21
CA TRP E 442 -32.56 -16.04 -35.98
C TRP E 442 -33.02 -15.62 -34.59
N ILE E 443 -32.08 -15.10 -33.79
CA ILE E 443 -32.40 -14.73 -32.42
C ILE E 443 -33.38 -13.56 -32.41
N HIS E 444 -34.44 -13.68 -31.62
CA HIS E 444 -35.44 -12.66 -31.46
C HIS E 444 -35.33 -12.01 -30.09
N PRO E 445 -35.37 -10.68 -30.00
CA PRO E 445 -35.47 -9.70 -31.07
C PRO E 445 -34.13 -9.02 -31.37
N ALA E 446 -33.14 -9.77 -31.86
CA ALA E 446 -31.83 -9.23 -32.13
C ALA E 446 -31.83 -8.40 -33.41
N LEU E 447 -30.70 -7.72 -33.65
CA LEU E 447 -30.51 -6.88 -34.82
C LEU E 447 -30.53 -7.64 -36.14
N PRO E 448 -29.91 -8.85 -36.25
CA PRO E 448 -29.93 -9.56 -37.53
C PRO E 448 -31.33 -9.90 -38.04
N GLU E 449 -32.37 -9.56 -37.27
CA GLU E 449 -33.74 -9.74 -37.75
C GLU E 449 -34.01 -8.86 -38.97
N VAL E 450 -33.30 -7.74 -39.10
CA VAL E 450 -33.49 -6.88 -40.27
C VAL E 450 -32.89 -7.52 -41.51
N VAL E 451 -31.86 -8.35 -41.35
CA VAL E 451 -31.32 -9.08 -42.49
C VAL E 451 -32.21 -10.27 -42.83
N GLU E 452 -32.79 -10.91 -41.81
CA GLU E 452 -33.70 -12.02 -42.06
C GLU E 452 -34.95 -11.56 -42.81
N ASN E 453 -35.55 -10.46 -42.36
CA ASN E 453 -36.75 -9.96 -43.01
C ASN E 453 -36.45 -9.44 -44.41
N ALA E 454 -35.23 -8.96 -44.66
CA ALA E 454 -34.86 -8.52 -45.99
C ALA E 454 -34.80 -9.71 -46.95
N LEU E 455 -34.35 -10.86 -46.48
CA LEU E 455 -34.33 -12.05 -47.32
C LEU E 455 -35.74 -12.57 -47.56
N LEU E 456 -36.59 -12.53 -46.54
CA LEU E 456 -37.97 -12.98 -46.71
C LEU E 456 -38.74 -12.06 -47.65
N GLY E 457 -38.45 -10.77 -47.63
CA GLY E 457 -39.14 -9.83 -48.49
C GLY E 457 -38.72 -9.87 -49.94
N LEU E 458 -37.69 -10.65 -50.27
CA LEU E 458 -37.23 -10.73 -51.66
C LEU E 458 -38.22 -11.52 -52.52
N ARG E 459 -38.71 -12.64 -52.00
CA ARG E 459 -39.70 -13.45 -52.71
C ARG E 459 -41.09 -13.18 -52.17
N MET F 1 -76.06 -24.22 -28.68
CA MET F 1 -74.61 -24.37 -28.53
C MET F 1 -73.92 -24.08 -29.86
N GLU F 2 -72.69 -23.58 -29.78
CA GLU F 2 -71.95 -23.14 -30.96
C GLU F 2 -70.97 -24.22 -31.41
N THR F 3 -70.92 -24.45 -32.72
CA THR F 3 -70.01 -25.40 -33.33
C THR F 3 -68.93 -24.65 -34.10
N TYR F 4 -67.68 -25.06 -33.93
CA TYR F 4 -66.56 -24.46 -34.63
C TYR F 4 -65.75 -25.54 -35.32
N ASP F 5 -65.04 -25.15 -36.37
CA ASP F 5 -64.20 -26.09 -37.10
C ASP F 5 -62.82 -26.23 -36.47
N ILE F 6 -62.28 -25.16 -35.90
CA ILE F 6 -60.97 -25.19 -35.25
C ILE F 6 -60.96 -24.15 -34.14
N ALA F 7 -60.37 -24.50 -33.01
CA ALA F 7 -60.27 -23.61 -31.86
C ALA F 7 -58.81 -23.51 -31.43
N ILE F 8 -58.34 -22.28 -31.24
CA ILE F 8 -56.96 -22.00 -30.85
C ILE F 8 -56.99 -21.31 -29.50
N ILE F 9 -56.20 -21.83 -28.55
CA ILE F 9 -56.09 -21.27 -27.21
C ILE F 9 -54.75 -20.55 -27.11
N GLY F 10 -54.80 -19.21 -27.09
CA GLY F 10 -53.60 -18.42 -26.99
C GLY F 10 -53.30 -17.62 -28.25
N THR F 11 -53.32 -16.30 -28.13
CA THR F 11 -53.10 -15.40 -29.26
C THR F 11 -51.65 -14.92 -29.35
N GLY F 12 -50.70 -15.71 -28.86
CA GLY F 12 -49.30 -15.37 -29.02
C GLY F 12 -48.81 -15.72 -30.40
N SER F 13 -48.07 -16.84 -30.51
CA SER F 13 -47.71 -17.36 -31.82
C SER F 13 -48.84 -18.16 -32.46
N GLY F 14 -49.78 -18.68 -31.66
CA GLY F 14 -50.91 -19.40 -32.20
C GLY F 14 -51.88 -18.54 -32.98
N ASN F 15 -51.86 -17.23 -32.73
CA ASN F 15 -52.71 -16.33 -33.49
C ASN F 15 -52.30 -16.24 -34.96
N SER F 16 -51.03 -16.50 -35.25
CA SER F 16 -50.50 -16.38 -36.60
C SER F 16 -50.74 -17.64 -37.43
N ILE F 17 -51.80 -18.38 -37.13
CA ILE F 17 -52.14 -19.60 -37.86
C ILE F 17 -53.32 -19.37 -38.81
N LEU F 18 -54.39 -18.76 -38.30
CA LEU F 18 -55.59 -18.52 -39.10
C LEU F 18 -55.30 -17.51 -40.20
N ASP F 19 -55.20 -18.01 -41.44
CA ASP F 19 -54.96 -17.19 -42.63
C ASP F 19 -56.22 -17.23 -43.50
N GLU F 20 -56.09 -16.83 -44.77
CA GLU F 20 -57.21 -16.90 -45.69
C GLU F 20 -57.52 -18.34 -46.12
N ARG F 21 -56.64 -19.30 -45.82
CA ARG F 21 -56.97 -20.68 -46.11
C ARG F 21 -58.10 -21.19 -45.23
N TYR F 22 -58.34 -20.55 -44.09
CA TYR F 22 -59.43 -20.89 -43.18
C TYR F 22 -60.65 -20.01 -43.36
N ALA F 23 -60.81 -19.40 -44.54
CA ALA F 23 -61.92 -18.48 -44.77
C ALA F 23 -63.26 -19.19 -44.87
N SER F 24 -63.27 -20.50 -45.11
CA SER F 24 -64.50 -21.26 -45.23
C SER F 24 -64.85 -22.04 -43.97
N LYS F 25 -64.01 -21.94 -42.93
CA LYS F 25 -64.24 -22.62 -41.67
C LYS F 25 -64.60 -21.61 -40.58
N ARG F 26 -65.32 -22.10 -39.56
CA ARG F 26 -65.69 -21.29 -38.41
C ARG F 26 -64.65 -21.54 -37.32
N ALA F 27 -63.91 -20.51 -36.95
CA ALA F 27 -62.84 -20.63 -35.97
C ALA F 27 -63.18 -19.87 -34.70
N ALA F 28 -62.64 -20.36 -33.58
CA ALA F 28 -62.79 -19.73 -32.28
C ALA F 28 -61.41 -19.54 -31.68
N ILE F 29 -61.17 -18.35 -31.12
CA ILE F 29 -59.89 -18.01 -30.52
C ILE F 29 -60.11 -17.61 -29.06
N CYS F 30 -59.20 -18.04 -28.20
CA CYS F 30 -59.30 -17.81 -26.76
C CYS F 30 -58.09 -17.02 -26.28
N GLU F 31 -58.35 -15.94 -25.54
CA GLU F 31 -57.28 -15.10 -25.01
C GLU F 31 -57.74 -14.57 -23.65
N GLN F 32 -57.27 -15.20 -22.57
CA GLN F 32 -57.69 -14.80 -21.24
C GLN F 32 -57.09 -13.47 -20.82
N GLY F 33 -55.92 -13.12 -21.34
CA GLY F 33 -55.23 -11.88 -21.01
C GLY F 33 -55.42 -10.82 -22.08
N THR F 34 -54.37 -10.05 -22.31
CA THR F 34 -54.38 -9.01 -23.32
C THR F 34 -53.99 -9.60 -24.68
N PHE F 35 -54.61 -9.09 -25.74
CA PHE F 35 -54.35 -9.60 -27.08
C PHE F 35 -52.90 -9.35 -27.47
N GLY F 36 -52.31 -10.29 -28.21
CA GLY F 36 -50.95 -10.20 -28.69
C GLY F 36 -50.02 -11.23 -28.06
N GLY F 37 -50.31 -11.64 -26.84
CA GLY F 37 -49.49 -12.61 -26.14
C GLY F 37 -48.60 -11.98 -25.09
N THR F 38 -47.53 -12.70 -24.76
CA THR F 38 -46.59 -12.27 -23.74
C THR F 38 -45.47 -11.43 -24.33
N CYS F 39 -44.92 -11.85 -25.47
CA CYS F 39 -43.77 -11.16 -26.06
C CYS F 39 -44.06 -9.70 -26.32
N LEU F 40 -45.24 -9.38 -26.87
CA LEU F 40 -45.54 -8.01 -27.23
C LEU F 40 -45.90 -7.17 -26.00
N ASN F 41 -46.83 -7.65 -25.18
CA ASN F 41 -47.36 -6.82 -24.09
C ASN F 41 -46.42 -6.78 -22.89
N VAL F 42 -45.93 -7.94 -22.45
CA VAL F 42 -45.17 -8.00 -21.20
C VAL F 42 -43.94 -8.90 -21.34
N GLY F 43 -43.30 -8.89 -22.51
CA GLY F 43 -42.20 -9.81 -22.72
C GLY F 43 -41.00 -9.26 -23.47
N CYS F 44 -40.63 -9.95 -24.55
CA CYS F 44 -39.41 -9.65 -25.29
C CYS F 44 -39.44 -8.22 -25.84
N ILE F 45 -40.54 -7.83 -26.49
CA ILE F 45 -40.58 -6.54 -27.17
C ILE F 45 -40.38 -5.37 -26.20
N PRO F 46 -41.11 -5.27 -25.09
CA PRO F 46 -40.87 -4.12 -24.20
C PRO F 46 -39.54 -4.18 -23.45
N THR F 47 -39.08 -5.38 -23.07
CA THR F 47 -37.85 -5.48 -22.28
C THR F 47 -36.64 -4.99 -23.07
N LYS F 48 -36.52 -5.42 -24.32
CA LYS F 48 -35.37 -5.02 -25.13
C LYS F 48 -35.36 -3.54 -25.45
N MET F 49 -36.52 -2.88 -25.42
CA MET F 49 -36.55 -1.43 -25.54
C MET F 49 -35.92 -0.78 -24.31
N PHE F 50 -36.26 -1.26 -23.12
CA PHE F 50 -35.61 -0.75 -21.91
C PHE F 50 -34.13 -1.08 -21.90
N VAL F 51 -33.74 -2.22 -22.48
CA VAL F 51 -32.34 -2.61 -22.50
C VAL F 51 -31.52 -1.61 -23.31
N TYR F 52 -32.01 -1.25 -24.50
CA TYR F 52 -31.31 -0.29 -25.33
C TYR F 52 -31.24 1.08 -24.65
N ALA F 53 -32.31 1.47 -23.95
CA ALA F 53 -32.28 2.72 -23.20
C ALA F 53 -31.24 2.65 -22.09
N ALA F 54 -31.11 1.48 -21.45
CA ALA F 54 -30.09 1.33 -20.41
C ALA F 54 -28.68 1.39 -21.00
N GLU F 55 -28.49 0.84 -22.20
CA GLU F 55 -27.18 0.89 -22.83
C GLU F 55 -26.80 2.31 -23.23
N VAL F 56 -27.78 3.16 -23.52
CA VAL F 56 -27.49 4.56 -23.81
C VAL F 56 -26.94 5.25 -22.58
N ALA F 57 -27.58 5.04 -21.42
CA ALA F 57 -27.09 5.60 -20.18
C ALA F 57 -25.74 5.01 -19.80
N LYS F 58 -25.54 3.71 -20.06
CA LYS F 58 -24.27 3.07 -19.76
C LYS F 58 -23.13 3.69 -20.57
N THR F 59 -23.42 4.09 -21.82
CA THR F 59 -22.40 4.72 -22.64
C THR F 59 -21.96 6.06 -22.06
N ILE F 60 -22.92 6.84 -21.55
CA ILE F 60 -22.61 8.16 -20.98
C ILE F 60 -21.78 8.01 -19.72
N ARG F 61 -22.10 7.00 -18.89
CA ARG F 61 -21.41 6.87 -17.61
C ARG F 61 -19.94 6.49 -17.79
N GLY F 62 -19.64 5.62 -18.75
CA GLY F 62 -18.27 5.20 -18.97
C GLY F 62 -17.58 5.92 -20.10
N ALA F 63 -18.09 7.10 -20.48
CA ALA F 63 -17.52 7.85 -21.58
C ALA F 63 -16.16 8.45 -21.23
N SER F 64 -15.88 8.69 -19.94
CA SER F 64 -14.63 9.36 -19.57
C SER F 64 -13.38 8.56 -19.93
N ARG F 65 -13.47 7.22 -19.99
CA ARG F 65 -12.28 6.45 -20.33
C ARG F 65 -11.81 6.72 -21.75
N TYR F 66 -12.72 7.15 -22.64
CA TYR F 66 -12.39 7.39 -24.03
C TYR F 66 -12.01 8.85 -24.30
N GLY F 67 -12.08 9.70 -23.28
CA GLY F 67 -11.70 11.10 -23.41
C GLY F 67 -12.84 12.08 -23.43
N ILE F 68 -14.09 11.62 -23.30
CA ILE F 68 -15.25 12.49 -23.31
C ILE F 68 -15.85 12.49 -21.91
N ASP F 69 -15.75 13.62 -21.22
CA ASP F 69 -16.31 13.78 -19.88
C ASP F 69 -17.75 14.24 -20.03
N ALA F 70 -18.70 13.39 -19.61
CA ALA F 70 -20.11 13.70 -19.71
C ALA F 70 -20.81 13.26 -18.43
N HIS F 71 -22.07 13.66 -18.29
CA HIS F 71 -22.86 13.33 -17.11
C HIS F 71 -24.34 13.34 -17.46
N ILE F 72 -25.09 12.48 -16.78
CA ILE F 72 -26.53 12.36 -16.98
C ILE F 72 -27.23 13.34 -16.05
N ASP F 73 -28.11 14.16 -16.61
CA ASP F 73 -28.83 15.15 -15.79
C ASP F 73 -30.06 14.53 -15.13
N ARG F 74 -30.87 13.82 -15.89
CA ARG F 74 -32.09 13.22 -15.34
C ARG F 74 -32.50 12.03 -16.20
N VAL F 75 -33.18 11.09 -15.57
CA VAL F 75 -33.74 9.93 -16.24
C VAL F 75 -35.25 10.05 -16.15
N ARG F 76 -35.88 10.49 -17.24
CA ARG F 76 -37.33 10.69 -17.29
C ARG F 76 -38.01 9.34 -17.46
N TRP F 77 -38.18 8.64 -16.33
CA TRP F 77 -38.79 7.31 -16.37
C TRP F 77 -40.22 7.36 -16.90
N ASP F 78 -40.94 8.44 -16.60
CA ASP F 78 -42.31 8.57 -17.09
C ASP F 78 -42.33 8.69 -18.62
N ASP F 79 -41.36 9.40 -19.19
CA ASP F 79 -41.29 9.53 -20.64
C ASP F 79 -40.72 8.28 -21.30
N VAL F 80 -39.90 7.52 -20.57
CA VAL F 80 -39.37 6.27 -21.11
C VAL F 80 -40.47 5.22 -21.19
N VAL F 81 -41.30 5.11 -20.16
CA VAL F 81 -42.40 4.15 -20.16
C VAL F 81 -43.43 4.51 -21.23
N SER F 82 -43.74 5.79 -21.37
CA SER F 82 -44.73 6.22 -22.36
C SER F 82 -44.21 5.99 -23.78
N ARG F 83 -42.91 6.18 -24.00
CA ARG F 83 -42.35 5.96 -25.32
C ARG F 83 -42.34 4.48 -25.69
N VAL F 84 -42.12 3.60 -24.71
CA VAL F 84 -42.05 2.17 -24.98
C VAL F 84 -43.43 1.63 -25.35
N PHE F 85 -44.40 1.81 -24.45
CA PHE F 85 -45.73 1.26 -24.65
C PHE F 85 -46.58 2.07 -25.63
N GLY F 86 -46.15 3.28 -25.98
CA GLY F 86 -46.82 4.00 -27.05
C GLY F 86 -46.68 3.34 -28.40
N ARG F 87 -45.69 2.45 -28.55
CA ARG F 87 -45.53 1.64 -29.75
C ARG F 87 -46.23 0.30 -29.64
N ILE F 88 -46.27 -0.27 -28.43
CA ILE F 88 -46.77 -1.63 -28.25
C ILE F 88 -48.29 -1.64 -28.18
N ASP F 89 -48.87 -0.76 -27.35
CA ASP F 89 -50.31 -0.77 -27.13
C ASP F 89 -51.14 -0.68 -28.40
N PRO F 90 -50.81 0.14 -29.41
CA PRO F 90 -51.60 0.11 -30.64
C PRO F 90 -51.50 -1.21 -31.40
N ILE F 91 -50.40 -1.95 -31.25
CA ILE F 91 -50.29 -3.24 -31.92
C ILE F 91 -51.26 -4.25 -31.33
N ALA F 92 -51.41 -4.24 -30.00
CA ALA F 92 -52.37 -5.13 -29.36
C ALA F 92 -53.80 -4.74 -29.71
N LEU F 93 -54.05 -3.45 -29.92
CA LEU F 93 -55.39 -2.99 -30.26
C LEU F 93 -55.73 -3.27 -31.72
N SER F 94 -54.77 -3.05 -32.63
CA SER F 94 -55.02 -3.30 -34.04
C SER F 94 -55.18 -4.79 -34.32
N GLY F 95 -54.35 -5.62 -33.71
CA GLY F 95 -54.46 -7.06 -33.92
C GLY F 95 -55.74 -7.64 -33.36
N GLU F 96 -56.27 -7.05 -32.28
CA GLU F 96 -57.53 -7.51 -31.73
C GLU F 96 -58.70 -7.14 -32.63
N ASP F 97 -58.65 -5.94 -33.23
CA ASP F 97 -59.71 -5.53 -34.15
C ASP F 97 -59.66 -6.31 -35.45
N TYR F 98 -58.46 -6.75 -35.86
CA TYR F 98 -58.35 -7.52 -37.10
C TYR F 98 -59.07 -8.85 -37.00
N ARG F 99 -59.13 -9.44 -35.81
CA ARG F 99 -59.81 -10.71 -35.60
C ARG F 99 -61.30 -10.52 -35.37
N ARG F 100 -61.68 -9.45 -34.66
CA ARG F 100 -63.08 -9.21 -34.35
C ARG F 100 -63.87 -8.90 -35.62
N CYS F 101 -63.28 -8.12 -36.53
CA CYS F 101 -64.00 -7.74 -37.75
C CYS F 101 -64.21 -8.90 -38.70
N ALA F 102 -63.51 -10.01 -38.51
CA ALA F 102 -63.75 -11.18 -39.34
C ALA F 102 -65.06 -11.85 -38.94
N PRO F 103 -65.98 -12.06 -39.88
CA PRO F 103 -67.27 -12.69 -39.51
C PRO F 103 -67.15 -14.15 -39.13
N ASN F 104 -66.11 -14.84 -39.60
CA ASN F 104 -65.96 -16.27 -39.37
C ASN F 104 -65.17 -16.60 -38.11
N ILE F 105 -64.54 -15.61 -37.48
CA ILE F 105 -63.77 -15.81 -36.26
C ILE F 105 -64.53 -15.19 -35.10
N ASP F 106 -64.70 -15.97 -34.03
CA ASP F 106 -65.30 -15.51 -32.79
C ASP F 106 -64.24 -15.53 -31.70
N VAL F 107 -64.21 -14.47 -30.88
CA VAL F 107 -63.17 -14.28 -29.89
C VAL F 107 -63.75 -14.48 -28.49
N TYR F 108 -63.10 -15.33 -27.70
CA TYR F 108 -63.43 -15.54 -26.30
C TYR F 108 -62.29 -15.01 -25.44
N ARG F 109 -62.63 -14.19 -24.44
CA ARG F 109 -61.63 -13.48 -23.66
C ARG F 109 -61.56 -13.95 -22.21
N THR F 110 -61.96 -15.20 -21.94
CA THR F 110 -61.88 -15.77 -20.61
C THR F 110 -61.10 -17.08 -20.65
N HIS F 111 -60.71 -17.55 -19.48
CA HIS F 111 -59.95 -18.78 -19.36
C HIS F 111 -60.78 -19.97 -19.83
N THR F 112 -60.24 -20.72 -20.79
CA THR F 112 -60.94 -21.84 -21.40
C THR F 112 -60.35 -23.16 -20.90
N ARG F 113 -61.23 -24.09 -20.53
CA ARG F 113 -60.81 -25.41 -20.08
C ARG F 113 -61.37 -26.49 -21.00
N PHE F 114 -60.73 -27.66 -20.96
CA PHE F 114 -61.14 -28.80 -21.75
C PHE F 114 -62.23 -29.60 -21.05
N GLY F 115 -63.24 -30.00 -21.82
CA GLY F 115 -64.27 -30.87 -21.31
C GLY F 115 -64.11 -32.27 -21.87
N PRO F 116 -64.98 -33.20 -21.45
CA PRO F 116 -64.92 -34.55 -22.00
C PRO F 116 -65.30 -34.56 -23.48
N VAL F 117 -64.58 -35.39 -24.25
CA VAL F 117 -64.83 -35.47 -25.68
C VAL F 117 -66.24 -35.99 -25.93
N GLN F 118 -66.93 -35.37 -26.87
CA GLN F 118 -68.30 -35.73 -27.19
C GLN F 118 -68.35 -37.02 -28.00
N ALA F 119 -69.56 -37.58 -28.11
CA ALA F 119 -69.74 -38.85 -28.80
C ALA F 119 -69.37 -38.74 -30.28
N ASP F 120 -69.68 -37.61 -30.91
CA ASP F 120 -69.38 -37.45 -32.33
C ASP F 120 -67.90 -37.30 -32.62
N GLY F 121 -67.06 -37.18 -31.58
CA GLY F 121 -65.63 -37.05 -31.76
C GLY F 121 -65.10 -35.64 -31.60
N ARG F 122 -65.99 -34.64 -31.51
CA ARG F 122 -65.56 -33.26 -31.37
C ARG F 122 -65.22 -32.94 -29.92
N TYR F 123 -64.28 -32.01 -29.74
CA TYR F 123 -63.77 -31.64 -28.43
C TYR F 123 -64.58 -30.50 -27.84
N LEU F 124 -65.01 -30.67 -26.59
CA LEU F 124 -65.78 -29.65 -25.88
C LEU F 124 -64.83 -28.68 -25.17
N LEU F 125 -65.11 -27.40 -25.30
CA LEU F 125 -64.33 -26.35 -24.65
C LEU F 125 -65.27 -25.47 -23.84
N ARG F 126 -64.86 -25.14 -22.62
CA ARG F 126 -65.66 -24.34 -21.70
C ARG F 126 -64.83 -23.15 -21.24
N THR F 127 -65.42 -21.96 -21.30
CA THR F 127 -64.77 -20.74 -20.86
C THR F 127 -65.18 -20.40 -19.43
N ASP F 128 -64.36 -19.59 -18.78
CA ASP F 128 -64.62 -19.20 -17.39
C ASP F 128 -65.84 -18.30 -17.24
N ALA F 129 -66.36 -17.75 -18.34
CA ALA F 129 -67.56 -16.91 -18.28
C ALA F 129 -68.84 -17.72 -18.38
N GLY F 130 -68.76 -19.01 -18.69
CA GLY F 130 -69.93 -19.86 -18.81
C GLY F 130 -70.35 -20.18 -20.22
N GLU F 131 -69.44 -20.08 -21.19
CA GLU F 131 -69.74 -20.34 -22.60
C GLU F 131 -69.19 -21.71 -22.99
N GLU F 132 -70.04 -22.52 -23.60
CA GLU F 132 -69.68 -23.86 -24.05
C GLU F 132 -69.78 -23.94 -25.56
N PHE F 133 -68.77 -24.54 -26.19
CA PHE F 133 -68.75 -24.74 -27.63
C PHE F 133 -67.87 -25.94 -27.95
N THR F 134 -67.97 -26.41 -29.19
CA THR F 134 -67.23 -27.57 -29.64
C THR F 134 -66.37 -27.22 -30.84
N ALA F 135 -65.36 -28.05 -31.10
CA ALA F 135 -64.44 -27.84 -32.21
C ALA F 135 -63.89 -29.17 -32.66
N GLU F 136 -63.67 -29.30 -33.98
CA GLU F 136 -63.09 -30.52 -34.54
C GLU F 136 -61.60 -30.59 -34.26
N GLN F 137 -60.87 -29.52 -34.55
CA GLN F 137 -59.44 -29.44 -34.28
C GLN F 137 -59.18 -28.36 -33.22
N VAL F 138 -58.19 -28.61 -32.38
CA VAL F 138 -57.83 -27.70 -31.29
C VAL F 138 -56.33 -27.51 -31.29
N VAL F 139 -55.89 -26.26 -31.20
CA VAL F 139 -54.47 -25.91 -31.12
C VAL F 139 -54.20 -25.30 -29.76
N ILE F 140 -53.22 -25.85 -29.05
CA ILE F 140 -52.89 -25.41 -27.70
C ILE F 140 -51.62 -24.57 -27.77
N ALA F 141 -51.77 -23.27 -27.53
CA ALA F 141 -50.65 -22.33 -27.47
C ALA F 141 -50.76 -21.46 -26.22
N ALA F 142 -50.94 -22.12 -25.07
CA ALA F 142 -51.19 -21.42 -23.82
C ALA F 142 -49.94 -20.73 -23.26
N GLY F 143 -48.76 -20.98 -23.82
CA GLY F 143 -47.58 -20.31 -23.34
C GLY F 143 -47.19 -20.73 -21.94
N SER F 144 -46.63 -19.79 -21.18
CA SER F 144 -46.15 -20.05 -19.84
C SER F 144 -46.59 -18.91 -18.92
N ARG F 145 -46.35 -19.10 -17.63
CA ARG F 145 -46.71 -18.13 -16.60
C ARG F 145 -45.64 -18.11 -15.52
N PRO F 146 -45.49 -16.99 -14.82
CA PRO F 146 -44.43 -16.88 -13.81
C PRO F 146 -44.70 -17.77 -12.60
N VAL F 147 -43.62 -18.12 -11.91
CA VAL F 147 -43.65 -18.92 -10.70
C VAL F 147 -43.14 -18.06 -9.56
N ILE F 148 -43.88 -18.05 -8.46
CA ILE F 148 -43.53 -17.27 -7.27
C ILE F 148 -43.16 -18.26 -6.16
N PRO F 149 -42.03 -18.07 -5.46
CA PRO F 149 -41.65 -18.99 -4.39
C PRO F 149 -42.72 -19.05 -3.31
N PRO F 150 -42.97 -20.24 -2.76
CA PRO F 150 -44.03 -20.36 -1.75
C PRO F 150 -43.79 -19.51 -0.51
N ALA F 151 -42.53 -19.30 -0.13
CA ALA F 151 -42.24 -18.46 1.03
C ALA F 151 -42.63 -17.01 0.77
N ILE F 152 -42.44 -16.54 -0.46
CA ILE F 152 -42.84 -15.17 -0.79
C ILE F 152 -44.35 -15.07 -0.91
N LEU F 153 -44.99 -16.11 -1.45
CA LEU F 153 -46.44 -16.11 -1.59
C LEU F 153 -47.13 -16.11 -0.24
N ALA F 154 -46.63 -16.91 0.71
CA ALA F 154 -47.23 -16.97 2.02
C ALA F 154 -46.96 -15.73 2.86
N SER F 155 -45.99 -14.90 2.47
CA SER F 155 -45.66 -13.71 3.24
C SER F 155 -46.66 -12.58 3.02
N GLY F 156 -47.30 -12.54 1.86
CA GLY F 156 -48.24 -11.46 1.59
C GLY F 156 -47.60 -10.13 1.27
N VAL F 157 -46.32 -10.13 0.90
CA VAL F 157 -45.63 -8.88 0.59
C VAL F 157 -45.92 -8.49 -0.86
N ASP F 158 -45.79 -7.19 -1.13
CA ASP F 158 -45.99 -6.67 -2.48
C ASP F 158 -44.73 -6.96 -3.30
N TYR F 159 -44.88 -7.82 -4.31
CA TYR F 159 -43.79 -8.19 -5.19
C TYR F 159 -44.17 -7.88 -6.63
N HIS F 160 -43.17 -7.88 -7.50
CA HIS F 160 -43.38 -7.61 -8.92
C HIS F 160 -42.80 -8.73 -9.76
N THR F 161 -43.39 -8.92 -10.94
CA THR F 161 -42.92 -9.87 -11.93
C THR F 161 -42.64 -9.14 -13.23
N SER F 162 -42.24 -9.89 -14.24
CA SER F 162 -42.00 -9.29 -15.56
C SER F 162 -43.28 -8.73 -16.17
N ASP F 163 -44.45 -9.16 -15.69
CA ASP F 163 -45.72 -8.68 -16.23
C ASP F 163 -46.11 -7.31 -15.71
N THR F 164 -45.60 -6.91 -14.54
CA THR F 164 -46.02 -5.68 -13.91
C THR F 164 -44.90 -4.69 -13.62
N VAL F 165 -43.65 -5.13 -13.60
CA VAL F 165 -42.55 -4.25 -13.20
C VAL F 165 -42.24 -3.19 -14.25
N MET F 166 -42.65 -3.39 -15.50
CA MET F 166 -42.31 -2.44 -16.55
C MET F 166 -43.24 -1.23 -16.60
N ARG F 167 -44.36 -1.25 -15.88
CA ARG F 167 -45.28 -0.12 -15.87
C ARG F 167 -45.34 0.50 -14.49
N ILE F 168 -44.19 0.85 -13.94
CA ILE F 168 -44.10 1.44 -12.61
C ILE F 168 -44.13 2.96 -12.73
N ALA F 169 -44.68 3.63 -11.72
CA ALA F 169 -44.87 5.07 -11.79
C ALA F 169 -43.54 5.81 -11.67
N GLU F 170 -42.74 5.46 -10.66
CA GLU F 170 -41.48 6.13 -10.41
C GLU F 170 -40.39 5.09 -10.15
N LEU F 171 -39.18 5.41 -10.56
CA LEU F 171 -38.08 4.47 -10.38
C LEU F 171 -37.68 4.39 -8.92
N PRO F 172 -37.57 3.19 -8.35
CA PRO F 172 -37.22 3.07 -6.94
C PRO F 172 -35.75 3.36 -6.69
N GLU F 173 -35.43 3.57 -5.41
CA GLU F 173 -34.05 3.83 -5.00
C GLU F 173 -33.25 2.54 -4.88
N HIS F 174 -33.88 1.49 -4.34
CA HIS F 174 -33.22 0.21 -4.11
C HIS F 174 -34.16 -0.92 -4.51
N ILE F 175 -33.65 -1.86 -5.31
CA ILE F 175 -34.43 -2.99 -5.80
C ILE F 175 -33.75 -4.28 -5.37
N VAL F 176 -34.56 -5.28 -5.05
CA VAL F 176 -34.08 -6.63 -4.74
C VAL F 176 -34.68 -7.57 -5.75
N ILE F 177 -33.84 -8.31 -6.46
CA ILE F 177 -34.26 -9.27 -7.48
C ILE F 177 -33.93 -10.67 -6.98
N VAL F 178 -34.96 -11.52 -6.90
CA VAL F 178 -34.79 -12.89 -6.46
C VAL F 178 -34.82 -13.78 -7.70
N GLY F 179 -33.67 -14.28 -8.08
CA GLY F 179 -33.53 -15.14 -9.23
C GLY F 179 -32.17 -15.00 -9.87
N SER F 180 -31.84 -15.97 -10.74
CA SER F 180 -30.57 -15.96 -11.45
C SER F 180 -30.74 -16.28 -12.92
N GLY F 181 -31.97 -16.28 -13.43
CA GLY F 181 -32.22 -16.59 -14.83
C GLY F 181 -31.96 -15.40 -15.73
N PHE F 182 -32.33 -15.56 -17.00
CA PHE F 182 -32.16 -14.49 -17.97
C PHE F 182 -33.10 -13.32 -17.69
N ILE F 183 -34.24 -13.59 -17.05
CA ILE F 183 -35.16 -12.50 -16.70
C ILE F 183 -34.55 -11.62 -15.63
N ALA F 184 -33.96 -12.23 -14.60
CA ALA F 184 -33.36 -11.45 -13.51
C ALA F 184 -32.15 -10.67 -13.96
N ALA F 185 -31.37 -11.21 -14.90
CA ALA F 185 -30.16 -10.53 -15.35
C ALA F 185 -30.47 -9.33 -16.22
N GLU F 186 -31.48 -9.45 -17.09
CA GLU F 186 -31.81 -8.34 -17.97
C GLU F 186 -32.35 -7.15 -17.20
N PHE F 187 -33.20 -7.40 -16.19
CA PHE F 187 -33.72 -6.29 -15.39
C PHE F 187 -32.69 -5.71 -14.45
N ALA F 188 -31.75 -6.52 -13.98
CA ALA F 188 -30.65 -6.00 -13.17
C ALA F 188 -29.79 -5.06 -13.99
N HIS F 189 -29.60 -5.37 -15.28
CA HIS F 189 -28.84 -4.48 -16.16
C HIS F 189 -29.62 -3.20 -16.45
N VAL F 190 -30.95 -3.32 -16.58
CA VAL F 190 -31.77 -2.16 -16.93
C VAL F 190 -31.82 -1.16 -15.78
N PHE F 191 -32.21 -1.64 -14.59
CA PHE F 191 -32.42 -0.72 -13.48
C PHE F 191 -31.10 -0.14 -12.97
N SER F 192 -30.02 -0.93 -12.97
CA SER F 192 -28.74 -0.41 -12.51
C SER F 192 -28.22 0.68 -13.42
N ALA F 193 -28.36 0.50 -14.74
CA ALA F 193 -27.90 1.52 -15.67
C ALA F 193 -28.75 2.79 -15.58
N LEU F 194 -30.01 2.65 -15.18
CA LEU F 194 -30.89 3.80 -15.01
C LEU F 194 -30.74 4.46 -13.66
N GLY F 195 -29.89 3.93 -12.78
CA GLY F 195 -29.60 4.55 -11.51
C GLY F 195 -30.16 3.88 -10.27
N VAL F 196 -30.68 2.66 -10.38
CA VAL F 196 -31.25 1.96 -9.24
C VAL F 196 -30.19 1.05 -8.64
N ARG F 197 -30.18 0.96 -7.31
CA ARG F 197 -29.30 0.04 -6.60
C ARG F 197 -29.88 -1.35 -6.66
N VAL F 198 -29.13 -2.29 -7.24
CA VAL F 198 -29.60 -3.63 -7.53
C VAL F 198 -28.97 -4.62 -6.56
N THR F 199 -29.79 -5.54 -6.03
CA THR F 199 -29.33 -6.59 -5.14
C THR F 199 -29.92 -7.91 -5.61
N LEU F 200 -29.05 -8.86 -5.95
CA LEU F 200 -29.46 -10.18 -6.42
C LEU F 200 -29.37 -11.17 -5.27
N VAL F 201 -30.47 -11.89 -5.03
CA VAL F 201 -30.53 -12.93 -4.00
C VAL F 201 -30.81 -14.24 -4.73
N ILE F 202 -29.75 -14.96 -5.07
CA ILE F 202 -29.85 -16.22 -5.81
C ILE F 202 -29.61 -17.37 -4.85
N ARG F 203 -30.20 -18.53 -5.18
CA ARG F 203 -30.04 -19.72 -4.36
C ARG F 203 -28.84 -20.57 -4.78
N GLY F 204 -28.27 -20.33 -5.96
CA GLY F 204 -27.14 -21.09 -6.45
C GLY F 204 -25.82 -20.40 -6.19
N SER F 205 -24.81 -20.78 -6.98
CA SER F 205 -23.48 -20.23 -6.82
C SER F 205 -23.03 -19.31 -7.95
N CYS F 206 -23.63 -19.42 -9.14
CA CYS F 206 -23.24 -18.61 -10.27
C CYS F 206 -24.49 -18.07 -10.96
N LEU F 207 -24.36 -16.90 -11.58
CA LEU F 207 -25.44 -16.33 -12.36
C LEU F 207 -25.43 -16.94 -13.77
N LEU F 208 -26.63 -17.08 -14.33
CA LEU F 208 -26.83 -17.73 -15.63
C LEU F 208 -26.16 -19.12 -15.63
N ARG F 209 -26.76 -20.00 -14.85
CA ARG F 209 -26.18 -21.32 -14.63
C ARG F 209 -26.29 -22.20 -15.86
N HIS F 210 -27.44 -22.19 -16.54
CA HIS F 210 -27.65 -23.06 -17.69
C HIS F 210 -26.83 -22.64 -18.91
N CYS F 211 -26.09 -21.54 -18.81
CA CYS F 211 -25.15 -21.14 -19.85
C CYS F 211 -23.84 -21.89 -19.64
N ASP F 212 -22.92 -21.73 -20.60
CA ASP F 212 -21.63 -22.37 -20.45
C ASP F 212 -20.93 -21.87 -19.19
N ASP F 213 -20.23 -22.79 -18.51
CA ASP F 213 -19.60 -22.45 -17.23
C ASP F 213 -18.54 -21.38 -17.37
N THR F 214 -17.86 -21.30 -18.52
CA THR F 214 -16.91 -20.21 -18.73
C THR F 214 -17.62 -18.87 -18.69
N ILE F 215 -18.78 -18.78 -19.34
CA ILE F 215 -19.57 -17.54 -19.28
C ILE F 215 -20.17 -17.36 -17.89
N CYS F 216 -20.77 -18.42 -17.35
CA CYS F 216 -21.41 -18.34 -16.04
C CYS F 216 -20.44 -17.88 -14.96
N GLU F 217 -19.22 -18.45 -14.95
CA GLU F 217 -18.25 -18.08 -13.93
C GLU F 217 -17.73 -16.66 -14.14
N ARG F 218 -17.45 -16.29 -15.39
CA ARG F 218 -16.90 -14.96 -15.66
C ARG F 218 -17.96 -13.88 -15.51
N PHE F 219 -19.19 -14.14 -15.96
CA PHE F 219 -20.24 -13.14 -15.84
C PHE F 219 -20.62 -12.91 -14.39
N THR F 220 -20.70 -13.98 -13.60
CA THR F 220 -21.02 -13.85 -12.18
C THR F 220 -19.95 -13.03 -11.46
N ARG F 221 -18.70 -13.18 -11.86
CA ARG F 221 -17.61 -12.39 -11.27
C ARG F 221 -17.77 -10.91 -11.62
N ILE F 222 -18.04 -10.62 -12.89
CA ILE F 222 -18.20 -9.23 -13.32
C ILE F 222 -19.43 -8.60 -12.69
N ALA F 223 -20.54 -9.33 -12.67
CA ALA F 223 -21.80 -8.79 -12.14
C ALA F 223 -21.73 -8.54 -10.65
N SER F 224 -20.93 -9.33 -9.92
CA SER F 224 -20.86 -9.18 -8.46
C SER F 224 -20.19 -7.89 -8.03
N THR F 225 -19.45 -7.22 -8.91
CA THR F 225 -18.78 -5.98 -8.54
C THR F 225 -19.65 -4.74 -8.73
N LYS F 226 -20.54 -4.76 -9.71
CA LYS F 226 -21.42 -3.62 -9.96
C LYS F 226 -22.79 -3.77 -9.29
N TRP F 227 -23.22 -4.99 -9.01
CA TRP F 227 -24.45 -5.25 -8.28
C TRP F 227 -24.13 -6.07 -7.05
N GLU F 228 -24.96 -5.93 -6.02
CA GLU F 228 -24.75 -6.68 -4.78
C GLU F 228 -25.30 -8.09 -4.97
N LEU F 229 -24.40 -9.07 -5.04
CA LEU F 229 -24.77 -10.46 -5.29
C LEU F 229 -24.70 -11.24 -3.99
N ARG F 230 -25.81 -11.83 -3.59
CA ARG F 230 -25.90 -12.68 -2.39
C ARG F 230 -26.17 -14.10 -2.85
N THR F 231 -25.11 -14.91 -2.88
CA THR F 231 -25.21 -16.29 -3.37
C THR F 231 -25.64 -17.24 -2.27
N HIS F 232 -26.31 -18.31 -2.66
CA HIS F 232 -26.75 -19.38 -1.75
C HIS F 232 -27.72 -18.86 -0.69
N ARG F 233 -28.56 -17.90 -1.05
CA ARG F 233 -29.53 -17.32 -0.13
C ARG F 233 -30.93 -17.43 -0.69
N ASN F 234 -31.90 -17.64 0.19
CA ASN F 234 -33.30 -17.73 -0.17
C ASN F 234 -34.13 -16.84 0.76
N VAL F 235 -35.12 -16.16 0.19
CA VAL F 235 -36.03 -15.35 0.98
C VAL F 235 -37.05 -16.27 1.64
N VAL F 236 -37.12 -16.22 2.96
CA VAL F 236 -38.03 -17.08 3.71
C VAL F 236 -39.24 -16.32 4.25
N ASP F 237 -39.10 -15.05 4.58
CA ASP F 237 -40.21 -14.27 5.11
C ASP F 237 -40.04 -12.81 4.69
N GLY F 238 -41.09 -12.04 4.92
CA GLY F 238 -41.08 -10.63 4.57
C GLY F 238 -42.28 -9.93 5.15
N GLN F 239 -42.15 -8.61 5.28
CA GLN F 239 -43.21 -7.80 5.84
C GLN F 239 -43.14 -6.39 5.25
N GLN F 240 -44.28 -5.70 5.29
CA GLN F 240 -44.36 -4.35 4.75
C GLN F 240 -43.50 -3.39 5.57
N ARG F 241 -42.87 -2.44 4.87
CA ARG F 241 -42.06 -1.41 5.50
C ARG F 241 -42.48 -0.03 5.04
N GLY F 242 -43.76 0.13 4.72
CA GLY F 242 -44.25 1.39 4.18
C GLY F 242 -44.58 1.24 2.71
N SER F 243 -43.95 2.07 1.86
CA SER F 243 -43.98 1.83 0.43
C SER F 243 -43.01 0.74 0.00
N GLY F 244 -42.06 0.36 0.85
CA GLY F 244 -41.11 -0.66 0.56
C GLY F 244 -41.38 -1.95 1.30
N VAL F 245 -40.35 -2.81 1.37
CA VAL F 245 -40.47 -4.14 1.95
C VAL F 245 -39.20 -4.46 2.72
N ALA F 246 -39.34 -5.31 3.74
CA ALA F 246 -38.23 -5.83 4.53
C ALA F 246 -38.26 -7.34 4.44
N LEU F 247 -37.26 -7.92 3.77
CA LEU F 247 -37.22 -9.36 3.52
C LEU F 247 -36.21 -10.02 4.43
N ARG F 248 -36.59 -11.14 5.02
CA ARG F 248 -35.70 -11.95 5.85
C ARG F 248 -35.19 -13.13 5.04
N LEU F 249 -33.88 -13.39 5.15
CA LEU F 249 -33.24 -14.44 4.39
C LEU F 249 -33.10 -15.70 5.23
N ASP F 250 -32.67 -16.79 4.57
CA ASP F 250 -32.56 -18.08 5.22
C ASP F 250 -31.41 -18.14 6.23
N ASP F 251 -30.62 -17.07 6.37
CA ASP F 251 -29.54 -17.02 7.34
C ASP F 251 -29.82 -16.01 8.46
N GLY F 252 -31.05 -15.52 8.57
CA GLY F 252 -31.45 -14.61 9.63
C GLY F 252 -31.30 -13.14 9.31
N CYS F 253 -30.47 -12.78 8.35
CA CYS F 253 -30.27 -11.38 8.02
C CYS F 253 -31.48 -10.82 7.27
N THR F 254 -31.81 -9.57 7.54
CA THR F 254 -32.93 -8.91 6.90
C THR F 254 -32.43 -7.84 5.94
N ILE F 255 -33.18 -7.66 4.85
CA ILE F 255 -32.83 -6.69 3.81
C ILE F 255 -34.00 -5.74 3.61
N ASN F 256 -33.72 -4.45 3.68
CA ASN F 256 -34.72 -3.41 3.41
C ASN F 256 -34.56 -2.94 1.97
N ALA F 257 -35.69 -2.81 1.27
CA ALA F 257 -35.68 -2.42 -0.13
C ALA F 257 -36.99 -1.70 -0.45
N ASP F 258 -36.99 -1.00 -1.58
CA ASP F 258 -38.18 -0.26 -1.99
C ASP F 258 -39.11 -1.10 -2.85
N LEU F 259 -38.58 -2.08 -3.58
CA LEU F 259 -39.38 -2.90 -4.45
C LEU F 259 -38.79 -4.30 -4.51
N LEU F 260 -39.66 -5.30 -4.61
CA LEU F 260 -39.28 -6.70 -4.71
C LEU F 260 -39.67 -7.22 -6.09
N LEU F 261 -38.69 -7.74 -6.83
CA LEU F 261 -38.90 -8.29 -8.17
C LEU F 261 -38.57 -9.77 -8.14
N VAL F 262 -39.53 -10.60 -8.55
CA VAL F 262 -39.38 -12.06 -8.55
C VAL F 262 -39.16 -12.53 -9.98
N ALA F 263 -38.02 -13.19 -10.22
CA ALA F 263 -37.69 -13.76 -11.52
C ALA F 263 -37.03 -15.12 -11.31
N THR F 264 -37.78 -16.05 -10.71
CA THR F 264 -37.26 -17.37 -10.38
C THR F 264 -37.66 -18.46 -11.39
N GLY F 265 -38.19 -18.09 -12.55
CA GLY F 265 -38.52 -19.03 -13.59
C GLY F 265 -40.00 -19.04 -13.91
N ARG F 266 -40.36 -19.83 -14.93
CA ARG F 266 -41.72 -19.93 -15.43
C ARG F 266 -42.08 -21.37 -15.71
N VAL F 267 -43.38 -21.68 -15.66
CA VAL F 267 -43.90 -23.01 -15.97
C VAL F 267 -45.07 -22.86 -16.94
N SER F 268 -45.28 -23.89 -17.74
CA SER F 268 -46.34 -23.88 -18.73
C SER F 268 -47.72 -23.86 -18.05
N ASN F 269 -48.72 -23.40 -18.79
CA ASN F 269 -50.09 -23.33 -18.31
C ASN F 269 -50.88 -24.60 -18.60
N ALA F 270 -50.20 -25.71 -18.93
CA ALA F 270 -50.90 -26.93 -19.30
C ALA F 270 -51.65 -27.55 -18.12
N ASP F 271 -51.21 -27.27 -16.88
CA ASP F 271 -51.87 -27.87 -15.72
C ASP F 271 -53.25 -27.27 -15.48
N LEU F 272 -53.51 -26.06 -15.97
CA LEU F 272 -54.82 -25.42 -15.83
C LEU F 272 -55.67 -25.58 -17.08
N LEU F 273 -55.59 -26.76 -17.72
CA LEU F 273 -56.28 -26.99 -18.99
C LEU F 273 -57.24 -28.17 -18.97
N ASP F 274 -57.14 -29.07 -17.99
CA ASP F 274 -57.94 -30.30 -17.97
C ASP F 274 -57.69 -31.14 -19.22
N ALA F 275 -56.43 -31.18 -19.66
CA ALA F 275 -56.10 -31.88 -20.90
C ALA F 275 -56.31 -33.38 -20.78
N GLU F 276 -56.22 -33.92 -19.56
CA GLU F 276 -56.48 -35.35 -19.37
C GLU F 276 -57.93 -35.70 -19.65
N GLN F 277 -58.84 -34.72 -19.49
CA GLN F 277 -60.25 -34.93 -19.78
C GLN F 277 -60.54 -34.97 -21.28
N ALA F 278 -59.56 -34.71 -22.12
CA ALA F 278 -59.74 -34.73 -23.57
C ALA F 278 -58.82 -35.71 -24.27
N GLY F 279 -57.97 -36.43 -23.54
CA GLY F 279 -57.09 -37.41 -24.13
C GLY F 279 -55.71 -36.91 -24.44
N VAL F 280 -55.33 -35.72 -23.98
CA VAL F 280 -54.01 -35.16 -24.21
C VAL F 280 -53.13 -35.49 -23.02
N ASP F 281 -52.05 -36.22 -23.27
CA ASP F 281 -51.14 -36.63 -22.21
C ASP F 281 -50.28 -35.46 -21.77
N VAL F 282 -50.02 -35.38 -20.46
CA VAL F 282 -49.20 -34.33 -19.87
C VAL F 282 -48.12 -34.99 -19.02
N GLU F 283 -46.86 -34.67 -19.31
CA GLU F 283 -45.72 -35.13 -18.54
C GLU F 283 -45.01 -33.94 -17.91
N ASP F 284 -44.46 -34.16 -16.72
CA ASP F 284 -43.86 -33.09 -15.92
C ASP F 284 -44.89 -31.99 -15.69
N GLY F 285 -44.85 -30.95 -16.52
CA GLY F 285 -45.85 -29.91 -16.46
C GLY F 285 -46.21 -29.35 -17.82
N ARG F 286 -45.73 -30.01 -18.86
CA ARG F 286 -45.95 -29.58 -20.24
C ARG F 286 -46.64 -30.69 -21.03
N VAL F 287 -47.24 -30.30 -22.15
CA VAL F 287 -47.92 -31.25 -23.02
C VAL F 287 -46.88 -31.92 -23.92
N ILE F 288 -46.97 -33.24 -24.05
CA ILE F 288 -46.03 -33.99 -24.88
C ILE F 288 -46.50 -33.92 -26.32
N VAL F 289 -45.61 -33.45 -27.21
CA VAL F 289 -45.85 -33.45 -28.64
C VAL F 289 -44.68 -34.16 -29.29
N ASP F 290 -44.91 -34.67 -30.49
CA ASP F 290 -43.88 -35.38 -31.22
C ASP F 290 -43.18 -34.43 -32.20
N GLU F 291 -42.44 -34.99 -33.16
CA GLU F 291 -41.74 -34.17 -34.13
C GLU F 291 -42.69 -33.48 -35.11
N TYR F 292 -43.97 -33.86 -35.13
CA TYR F 292 -44.98 -33.21 -35.96
C TYR F 292 -45.91 -32.33 -35.13
N GLN F 293 -45.54 -32.00 -33.90
CA GLN F 293 -46.34 -31.18 -32.99
C GLN F 293 -47.70 -31.79 -32.72
N ARG F 294 -47.82 -33.11 -32.83
CA ARG F 294 -49.07 -33.81 -32.58
C ARG F 294 -49.13 -34.25 -31.12
N THR F 295 -50.28 -34.02 -30.49
CA THR F 295 -50.49 -34.45 -29.12
C THR F 295 -51.08 -35.86 -29.09
N SER F 296 -51.40 -36.34 -27.89
CA SER F 296 -51.96 -37.68 -27.71
C SER F 296 -53.44 -37.75 -28.05
N ALA F 297 -54.03 -36.69 -28.57
CA ALA F 297 -55.44 -36.66 -28.96
C ALA F 297 -55.53 -36.36 -30.45
N ARG F 298 -56.32 -37.15 -31.17
CA ARG F 298 -56.45 -36.98 -32.60
C ARG F 298 -57.08 -35.63 -32.93
N GLY F 299 -56.38 -34.83 -33.72
CA GLY F 299 -56.85 -33.52 -34.11
C GLY F 299 -56.39 -32.38 -33.22
N VAL F 300 -55.67 -32.67 -32.14
CA VAL F 300 -55.20 -31.66 -31.20
C VAL F 300 -53.71 -31.44 -31.43
N PHE F 301 -53.33 -30.20 -31.70
CA PHE F 301 -51.93 -29.80 -31.84
C PHE F 301 -51.55 -28.88 -30.69
N ALA F 302 -50.23 -28.68 -30.53
CA ALA F 302 -49.73 -27.81 -29.49
C ALA F 302 -48.42 -27.18 -29.95
N LEU F 303 -48.15 -25.99 -29.43
CA LEU F 303 -46.97 -25.22 -29.82
C LEU F 303 -46.66 -24.20 -28.74
N GLY F 304 -45.44 -23.66 -28.80
CA GLY F 304 -45.05 -22.60 -27.89
C GLY F 304 -44.54 -23.10 -26.56
N ASP F 305 -44.56 -22.20 -25.57
CA ASP F 305 -44.06 -22.52 -24.23
C ASP F 305 -44.88 -23.60 -23.56
N VAL F 306 -46.12 -23.85 -24.01
CA VAL F 306 -46.97 -24.83 -23.38
C VAL F 306 -46.47 -26.25 -23.59
N SER F 307 -45.56 -26.46 -24.55
CA SER F 307 -45.10 -27.81 -24.85
C SER F 307 -43.61 -27.86 -25.12
N SER F 308 -43.09 -26.85 -25.84
CA SER F 308 -41.71 -26.89 -26.29
C SER F 308 -40.75 -26.85 -25.10
N PRO F 309 -39.60 -27.52 -25.21
CA PRO F 309 -38.59 -27.40 -24.16
C PRO F 309 -37.83 -26.09 -24.21
N TYR F 310 -37.82 -25.41 -25.35
CA TYR F 310 -37.19 -24.10 -25.47
C TYR F 310 -38.28 -23.03 -25.39
N LEU F 311 -38.17 -22.17 -24.38
CA LEU F 311 -39.15 -21.09 -24.16
C LEU F 311 -38.65 -19.81 -24.84
N LEU F 312 -38.60 -19.89 -26.17
CA LEU F 312 -38.12 -18.79 -27.01
C LEU F 312 -39.15 -18.49 -28.09
N LYS F 313 -39.16 -17.22 -28.53
CA LYS F 313 -40.14 -16.80 -29.52
C LYS F 313 -39.83 -17.36 -30.90
N HIS F 314 -38.55 -17.38 -31.30
CA HIS F 314 -38.20 -17.94 -32.60
C HIS F 314 -38.43 -19.44 -32.65
N VAL F 315 -38.48 -20.11 -31.51
CA VAL F 315 -38.86 -21.53 -31.50
C VAL F 315 -40.37 -21.68 -31.53
N ALA F 316 -41.09 -20.85 -30.76
CA ALA F 316 -42.54 -20.93 -30.76
C ALA F 316 -43.14 -20.55 -32.11
N ASN F 317 -42.47 -19.65 -32.84
CA ASN F 317 -42.95 -19.29 -34.18
C ASN F 317 -42.66 -20.38 -35.21
N HIS F 318 -41.55 -21.09 -35.06
CA HIS F 318 -41.25 -22.21 -35.97
C HIS F 318 -42.22 -23.37 -35.74
N GLU F 319 -42.62 -23.60 -34.49
CA GLU F 319 -43.59 -24.65 -34.22
C GLU F 319 -45.00 -24.23 -34.64
N ALA F 320 -45.31 -22.94 -34.56
CA ALA F 320 -46.60 -22.47 -35.04
C ALA F 320 -46.73 -22.61 -36.56
N ARG F 321 -45.62 -22.48 -37.29
CA ARG F 321 -45.65 -22.70 -38.72
C ARG F 321 -45.79 -24.18 -39.07
N VAL F 322 -45.23 -25.06 -38.24
CA VAL F 322 -45.40 -26.48 -38.45
C VAL F 322 -46.83 -26.90 -38.15
N VAL F 323 -47.40 -26.37 -37.06
CA VAL F 323 -48.80 -26.65 -36.74
C VAL F 323 -49.71 -26.11 -37.84
N GLN F 324 -49.38 -24.93 -38.37
CA GLN F 324 -50.19 -24.32 -39.42
C GLN F 324 -50.25 -25.19 -40.67
N HIS F 325 -49.17 -25.91 -40.98
CA HIS F 325 -49.16 -26.76 -42.17
C HIS F 325 -49.77 -28.13 -41.88
N ASN F 326 -49.35 -28.78 -40.79
CA ASN F 326 -49.83 -30.11 -40.47
C ASN F 326 -51.31 -30.13 -40.09
N LEU F 327 -51.90 -28.97 -39.82
CA LEU F 327 -53.34 -28.91 -39.58
C LEU F 327 -54.14 -29.25 -40.83
N LEU F 328 -53.57 -29.00 -42.01
CA LEU F 328 -54.24 -29.31 -43.27
C LEU F 328 -53.90 -30.69 -43.80
N CYS F 329 -53.07 -31.44 -43.09
CA CYS F 329 -52.66 -32.79 -43.47
C CYS F 329 -53.30 -33.77 -42.50
N ASP F 330 -54.11 -34.69 -43.04
CA ASP F 330 -54.75 -35.76 -42.28
C ASP F 330 -53.88 -36.26 -41.12
N TRP F 331 -54.52 -36.69 -40.03
CA TRP F 331 -53.79 -36.98 -38.81
C TRP F 331 -52.82 -38.14 -38.97
N GLU F 332 -53.09 -39.06 -39.90
CA GLU F 332 -52.24 -40.23 -40.07
C GLU F 332 -51.31 -40.13 -41.26
N ASP F 333 -51.48 -39.12 -42.12
CA ASP F 333 -50.58 -38.90 -43.24
C ASP F 333 -49.29 -38.21 -42.79
N THR F 334 -48.53 -38.92 -41.95
CA THR F 334 -47.29 -38.38 -41.44
C THR F 334 -46.23 -38.24 -42.53
N GLN F 335 -46.39 -38.99 -43.63
CA GLN F 335 -45.45 -38.87 -44.74
C GLN F 335 -45.60 -37.56 -45.49
N SER F 336 -46.75 -36.89 -45.37
CA SER F 336 -46.99 -35.61 -46.01
C SER F 336 -46.92 -34.44 -45.03
N MET F 337 -46.34 -34.64 -43.85
CA MET F 337 -46.21 -33.60 -42.85
C MET F 337 -44.78 -33.08 -42.80
N ILE F 338 -44.56 -32.05 -41.99
CA ILE F 338 -43.24 -31.45 -41.82
C ILE F 338 -42.80 -31.66 -40.38
N VAL F 339 -41.50 -31.84 -40.19
CA VAL F 339 -40.92 -32.14 -38.89
C VAL F 339 -40.40 -30.86 -38.27
N THR F 340 -40.62 -30.71 -36.96
CA THR F 340 -40.11 -29.56 -36.24
C THR F 340 -38.60 -29.69 -36.07
N ASP F 341 -37.87 -28.63 -36.40
CA ASP F 341 -36.42 -28.62 -36.36
C ASP F 341 -35.98 -27.94 -35.06
N HIS F 342 -35.26 -28.67 -34.22
CA HIS F 342 -34.74 -28.12 -32.98
C HIS F 342 -33.22 -28.19 -32.91
N ARG F 343 -32.54 -28.49 -34.02
CA ARG F 343 -31.10 -28.60 -34.00
C ARG F 343 -30.47 -27.21 -34.04
N TYR F 344 -29.50 -26.98 -33.16
CA TYR F 344 -28.83 -25.69 -33.01
C TYR F 344 -29.84 -24.55 -32.82
N VAL F 345 -30.38 -24.52 -31.60
CA VAL F 345 -31.29 -23.46 -31.18
C VAL F 345 -30.44 -22.38 -30.51
N PRO F 346 -30.57 -21.12 -30.92
CA PRO F 346 -29.77 -20.07 -30.28
C PRO F 346 -30.53 -19.34 -29.19
N ALA F 347 -29.81 -18.58 -28.36
CA ALA F 347 -30.43 -17.81 -27.30
C ALA F 347 -29.50 -16.66 -26.93
N ALA F 348 -30.09 -15.57 -26.43
CA ALA F 348 -29.34 -14.39 -26.06
C ALA F 348 -29.89 -13.82 -24.77
N VAL F 349 -29.01 -13.21 -23.98
CA VAL F 349 -29.38 -12.55 -22.73
C VAL F 349 -28.90 -11.12 -22.83
N PHE F 350 -29.85 -10.18 -22.91
CA PHE F 350 -29.51 -8.78 -23.15
C PHE F 350 -29.23 -8.11 -21.80
N THR F 351 -28.06 -8.40 -21.27
CA THR F 351 -27.56 -7.83 -20.03
C THR F 351 -26.22 -7.13 -20.30
N ASP F 352 -25.53 -6.78 -19.24
CA ASP F 352 -24.21 -6.16 -19.34
C ASP F 352 -23.17 -7.04 -18.67
N PRO F 353 -22.30 -7.74 -19.42
CA PRO F 353 -22.17 -7.73 -20.89
C PRO F 353 -23.19 -8.61 -21.59
N GLN F 354 -23.45 -8.37 -22.88
CA GLN F 354 -24.40 -9.17 -23.63
C GLN F 354 -23.85 -10.57 -23.87
N ILE F 355 -24.74 -11.57 -23.80
CA ILE F 355 -24.36 -12.97 -23.94
C ILE F 355 -25.24 -13.61 -25.01
N ALA F 356 -24.62 -14.43 -25.86
CA ALA F 356 -25.36 -15.16 -26.89
C ALA F 356 -24.65 -16.49 -27.13
N ALA F 357 -25.43 -17.57 -27.20
CA ALA F 357 -24.85 -18.91 -27.32
C ALA F 357 -25.76 -19.78 -28.18
N VAL F 358 -25.15 -20.81 -28.79
CA VAL F 358 -25.88 -21.78 -29.59
C VAL F 358 -25.06 -23.07 -29.63
N GLY F 359 -25.74 -24.19 -29.48
CA GLY F 359 -25.10 -25.49 -29.54
C GLY F 359 -24.73 -26.04 -28.18
N LEU F 360 -23.83 -27.03 -28.21
CA LEU F 360 -23.41 -27.70 -26.99
C LEU F 360 -22.38 -26.87 -26.24
N THR F 361 -22.34 -27.06 -24.93
CA THR F 361 -21.31 -26.49 -24.09
C THR F 361 -20.12 -27.45 -24.00
N GLU F 362 -19.04 -26.98 -23.37
CA GLU F 362 -17.86 -27.82 -23.24
C GLU F 362 -18.15 -29.05 -22.38
N ASN F 363 -18.84 -28.86 -21.26
CA ASN F 363 -19.19 -30.00 -20.41
C ASN F 363 -20.19 -30.93 -21.08
N GLN F 364 -21.07 -30.39 -21.92
CA GLN F 364 -22.04 -31.23 -22.61
C GLN F 364 -21.36 -32.11 -23.65
N ALA F 365 -20.38 -31.56 -24.38
CA ALA F 365 -19.64 -32.36 -25.34
C ALA F 365 -18.79 -33.42 -24.66
N VAL F 366 -18.27 -33.12 -23.47
CA VAL F 366 -17.50 -34.12 -22.72
C VAL F 366 -18.41 -35.26 -22.27
N ALA F 367 -19.62 -34.93 -21.83
CA ALA F 367 -20.57 -35.95 -21.40
C ALA F 367 -20.98 -36.87 -22.55
N LYS F 368 -20.84 -36.42 -23.79
CA LYS F 368 -21.15 -37.24 -24.96
C LYS F 368 -19.94 -37.98 -25.51
N GLY F 369 -18.77 -37.85 -24.87
CA GLY F 369 -17.58 -38.56 -25.30
C GLY F 369 -17.11 -38.14 -26.68
N LEU F 370 -17.03 -36.84 -26.91
CA LEU F 370 -16.62 -36.29 -28.20
C LEU F 370 -15.21 -35.72 -28.11
N ASP F 371 -14.41 -35.98 -29.14
CA ASP F 371 -13.07 -35.41 -29.24
C ASP F 371 -13.18 -33.98 -29.76
N ILE F 372 -12.99 -33.01 -28.88
CA ILE F 372 -13.33 -31.62 -29.17
C ILE F 372 -12.05 -30.77 -29.13
N SER F 373 -12.14 -29.61 -29.80
CA SER F 373 -11.12 -28.58 -29.76
C SER F 373 -11.78 -27.27 -29.33
N VAL F 374 -11.18 -26.60 -28.36
CA VAL F 374 -11.77 -25.41 -27.74
C VAL F 374 -10.81 -24.24 -27.86
N LYS F 375 -11.34 -23.06 -28.21
CA LYS F 375 -10.57 -21.84 -28.29
C LYS F 375 -11.38 -20.70 -27.68
N ILE F 376 -10.71 -19.88 -26.86
CA ILE F 376 -11.31 -18.71 -26.25
C ILE F 376 -10.52 -17.49 -26.72
N GLN F 377 -11.17 -16.65 -27.52
CA GLN F 377 -10.53 -15.47 -28.10
C GLN F 377 -11.02 -14.21 -27.38
N ASP F 378 -10.09 -13.33 -27.04
CA ASP F 378 -10.42 -12.09 -26.33
C ASP F 378 -10.69 -10.97 -27.32
N TYR F 379 -11.58 -10.06 -26.92
CA TYR F 379 -11.87 -8.88 -27.74
C TYR F 379 -10.63 -8.00 -27.88
N GLY F 380 -9.82 -7.91 -26.82
CA GLY F 380 -8.67 -7.03 -26.82
C GLY F 380 -7.57 -7.43 -27.79
N ASP F 381 -7.64 -8.63 -28.35
CA ASP F 381 -6.63 -9.10 -29.30
C ASP F 381 -6.99 -8.75 -30.74
N VAL F 382 -8.14 -8.11 -30.97
CA VAL F 382 -8.59 -7.73 -32.29
C VAL F 382 -8.55 -6.21 -32.41
N ALA F 383 -8.34 -5.72 -33.64
CA ALA F 383 -8.17 -4.29 -33.86
C ALA F 383 -9.40 -3.50 -33.42
N TYR F 384 -10.59 -4.06 -33.63
CA TYR F 384 -11.80 -3.36 -33.21
C TYR F 384 -11.92 -3.31 -31.69
N GLY F 385 -11.46 -4.35 -30.99
CA GLY F 385 -11.42 -4.32 -29.55
C GLY F 385 -10.47 -3.28 -28.99
N TRP F 386 -9.46 -2.88 -29.78
CA TRP F 386 -8.56 -1.82 -29.36
C TRP F 386 -9.29 -0.50 -29.23
N ALA F 387 -10.17 -0.18 -30.18
CA ALA F 387 -10.91 1.07 -30.12
C ALA F 387 -11.85 1.11 -28.92
N MET F 388 -12.39 -0.04 -28.51
CA MET F 388 -13.26 -0.10 -27.34
C MET F 388 -12.49 -0.18 -26.04
N GLU F 389 -11.18 -0.46 -26.08
CA GLU F 389 -10.38 -0.72 -24.88
C GLU F 389 -11.00 -1.84 -24.06
N ASP F 390 -11.49 -2.87 -24.75
CA ASP F 390 -12.17 -3.97 -24.08
C ASP F 390 -11.19 -4.84 -23.32
N THR F 391 -11.60 -5.32 -22.15
CA THR F 391 -10.75 -6.14 -21.31
C THR F 391 -11.48 -7.34 -20.72
N SER F 392 -12.64 -7.70 -21.27
CA SER F 392 -13.44 -8.78 -20.68
C SER F 392 -14.21 -9.56 -21.73
N GLY F 393 -14.38 -8.99 -22.92
CA GLY F 393 -15.14 -9.66 -23.96
C GLY F 393 -14.41 -10.90 -24.46
N ILE F 394 -15.13 -12.01 -24.58
CA ILE F 394 -14.56 -13.27 -25.05
C ILE F 394 -15.54 -13.96 -25.99
N VAL F 395 -15.00 -14.87 -26.79
CA VAL F 395 -15.79 -15.74 -27.66
C VAL F 395 -15.19 -17.15 -27.60
N LYS F 396 -16.03 -18.13 -27.28
CA LYS F 396 -15.59 -19.51 -27.08
C LYS F 396 -16.20 -20.41 -28.13
N LEU F 397 -15.36 -21.17 -28.82
CA LEU F 397 -15.79 -22.06 -29.89
C LEU F 397 -15.36 -23.49 -29.58
N ILE F 398 -16.25 -24.44 -29.85
CA ILE F 398 -15.98 -25.86 -29.68
C ILE F 398 -16.23 -26.57 -31.00
N THR F 399 -15.23 -27.32 -31.47
CA THR F 399 -15.33 -28.06 -32.72
C THR F 399 -14.95 -29.52 -32.50
N GLU F 400 -15.58 -30.39 -33.28
CA GLU F 400 -15.20 -31.80 -33.28
C GLU F 400 -13.93 -31.98 -34.09
N ARG F 401 -12.94 -32.66 -33.50
CA ARG F 401 -11.64 -32.76 -34.15
C ARG F 401 -11.73 -33.55 -35.45
N GLY F 402 -12.54 -34.61 -35.47
CA GLY F 402 -12.67 -35.42 -36.66
C GLY F 402 -13.32 -34.71 -37.82
N SER F 403 -14.59 -34.31 -37.64
CA SER F 403 -15.32 -33.69 -38.75
C SER F 403 -14.85 -32.26 -39.00
N GLY F 404 -14.34 -31.58 -37.98
CA GLY F 404 -13.96 -30.19 -38.10
C GLY F 404 -15.10 -29.21 -38.09
N ARG F 405 -16.30 -29.65 -37.71
CA ARG F 405 -17.48 -28.79 -37.68
C ARG F 405 -17.65 -28.18 -36.28
N LEU F 406 -18.38 -27.07 -36.24
CA LEU F 406 -18.62 -26.39 -34.98
C LEU F 406 -19.63 -27.16 -34.13
N LEU F 407 -19.28 -27.37 -32.87
CA LEU F 407 -20.17 -28.05 -31.92
C LEU F 407 -20.89 -27.08 -31.00
N GLY F 408 -20.27 -25.96 -30.67
CA GLY F 408 -20.90 -24.95 -29.84
C GLY F 408 -20.18 -23.62 -29.97
N ALA F 409 -20.93 -22.56 -29.69
CA ALA F 409 -20.40 -21.19 -29.78
C ALA F 409 -21.02 -20.37 -28.67
N HIS F 410 -20.19 -19.80 -27.80
CA HIS F 410 -20.64 -19.02 -26.65
C HIS F 410 -19.88 -17.70 -26.63
N ILE F 411 -20.60 -16.60 -26.78
CA ILE F 411 -20.01 -15.27 -26.84
C ILE F 411 -20.52 -14.45 -25.67
N MET F 412 -19.61 -13.70 -25.04
CA MET F 412 -19.94 -12.76 -23.97
C MET F 412 -19.21 -11.46 -24.25
N GLY F 413 -19.95 -10.47 -24.76
CA GLY F 413 -19.33 -9.19 -25.08
C GLY F 413 -20.25 -8.33 -25.93
N TYR F 414 -19.67 -7.26 -26.44
CA TYR F 414 -20.42 -6.28 -27.22
C TYR F 414 -20.97 -6.91 -28.49
N GLN F 415 -22.27 -6.67 -28.75
CA GLN F 415 -22.95 -7.17 -29.94
C GLN F 415 -22.87 -8.70 -30.04
N ALA F 416 -23.14 -9.37 -28.91
CA ALA F 416 -23.04 -10.82 -28.86
C ALA F 416 -24.09 -11.47 -29.77
N SER F 417 -25.33 -10.96 -29.74
CA SER F 417 -26.39 -11.55 -30.54
C SER F 417 -26.22 -11.29 -32.03
N SER F 418 -25.40 -10.31 -32.40
CA SER F 418 -25.15 -10.02 -33.80
C SER F 418 -23.96 -10.79 -34.37
N LEU F 419 -22.92 -10.99 -33.56
CA LEU F 419 -21.74 -11.72 -34.02
C LEU F 419 -22.00 -13.22 -34.13
N ILE F 420 -23.02 -13.74 -33.45
CA ILE F 420 -23.28 -15.18 -33.45
C ILE F 420 -23.98 -15.66 -34.71
N GLN F 421 -24.53 -14.75 -35.51
CA GLN F 421 -25.29 -15.18 -36.69
C GLN F 421 -24.45 -15.95 -37.71
N PRO F 422 -23.24 -15.51 -38.09
CA PRO F 422 -22.44 -16.36 -38.99
C PRO F 422 -22.07 -17.71 -38.40
N LEU F 423 -22.00 -17.80 -37.07
CA LEU F 423 -21.73 -19.10 -36.44
C LEU F 423 -22.97 -19.98 -36.44
N ILE F 424 -24.16 -19.39 -36.30
CA ILE F 424 -25.39 -20.17 -36.44
C ILE F 424 -25.54 -20.68 -37.86
N GLN F 425 -25.15 -19.87 -38.85
CA GLN F 425 -25.27 -20.27 -40.24
C GLN F 425 -24.35 -21.44 -40.57
N ALA F 426 -23.12 -21.42 -40.05
CA ALA F 426 -22.19 -22.50 -40.32
C ALA F 426 -22.66 -23.82 -39.70
N MET F 427 -23.18 -23.76 -38.48
CA MET F 427 -23.66 -24.98 -37.82
C MET F 427 -24.91 -25.51 -38.51
N SER F 428 -25.84 -24.64 -38.87
CA SER F 428 -27.11 -25.09 -39.43
C SER F 428 -26.94 -25.74 -40.80
N PHE F 429 -25.93 -25.32 -41.57
CA PHE F 429 -25.75 -25.83 -42.92
C PHE F 429 -24.55 -26.77 -43.06
N GLY F 430 -23.76 -26.94 -42.01
CA GLY F 430 -22.68 -27.92 -42.03
C GLY F 430 -21.38 -27.43 -42.62
N LEU F 431 -20.96 -26.22 -42.26
CA LEU F 431 -19.69 -25.65 -42.70
C LEU F 431 -18.64 -25.87 -41.62
N THR F 432 -17.45 -26.31 -42.04
CA THR F 432 -16.38 -26.54 -41.09
C THR F 432 -15.73 -25.24 -40.68
N ALA F 433 -15.11 -25.25 -39.49
CA ALA F 433 -14.52 -24.03 -38.94
C ALA F 433 -13.36 -23.52 -39.81
N ALA F 434 -12.51 -24.44 -40.29
CA ALA F 434 -11.37 -24.02 -41.10
C ALA F 434 -11.82 -23.39 -42.42
N GLU F 435 -12.92 -23.89 -43.00
CA GLU F 435 -13.44 -23.30 -44.23
C GLU F 435 -14.06 -21.94 -43.98
N MET F 436 -14.76 -21.79 -42.84
CA MET F 436 -15.40 -20.53 -42.52
C MET F 436 -14.38 -19.42 -42.28
N ALA F 437 -13.19 -19.77 -41.79
CA ALA F 437 -12.21 -18.75 -41.44
C ALA F 437 -11.54 -18.16 -42.66
N ARG F 438 -11.10 -19.01 -43.60
CA ARG F 438 -10.34 -18.56 -44.75
C ARG F 438 -11.08 -18.67 -46.07
N GLY F 439 -12.28 -19.26 -46.08
CA GLY F 439 -13.06 -19.36 -47.30
C GLY F 439 -13.85 -18.12 -47.66
N GLN F 440 -13.91 -17.15 -46.75
CA GLN F 440 -14.64 -15.91 -46.97
C GLN F 440 -13.78 -14.75 -46.51
N TYR F 441 -14.20 -13.55 -46.87
CA TYR F 441 -13.50 -12.33 -46.48
C TYR F 441 -14.11 -11.76 -45.20
N TRP F 442 -13.25 -11.16 -44.38
CA TRP F 442 -13.66 -10.48 -43.15
C TRP F 442 -13.20 -9.03 -43.23
N ILE F 443 -14.15 -8.11 -43.06
CA ILE F 443 -13.84 -6.68 -43.17
C ILE F 443 -12.92 -6.27 -42.03
N HIS F 444 -11.87 -5.52 -42.38
CA HIS F 444 -10.92 -4.99 -41.40
C HIS F 444 -11.12 -3.49 -41.27
N PRO F 445 -11.17 -2.95 -40.04
CA PRO F 445 -11.11 -3.64 -38.76
C PRO F 445 -12.48 -3.75 -38.08
N ALA F 446 -13.40 -4.52 -38.65
CA ALA F 446 -14.72 -4.64 -38.06
C ALA F 446 -14.70 -5.57 -36.85
N LEU F 447 -15.82 -5.60 -36.12
CA LEU F 447 -15.96 -6.43 -34.93
C LEU F 447 -15.95 -7.93 -35.23
N PRO F 448 -16.59 -8.42 -36.33
CA PRO F 448 -16.56 -9.87 -36.58
C PRO F 448 -15.17 -10.46 -36.75
N GLU F 449 -14.14 -9.62 -36.71
CA GLU F 449 -12.76 -10.12 -36.73
C GLU F 449 -12.46 -10.98 -35.51
N VAL F 450 -13.18 -10.78 -34.41
CA VAL F 450 -12.96 -11.60 -33.21
C VAL F 450 -13.47 -13.01 -33.43
N VAL F 451 -14.47 -13.19 -34.29
CA VAL F 451 -14.92 -14.54 -34.62
C VAL F 451 -13.95 -15.19 -35.60
N GLU F 452 -13.38 -14.40 -36.52
CA GLU F 452 -12.40 -14.93 -37.46
C GLU F 452 -11.14 -15.41 -36.72
N ASN F 453 -10.63 -14.59 -35.79
CA ASN F 453 -9.44 -14.99 -35.05
C ASN F 453 -9.73 -16.16 -34.12
N ALA F 454 -10.96 -16.28 -33.63
CA ALA F 454 -11.32 -17.44 -32.81
C ALA F 454 -11.31 -18.71 -33.63
N LEU F 455 -11.72 -18.64 -34.89
CA LEU F 455 -11.68 -19.81 -35.76
C LEU F 455 -10.25 -20.14 -36.17
N LEU F 456 -9.44 -19.12 -36.44
CA LEU F 456 -8.06 -19.37 -36.87
C LEU F 456 -7.23 -19.99 -35.74
N GLY F 457 -7.43 -19.54 -34.50
CA GLY F 457 -6.67 -20.07 -33.39
C GLY F 457 -7.15 -21.42 -32.90
N LEU F 458 -8.28 -21.90 -33.41
CA LEU F 458 -8.87 -23.16 -33.00
C LEU F 458 -8.08 -24.35 -33.53
N ARG F 459 -7.12 -24.83 -32.74
CA ARG F 459 -6.33 -25.99 -33.12
C ARG F 459 -5.86 -26.76 -31.88
#